data_5XDA
#
_entry.id   5XDA
#
_cell.length_a   267.447
_cell.length_b   455.326
_cell.length_c   195.558
_cell.angle_alpha   90.00
_cell.angle_beta   90.00
_cell.angle_gamma   90.00
#
_symmetry.space_group_name_H-M   'C 2 2 21'
#
loop_
_entity.id
_entity.type
_entity.pdbx_description
1 polymer 'Ufm1-specific protease'
2 polymer 'Ubiquitin-fold modifier 1'
3 water water
#
loop_
_entity_poly.entity_id
_entity_poly.type
_entity_poly.pdbx_seq_one_letter_code
_entity_poly.pdbx_strand_id
1 'polypeptide(L)'
;VNELWFIDAQAMFQNYANLRSFSKSNANEINTTIGGFVFGRKARKQVIHVLFAYAEDLTESNRQFLESSLSADIELVGNL
NIDGQSQILPGGQFTLQLTSRMLENRSISEFLDMNVMFNNEHVLMEGASCVSRVGYEWSLRAGREQEDVKSAAERLSMAS
FRFTYLNAEHGLVIREQKPEAAQQKYLDKFSKGAVPYKDVIEFTAMQSLTRDTSNDTEDQKLVPTVKVTKDNKHFTRLVT
IGEVVFPAFFGDSSLDLYKRSREAFNRRANNTMMVTVNGIRAGRGVTTTTSATYLPPGWVSLLHLQLPTKWTDNEQRNYR
IRLHKLFNLPSSKPVLRLSQALALHSESARLTNKKLIREPHLSITNYQPVGEITTVNGPYNYHHYMQDGIDDSGWGSAYR
SFQTIWSWFILNGYTDKPVPSHREIQQALVDIQDKQAKFVGSRQWIGSTEISFVLNELLKLECRFIATNSGAEVVERVRE
LARHFETSGTPVMIGGNMLAHTILGVDFNDTTGETKFLVLDPHYTGSEDIKTITSKGWCAWKPASFWSKDHFYNMVLPQP
PSDAI
;
A,B,C,D,E,F
2 'polypeptide(L)'
;GSKVTFKITLTSDPKLPFKVLSVPESTPFTAVLKFAAEEFKVPAATSAIITNDGVGVNPAQPAGNIFLKHGSELRLIPRD
RVGG
;
G,H,I,J,K,L
#
# COMPACT_ATOMS: atom_id res chain seq x y z
N VAL A 1 64.22 -38.60 38.77
CA VAL A 1 63.06 -37.87 39.28
C VAL A 1 63.14 -36.38 38.96
N ASN A 2 62.03 -35.81 38.50
CA ASN A 2 61.97 -34.37 38.23
C ASN A 2 60.59 -33.79 38.53
N GLU A 3 59.92 -34.33 39.53
CA GLU A 3 58.70 -33.74 40.04
C GLU A 3 59.03 -32.86 41.25
N LEU A 4 60.13 -32.14 41.15
CA LEU A 4 60.64 -31.32 42.25
C LEU A 4 59.80 -30.08 42.51
N TRP A 5 59.34 -29.92 43.74
CA TRP A 5 58.63 -28.71 44.15
C TRP A 5 59.64 -27.62 44.52
N PHE A 6 59.30 -26.38 44.19
CA PHE A 6 60.16 -25.26 44.52
C PHE A 6 59.56 -24.47 45.67
N ILE A 7 60.42 -23.88 46.50
CA ILE A 7 59.96 -23.18 47.71
C ILE A 7 61.01 -22.20 48.22
N ASP A 8 60.57 -21.02 48.64
CA ASP A 8 61.46 -20.05 49.26
C ASP A 8 61.51 -20.31 50.76
N ALA A 9 62.42 -21.18 51.18
CA ALA A 9 62.52 -21.62 52.56
C ALA A 9 62.75 -20.48 53.54
N GLN A 10 63.57 -19.51 53.12
CA GLN A 10 63.85 -18.34 53.96
C GLN A 10 62.59 -17.53 54.22
N ALA A 11 61.69 -17.48 53.24
CA ALA A 11 60.43 -16.77 53.40
C ALA A 11 59.50 -17.51 54.36
N MET A 12 59.57 -18.84 54.34
CA MET A 12 58.78 -19.67 55.24
C MET A 12 59.24 -19.47 56.68
N PHE A 13 60.56 -19.50 56.87
CA PHE A 13 61.16 -19.31 58.19
C PHE A 13 60.75 -17.99 58.83
N GLN A 14 60.67 -16.93 58.01
CA GLN A 14 60.25 -15.63 58.48
C GLN A 14 58.79 -15.64 58.93
N ASN A 15 57.95 -16.33 58.18
CA ASN A 15 56.54 -16.45 58.51
C ASN A 15 56.30 -17.22 59.80
N TYR A 16 57.18 -18.19 60.08
CA TYR A 16 57.13 -18.90 61.35
C TYR A 16 57.48 -17.94 62.49
N ALA A 17 58.54 -17.16 62.28
CA ALA A 17 58.98 -16.19 63.27
C ALA A 17 57.92 -15.10 63.51
N ASN A 18 57.27 -14.67 62.43
CA ASN A 18 56.23 -13.66 62.53
C ASN A 18 55.03 -14.14 63.35
N LEU A 19 54.75 -15.44 63.29
CA LEU A 19 53.71 -16.04 64.12
C LEU A 19 54.17 -16.12 65.56
N ARG A 20 55.44 -16.51 65.74
CA ARG A 20 56.01 -16.67 67.07
C ARG A 20 56.15 -15.33 67.79
N SER A 21 56.08 -14.23 67.04
CA SER A 21 56.24 -12.90 67.61
C SER A 21 54.96 -12.38 68.26
N PHE A 22 54.05 -13.29 68.59
CA PHE A 22 52.82 -12.92 69.28
C PHE A 22 52.72 -13.60 70.64
N SER A 23 53.64 -14.52 70.91
CA SER A 23 53.69 -15.21 72.20
C SER A 23 54.09 -14.27 73.32
N LYS A 24 54.00 -14.76 74.56
CA LYS A 24 54.38 -13.99 75.75
C LYS A 24 53.60 -12.68 75.87
N ASN A 31 52.00 -23.95 76.28
CA ASN A 31 52.62 -24.21 74.98
C ASN A 31 51.82 -25.16 74.11
N THR A 32 50.76 -24.67 73.48
CA THR A 32 50.01 -25.44 72.50
C THR A 32 50.83 -25.58 71.21
N THR A 33 50.65 -26.70 70.50
CA THR A 33 51.48 -27.01 69.34
C THR A 33 51.20 -26.12 68.12
N ILE A 34 52.03 -26.27 67.09
CA ILE A 34 51.95 -25.42 65.90
C ILE A 34 51.97 -26.23 64.59
N GLY A 35 50.99 -26.00 63.73
CA GLY A 35 50.97 -26.63 62.42
C GLY A 35 50.87 -25.58 61.34
N GLY A 36 50.44 -25.97 60.14
CA GLY A 36 50.28 -25.00 59.07
C GLY A 36 49.82 -25.54 57.73
N PHE A 37 49.44 -24.63 56.84
CA PHE A 37 49.02 -24.99 55.49
C PHE A 37 50.06 -24.52 54.49
N VAL A 38 50.15 -25.21 53.36
CA VAL A 38 51.07 -24.81 52.29
C VAL A 38 50.28 -24.44 51.04
N PHE A 39 50.35 -23.18 50.65
CA PHE A 39 49.66 -22.72 49.45
C PHE A 39 50.65 -22.45 48.34
N GLY A 40 50.27 -22.75 47.10
CA GLY A 40 51.16 -22.55 45.98
C GLY A 40 50.54 -22.80 44.62
N ARG A 41 51.31 -22.54 43.57
CA ARG A 41 50.87 -22.77 42.20
C ARG A 41 51.03 -24.24 41.83
N LYS A 42 49.96 -25.00 42.01
CA LYS A 42 49.95 -26.45 41.82
C LYS A 42 50.37 -26.87 40.41
N ALA A 43 50.18 -25.98 39.45
CA ALA A 43 50.52 -26.25 38.06
C ALA A 43 52.01 -26.50 37.86
N ARG A 44 52.83 -25.54 38.30
CA ARG A 44 54.27 -25.60 38.10
C ARG A 44 55.01 -26.16 39.32
N LYS A 45 54.24 -26.74 40.24
CA LYS A 45 54.79 -27.31 41.48
C LYS A 45 55.68 -26.33 42.23
N GLN A 46 55.11 -25.21 42.64
CA GLN A 46 55.85 -24.18 43.37
C GLN A 46 55.04 -23.67 44.56
N VAL A 47 55.74 -23.32 45.63
CA VAL A 47 55.09 -22.82 46.83
C VAL A 47 55.22 -21.30 46.94
N ILE A 48 54.11 -20.62 47.19
CA ILE A 48 54.09 -19.16 47.28
C ILE A 48 53.82 -18.69 48.70
N HIS A 49 53.03 -19.47 49.44
CA HIS A 49 52.70 -19.12 50.82
C HIS A 49 52.73 -20.31 51.77
N VAL A 50 53.57 -20.22 52.79
CA VAL A 50 53.56 -21.19 53.88
C VAL A 50 52.99 -20.51 55.12
N LEU A 51 51.75 -20.84 55.47
CA LEU A 51 51.08 -20.18 56.60
C LEU A 51 50.99 -21.08 57.82
N PHE A 52 51.67 -20.69 58.89
CA PHE A 52 51.65 -21.45 60.13
C PHE A 52 50.46 -21.04 61.00
N ALA A 53 50.04 -21.95 61.87
CA ALA A 53 48.95 -21.69 62.82
C ALA A 53 48.97 -22.72 63.93
N TYR A 54 48.51 -22.33 65.11
CA TYR A 54 48.44 -23.24 66.24
C TYR A 54 47.35 -24.29 66.02
N ALA A 55 47.23 -25.22 66.92
CA ALA A 55 46.33 -26.31 66.71
C ALA A 55 44.95 -25.81 66.60
N GLU A 56 44.64 -24.81 67.39
CA GLU A 56 43.29 -24.39 67.54
C GLU A 56 42.77 -23.91 66.23
N ASP A 57 43.65 -23.57 65.32
CA ASP A 57 43.23 -22.88 64.13
C ASP A 57 43.47 -23.62 62.87
N LEU A 58 43.78 -24.88 62.98
CA LEU A 58 43.91 -25.72 61.82
C LEU A 58 42.59 -26.37 61.45
N THR A 59 41.65 -25.58 60.97
CA THR A 59 40.26 -25.95 60.81
C THR A 59 39.83 -25.79 59.40
N GLU A 60 38.98 -26.68 58.93
CA GLU A 60 38.51 -26.52 57.56
C GLU A 60 37.89 -25.14 57.41
N SER A 61 37.29 -24.66 58.49
CA SER A 61 36.67 -23.35 58.53
C SER A 61 37.71 -22.25 58.29
N ASN A 62 38.95 -22.52 58.68
CA ASN A 62 40.01 -21.51 58.64
C ASN A 62 40.88 -21.61 57.38
N ARG A 63 41.01 -22.80 56.82
CA ARG A 63 41.78 -22.96 55.59
C ARG A 63 41.05 -22.33 54.41
N GLN A 64 39.75 -22.14 54.58
CA GLN A 64 38.91 -21.51 53.56
C GLN A 64 39.00 -19.99 53.64
N PHE A 65 39.24 -19.47 54.84
CA PHE A 65 39.46 -18.03 55.01
C PHE A 65 40.77 -17.67 54.33
N LEU A 66 41.81 -18.44 54.62
CA LEU A 66 43.13 -18.21 54.04
C LEU A 66 43.08 -18.26 52.51
N GLU A 67 42.50 -19.33 51.97
CA GLU A 67 42.48 -19.54 50.53
C GLU A 67 41.60 -18.54 49.79
N SER A 68 40.62 -17.97 50.49
CA SER A 68 39.75 -16.95 49.90
C SER A 68 40.47 -15.60 49.86
N SER A 69 41.57 -15.51 50.60
CA SER A 69 42.29 -14.26 50.71
C SER A 69 43.50 -14.21 49.78
N LEU A 70 43.85 -15.37 49.22
CA LEU A 70 44.98 -15.47 48.30
C LEU A 70 44.54 -15.28 46.85
N SER A 71 45.49 -14.92 45.99
CA SER A 71 45.19 -14.72 44.57
C SER A 71 44.62 -15.98 43.92
N ALA A 72 43.88 -15.79 42.82
CA ALA A 72 43.06 -16.85 42.23
C ALA A 72 43.83 -18.07 41.71
N ASP A 73 45.13 -17.90 41.47
CA ASP A 73 45.92 -18.97 40.86
C ASP A 73 46.54 -19.94 41.87
N ILE A 74 46.64 -19.51 43.13
CA ILE A 74 47.24 -20.36 44.17
C ILE A 74 46.20 -21.06 45.03
N GLU A 75 46.48 -22.32 45.36
CA GLU A 75 45.57 -23.15 46.15
C GLU A 75 46.34 -23.98 47.16
N LEU A 76 45.62 -24.68 48.03
CA LEU A 76 46.25 -25.56 49.00
C LEU A 76 46.93 -26.73 48.28
N VAL A 77 48.26 -26.76 48.35
CA VAL A 77 49.03 -27.80 47.68
C VAL A 77 49.54 -28.85 48.67
N GLY A 78 49.35 -28.58 49.95
CA GLY A 78 49.75 -29.50 51.00
C GLY A 78 49.71 -28.86 52.38
N ASN A 79 50.24 -29.58 53.37
CA ASN A 79 50.35 -29.03 54.72
C ASN A 79 51.76 -29.25 55.28
N LEU A 80 51.93 -29.02 56.57
CA LEU A 80 53.24 -29.22 57.21
C LEU A 80 53.10 -29.86 58.58
N ASN A 81 54.22 -30.34 59.12
CA ASN A 81 54.24 -30.96 60.43
C ASN A 81 55.58 -30.76 61.12
N ILE A 82 55.62 -29.84 62.09
CA ILE A 82 56.84 -29.63 62.87
C ILE A 82 57.05 -30.83 63.79
N ASP A 83 58.29 -31.28 63.88
CA ASP A 83 58.64 -32.49 64.62
C ASP A 83 57.60 -33.48 64.11
N GLY A 84 56.81 -34.01 65.03
CA GLY A 84 55.70 -34.90 64.70
C GLY A 84 54.57 -34.72 65.68
N GLN A 85 54.42 -33.49 66.19
CA GLN A 85 53.49 -33.20 67.25
C GLN A 85 52.47 -32.13 66.89
N SER A 86 52.28 -31.90 65.60
CA SER A 86 51.32 -30.89 65.16
C SER A 86 50.07 -31.52 64.59
N GLN A 87 48.92 -30.89 64.83
CA GLN A 87 47.67 -31.30 64.23
C GLN A 87 47.77 -31.05 62.72
N ILE A 88 47.17 -31.93 61.93
CA ILE A 88 47.12 -31.70 60.48
C ILE A 88 45.71 -31.87 59.93
N LEU A 89 45.30 -30.94 59.08
CA LEU A 89 44.03 -31.04 58.37
C LEU A 89 44.28 -31.68 57.02
N PRO A 90 43.84 -32.94 56.85
CA PRO A 90 44.12 -33.75 55.66
C PRO A 90 43.77 -33.02 54.36
N GLY A 91 44.75 -32.91 53.47
CA GLY A 91 44.59 -32.20 52.21
C GLY A 91 45.92 -32.05 51.50
N GLY A 92 45.86 -31.64 50.24
CA GLY A 92 47.07 -31.44 49.45
C GLY A 92 47.77 -32.75 49.09
N GLN A 93 48.87 -32.65 48.36
CA GLN A 93 49.58 -33.82 47.88
C GLN A 93 50.70 -34.24 48.81
N PHE A 94 51.23 -33.29 49.57
CA PHE A 94 52.36 -33.57 50.46
C PHE A 94 52.20 -33.04 51.88
N THR A 95 53.15 -33.40 52.74
CA THR A 95 53.20 -32.88 54.10
C THR A 95 54.64 -32.53 54.44
N LEU A 96 54.92 -31.24 54.59
CA LEU A 96 56.26 -30.78 54.91
C LEU A 96 56.71 -31.28 56.28
N GLN A 97 57.89 -31.90 56.33
CA GLN A 97 58.45 -32.35 57.58
C GLN A 97 59.45 -31.34 58.13
N LEU A 98 59.07 -30.67 59.20
CA LEU A 98 59.94 -29.66 59.82
C LEU A 98 60.23 -30.05 61.27
N THR A 99 61.22 -29.40 61.86
CA THR A 99 61.48 -29.56 63.29
C THR A 99 61.51 -28.19 63.96
N SER A 100 61.25 -28.16 65.27
CA SER A 100 61.19 -26.91 66.00
C SER A 100 62.55 -26.21 66.06
N ARG A 101 63.61 -26.97 65.79
CA ARG A 101 64.97 -26.44 65.85
C ARG A 101 65.43 -25.84 64.52
N MET A 102 65.04 -26.46 63.42
CA MET A 102 65.40 -25.94 62.09
C MET A 102 64.61 -24.69 61.76
N LEU A 103 63.64 -24.35 62.61
CA LEU A 103 62.85 -23.15 62.44
C LEU A 103 63.43 -22.01 63.28
N GLU A 104 63.91 -22.34 64.48
CA GLU A 104 64.47 -21.34 65.38
C GLU A 104 65.73 -20.71 64.79
N ASN A 105 66.66 -21.56 64.36
CA ASN A 105 67.91 -21.08 63.78
C ASN A 105 67.77 -20.75 62.30
N ARG A 106 66.76 -21.33 61.66
CA ARG A 106 66.50 -21.08 60.24
C ARG A 106 67.61 -21.69 59.38
N SER A 107 67.69 -23.01 59.37
CA SER A 107 68.70 -23.72 58.58
C SER A 107 68.09 -24.39 57.36
N ILE A 108 68.51 -23.95 56.17
CA ILE A 108 68.00 -24.50 54.93
C ILE A 108 68.54 -25.91 54.70
N SER A 109 69.72 -26.19 55.24
CA SER A 109 70.34 -27.50 55.10
C SER A 109 69.48 -28.63 55.65
N GLU A 110 69.01 -28.46 56.89
CA GLU A 110 68.20 -29.48 57.54
C GLU A 110 66.86 -29.66 56.84
N PHE A 111 66.32 -28.57 56.28
CA PHE A 111 65.06 -28.62 55.55
C PHE A 111 65.17 -29.52 54.33
N LEU A 112 66.12 -29.21 53.46
CA LEU A 112 66.29 -29.91 52.19
C LEU A 112 66.63 -31.40 52.37
N ASP A 113 67.06 -31.76 53.58
CA ASP A 113 67.37 -33.15 53.88
C ASP A 113 66.14 -33.91 54.36
N MET A 114 65.24 -33.23 55.07
CA MET A 114 64.03 -33.84 55.59
C MET A 114 62.89 -33.78 54.58
N ASN A 115 63.04 -32.94 53.57
CA ASN A 115 62.07 -32.82 52.49
C ASN A 115 62.76 -32.96 51.14
N VAL A 116 62.91 -34.20 50.69
CA VAL A 116 63.76 -34.53 49.54
C VAL A 116 63.24 -34.03 48.20
N MET A 117 61.92 -34.13 47.99
CA MET A 117 61.32 -33.71 46.72
C MET A 117 61.16 -32.19 46.62
N PHE A 118 62.03 -31.45 47.31
CA PHE A 118 61.97 -30.00 47.30
C PHE A 118 63.32 -29.36 47.01
N ASN A 119 63.29 -28.25 46.28
CA ASN A 119 64.48 -27.43 46.06
C ASN A 119 64.22 -26.01 46.55
N ASN A 120 65.25 -25.35 47.05
CA ASN A 120 65.12 -23.96 47.49
C ASN A 120 65.23 -23.02 46.30
N GLU A 121 64.41 -21.96 46.31
CA GLU A 121 64.42 -20.97 45.24
C GLU A 121 63.89 -19.63 45.75
N HIS A 122 64.52 -18.57 45.34
CA HIS A 122 64.07 -17.32 45.74
C HIS A 122 62.92 -17.00 44.86
N VAL A 123 61.70 -17.26 45.32
CA VAL A 123 60.47 -17.04 44.57
C VAL A 123 60.22 -15.56 44.33
N LEU A 124 59.89 -15.20 43.09
CA LEU A 124 59.77 -13.79 42.70
C LEU A 124 58.36 -13.40 42.27
N MET A 125 58.09 -12.10 42.26
CA MET A 125 56.81 -11.58 41.79
C MET A 125 56.66 -11.80 40.29
N GLU A 126 55.44 -12.13 39.86
CA GLU A 126 55.17 -12.36 38.45
C GLU A 126 53.81 -11.79 38.03
N GLY A 127 53.65 -11.54 36.73
CA GLY A 127 52.37 -11.15 36.16
C GLY A 127 51.85 -9.78 36.56
N ALA A 128 50.81 -9.32 35.86
CA ALA A 128 50.14 -8.07 36.19
C ALA A 128 48.84 -8.38 36.93
N SER A 129 48.10 -7.34 37.29
CA SER A 129 46.87 -7.51 38.05
C SER A 129 45.64 -6.92 37.38
N CYS A 130 44.73 -7.80 36.97
CA CYS A 130 43.45 -7.35 36.42
C CYS A 130 42.50 -7.01 37.57
N VAL A 131 41.88 -5.83 37.48
CA VAL A 131 41.01 -5.38 38.57
C VAL A 131 39.71 -4.77 38.03
N SER A 132 38.60 -5.05 38.71
CA SER A 132 37.30 -4.50 38.34
C SER A 132 36.40 -4.35 39.56
N ARG A 133 35.52 -3.36 39.52
CA ARG A 133 34.59 -3.11 40.63
C ARG A 133 33.29 -3.91 40.46
N VAL A 134 32.82 -4.52 41.55
CA VAL A 134 31.66 -5.39 41.49
C VAL A 134 30.74 -5.20 42.71
N GLY A 135 29.43 -5.17 42.47
CA GLY A 135 28.47 -5.12 43.56
C GLY A 135 27.47 -6.26 43.51
N TYR A 136 26.85 -6.56 44.64
CA TYR A 136 25.80 -7.58 44.72
C TYR A 136 24.93 -7.42 45.97
N GLU A 137 23.62 -7.56 45.80
CA GLU A 137 22.67 -7.39 46.90
C GLU A 137 22.29 -8.73 47.54
N TRP A 138 22.28 -8.77 48.86
CA TRP A 138 21.87 -9.96 49.59
C TRP A 138 20.68 -9.67 50.52
N SER A 139 19.60 -10.44 50.34
CA SER A 139 18.42 -10.30 51.18
C SER A 139 18.43 -11.35 52.28
N LEU A 140 18.51 -10.89 53.53
CA LEU A 140 18.60 -11.80 54.67
C LEU A 140 17.31 -11.83 55.49
N ARG A 141 16.66 -12.99 55.52
CA ARG A 141 15.47 -13.17 56.34
C ARG A 141 15.81 -13.03 57.81
N ALA A 142 15.29 -11.98 58.44
CA ALA A 142 15.58 -11.68 59.84
C ALA A 142 15.20 -12.83 60.76
N GLY A 143 16.15 -13.27 61.59
CA GLY A 143 15.94 -14.39 62.47
C GLY A 143 16.84 -15.56 62.12
N ARG A 144 17.37 -15.53 60.90
CA ARG A 144 18.26 -16.58 60.42
C ARG A 144 19.20 -16.03 59.34
N GLU A 145 19.64 -14.80 59.53
CA GLU A 145 20.49 -14.12 58.56
C GLU A 145 21.82 -14.82 58.30
N GLN A 146 22.33 -15.51 59.32
CA GLN A 146 23.56 -16.28 59.18
C GLN A 146 23.38 -17.42 58.18
N GLU A 147 22.21 -18.04 58.21
CA GLU A 147 21.88 -19.14 57.31
C GLU A 147 21.74 -18.64 55.87
N ASP A 148 21.15 -17.46 55.71
CA ASP A 148 20.87 -16.91 54.38
C ASP A 148 22.11 -16.35 53.68
N VAL A 149 22.95 -15.64 54.42
CA VAL A 149 24.17 -15.07 53.85
C VAL A 149 25.11 -16.17 53.38
N LYS A 150 25.08 -17.31 54.08
CA LYS A 150 25.89 -18.47 53.71
C LYS A 150 25.41 -19.05 52.39
N SER A 151 24.10 -19.20 52.25
CA SER A 151 23.51 -19.75 51.03
C SER A 151 23.55 -18.75 49.88
N ALA A 152 23.46 -17.46 50.22
CA ALA A 152 23.52 -16.41 49.21
C ALA A 152 24.88 -16.41 48.51
N ALA A 153 25.93 -16.70 49.27
CA ALA A 153 27.27 -16.78 48.72
C ALA A 153 27.44 -18.01 47.85
N GLU A 154 26.70 -19.08 48.16
CA GLU A 154 26.74 -20.31 47.39
C GLU A 154 26.21 -20.08 45.99
N ARG A 155 24.98 -19.57 45.90
CA ARG A 155 24.32 -19.32 44.62
C ARG A 155 25.10 -18.30 43.79
N LEU A 156 25.71 -17.34 44.46
CA LEU A 156 26.47 -16.29 43.79
C LEU A 156 27.72 -16.88 43.12
N SER A 157 28.26 -17.95 43.70
CA SER A 157 29.40 -18.63 43.11
C SER A 157 28.96 -19.50 41.94
N MET A 158 27.68 -19.88 41.94
CA MET A 158 27.10 -20.65 40.86
C MET A 158 26.77 -19.74 39.67
N ALA A 159 26.38 -18.52 39.97
CA ALA A 159 25.96 -17.57 38.92
C ALA A 159 27.14 -16.78 38.37
N SER A 160 28.30 -16.92 38.99
CA SER A 160 29.47 -16.12 38.63
C SER A 160 30.06 -16.47 37.28
N PHE A 161 29.68 -17.61 36.73
CA PHE A 161 30.28 -18.09 35.48
C PHE A 161 29.75 -17.35 34.25
N ARG A 162 28.64 -16.64 34.40
CA ARG A 162 28.05 -15.93 33.28
C ARG A 162 28.36 -14.43 33.32
N PHE A 163 29.41 -14.06 34.03
CA PHE A 163 29.84 -12.67 34.08
C PHE A 163 30.74 -12.36 32.89
N THR A 164 31.03 -11.08 32.67
CA THR A 164 31.89 -10.67 31.57
C THR A 164 32.62 -9.38 31.90
N TYR A 165 33.95 -9.45 31.93
CA TYR A 165 34.78 -8.29 32.17
C TYR A 165 35.35 -7.81 30.84
N LEU A 166 35.11 -6.56 30.50
CA LEU A 166 35.59 -6.04 29.22
C LEU A 166 36.22 -4.65 29.32
N ASN A 167 37.38 -4.52 28.70
CA ASN A 167 38.11 -3.26 28.66
C ASN A 167 37.80 -2.49 27.37
N ALA A 168 37.30 -1.27 27.53
CA ALA A 168 36.87 -0.48 26.38
C ALA A 168 38.02 0.08 25.56
N GLU A 169 39.02 0.63 26.23
CA GLU A 169 40.12 1.31 25.57
C GLU A 169 40.92 0.43 24.61
N HIS A 170 41.33 -0.75 25.08
CA HIS A 170 42.19 -1.62 24.28
C HIS A 170 41.39 -2.67 23.53
N GLY A 171 40.11 -2.79 23.86
CA GLY A 171 39.26 -3.77 23.21
C GLY A 171 39.57 -5.19 23.66
N LEU A 172 39.47 -5.43 24.95
CA LEU A 172 39.71 -6.75 25.52
C LEU A 172 38.45 -7.24 26.20
N VAL A 173 38.24 -8.55 26.22
CA VAL A 173 37.05 -9.11 26.85
C VAL A 173 37.31 -10.45 27.55
N ILE A 174 37.10 -10.49 28.85
CA ILE A 174 37.22 -11.72 29.62
C ILE A 174 35.84 -12.32 29.84
N ARG A 175 35.60 -13.48 29.22
CA ARG A 175 34.28 -14.11 29.32
C ARG A 175 34.35 -15.63 29.21
N GLU A 176 33.24 -16.28 29.55
CA GLU A 176 33.07 -17.72 29.39
C GLU A 176 33.43 -18.15 27.97
N GLN A 177 34.26 -19.18 27.85
CA GLN A 177 34.72 -19.64 26.55
C GLN A 177 34.81 -21.16 26.43
N LYS A 178 34.55 -21.65 25.23
CA LYS A 178 34.86 -23.04 24.89
C LYS A 178 36.35 -23.10 24.57
N PRO A 179 37.00 -24.20 24.95
CA PRO A 179 38.45 -24.39 24.83
C PRO A 179 39.04 -24.01 23.47
N GLU A 180 38.27 -24.19 22.40
CA GLU A 180 38.75 -23.88 21.06
C GLU A 180 38.55 -22.41 20.67
N ALA A 181 37.98 -21.62 21.58
CA ALA A 181 37.79 -20.20 21.34
C ALA A 181 38.87 -19.38 22.04
N ALA A 182 39.74 -20.07 22.76
CA ALA A 182 40.79 -19.40 23.53
C ALA A 182 41.79 -18.67 22.64
N GLN A 183 41.97 -17.38 22.91
CA GLN A 183 42.95 -16.57 22.20
C GLN A 183 44.27 -16.56 22.95
N GLN A 184 45.19 -17.42 22.52
CA GLN A 184 46.50 -17.55 23.15
C GLN A 184 47.27 -16.24 23.23
N LYS A 185 48.13 -16.12 24.23
CA LYS A 185 48.95 -14.92 24.41
C LYS A 185 48.09 -13.66 24.40
N TYR A 186 47.00 -13.66 25.14
CA TYR A 186 46.05 -12.54 25.13
C TYR A 186 46.41 -11.17 25.72
N LEU A 187 47.03 -11.16 26.90
CA LEU A 187 47.33 -9.91 27.57
C LEU A 187 48.85 -9.85 27.72
N ASP A 188 49.57 -10.40 26.75
CA ASP A 188 51.03 -10.45 26.80
C ASP A 188 51.68 -9.07 26.77
N LYS A 189 51.16 -8.17 25.94
CA LYS A 189 51.69 -6.81 25.84
C LYS A 189 51.34 -5.97 27.06
N PHE A 190 50.69 -6.60 28.04
CA PHE A 190 50.36 -5.96 29.31
C PHE A 190 51.07 -6.69 30.45
N SER A 191 51.23 -7.99 30.31
CA SER A 191 51.83 -8.81 31.35
C SER A 191 53.22 -9.33 30.95
N LYS A 192 54.10 -8.42 30.58
CA LYS A 192 55.47 -8.80 30.25
C LYS A 192 56.45 -8.02 31.12
N GLY A 193 57.13 -8.74 32.01
CA GLY A 193 57.98 -8.10 33.01
C GLY A 193 57.14 -7.23 33.92
N ALA A 194 55.95 -7.74 34.27
CA ALA A 194 55.01 -6.97 35.07
C ALA A 194 55.07 -7.34 36.55
N VAL A 195 54.60 -6.43 37.39
CA VAL A 195 54.55 -6.67 38.84
C VAL A 195 53.18 -6.33 39.41
N PRO A 196 52.61 -7.26 40.20
CA PRO A 196 51.24 -7.18 40.74
C PRO A 196 50.90 -5.87 41.42
N TYR A 197 51.86 -5.26 42.10
CA TYR A 197 51.59 -4.07 42.91
C TYR A 197 51.56 -2.76 42.12
N LYS A 198 51.85 -2.83 40.82
CA LYS A 198 52.02 -1.62 40.03
C LYS A 198 51.26 -1.68 38.69
N ASP A 199 51.50 -2.73 37.92
CA ASP A 199 50.91 -2.84 36.59
C ASP A 199 49.50 -3.42 36.65
N VAL A 200 48.50 -2.59 36.42
CA VAL A 200 47.11 -3.02 36.48
C VAL A 200 46.40 -2.96 35.13
N ILE A 201 45.39 -3.80 34.96
CA ILE A 201 44.54 -3.77 33.78
C ILE A 201 43.09 -3.68 34.24
N GLU A 202 42.51 -2.49 34.18
CA GLU A 202 41.17 -2.28 34.75
C GLU A 202 40.06 -2.72 33.79
N PHE A 203 39.07 -3.42 34.34
CA PHE A 203 37.94 -3.91 33.56
C PHE A 203 36.62 -3.32 34.06
N THR A 204 35.56 -3.53 33.29
CA THR A 204 34.22 -3.19 33.72
C THR A 204 33.41 -4.47 33.82
N ALA A 205 32.83 -4.72 34.98
CA ALA A 205 32.07 -5.95 35.20
C ALA A 205 30.62 -5.80 34.73
N MET A 206 30.17 -6.72 33.89
CA MET A 206 28.81 -6.68 33.37
C MET A 206 28.12 -8.04 33.50
N GLN A 207 26.79 -8.01 33.56
CA GLN A 207 26.00 -9.21 33.79
C GLN A 207 24.97 -9.40 32.69
N SER A 208 24.81 -10.64 32.23
CA SER A 208 23.82 -10.97 31.23
C SER A 208 22.41 -10.65 31.73
N LEU A 209 21.54 -10.21 30.82
CA LEU A 209 20.17 -9.85 31.19
C LEU A 209 19.27 -11.08 31.26
N THR A 210 19.84 -12.25 30.98
CA THR A 210 19.08 -13.49 30.98
C THR A 210 19.02 -14.18 32.34
N ARG A 211 19.36 -13.46 33.42
CA ARG A 211 19.29 -14.10 34.74
C ARG A 211 19.58 -13.25 35.99
N ASP A 212 18.61 -13.26 36.90
CA ASP A 212 18.72 -12.59 38.20
C ASP A 212 17.80 -13.30 39.21
N HIS A 234 9.23 -8.80 56.38
CA HIS A 234 10.36 -8.15 57.05
C HIS A 234 11.67 -8.86 56.70
N PHE A 235 12.72 -8.07 56.47
CA PHE A 235 14.02 -8.61 56.14
C PHE A 235 15.09 -7.51 56.05
N THR A 236 16.36 -7.93 56.02
CA THR A 236 17.47 -7.00 55.93
C THR A 236 18.19 -7.15 54.59
N ARG A 237 18.27 -6.07 53.83
CA ARG A 237 19.00 -6.10 52.57
C ARG A 237 20.43 -5.61 52.78
N LEU A 238 21.35 -6.19 52.02
CA LEU A 238 22.77 -5.88 52.15
C LEU A 238 23.42 -5.76 50.77
N VAL A 239 23.70 -4.53 50.35
CA VAL A 239 24.40 -4.32 49.09
C VAL A 239 25.91 -4.21 49.31
N THR A 240 26.62 -5.28 48.97
CA THR A 240 28.07 -5.29 49.07
C THR A 240 28.70 -4.95 47.73
N ILE A 241 29.51 -3.89 47.71
CA ILE A 241 30.25 -3.53 46.52
C ILE A 241 31.73 -3.32 46.84
N GLY A 242 32.59 -3.96 46.07
CA GLY A 242 34.03 -3.85 46.26
C GLY A 242 34.77 -4.07 44.96
N GLU A 243 36.00 -4.55 45.07
CA GLU A 243 36.82 -4.80 43.89
C GLU A 243 37.21 -6.27 43.80
N VAL A 244 37.62 -6.69 42.61
CA VAL A 244 38.10 -8.04 42.40
C VAL A 244 39.42 -8.01 41.63
N VAL A 245 40.46 -8.57 42.23
CA VAL A 245 41.79 -8.57 41.60
C VAL A 245 42.24 -10.00 41.28
N PHE A 246 42.52 -10.26 40.00
CA PHE A 246 43.08 -11.54 39.59
C PHE A 246 44.30 -11.33 38.69
N PRO A 247 45.34 -12.16 38.89
CA PRO A 247 46.60 -12.00 38.18
C PRO A 247 46.53 -12.40 36.71
N ALA A 248 47.13 -11.58 35.84
CA ALA A 248 47.30 -11.94 34.45
C ALA A 248 48.78 -12.19 34.19
N PHE A 249 49.13 -13.45 33.94
CA PHE A 249 50.52 -13.81 33.72
C PHE A 249 50.90 -13.66 32.25
N PHE A 250 52.11 -14.08 31.92
CA PHE A 250 52.58 -14.05 30.54
C PHE A 250 52.22 -15.36 29.85
N GLY A 251 51.80 -15.26 28.60
CA GLY A 251 51.56 -16.45 27.79
C GLY A 251 50.34 -17.28 28.14
N ASP A 252 49.46 -16.75 29.00
CA ASP A 252 48.21 -17.45 29.28
C ASP A 252 47.11 -17.00 28.31
N SER A 253 46.13 -17.88 28.06
CA SER A 253 45.07 -17.60 27.10
C SER A 253 43.86 -16.93 27.74
N SER A 254 42.92 -16.52 26.89
CA SER A 254 41.68 -15.91 27.35
C SER A 254 40.87 -16.85 28.23
N LEU A 255 41.05 -18.16 28.04
CA LEU A 255 40.39 -19.15 28.88
C LEU A 255 41.04 -19.22 30.25
N ASP A 256 42.36 -19.08 30.29
CA ASP A 256 43.11 -19.08 31.54
C ASP A 256 42.73 -17.86 32.38
N LEU A 257 42.62 -16.71 31.72
CA LEU A 257 42.17 -15.49 32.38
C LEU A 257 40.76 -15.68 32.97
N TYR A 258 39.86 -16.22 32.17
CA TYR A 258 38.49 -16.44 32.59
C TYR A 258 38.37 -17.32 33.84
N LYS A 259 39.02 -18.48 33.80
CA LYS A 259 38.96 -19.43 34.91
C LYS A 259 39.44 -18.82 36.23
N ARG A 260 40.45 -17.96 36.15
CA ARG A 260 40.94 -17.25 37.32
C ARG A 260 40.03 -16.10 37.70
N SER A 261 39.47 -15.42 36.70
CA SER A 261 38.59 -14.29 36.94
C SER A 261 37.31 -14.71 37.67
N ARG A 262 36.91 -15.96 37.49
CA ARG A 262 35.74 -16.49 38.20
C ARG A 262 36.10 -16.89 39.63
N GLU A 263 37.21 -17.61 39.77
CA GLU A 263 37.69 -18.03 41.08
C GLU A 263 37.98 -16.82 41.95
N ALA A 264 38.50 -15.77 41.34
CA ALA A 264 38.77 -14.52 42.04
C ALA A 264 37.49 -13.96 42.65
N PHE A 265 36.42 -13.94 41.85
CA PHE A 265 35.14 -13.43 42.31
C PHE A 265 34.55 -14.29 43.43
N ASN A 266 34.54 -15.60 43.24
CA ASN A 266 34.01 -16.52 44.24
C ASN A 266 34.67 -16.34 45.60
N ARG A 267 36.01 -16.30 45.59
CA ARG A 267 36.79 -16.14 46.81
C ARG A 267 36.47 -14.85 47.55
N ARG A 268 36.37 -13.74 46.82
CA ARG A 268 35.98 -12.47 47.39
C ARG A 268 34.57 -12.54 47.97
N ALA A 269 33.68 -13.22 47.26
CA ALA A 269 32.29 -13.35 47.68
C ALA A 269 32.20 -14.16 48.98
N ASN A 270 32.98 -15.23 49.06
CA ASN A 270 33.05 -16.03 50.27
C ASN A 270 33.70 -15.23 51.41
N ASN A 271 34.79 -14.54 51.09
CA ASN A 271 35.50 -13.67 52.02
C ASN A 271 34.52 -12.70 52.68
N THR A 272 33.69 -12.06 51.86
CA THR A 272 32.66 -11.15 52.34
C THR A 272 31.67 -11.86 53.26
N MET A 273 31.35 -13.11 52.94
CA MET A 273 30.41 -13.89 53.73
C MET A 273 30.95 -14.35 55.08
N MET A 274 32.20 -14.79 55.11
CA MET A 274 32.82 -15.28 56.35
C MET A 274 32.91 -14.21 57.43
N VAL A 275 33.40 -13.04 57.06
CA VAL A 275 33.50 -11.92 58.01
C VAL A 275 32.11 -11.44 58.45
N THR A 276 31.17 -11.41 57.49
CA THR A 276 29.79 -11.03 57.78
C THR A 276 29.18 -12.00 58.79
N VAL A 277 29.35 -13.29 58.55
CA VAL A 277 28.93 -14.32 59.50
C VAL A 277 29.62 -14.11 60.84
N ASN A 278 30.94 -13.92 60.80
CA ASN A 278 31.74 -13.68 62.01
C ASN A 278 31.23 -12.49 62.80
N GLY A 279 30.84 -11.42 62.09
CA GLY A 279 30.28 -10.25 62.74
C GLY A 279 28.96 -10.54 63.41
N ILE A 280 28.11 -11.30 62.74
CA ILE A 280 26.81 -11.70 63.26
C ILE A 280 26.96 -12.47 64.58
N ARG A 281 27.80 -13.51 64.56
CA ARG A 281 27.98 -14.38 65.71
C ARG A 281 28.61 -13.67 66.89
N ALA A 282 29.37 -12.61 66.61
CA ALA A 282 29.99 -11.81 67.66
C ALA A 282 29.00 -10.79 68.22
N GLY A 283 27.78 -10.81 67.69
CA GLY A 283 26.75 -9.91 68.15
C GLY A 283 26.92 -8.50 67.60
N ARG A 284 27.68 -8.38 66.52
CA ARG A 284 27.94 -7.08 65.90
C ARG A 284 26.99 -6.82 64.74
N GLY A 285 26.05 -7.74 64.54
CA GLY A 285 25.03 -7.60 63.51
C GLY A 285 25.57 -7.67 62.09
N VAL A 286 24.73 -7.33 61.13
CA VAL A 286 25.12 -7.32 59.72
C VAL A 286 25.65 -5.95 59.32
N THR A 287 26.95 -5.86 59.07
CA THR A 287 27.58 -4.60 58.69
C THR A 287 28.14 -4.68 57.27
N THR A 288 28.27 -3.53 56.61
CA THR A 288 28.84 -3.49 55.27
C THR A 288 30.35 -3.63 55.33
N THR A 289 30.97 -3.98 54.20
CA THR A 289 32.40 -4.23 54.16
C THR A 289 33.13 -3.28 53.20
N THR A 290 34.45 -3.26 53.29
CA THR A 290 35.28 -2.54 52.34
C THR A 290 36.31 -3.48 51.74
N SER A 291 36.33 -3.60 50.42
CA SER A 291 37.31 -4.44 49.75
C SER A 291 38.66 -3.75 49.75
N ALA A 292 39.72 -4.53 49.97
CA ALA A 292 41.07 -4.00 49.97
C ALA A 292 42.06 -5.03 49.44
N THR A 293 43.14 -4.56 48.85
CA THR A 293 44.17 -5.46 48.34
C THR A 293 45.53 -5.03 48.89
N TYR A 294 46.29 -5.98 49.42
CA TYR A 294 47.59 -5.69 50.00
C TYR A 294 48.71 -6.48 49.35
N LEU A 295 49.94 -6.04 49.60
CA LEU A 295 51.13 -6.86 49.37
C LEU A 295 51.98 -6.75 50.62
N PRO A 296 51.62 -7.51 51.67
CA PRO A 296 52.34 -7.50 52.95
C PRO A 296 53.82 -7.79 52.74
N PRO A 297 54.68 -7.24 53.61
CA PRO A 297 56.14 -7.26 53.44
C PRO A 297 56.71 -8.66 53.25
N GLY A 298 57.42 -8.87 52.14
CA GLY A 298 58.08 -10.13 51.86
C GLY A 298 57.34 -11.01 50.86
N TRP A 299 56.06 -10.71 50.63
CA TRP A 299 55.23 -11.54 49.76
C TRP A 299 55.54 -11.32 48.28
N VAL A 300 55.15 -12.30 47.46
CA VAL A 300 55.29 -12.20 46.01
C VAL A 300 53.94 -12.41 45.35
N SER A 301 52.88 -12.38 46.17
CA SER A 301 51.51 -12.45 45.68
C SER A 301 50.63 -11.59 46.58
N LEU A 302 49.54 -11.07 46.03
CA LEU A 302 48.69 -10.11 46.74
C LEU A 302 47.85 -10.76 47.85
N LEU A 303 47.42 -9.93 48.80
CA LEU A 303 46.49 -10.38 49.85
C LEU A 303 45.16 -9.67 49.67
N HIS A 304 44.10 -10.46 49.49
CA HIS A 304 42.78 -9.91 49.22
C HIS A 304 41.88 -10.06 50.44
N LEU A 305 41.36 -8.94 50.95
CA LEU A 305 40.56 -8.98 52.17
C LEU A 305 39.27 -8.15 52.08
N GLN A 306 38.23 -8.64 52.74
CA GLN A 306 37.00 -7.89 52.90
C GLN A 306 36.92 -7.40 54.34
N LEU A 307 37.11 -6.10 54.52
CA LEU A 307 37.27 -5.53 55.85
C LEU A 307 35.97 -5.00 56.43
N PRO A 308 35.64 -5.43 57.66
CA PRO A 308 34.48 -4.94 58.41
C PRO A 308 34.71 -3.50 58.86
N THR A 309 34.40 -2.55 57.98
CA THR A 309 34.72 -1.14 58.22
C THR A 309 33.69 -0.42 59.08
N LYS A 310 32.68 -1.16 59.56
CA LYS A 310 31.64 -0.56 60.38
C LYS A 310 31.68 -1.02 61.83
N TRP A 311 32.73 -1.77 62.18
CA TRP A 311 32.93 -2.20 63.55
C TRP A 311 33.57 -1.07 64.37
N THR A 312 33.70 -1.29 65.67
CA THR A 312 34.39 -0.35 66.54
C THR A 312 35.86 -0.31 66.13
N ASP A 313 36.51 0.83 66.34
CA ASP A 313 37.92 0.98 66.01
C ASP A 313 38.69 -0.13 66.73
N ASN A 314 38.32 -0.36 67.99
CA ASN A 314 38.94 -1.42 68.77
C ASN A 314 38.63 -2.79 68.19
N GLU A 315 37.36 -3.01 67.82
CA GLU A 315 36.92 -4.25 67.22
C GLU A 315 37.65 -4.51 65.89
N GLN A 316 37.92 -3.43 65.16
CA GLN A 316 38.69 -3.53 63.92
C GLN A 316 40.15 -3.90 64.22
N ARG A 317 40.68 -3.33 65.30
CA ARG A 317 42.08 -3.54 65.67
C ARG A 317 42.34 -4.99 66.06
N ASN A 318 41.44 -5.56 66.86
CA ASN A 318 41.56 -6.97 67.26
C ASN A 318 41.41 -7.90 66.06
N TYR A 319 40.53 -7.55 65.14
CA TYR A 319 40.38 -8.29 63.90
C TYR A 319 41.61 -8.09 63.02
N ARG A 320 42.14 -6.87 63.04
CA ARG A 320 43.35 -6.55 62.30
C ARG A 320 44.52 -7.34 62.89
N ILE A 321 44.52 -7.50 64.22
CA ILE A 321 45.52 -8.30 64.91
C ILE A 321 45.42 -9.79 64.53
N ARG A 322 44.21 -10.32 64.59
CA ARG A 322 43.98 -11.73 64.27
C ARG A 322 44.52 -12.11 62.90
N LEU A 323 44.27 -11.25 61.91
CA LEU A 323 44.72 -11.51 60.55
C LEU A 323 46.25 -11.56 60.47
N HIS A 324 46.92 -10.76 61.31
CA HIS A 324 48.37 -10.80 61.41
C HIS A 324 48.84 -12.20 61.83
N LYS A 325 48.11 -12.79 62.77
CA LYS A 325 48.42 -14.14 63.24
C LYS A 325 48.09 -15.17 62.17
N LEU A 326 46.93 -15.01 61.55
CA LEU A 326 46.43 -15.99 60.57
C LEU A 326 47.26 -16.01 59.28
N PHE A 327 47.80 -14.86 58.90
CA PHE A 327 48.55 -14.77 57.65
C PHE A 327 50.06 -14.71 57.90
N ASN A 328 50.47 -15.00 59.13
CA ASN A 328 51.87 -14.93 59.54
C ASN A 328 52.52 -13.60 59.18
N LEU A 329 52.02 -12.53 59.81
CA LEU A 329 52.52 -11.19 59.57
C LEU A 329 53.17 -10.66 60.84
N PRO A 330 54.16 -9.75 60.68
CA PRO A 330 54.83 -9.06 61.79
C PRO A 330 53.86 -8.55 62.85
N SER A 331 54.34 -8.46 64.09
CA SER A 331 53.52 -7.92 65.18
C SER A 331 53.99 -6.52 65.54
N SER A 332 55.06 -6.08 64.90
CA SER A 332 55.67 -4.79 65.17
C SER A 332 55.05 -3.67 64.34
N LYS A 333 55.24 -3.74 63.03
CA LYS A 333 54.75 -2.72 62.10
C LYS A 333 53.35 -3.02 61.60
N PRO A 334 52.55 -1.97 61.29
CA PRO A 334 51.23 -2.15 60.70
C PRO A 334 51.32 -2.63 59.26
N VAL A 335 50.36 -3.44 58.83
CA VAL A 335 50.34 -3.97 57.46
C VAL A 335 48.97 -3.84 56.82
N LEU A 336 47.94 -4.21 57.57
CA LEU A 336 46.58 -4.27 57.02
C LEU A 336 45.75 -3.02 57.28
N ARG A 337 46.43 -1.88 57.46
CA ARG A 337 45.73 -0.61 57.66
C ARG A 337 45.23 -0.10 56.32
N LEU A 338 44.07 0.55 56.32
CA LEU A 338 43.47 1.08 55.10
C LEU A 338 44.44 1.99 54.36
N SER A 339 45.25 2.72 55.13
CA SER A 339 46.17 3.71 54.59
C SER A 339 47.21 3.10 53.65
N GLN A 340 47.59 1.86 53.93
CA GLN A 340 48.63 1.18 53.16
C GLN A 340 48.06 0.15 52.18
N ALA A 341 46.75 0.20 51.97
CA ALA A 341 46.10 -0.67 51.00
C ALA A 341 46.44 -0.20 49.59
N LEU A 342 46.73 -1.15 48.71
CA LEU A 342 47.05 -0.83 47.32
C LEU A 342 45.83 -0.25 46.60
N ALA A 343 46.05 0.82 45.85
CA ALA A 343 44.98 1.41 45.05
C ALA A 343 45.12 0.98 43.60
N LEU A 344 44.62 -0.21 43.29
CA LEU A 344 44.72 -0.77 41.95
C LEU A 344 43.57 -0.27 41.07
N HIS A 345 42.37 -0.19 41.64
CA HIS A 345 41.21 0.31 40.91
C HIS A 345 41.19 1.83 40.92
N SER A 346 40.82 2.42 39.79
CA SER A 346 40.84 3.87 39.63
C SER A 346 39.81 4.59 40.51
N GLU A 347 38.86 3.82 41.05
CA GLU A 347 37.83 4.39 41.90
C GLU A 347 38.12 4.16 43.38
N SER A 348 39.20 3.45 43.67
CA SER A 348 39.61 3.20 45.05
C SER A 348 39.95 4.51 45.74
N ALA A 349 39.37 4.72 46.92
CA ALA A 349 39.62 5.93 47.70
C ALA A 349 41.06 5.96 48.20
N ARG A 350 41.77 7.04 47.91
CA ARG A 350 43.16 7.19 48.34
C ARG A 350 43.24 8.15 49.52
N LEU A 351 44.30 8.00 50.33
CA LEU A 351 44.54 8.88 51.46
C LEU A 351 45.64 9.89 51.13
N THR A 352 46.11 9.83 49.88
CA THR A 352 47.14 10.73 49.40
C THR A 352 46.69 11.48 48.16
N ASN A 353 47.65 11.87 47.32
CA ASN A 353 47.35 12.55 46.07
C ASN A 353 47.68 11.65 44.90
N LYS A 354 46.66 11.27 44.13
CA LYS A 354 46.81 10.35 43.00
C LYS A 354 47.80 10.83 41.94
N LYS A 355 48.03 12.14 41.91
CA LYS A 355 48.97 12.72 40.96
C LYS A 355 50.42 12.43 41.35
N LEU A 356 50.65 12.26 42.64
CA LEU A 356 52.01 12.08 43.17
C LEU A 356 52.62 10.73 42.80
N ILE A 357 53.92 10.74 42.51
CA ILE A 357 54.66 9.52 42.17
C ILE A 357 54.99 8.72 43.42
N ARG A 358 54.68 7.42 43.39
CA ARG A 358 54.94 6.56 44.53
C ARG A 358 56.23 5.76 44.33
N GLU A 359 57.16 5.91 45.27
CA GLU A 359 58.46 5.23 45.26
C GLU A 359 59.23 5.38 43.94
N PRO A 360 59.70 6.61 43.65
CA PRO A 360 60.42 6.88 42.40
C PRO A 360 61.73 6.11 42.29
N HIS A 361 62.42 5.89 43.41
CA HIS A 361 63.72 5.23 43.39
C HIS A 361 63.63 3.78 42.90
N LEU A 362 62.46 3.16 43.11
CA LEU A 362 62.24 1.79 42.67
C LEU A 362 62.26 1.69 41.15
N SER A 363 61.96 2.79 40.48
CA SER A 363 61.97 2.84 39.04
C SER A 363 63.32 3.29 38.51
N ILE A 364 64.39 2.89 39.19
CA ILE A 364 65.74 3.26 38.77
C ILE A 364 66.20 2.34 37.63
N THR A 365 67.00 2.90 36.72
CA THR A 365 67.37 2.19 35.49
C THR A 365 68.82 1.72 35.48
N ASN A 366 69.02 0.44 35.80
CA ASN A 366 70.33 -0.21 35.72
C ASN A 366 71.59 0.06 36.54
N TYR A 367 71.42 0.60 37.73
CA TYR A 367 72.54 0.81 38.64
C TYR A 367 73.36 -0.31 39.25
N GLN A 368 74.68 -0.25 39.05
CA GLN A 368 75.59 -1.26 39.60
C GLN A 368 76.15 -0.78 40.93
N PRO A 369 75.81 -1.49 42.03
CA PRO A 369 76.28 -1.13 43.36
C PRO A 369 77.80 -1.24 43.46
N VAL A 370 78.42 -0.28 44.15
CA VAL A 370 79.87 -0.32 44.35
C VAL A 370 80.20 -1.17 45.58
N GLY A 371 79.23 -1.32 46.47
CA GLY A 371 79.39 -2.13 47.67
C GLY A 371 78.06 -2.59 48.22
N GLU A 372 77.95 -2.64 49.54
CA GLU A 372 76.71 -3.02 50.20
C GLU A 372 75.67 -1.93 49.98
N ILE A 373 74.40 -2.32 49.88
CA ILE A 373 73.33 -1.37 49.66
C ILE A 373 72.28 -1.42 50.78
N THR A 374 71.71 -0.27 51.10
CA THR A 374 70.69 -0.19 52.15
C THR A 374 69.78 1.00 51.87
N THR A 375 68.50 0.71 51.60
CA THR A 375 67.55 1.76 51.21
C THR A 375 66.35 1.85 52.16
N VAL A 376 65.37 2.65 51.76
CA VAL A 376 64.12 2.80 52.52
C VAL A 376 63.44 1.45 52.67
N ASN A 377 62.75 1.25 53.78
CA ASN A 377 61.90 0.08 53.94
C ASN A 377 60.44 0.50 54.02
N GLY A 378 59.84 0.81 52.87
CA GLY A 378 58.46 1.23 52.81
C GLY A 378 58.18 2.19 51.65
N PRO A 379 56.89 2.42 51.37
CA PRO A 379 56.47 3.32 50.30
C PRO A 379 56.44 4.78 50.75
N TYR A 380 56.59 5.69 49.79
CA TYR A 380 56.65 7.12 50.06
C TYR A 380 56.30 7.87 48.78
N ASN A 381 55.90 9.13 48.91
CA ASN A 381 55.57 9.93 47.73
C ASN A 381 56.55 11.07 47.48
N TYR A 382 56.83 11.33 46.21
CA TYR A 382 57.76 12.40 45.84
C TYR A 382 57.05 13.74 45.84
N HIS A 383 57.33 14.54 46.88
CA HIS A 383 56.87 15.92 46.94
C HIS A 383 58.03 16.83 46.58
N HIS A 384 57.77 17.85 45.75
CA HIS A 384 58.80 18.80 45.37
C HIS A 384 58.24 20.18 45.04
N TYR A 385 59.08 21.02 44.43
CA TYR A 385 58.71 22.42 44.15
C TYR A 385 57.52 22.55 43.20
N MET A 386 56.78 23.65 43.36
CA MET A 386 55.71 24.03 42.44
C MET A 386 54.65 22.94 42.26
N GLN A 387 54.32 22.25 43.34
CA GLN A 387 53.39 21.12 43.27
C GLN A 387 51.95 21.50 43.62
N ASP A 388 51.72 21.93 44.85
CA ASP A 388 50.38 22.14 45.36
C ASP A 388 49.87 23.56 45.15
N GLY A 389 50.10 24.10 43.96
CA GLY A 389 49.67 25.45 43.63
C GLY A 389 50.43 26.52 44.38
N ILE A 390 51.62 26.17 44.85
CA ILE A 390 52.49 27.12 45.55
C ILE A 390 53.83 27.18 44.83
N ASP A 391 54.39 28.38 44.70
CA ASP A 391 55.72 28.51 44.10
C ASP A 391 56.78 28.71 45.18
N ASP A 392 57.35 27.60 45.63
CA ASP A 392 58.48 27.64 46.57
C ASP A 392 59.79 27.46 45.82
N SER A 393 60.14 28.47 45.03
CA SER A 393 61.29 28.40 44.14
C SER A 393 62.54 28.10 44.97
N GLY A 394 62.76 28.86 46.04
CA GLY A 394 63.92 28.65 46.88
C GLY A 394 63.70 28.17 48.30
N TRP A 395 62.65 28.69 48.95
CA TRP A 395 62.38 28.31 50.33
C TRP A 395 61.53 27.15 50.84
N GLY A 396 61.13 26.25 49.95
CA GLY A 396 60.25 25.15 50.32
C GLY A 396 60.99 23.83 50.31
N SER A 397 62.31 23.88 50.11
CA SER A 397 63.12 22.67 50.02
C SER A 397 62.98 21.77 51.24
N ALA A 398 62.99 22.36 52.43
CA ALA A 398 62.85 21.60 53.65
C ALA A 398 61.40 21.15 53.86
N TYR A 399 60.45 22.00 53.48
CA TYR A 399 59.04 21.67 53.57
C TYR A 399 58.70 20.44 52.74
N ARG A 400 59.23 20.39 51.53
CA ARG A 400 58.98 19.28 50.61
C ARG A 400 59.54 17.96 51.13
N SER A 401 60.75 18.02 51.68
CA SER A 401 61.39 16.84 52.26
C SER A 401 60.59 16.35 53.46
N PHE A 402 60.04 17.29 54.23
CA PHE A 402 59.16 16.97 55.35
C PHE A 402 57.94 16.20 54.84
N GLN A 403 57.38 16.66 53.73
CA GLN A 403 56.18 16.07 53.16
C GLN A 403 56.38 14.61 52.72
N THR A 404 57.54 14.34 52.12
CA THR A 404 57.89 12.99 51.69
C THR A 404 57.90 12.04 52.89
N ILE A 405 58.49 12.50 54.00
CA ILE A 405 58.53 11.73 55.23
C ILE A 405 57.12 11.47 55.76
N TRP A 406 56.25 12.48 55.69
CA TRP A 406 54.89 12.34 56.16
C TRP A 406 54.14 11.30 55.32
N SER A 407 54.44 11.26 54.03
CA SER A 407 53.82 10.28 53.13
C SER A 407 54.19 8.87 53.58
N TRP A 408 55.44 8.69 53.99
CA TRP A 408 55.92 7.41 54.47
C TRP A 408 55.09 6.93 55.66
N PHE A 409 54.74 7.86 56.54
CA PHE A 409 53.99 7.53 57.74
C PHE A 409 52.51 7.27 57.46
N ILE A 410 52.02 7.77 56.33
CA ILE A 410 50.67 7.46 55.88
C ILE A 410 50.68 6.11 55.18
N LEU A 411 51.61 5.95 54.25
CA LEU A 411 51.69 4.76 53.42
C LEU A 411 52.14 3.52 54.17
N ASN A 412 52.49 3.68 55.45
CA ASN A 412 52.90 2.55 56.28
C ASN A 412 52.01 2.39 57.50
N GLY A 413 50.83 3.00 57.45
CA GLY A 413 49.81 2.79 58.46
C GLY A 413 50.09 3.37 59.84
N TYR A 414 50.82 4.47 59.89
CA TYR A 414 51.08 5.12 61.18
C TYR A 414 50.17 6.32 61.39
N THR A 415 49.55 6.81 60.31
CA THR A 415 48.62 7.92 60.41
C THR A 415 47.62 7.98 59.25
N ASP A 416 46.44 8.53 59.53
CA ASP A 416 45.43 8.75 58.50
C ASP A 416 45.48 10.20 58.03
N LYS A 417 45.92 11.08 58.93
CA LYS A 417 46.01 12.51 58.65
C LYS A 417 46.85 12.80 57.42
N PRO A 418 46.36 13.70 56.54
CA PRO A 418 46.99 13.95 55.24
C PRO A 418 48.25 14.80 55.37
N VAL A 419 49.02 14.88 54.28
CA VAL A 419 50.24 15.69 54.25
C VAL A 419 49.92 17.16 54.48
N PRO A 420 50.51 17.75 55.53
CA PRO A 420 50.30 19.18 55.84
C PRO A 420 50.87 20.09 54.76
N SER A 421 50.22 21.22 54.53
CA SER A 421 50.72 22.20 53.57
C SER A 421 51.82 23.02 54.21
N HIS A 422 52.40 23.93 53.44
CA HIS A 422 53.45 24.81 53.96
C HIS A 422 52.91 25.61 55.14
N ARG A 423 51.68 26.10 55.01
CA ARG A 423 51.07 26.93 56.04
C ARG A 423 50.73 26.12 57.29
N GLU A 424 50.36 24.85 57.11
CA GLU A 424 50.06 23.98 58.24
C GLU A 424 51.31 23.69 59.06
N ILE A 425 52.43 23.53 58.38
CA ILE A 425 53.71 23.27 59.03
C ILE A 425 54.17 24.50 59.82
N GLN A 426 54.20 25.65 59.16
CA GLN A 426 54.61 26.90 59.78
C GLN A 426 53.73 27.24 60.98
N GLN A 427 52.46 26.87 60.90
CA GLN A 427 51.52 27.08 62.00
C GLN A 427 51.94 26.26 63.21
N ALA A 428 52.37 25.02 62.96
CA ALA A 428 52.79 24.12 64.02
C ALA A 428 53.99 24.66 64.80
N LEU A 429 54.99 25.14 64.07
CA LEU A 429 56.18 25.74 64.69
C LEU A 429 55.80 26.93 65.56
N VAL A 430 54.79 27.67 65.11
CA VAL A 430 54.24 28.79 65.88
C VAL A 430 53.50 28.28 67.12
N ASP A 431 52.71 27.23 66.94
CA ASP A 431 51.92 26.64 68.02
C ASP A 431 52.76 26.24 69.23
N ILE A 432 53.96 25.71 68.97
CA ILE A 432 54.87 25.31 70.04
C ILE A 432 55.80 26.45 70.44
N GLN A 433 55.44 27.67 70.03
CA GLN A 433 56.24 28.86 70.30
C GLN A 433 57.71 28.71 69.89
N ASP A 434 57.96 28.67 68.58
CA ASP A 434 59.31 28.50 68.08
C ASP A 434 59.62 29.46 66.93
N LYS A 435 58.56 30.03 66.38
CA LYS A 435 58.74 31.05 65.40
C LYS A 435 57.80 32.25 65.38
N GLN A 436 56.93 32.37 66.35
CA GLN A 436 56.29 33.65 66.54
C GLN A 436 55.34 34.25 65.47
N ALA A 437 54.53 33.42 64.83
CA ALA A 437 53.40 33.94 64.09
C ALA A 437 53.58 34.94 62.98
N LYS A 438 54.83 35.26 62.68
CA LYS A 438 55.16 36.18 61.61
C LYS A 438 55.55 35.21 60.52
N PHE A 439 55.98 34.06 61.02
CA PHE A 439 56.37 32.93 60.25
C PHE A 439 55.22 32.36 59.51
N VAL A 440 54.06 32.28 60.14
CA VAL A 440 52.92 31.61 59.51
C VAL A 440 52.69 32.26 58.21
N GLY A 441 52.68 33.54 58.10
CA GLY A 441 52.48 34.03 56.76
C GLY A 441 53.91 34.31 56.42
N SER A 442 54.58 33.42 55.71
CA SER A 442 56.01 33.65 55.52
C SER A 442 56.54 32.72 54.43
N ARG A 443 57.66 33.08 53.87
CA ARG A 443 58.33 32.21 52.96
C ARG A 443 59.70 32.03 53.51
N GLN A 444 59.75 31.86 54.80
CA GLN A 444 60.98 31.74 55.56
C GLN A 444 61.46 30.29 55.54
N TRP A 445 62.77 30.10 55.58
CA TRP A 445 63.37 28.76 55.55
C TRP A 445 63.24 28.07 56.90
N ILE A 446 63.29 26.73 56.86
CA ILE A 446 63.44 25.93 58.07
C ILE A 446 64.57 24.93 57.84
N GLY A 447 64.61 23.88 58.64
CA GLY A 447 65.68 22.88 58.50
C GLY A 447 65.42 21.57 59.22
N SER A 448 66.49 20.81 59.41
CA SER A 448 66.42 19.50 60.05
C SER A 448 65.74 19.51 61.41
N THR A 449 66.12 20.48 62.24
CA THR A 449 65.54 20.59 63.58
C THR A 449 64.04 20.86 63.53
N GLU A 450 63.65 21.93 62.85
CA GLU A 450 62.24 22.34 62.76
C GLU A 450 61.33 21.20 62.27
N ILE A 451 61.86 20.35 61.40
CA ILE A 451 61.12 19.19 60.91
C ILE A 451 60.77 18.24 62.05
N SER A 452 61.74 17.97 62.92
CA SER A 452 61.54 17.11 64.08
C SER A 452 60.51 17.68 65.05
N PHE A 453 60.48 19.00 65.17
CA PHE A 453 59.52 19.67 66.05
C PHE A 453 58.07 19.44 65.59
N VAL A 454 57.83 19.63 64.28
CA VAL A 454 56.50 19.46 63.72
C VAL A 454 56.02 18.01 63.84
N LEU A 455 56.88 17.06 63.45
CA LEU A 455 56.58 15.64 63.54
C LEU A 455 56.20 15.23 64.96
N ASN A 456 56.89 15.80 65.94
CA ASN A 456 56.59 15.54 67.34
C ASN A 456 55.24 16.14 67.76
N GLU A 457 54.93 17.31 67.21
CA GLU A 457 53.69 18.00 67.57
C GLU A 457 52.45 17.35 66.95
N LEU A 458 52.56 16.95 65.68
CA LEU A 458 51.41 16.44 64.95
C LEU A 458 51.22 14.93 65.11
N LEU A 459 52.31 14.18 65.14
CA LEU A 459 52.24 12.73 65.16
C LEU A 459 52.84 12.10 66.41
N LYS A 460 53.27 12.93 67.36
CA LYS A 460 53.90 12.47 68.59
C LYS A 460 55.10 11.58 68.30
N LEU A 461 55.80 11.86 67.20
CA LEU A 461 56.95 11.07 66.78
C LEU A 461 58.22 11.49 67.50
N GLU A 462 59.20 10.59 67.54
CA GLU A 462 60.51 10.90 68.09
C GLU A 462 61.50 10.92 66.93
N CYS A 463 62.51 11.78 67.02
CA CYS A 463 63.51 11.85 65.96
C CYS A 463 64.93 11.78 66.52
N ARG A 464 65.82 11.16 65.76
CA ARG A 464 67.23 11.11 66.12
C ARG A 464 68.02 11.91 65.10
N PHE A 465 69.25 12.28 65.44
CA PHE A 465 70.04 13.15 64.58
C PHE A 465 71.43 12.61 64.27
N ILE A 466 71.99 13.07 63.15
CA ILE A 466 73.39 12.86 62.84
C ILE A 466 73.99 14.23 62.54
N ALA A 467 74.43 14.91 63.59
CA ALA A 467 74.98 16.26 63.45
C ALA A 467 76.45 16.21 63.05
N THR A 468 76.79 16.86 61.94
CA THR A 468 78.16 16.88 61.45
C THR A 468 78.69 18.31 61.34
N ASN A 469 79.98 18.45 61.05
CA ASN A 469 80.60 19.76 60.91
C ASN A 469 81.12 19.99 59.50
N SER A 470 81.05 18.95 58.68
CA SER A 470 81.43 19.02 57.27
C SER A 470 80.76 17.88 56.51
N GLY A 471 80.57 18.07 55.20
CA GLY A 471 79.98 17.03 54.38
C GLY A 471 80.87 15.80 54.33
N ALA A 472 82.15 15.99 54.61
CA ALA A 472 83.09 14.89 54.67
C ALA A 472 82.76 13.96 55.83
N GLU A 473 82.27 14.54 56.92
CA GLU A 473 81.84 13.74 58.08
C GLU A 473 80.61 12.91 57.73
N VAL A 474 79.71 13.50 56.95
CA VAL A 474 78.52 12.81 56.46
C VAL A 474 78.91 11.51 55.74
N VAL A 475 79.97 11.60 54.94
CA VAL A 475 80.48 10.46 54.20
C VAL A 475 81.14 9.42 55.09
N GLU A 476 81.99 9.85 56.02
CA GLU A 476 82.69 8.91 56.90
C GLU A 476 81.84 8.47 58.09
N ARG A 477 80.55 8.82 58.05
CA ARG A 477 79.58 8.33 59.03
C ARG A 477 78.42 7.67 58.29
N VAL A 478 78.72 7.10 57.14
CA VAL A 478 77.73 6.38 56.33
C VAL A 478 77.10 5.23 57.09
N ARG A 479 77.91 4.53 57.89
CA ARG A 479 77.47 3.36 58.65
C ARG A 479 76.32 3.69 59.60
N GLU A 480 76.20 4.95 59.98
CA GLU A 480 75.10 5.39 60.83
C GLU A 480 73.79 5.45 60.05
N LEU A 481 73.89 5.88 58.80
CA LEU A 481 72.73 5.94 57.90
C LEU A 481 72.25 4.54 57.55
N ALA A 482 73.19 3.69 57.12
CA ALA A 482 72.87 2.32 56.73
C ALA A 482 72.23 1.55 57.88
N ARG A 483 72.66 1.83 59.10
CA ARG A 483 72.07 1.21 60.29
C ARG A 483 70.64 1.70 60.49
N HIS A 484 70.40 2.97 60.16
CA HIS A 484 69.07 3.55 60.28
C HIS A 484 68.09 2.95 59.27
N PHE A 485 68.51 2.94 58.00
CA PHE A 485 67.68 2.39 56.92
C PHE A 485 67.43 0.89 57.12
N GLU A 486 68.29 0.25 57.89
CA GLU A 486 68.19 -1.19 58.13
C GLU A 486 67.26 -1.49 59.30
N THR A 487 66.98 -0.49 60.12
CA THR A 487 66.20 -0.68 61.33
C THR A 487 64.94 0.19 61.46
N SER A 488 65.00 1.41 60.94
CA SER A 488 63.86 2.33 61.04
C SER A 488 63.23 2.54 59.66
N GLY A 489 64.06 2.49 58.62
CA GLY A 489 63.55 2.56 57.26
C GLY A 489 63.15 3.94 56.75
N THR A 490 62.65 4.78 57.65
CA THR A 490 62.16 6.12 57.30
C THR A 490 63.19 6.92 56.50
N PRO A 491 62.70 7.72 55.53
CA PRO A 491 63.58 8.58 54.72
C PRO A 491 64.28 9.62 55.59
N VAL A 492 65.48 10.02 55.19
CA VAL A 492 66.24 11.00 55.97
C VAL A 492 66.33 12.35 55.25
N MET A 493 65.94 13.41 55.93
CA MET A 493 66.15 14.75 55.42
C MET A 493 67.54 15.24 55.83
N ILE A 494 68.26 15.84 54.89
CA ILE A 494 69.58 16.37 55.20
C ILE A 494 69.72 17.84 54.80
N GLY A 495 69.89 18.70 55.79
CA GLY A 495 70.10 20.11 55.56
C GLY A 495 71.57 20.48 55.71
N GLY A 496 71.99 21.50 54.97
CA GLY A 496 73.36 21.97 54.99
C GLY A 496 73.68 22.67 53.69
N ASN A 497 74.58 23.65 53.75
CA ASN A 497 74.96 24.44 52.57
C ASN A 497 73.73 25.12 51.94
N MET A 498 72.83 25.60 52.80
CA MET A 498 71.59 26.27 52.39
C MET A 498 70.64 25.39 51.56
N LEU A 499 70.97 24.11 51.44
CA LEU A 499 70.15 23.21 50.63
C LEU A 499 69.62 22.04 51.45
N ALA A 500 68.38 21.65 51.19
CA ALA A 500 67.78 20.48 51.83
C ALA A 500 67.59 19.37 50.81
N HIS A 501 67.79 18.12 51.23
CA HIS A 501 67.56 16.97 50.36
C HIS A 501 66.89 15.85 51.14
N THR A 502 66.61 14.75 50.46
CA THR A 502 66.04 13.58 51.10
C THR A 502 66.88 12.35 50.73
N ILE A 503 67.49 11.73 51.74
CA ILE A 503 68.29 10.53 51.51
C ILE A 503 67.44 9.27 51.65
N LEU A 504 67.47 8.44 50.62
CA LEU A 504 66.65 7.24 50.59
C LEU A 504 67.47 5.97 50.67
N GLY A 505 68.80 6.12 50.63
CA GLY A 505 69.67 4.98 50.69
C GLY A 505 71.14 5.30 50.53
N VAL A 506 71.98 4.38 50.99
CA VAL A 506 73.42 4.53 50.87
C VAL A 506 74.07 3.30 50.24
N ASP A 507 75.02 3.52 49.34
CA ASP A 507 75.80 2.43 48.75
C ASP A 507 77.21 2.53 49.31
N PHE A 508 77.63 1.50 50.05
CA PHE A 508 78.84 1.59 50.86
C PHE A 508 79.71 0.34 50.83
N ASN A 509 80.94 0.50 50.34
CA ASN A 509 81.93 -0.57 50.37
C ASN A 509 82.98 -0.33 51.45
N ASP A 510 82.95 -1.16 52.49
CA ASP A 510 83.83 -0.98 53.65
C ASP A 510 85.25 -1.48 53.40
N THR A 511 85.63 -1.60 52.14
CA THR A 511 86.97 -2.05 51.79
C THR A 511 87.69 -1.00 50.95
N THR A 512 87.05 -0.59 49.84
CA THR A 512 87.59 0.47 49.01
C THR A 512 87.22 1.84 49.55
N GLY A 513 86.31 1.85 50.52
CA GLY A 513 85.90 3.09 51.17
C GLY A 513 85.05 3.98 50.29
N GLU A 514 84.64 3.47 49.13
CA GLU A 514 83.82 4.25 48.21
C GLU A 514 82.36 4.20 48.64
N THR A 515 81.77 5.38 48.85
CA THR A 515 80.38 5.48 49.29
C THR A 515 79.56 6.36 48.35
N LYS A 516 78.32 5.94 48.08
CA LYS A 516 77.40 6.75 47.29
C LYS A 516 76.05 6.89 47.98
N PHE A 517 75.33 7.95 47.66
CA PHE A 517 74.06 8.24 48.33
C PHE A 517 72.89 8.24 47.35
N LEU A 518 71.77 7.66 47.75
CA LEU A 518 70.54 7.72 46.99
C LEU A 518 69.76 8.96 47.42
N VAL A 519 69.79 10.00 46.58
CA VAL A 519 69.23 11.29 46.97
C VAL A 519 67.97 11.67 46.20
N LEU A 520 66.84 11.78 46.90
CA LEU A 520 65.61 12.28 46.30
C LEU A 520 65.60 13.80 46.35
N ASP A 521 65.96 14.42 45.23
CA ASP A 521 66.11 15.87 45.17
C ASP A 521 64.76 16.58 45.20
N PRO A 522 64.50 17.35 46.27
CA PRO A 522 63.23 18.06 46.45
C PRO A 522 63.17 19.35 45.62
N HIS A 523 64.19 19.54 44.82
CA HIS A 523 64.40 20.73 44.03
C HIS A 523 63.76 20.75 42.66
N TYR A 524 62.48 21.02 42.55
CA TYR A 524 61.86 21.23 41.24
C TYR A 524 61.76 20.28 40.02
N THR A 525 60.81 19.37 40.12
CA THR A 525 60.25 18.53 39.08
C THR A 525 59.20 19.27 38.16
N GLY A 526 58.14 19.78 38.79
CA GLY A 526 57.14 20.49 38.15
C GLY A 526 56.27 19.70 37.19
N SER A 527 56.71 18.52 36.81
CA SER A 527 55.93 17.71 35.88
C SER A 527 55.94 16.27 36.32
N GLU A 528 54.80 15.77 36.80
CA GLU A 528 54.76 14.39 37.24
C GLU A 528 55.41 13.87 35.96
N ASP A 529 56.63 13.32 36.05
CA ASP A 529 57.16 12.64 34.87
C ASP A 529 58.34 11.84 35.43
N ILE A 530 58.33 10.53 35.21
CA ILE A 530 59.33 9.63 35.78
C ILE A 530 60.61 9.56 34.95
N LYS A 531 60.47 9.45 33.63
CA LYS A 531 61.61 9.37 32.74
C LYS A 531 62.50 10.60 32.82
N THR A 532 61.90 11.77 33.04
CA THR A 532 62.66 13.00 33.22
C THR A 532 63.38 13.01 34.57
N ILE A 533 62.76 12.43 35.58
CA ILE A 533 63.37 12.31 36.89
C ILE A 533 64.67 11.52 36.83
N THR A 534 64.57 10.26 36.41
CA THR A 534 65.72 9.35 36.38
C THR A 534 66.84 9.84 35.47
N SER A 535 66.48 10.36 34.30
CA SER A 535 67.45 10.86 33.34
C SER A 535 68.25 12.04 33.92
N LYS A 536 67.55 13.00 34.50
CA LYS A 536 68.20 14.15 35.12
C LYS A 536 68.68 13.82 36.53
N GLY A 537 69.19 14.82 37.24
CA GLY A 537 69.80 14.61 38.54
C GLY A 537 68.84 14.35 39.70
N TRP A 538 67.54 14.39 39.42
CA TRP A 538 66.55 14.16 40.46
C TRP A 538 66.40 12.67 40.72
N CYS A 539 66.45 12.29 42.00
CA CYS A 539 66.36 10.88 42.40
C CYS A 539 67.38 9.99 41.68
N ALA A 540 68.64 10.10 42.07
CA ALA A 540 69.70 9.31 41.47
C ALA A 540 70.74 8.92 42.53
N TRP A 541 71.71 8.11 42.13
CA TRP A 541 72.80 7.74 43.02
C TRP A 541 73.95 8.73 42.92
N LYS A 542 74.00 9.67 43.85
CA LYS A 542 75.03 10.69 43.86
C LYS A 542 76.26 10.24 44.65
N PRO A 543 77.45 10.66 44.22
CA PRO A 543 78.71 10.24 44.88
C PRO A 543 78.93 11.01 46.18
N ALA A 544 80.03 10.70 46.86
CA ALA A 544 80.36 11.37 48.11
C ALA A 544 80.77 12.81 47.86
N SER A 545 81.12 13.11 46.61
CA SER A 545 81.55 14.45 46.21
C SER A 545 80.40 15.46 46.28
N PHE A 546 79.18 14.95 46.44
CA PHE A 546 77.99 15.80 46.49
C PHE A 546 78.00 16.81 47.64
N TRP A 547 78.06 16.31 48.87
CA TRP A 547 78.04 17.18 50.04
C TRP A 547 79.29 18.04 50.13
N SER A 548 79.10 19.33 50.40
CA SER A 548 80.20 20.28 50.46
C SER A 548 81.14 20.01 51.64
N LYS A 549 82.43 20.21 51.43
CA LYS A 549 83.43 19.96 52.46
C LYS A 549 83.67 21.19 53.34
N ASP A 550 82.88 22.23 53.11
CA ASP A 550 83.08 23.50 53.80
C ASP A 550 81.93 23.84 54.75
N HIS A 551 80.79 23.19 54.56
CA HIS A 551 79.60 23.49 55.36
C HIS A 551 79.16 22.29 56.20
N PHE A 552 78.54 22.57 57.34
CA PHE A 552 78.08 21.51 58.23
C PHE A 552 76.70 21.00 57.81
N TYR A 553 76.47 19.71 57.99
CA TYR A 553 75.20 19.11 57.62
C TYR A 553 74.53 18.47 58.83
N ASN A 554 73.19 18.55 58.88
CA ASN A 554 72.42 17.81 59.87
C ASN A 554 71.51 16.80 59.18
N MET A 555 71.26 15.68 59.85
CA MET A 555 70.37 14.65 59.31
C MET A 555 69.35 14.22 60.35
N VAL A 556 68.07 14.38 60.03
CA VAL A 556 67.01 13.96 60.95
C VAL A 556 66.52 12.55 60.60
N LEU A 557 66.46 11.69 61.60
CA LEU A 557 66.10 10.29 61.40
C LEU A 557 64.77 9.97 62.10
N PRO A 558 63.66 10.00 61.33
CA PRO A 558 62.32 9.76 61.86
C PRO A 558 62.19 8.36 62.46
N GLN A 559 61.61 8.26 63.65
CA GLN A 559 61.53 6.99 64.36
C GLN A 559 60.09 6.50 64.47
N PRO A 560 59.78 5.37 63.81
CA PRO A 560 58.43 4.78 63.79
C PRO A 560 57.97 4.27 65.15
N PRO A 561 56.68 4.50 65.48
CA PRO A 561 56.06 4.09 66.75
C PRO A 561 55.76 2.61 66.95
N SER A 562 55.56 2.19 68.20
CA SER A 562 55.44 0.76 68.50
C SER A 562 54.10 0.05 68.71
N ASP A 563 53.22 0.13 67.71
CA ASP A 563 51.96 -0.62 67.73
C ASP A 563 51.37 -0.73 66.31
N ALA A 564 50.54 -1.75 66.11
CA ALA A 564 50.03 -2.05 64.77
C ALA A 564 48.61 -2.57 64.79
N VAL B 1 11.19 20.91 -4.79
CA VAL B 1 12.62 20.99 -5.05
C VAL B 1 13.30 19.69 -4.64
N ASN B 2 13.72 19.60 -3.39
CA ASN B 2 14.37 18.40 -2.88
C ASN B 2 13.48 17.67 -1.88
N GLU B 3 12.48 18.36 -1.35
CA GLU B 3 11.47 17.72 -0.51
C GLU B 3 10.81 16.81 -1.54
N LEU B 4 11.18 15.53 -1.51
CA LEU B 4 10.74 14.58 -2.51
C LEU B 4 10.77 13.20 -1.86
N TRP B 5 9.59 12.67 -1.55
CA TRP B 5 9.48 11.39 -0.88
C TRP B 5 9.39 10.22 -1.86
N PHE B 6 9.57 9.01 -1.34
CA PHE B 6 9.47 7.81 -2.15
C PHE B 6 8.52 6.82 -1.49
N ILE B 7 7.77 6.07 -2.31
CA ILE B 7 6.74 5.18 -1.78
C ILE B 7 6.38 4.08 -2.76
N ASP B 8 6.34 2.84 -2.28
CA ASP B 8 5.86 1.71 -3.06
C ASP B 8 4.33 1.78 -3.06
N ALA B 9 3.78 2.53 -4.01
CA ALA B 9 2.34 2.73 -4.10
C ALA B 9 1.58 1.42 -4.31
N GLN B 10 2.19 0.52 -5.08
CA GLN B 10 1.59 -0.77 -5.37
C GLN B 10 1.46 -1.59 -4.08
N ALA B 11 2.41 -1.41 -3.16
CA ALA B 11 2.36 -2.09 -1.88
C ALA B 11 1.30 -1.47 -0.98
N MET B 12 1.11 -0.15 -1.12
CA MET B 12 0.08 0.56 -0.37
C MET B 12 -1.31 0.09 -0.80
N PHE B 13 -1.50 -0.03 -2.11
CA PHE B 13 -2.77 -0.48 -2.68
C PHE B 13 -3.14 -1.87 -2.18
N GLN B 14 -2.13 -2.74 -2.09
CA GLN B 14 -2.35 -4.12 -1.63
C GLN B 14 -2.77 -4.17 -0.16
N ASN B 15 -2.26 -3.24 0.63
CA ASN B 15 -2.62 -3.16 2.04
C ASN B 15 -4.07 -2.72 2.23
N TYR B 16 -4.51 -1.77 1.41
CA TYR B 16 -5.91 -1.35 1.42
C TYR B 16 -6.79 -2.55 1.04
N ALA B 17 -6.38 -3.26 0.00
CA ALA B 17 -7.08 -4.45 -0.47
C ALA B 17 -7.19 -5.53 0.61
N ASN B 18 -6.17 -5.62 1.46
CA ASN B 18 -6.18 -6.59 2.55
C ASN B 18 -7.12 -6.21 3.69
N LEU B 19 -7.24 -4.91 3.95
CA LEU B 19 -8.18 -4.42 4.95
C LEU B 19 -9.60 -4.62 4.45
N ARG B 20 -9.78 -4.38 3.14
CA ARG B 20 -11.08 -4.53 2.51
C ARG B 20 -11.40 -6.00 2.29
N SER B 21 -10.38 -6.85 2.41
CA SER B 21 -10.53 -8.30 2.24
C SER B 21 -11.39 -8.93 3.34
N PHE B 22 -11.66 -8.17 4.40
CA PHE B 22 -12.47 -8.66 5.51
C PHE B 22 -13.94 -8.24 5.38
N SER B 23 -14.17 -7.03 4.87
CA SER B 23 -15.52 -6.51 4.72
C SER B 23 -16.32 -7.35 3.71
N LYS B 24 -15.68 -7.73 2.61
CA LYS B 24 -16.28 -8.59 1.59
C LYS B 24 -17.58 -8.04 1.00
N SER B 25 -17.83 -6.75 1.22
CA SER B 25 -19.03 -6.10 0.71
C SER B 25 -18.71 -4.68 0.28
N ASN B 26 -19.10 -4.34 -0.94
CA ASN B 26 -18.76 -3.05 -1.54
C ASN B 26 -20.02 -2.20 -1.50
N ALA B 27 -20.16 -1.39 -0.45
CA ALA B 27 -21.33 -0.52 -0.30
C ALA B 27 -22.77 -0.92 0.00
N ASN B 28 -22.98 -2.19 0.34
CA ASN B 28 -24.30 -2.69 0.69
C ASN B 28 -24.39 -2.74 2.22
N GLU B 29 -23.44 -2.07 2.87
CA GLU B 29 -23.37 -2.06 4.33
C GLU B 29 -23.01 -0.66 4.84
N ILE B 30 -23.07 -0.48 6.16
CA ILE B 30 -22.76 0.80 6.76
C ILE B 30 -21.56 0.70 7.72
N ASN B 31 -20.49 1.40 7.39
CA ASN B 31 -19.31 1.45 8.25
C ASN B 31 -18.73 2.86 8.35
N THR B 32 -17.85 3.08 9.32
CA THR B 32 -17.14 4.35 9.45
C THR B 32 -16.14 4.49 8.31
N THR B 33 -15.86 5.72 7.90
CA THR B 33 -14.98 5.95 6.75
C THR B 33 -13.51 5.63 7.05
N ILE B 34 -12.88 4.92 6.12
CA ILE B 34 -11.51 4.45 6.28
C ILE B 34 -10.45 5.56 6.16
N GLY B 35 -9.56 5.64 7.14
CA GLY B 35 -8.40 6.50 7.09
C GLY B 35 -7.14 5.66 7.21
N GLY B 36 -6.06 6.24 7.71
CA GLY B 36 -4.84 5.48 7.90
C GLY B 36 -3.61 6.26 8.34
N PHE B 37 -2.54 5.53 8.65
CA PHE B 37 -1.28 6.14 9.03
C PHE B 37 -0.18 5.79 8.04
N VAL B 38 0.83 6.64 7.93
CA VAL B 38 1.95 6.40 7.04
C VAL B 38 3.25 6.32 7.82
N PHE B 39 3.88 5.14 7.81
CA PHE B 39 5.17 4.96 8.48
C PHE B 39 6.28 4.79 7.46
N GLY B 40 7.44 5.40 7.73
CA GLY B 40 8.57 5.30 6.84
C GLY B 40 9.86 5.81 7.46
N ARG B 41 10.93 5.80 6.68
CA ARG B 41 12.22 6.31 7.12
C ARG B 41 12.27 7.83 6.93
N LYS B 42 12.00 8.55 8.00
CA LYS B 42 11.89 10.01 7.99
C LYS B 42 13.12 10.71 7.42
N ALA B 43 14.31 10.18 7.72
CA ALA B 43 15.56 10.77 7.28
C ALA B 43 15.70 10.79 5.76
N ARG B 44 15.65 9.62 5.14
CA ARG B 44 15.83 9.50 3.71
C ARG B 44 14.54 9.72 2.93
N LYS B 45 13.50 10.13 3.65
CA LYS B 45 12.17 10.36 3.07
C LYS B 45 11.67 9.18 2.24
N GLN B 46 11.50 8.04 2.90
CA GLN B 46 11.08 6.82 2.21
C GLN B 46 9.97 6.11 2.97
N VAL B 47 8.76 6.14 2.41
CA VAL B 47 7.62 5.48 3.02
C VAL B 47 7.76 3.96 2.92
N ILE B 48 7.69 3.29 4.07
CA ILE B 48 7.87 1.84 4.11
C ILE B 48 6.56 1.12 4.41
N HIS B 49 5.75 1.69 5.31
CA HIS B 49 4.50 1.08 5.71
C HIS B 49 3.30 2.02 5.64
N VAL B 50 2.33 1.68 4.81
CA VAL B 50 1.07 2.42 4.77
C VAL B 50 -0.05 1.55 5.34
N LEU B 51 -0.51 1.90 6.53
CA LEU B 51 -1.53 1.09 7.21
C LEU B 51 -2.88 1.81 7.28
N PHE B 52 -3.88 1.21 6.63
CA PHE B 52 -5.23 1.76 6.66
C PHE B 52 -5.99 1.24 7.88
N ALA B 53 -6.98 1.97 8.31
CA ALA B 53 -7.77 1.53 9.40
C ALA B 53 -8.98 2.40 9.52
N TYR B 54 -10.09 1.73 9.84
CA TYR B 54 -11.38 2.36 10.01
C TYR B 54 -11.19 3.51 10.98
N ALA B 55 -12.11 4.46 10.90
CA ALA B 55 -12.10 5.63 11.75
C ALA B 55 -12.10 5.47 13.21
N GLU B 56 -12.38 4.31 13.73
CA GLU B 56 -12.42 4.26 15.18
C GLU B 56 -11.21 3.57 15.68
N ASP B 57 -10.31 3.32 14.76
CA ASP B 57 -9.04 2.80 15.04
C ASP B 57 -8.01 3.80 14.72
N LEU B 58 -8.43 4.97 14.28
CA LEU B 58 -7.56 6.07 14.16
C LEU B 58 -7.58 6.75 15.49
N THR B 59 -7.10 6.06 16.50
CA THR B 59 -6.91 6.67 17.81
C THR B 59 -5.42 6.74 18.14
N GLU B 60 -5.07 7.62 19.08
CA GLU B 60 -3.69 7.78 19.52
C GLU B 60 -3.16 6.47 20.09
N SER B 61 -3.99 5.80 20.87
CA SER B 61 -3.61 4.56 21.53
C SER B 61 -3.20 3.47 20.55
N ASN B 62 -3.91 3.39 19.41
CA ASN B 62 -3.64 2.37 18.41
C ASN B 62 -2.47 2.74 17.50
N ARG B 63 -2.24 4.04 17.30
CA ARG B 63 -1.11 4.48 16.49
C ARG B 63 0.20 4.18 17.19
N GLN B 64 0.22 4.34 18.51
CA GLN B 64 1.37 3.98 19.32
C GLN B 64 1.63 2.48 19.22
N PHE B 65 0.56 1.71 19.17
CA PHE B 65 0.67 0.25 19.06
C PHE B 65 1.30 -0.16 17.74
N LEU B 66 0.96 0.55 16.68
CA LEU B 66 1.51 0.25 15.36
C LEU B 66 3.00 0.59 15.31
N GLU B 67 3.33 1.81 15.71
CA GLU B 67 4.70 2.32 15.65
C GLU B 67 5.67 1.50 16.50
N SER B 68 5.18 0.98 17.63
CA SER B 68 6.01 0.18 18.53
C SER B 68 6.16 -1.26 18.02
N SER B 69 5.51 -1.56 16.91
CA SER B 69 5.58 -2.90 16.33
C SER B 69 6.37 -2.92 15.04
N LEU B 70 7.09 -1.83 14.76
CA LEU B 70 7.87 -1.71 13.53
C LEU B 70 9.36 -1.60 13.84
N SER B 71 10.20 -1.86 12.84
CA SER B 71 11.65 -1.72 12.99
C SER B 71 12.03 -0.31 13.44
N ALA B 72 13.09 -0.22 14.23
CA ALA B 72 13.44 1.03 14.93
C ALA B 72 13.74 2.23 14.03
N ASP B 73 14.11 1.97 12.78
CA ASP B 73 14.49 3.04 11.87
C ASP B 73 13.29 3.75 11.25
N ILE B 74 12.13 3.12 11.28
CA ILE B 74 10.92 3.73 10.72
C ILE B 74 9.99 4.29 11.80
N GLU B 75 9.39 5.45 11.51
CA GLU B 75 8.50 6.12 12.45
C GLU B 75 7.33 6.76 11.69
N LEU B 76 6.39 7.34 12.43
CA LEU B 76 5.26 8.02 11.81
C LEU B 76 5.75 9.23 11.01
N VAL B 77 5.51 9.20 9.71
CA VAL B 77 5.93 10.30 8.83
C VAL B 77 4.74 11.05 8.25
N GLY B 78 3.54 10.51 8.45
CA GLY B 78 2.33 11.14 7.95
C GLY B 78 1.08 10.29 8.07
N ASN B 79 -0.03 10.82 7.60
CA ASN B 79 -1.29 10.09 7.54
C ASN B 79 -1.90 10.18 6.15
N LEU B 80 -3.09 9.62 5.96
CA LEU B 80 -3.73 9.64 4.65
C LEU B 80 -5.20 10.07 4.74
N ASN B 81 -5.78 10.36 3.58
CA ASN B 81 -7.17 10.80 3.50
C ASN B 81 -7.81 10.36 2.19
N ILE B 82 -8.86 9.54 2.28
CA ILE B 82 -9.52 9.02 1.10
C ILE B 82 -10.78 9.81 0.75
N ASP B 83 -10.79 10.41 -0.44
CA ASP B 83 -11.92 11.22 -0.92
C ASP B 83 -12.27 12.39 0.00
N GLY B 84 -11.32 12.77 0.86
CA GLY B 84 -11.55 13.86 1.80
C GLY B 84 -12.62 13.53 2.81
N GLN B 85 -12.97 12.25 2.91
CA GLN B 85 -14.02 11.80 3.81
C GLN B 85 -13.46 11.22 5.11
N SER B 86 -12.21 10.76 5.06
CA SER B 86 -11.57 10.20 6.24
C SER B 86 -11.31 11.28 7.27
N GLN B 87 -11.47 10.93 8.56
CA GLN B 87 -11.05 11.81 9.63
C GLN B 87 -9.59 11.52 9.91
N ILE B 88 -8.80 12.56 10.19
CA ILE B 88 -7.35 12.38 10.32
C ILE B 88 -6.83 12.71 11.72
N LEU B 89 -5.74 12.06 12.09
CA LEU B 89 -5.14 12.28 13.41
C LEU B 89 -4.16 13.28 12.83
N PRO B 90 -3.65 14.10 13.74
CA PRO B 90 -2.68 15.21 13.52
C PRO B 90 -1.20 14.71 13.37
N GLY B 91 -0.88 13.42 13.44
CA GLY B 91 0.51 13.02 13.31
C GLY B 91 1.87 13.01 12.62
N GLY B 92 1.91 13.48 11.38
CA GLY B 92 3.12 13.36 10.57
C GLY B 92 3.14 14.67 9.82
N GLN B 93 4.16 14.83 8.99
CA GLN B 93 4.43 16.08 8.29
C GLN B 93 3.66 16.22 6.96
N PHE B 94 3.04 15.14 6.50
CA PHE B 94 2.22 15.21 5.29
C PHE B 94 0.93 14.42 5.40
N THR B 95 0.05 14.60 4.41
CA THR B 95 -1.21 13.87 4.34
C THR B 95 -1.45 13.34 2.93
N LEU B 96 -1.36 12.03 2.76
CA LEU B 96 -1.58 11.42 1.46
C LEU B 96 -3.03 11.59 1.01
N GLN B 97 -3.22 12.10 -0.20
CA GLN B 97 -4.55 12.26 -0.77
C GLN B 97 -4.86 11.10 -1.71
N LEU B 98 -5.83 10.27 -1.31
CA LEU B 98 -6.22 9.12 -2.10
C LEU B 98 -7.68 9.25 -2.55
N THR B 99 -8.04 8.54 -3.61
CA THR B 99 -9.42 8.49 -4.07
C THR B 99 -9.87 7.04 -4.18
N SER B 100 -11.18 6.81 -4.10
CA SER B 100 -11.73 5.46 -4.17
C SER B 100 -11.42 4.82 -5.52
N ARG B 101 -11.40 5.64 -6.56
CA ARG B 101 -11.08 5.16 -7.91
C ARG B 101 -9.61 4.75 -8.01
N MET B 102 -8.75 5.53 -7.35
CA MET B 102 -7.31 5.24 -7.33
C MET B 102 -7.02 3.88 -6.70
N LEU B 103 -7.64 3.61 -5.55
CA LEU B 103 -7.37 2.39 -4.80
C LEU B 103 -7.95 1.14 -5.46
N GLU B 104 -9.08 1.28 -6.13
CA GLU B 104 -9.72 0.15 -6.81
C GLU B 104 -9.02 -0.18 -8.12
N ASN B 105 -8.81 0.86 -8.94
CA ASN B 105 -8.07 0.71 -10.18
C ASN B 105 -6.61 0.34 -9.90
N ARG B 106 -6.14 0.72 -8.72
CA ARG B 106 -4.73 0.57 -8.35
C ARG B 106 -3.86 1.27 -9.38
N SER B 107 -4.20 2.54 -9.64
CA SER B 107 -3.50 3.36 -10.60
C SER B 107 -2.43 4.22 -9.91
N ILE B 108 -1.17 3.84 -10.10
CA ILE B 108 -0.04 4.62 -9.59
C ILE B 108 -0.06 6.01 -10.21
N SER B 109 -0.53 6.10 -11.45
CA SER B 109 -0.63 7.36 -12.17
C SER B 109 -1.53 8.36 -11.45
N GLU B 110 -2.71 7.91 -11.02
CA GLU B 110 -3.62 8.76 -10.27
C GLU B 110 -2.99 9.23 -8.96
N PHE B 111 -2.17 8.38 -8.36
CA PHE B 111 -1.50 8.70 -7.11
C PHE B 111 -0.45 9.79 -7.29
N LEU B 112 0.36 9.67 -8.33
CA LEU B 112 1.43 10.62 -8.59
C LEU B 112 0.88 11.99 -9.00
N ASP B 113 -0.34 12.01 -9.52
CA ASP B 113 -0.99 13.25 -9.92
C ASP B 113 -1.61 13.96 -8.71
N MET B 114 -2.11 13.17 -7.76
CA MET B 114 -2.73 13.71 -6.56
C MET B 114 -1.70 14.12 -5.51
N ASN B 115 -0.62 13.35 -5.43
CA ASN B 115 0.46 13.64 -4.49
C ASN B 115 1.75 14.01 -5.21
N VAL B 116 2.03 15.30 -5.30
CA VAL B 116 3.08 15.82 -6.18
C VAL B 116 4.51 15.60 -5.67
N MET B 117 4.74 15.70 -4.36
CA MET B 117 6.09 15.52 -3.83
C MET B 117 6.38 14.06 -3.49
N PHE B 118 5.80 13.16 -4.27
CA PHE B 118 6.02 11.73 -4.10
C PHE B 118 6.39 11.05 -5.42
N ASN B 119 7.42 10.21 -5.38
CA ASN B 119 7.76 9.37 -6.52
C ASN B 119 7.55 7.91 -6.17
N ASN B 120 7.15 7.11 -7.15
CA ASN B 120 6.99 5.67 -6.93
C ASN B 120 8.34 4.98 -6.90
N GLU B 121 8.46 3.95 -6.07
CA GLU B 121 9.69 3.17 -5.98
C GLU B 121 9.40 1.78 -5.43
N HIS B 122 9.79 0.75 -6.18
CA HIS B 122 9.68 -0.61 -5.70
C HIS B 122 10.68 -0.80 -4.55
N VAL B 123 10.26 -0.40 -3.35
CA VAL B 123 11.13 -0.45 -2.18
C VAL B 123 11.51 -1.88 -1.81
N LEU B 124 12.81 -2.12 -1.68
CA LEU B 124 13.33 -3.46 -1.40
C LEU B 124 13.85 -3.58 0.03
N MET B 125 14.09 -4.82 0.45
CA MET B 125 14.63 -5.08 1.79
C MET B 125 16.09 -4.63 1.86
N GLU B 126 16.48 -4.12 3.03
CA GLU B 126 17.86 -3.70 3.25
C GLU B 126 18.34 -4.12 4.64
N GLY B 127 19.65 -4.18 4.82
CA GLY B 127 20.24 -4.41 6.11
C GLY B 127 20.07 -5.80 6.69
N ALA B 128 20.87 -6.12 7.70
CA ALA B 128 20.77 -7.40 8.39
C ALA B 128 20.01 -7.20 9.71
N SER B 129 19.83 -8.28 10.45
CA SER B 129 19.10 -8.21 11.71
C SER B 129 19.95 -8.52 12.92
N CYS B 130 20.13 -7.53 13.79
CA CYS B 130 20.82 -7.75 15.05
C CYS B 130 19.80 -8.14 16.12
N VAL B 131 20.04 -9.28 16.77
CA VAL B 131 19.11 -9.77 17.78
C VAL B 131 19.81 -10.01 19.12
N SER B 132 19.16 -9.60 20.20
CA SER B 132 19.67 -9.84 21.55
C SER B 132 18.52 -10.24 22.46
N ARG B 133 18.73 -11.30 23.27
CA ARG B 133 17.69 -11.75 24.17
C ARG B 133 17.74 -10.95 25.47
N VAL B 134 16.67 -10.21 25.75
CA VAL B 134 16.63 -9.31 26.89
C VAL B 134 15.48 -9.65 27.84
N GLY B 135 15.73 -9.55 29.13
CA GLY B 135 14.70 -9.77 30.13
C GLY B 135 14.65 -8.65 31.16
N TYR B 136 13.44 -8.33 31.62
CA TYR B 136 13.28 -7.36 32.70
C TYR B 136 12.20 -7.83 33.67
N GLU B 137 12.13 -7.16 34.82
CA GLU B 137 11.20 -7.55 35.88
C GLU B 137 10.27 -6.39 36.23
N TRP B 138 8.99 -6.70 36.43
CA TRP B 138 7.99 -5.68 36.75
C TRP B 138 7.21 -6.04 38.00
N SER B 139 7.13 -5.11 38.94
CA SER B 139 6.35 -5.32 40.15
C SER B 139 5.06 -4.51 40.11
N LEU B 140 3.93 -5.19 40.32
CA LEU B 140 2.63 -4.52 40.31
C LEU B 140 1.90 -4.73 41.63
N ARG B 141 1.39 -3.65 42.20
CA ARG B 141 0.65 -3.72 43.46
C ARG B 141 -0.80 -4.09 43.18
N ALA B 142 -1.36 -4.96 44.02
CA ALA B 142 -2.74 -5.42 43.85
C ALA B 142 -3.73 -4.27 43.91
N GLY B 143 -4.59 -4.18 42.90
CA GLY B 143 -5.54 -3.10 42.81
C GLY B 143 -5.03 -1.99 41.90
N ARG B 144 -3.79 -1.59 42.12
CA ARG B 144 -3.15 -0.59 41.27
C ARG B 144 -2.24 -1.28 40.25
N GLU B 145 -2.74 -2.36 39.66
CA GLU B 145 -1.96 -3.15 38.71
C GLU B 145 -1.84 -2.47 37.35
N GLN B 146 -2.92 -1.81 36.93
CA GLN B 146 -2.98 -1.19 35.61
C GLN B 146 -2.14 0.08 35.54
N GLU B 147 -2.04 0.80 36.64
CA GLU B 147 -1.34 2.08 36.67
C GLU B 147 0.15 1.97 36.98
N ASP B 148 0.58 0.80 37.43
CA ASP B 148 1.99 0.58 37.75
C ASP B 148 2.78 0.09 36.53
N VAL B 149 2.20 -0.85 35.79
CA VAL B 149 2.82 -1.39 34.59
C VAL B 149 2.93 -0.29 33.53
N LYS B 150 1.98 0.64 33.55
CA LYS B 150 1.98 1.76 32.64
C LYS B 150 3.07 2.76 33.01
N SER B 151 3.44 2.77 34.29
CA SER B 151 4.46 3.68 34.79
C SER B 151 5.86 3.06 34.77
N ALA B 152 5.91 1.74 34.90
CA ALA B 152 7.18 1.02 34.89
C ALA B 152 7.82 1.01 33.51
N ALA B 153 6.98 1.05 32.48
CA ALA B 153 7.47 1.07 31.10
C ALA B 153 8.17 2.39 30.78
N GLU B 154 7.81 3.44 31.52
CA GLU B 154 8.42 4.74 31.33
C GLU B 154 9.85 4.77 31.89
N ARG B 155 9.97 4.40 33.16
CA ARG B 155 11.26 4.42 33.85
C ARG B 155 12.28 3.48 33.21
N LEU B 156 11.79 2.33 32.73
CA LEU B 156 12.65 1.36 32.07
C LEU B 156 13.23 1.99 30.80
N SER B 157 12.42 2.79 30.12
CA SER B 157 12.86 3.46 28.90
C SER B 157 13.89 4.51 29.23
N MET B 158 13.82 5.06 30.44
CA MET B 158 14.76 6.08 30.89
C MET B 158 16.13 5.49 31.18
N ALA B 159 16.15 4.25 31.66
CA ALA B 159 17.40 3.61 32.06
C ALA B 159 17.88 2.59 31.03
N SER B 160 17.43 2.74 29.79
CA SER B 160 17.77 1.78 28.74
C SER B 160 19.03 2.16 27.98
N PHE B 161 19.77 3.14 28.49
CA PHE B 161 20.96 3.63 27.82
C PHE B 161 22.24 2.99 28.36
N ARG B 162 22.12 2.30 29.49
CA ARG B 162 23.28 1.70 30.14
C ARG B 162 23.48 0.25 29.70
N PHE B 163 22.82 -0.15 28.61
CA PHE B 163 22.95 -1.51 28.11
C PHE B 163 24.14 -1.65 27.16
N THR B 164 24.75 -2.83 27.16
CA THR B 164 25.88 -3.13 26.27
C THR B 164 25.65 -4.44 25.56
N TYR B 165 25.61 -4.40 24.23
CA TYR B 165 25.42 -5.60 23.43
C TYR B 165 26.76 -6.06 22.85
N LEU B 166 27.13 -7.31 23.16
CA LEU B 166 28.43 -7.84 22.77
C LEU B 166 28.30 -9.13 21.98
N ASN B 167 28.91 -9.15 20.79
CA ASN B 167 29.02 -10.36 19.99
C ASN B 167 30.36 -11.03 20.23
N ALA B 168 30.33 -12.31 20.59
CA ALA B 168 31.54 -13.02 21.01
C ALA B 168 32.42 -13.52 19.87
N GLU B 169 31.81 -14.18 18.89
CA GLU B 169 32.56 -14.82 17.81
C GLU B 169 33.40 -13.84 16.99
N HIS B 170 32.91 -12.60 16.87
CA HIS B 170 33.59 -11.60 16.05
C HIS B 170 34.10 -10.45 16.89
N GLY B 171 33.88 -10.52 18.20
CA GLY B 171 34.34 -9.50 19.12
C GLY B 171 33.69 -8.15 18.90
N LEU B 172 32.42 -8.17 18.53
CA LEU B 172 31.67 -6.94 18.27
C LEU B 172 31.05 -6.42 19.55
N VAL B 173 31.15 -5.11 19.77
CA VAL B 173 30.58 -4.48 20.96
C VAL B 173 29.77 -3.24 20.59
N ILE B 174 28.54 -3.17 21.08
CA ILE B 174 27.71 -1.97 20.91
C ILE B 174 27.40 -1.35 22.27
N ARG B 175 27.94 -0.17 22.51
CA ARG B 175 27.73 0.55 23.77
C ARG B 175 27.56 2.04 23.51
N GLU B 176 27.15 2.77 24.54
CA GLU B 176 27.00 4.21 24.41
C GLU B 176 28.35 4.86 24.15
N GLN B 177 28.41 5.73 23.14
CA GLN B 177 29.66 6.38 22.76
C GLN B 177 29.47 7.86 22.51
N LYS B 178 30.53 8.63 22.73
CA LYS B 178 30.55 10.04 22.38
C LYS B 178 30.74 10.14 20.87
N PRO B 179 29.94 10.99 20.21
CA PRO B 179 29.81 11.08 18.75
C PRO B 179 31.14 11.11 18.00
N GLU B 180 32.20 11.55 18.66
CA GLU B 180 33.53 11.61 18.05
C GLU B 180 34.34 10.34 18.31
N ALA B 181 33.74 9.41 19.04
CA ALA B 181 34.43 8.16 19.39
C ALA B 181 33.82 6.96 18.67
N ALA B 182 32.80 7.21 17.85
CA ALA B 182 32.15 6.13 17.09
C ALA B 182 32.87 5.89 15.77
N GLN B 183 33.11 4.62 15.46
CA GLN B 183 33.79 4.24 14.23
C GLN B 183 32.81 3.91 13.10
N GLN B 184 33.02 4.56 11.95
CA GLN B 184 32.15 4.37 10.79
C GLN B 184 32.31 2.97 10.21
N LYS B 185 31.31 2.54 9.44
CA LYS B 185 31.33 1.23 8.76
C LYS B 185 31.63 0.08 9.73
N TYR B 186 31.00 0.12 10.90
CA TYR B 186 31.31 -0.83 11.96
C TYR B 186 30.80 -2.24 11.68
N LEU B 187 29.78 -2.37 10.84
CA LEU B 187 29.21 -3.67 10.52
C LEU B 187 28.97 -3.89 9.03
N ASP B 188 29.74 -3.19 8.20
CA ASP B 188 29.60 -3.31 6.75
C ASP B 188 30.01 -4.68 6.23
N LYS B 189 30.70 -5.46 7.07
CA LYS B 189 31.11 -6.81 6.72
C LYS B 189 29.91 -7.75 6.70
N PHE B 190 28.92 -7.44 7.54
CA PHE B 190 27.77 -8.31 7.74
C PHE B 190 26.53 -7.77 7.03
N SER B 191 26.47 -6.46 6.88
CA SER B 191 25.30 -5.82 6.29
C SER B 191 25.59 -5.26 4.89
N LYS B 192 26.13 -6.09 4.01
CA LYS B 192 26.40 -5.68 2.64
C LYS B 192 25.31 -5.98 1.62
N GLY B 193 25.08 -7.26 1.37
CA GLY B 193 23.96 -7.68 0.55
C GLY B 193 23.06 -8.39 1.54
N ALA B 194 22.67 -7.67 2.59
CA ALA B 194 21.99 -8.28 3.73
C ALA B 194 20.47 -8.30 3.60
N VAL B 195 19.87 -9.39 4.09
CA VAL B 195 18.41 -9.52 4.13
C VAL B 195 17.95 -9.83 5.55
N PRO B 196 17.04 -9.00 6.08
CA PRO B 196 16.61 -9.02 7.48
C PRO B 196 16.10 -10.36 7.99
N TYR B 197 15.64 -11.23 7.10
CA TYR B 197 14.97 -12.46 7.51
C TYR B 197 15.89 -13.68 7.68
N LYS B 198 17.14 -13.57 7.25
CA LYS B 198 18.08 -14.69 7.40
C LYS B 198 19.50 -14.25 7.76
N ASP B 199 19.89 -13.05 7.34
CA ASP B 199 21.19 -12.52 7.71
C ASP B 199 21.10 -11.90 9.10
N VAL B 200 21.46 -12.69 10.11
CA VAL B 200 21.23 -12.30 11.50
C VAL B 200 22.52 -12.29 12.33
N ILE B 201 22.75 -11.19 13.04
CA ILE B 201 23.88 -11.07 13.94
C ILE B 201 23.41 -11.15 15.39
N GLU B 202 23.83 -12.18 16.11
CA GLU B 202 23.35 -12.38 17.48
C GLU B 202 24.26 -11.71 18.52
N PHE B 203 23.65 -10.91 19.39
CA PHE B 203 24.40 -10.20 20.43
C PHE B 203 24.01 -10.68 21.82
N THR B 204 24.90 -10.46 22.79
CA THR B 204 24.60 -10.76 24.18
C THR B 204 24.33 -9.46 24.92
N ALA B 205 23.14 -9.33 25.51
CA ALA B 205 22.74 -8.11 26.18
C ALA B 205 23.19 -8.09 27.63
N MET B 206 24.05 -7.13 27.98
CA MET B 206 24.57 -7.02 29.33
C MET B 206 24.49 -5.59 29.86
N GLN B 207 24.44 -5.46 31.18
CA GLN B 207 24.46 -4.15 31.84
C GLN B 207 25.50 -4.15 32.95
N SER B 208 25.88 -2.97 33.41
CA SER B 208 26.89 -2.82 34.46
C SER B 208 26.51 -3.58 35.74
N LEU B 209 27.50 -4.21 36.36
CA LEU B 209 27.26 -4.98 37.58
C LEU B 209 27.13 -4.06 38.79
N THR B 210 27.47 -2.79 38.60
CA THR B 210 27.39 -1.82 39.68
C THR B 210 26.23 -0.85 39.43
N ARG B 211 25.19 -1.35 38.78
CA ARG B 211 24.01 -0.56 38.42
C ARG B 211 24.38 0.72 37.67
N HIS B 234 1.03 -7.49 49.81
CA HIS B 234 0.60 -8.34 48.72
C HIS B 234 0.69 -7.62 47.38
N PHE B 235 1.67 -8.00 46.58
CA PHE B 235 1.88 -7.41 45.26
C PHE B 235 2.14 -8.50 44.23
N THR B 236 2.01 -8.17 42.95
CA THR B 236 2.22 -9.18 41.92
C THR B 236 3.32 -8.76 40.95
N ARG B 237 4.38 -9.58 40.86
CA ARG B 237 5.48 -9.27 39.95
C ARG B 237 5.35 -10.09 38.67
N LEU B 238 5.88 -9.55 37.58
CA LEU B 238 5.93 -10.27 36.31
C LEU B 238 7.23 -10.00 35.58
N VAL B 239 7.87 -11.06 35.12
CA VAL B 239 9.12 -10.93 34.38
C VAL B 239 8.85 -11.06 32.88
N THR B 240 9.66 -10.38 32.07
CA THR B 240 9.45 -10.37 30.63
C THR B 240 10.73 -10.72 29.87
N ILE B 241 10.92 -12.01 29.60
CA ILE B 241 12.06 -12.43 28.79
C ILE B 241 11.64 -12.57 27.33
N GLY B 242 12.44 -12.03 26.42
CA GLY B 242 12.12 -12.04 25.01
C GLY B 242 13.18 -11.37 24.16
N GLU B 243 13.19 -11.67 22.87
CA GLU B 243 14.22 -11.13 21.97
C GLU B 243 13.93 -9.70 21.55
N VAL B 244 14.97 -9.00 21.12
CA VAL B 244 14.86 -7.64 20.62
C VAL B 244 15.63 -7.51 19.30
N VAL B 245 14.95 -7.08 18.25
CA VAL B 245 15.57 -7.00 16.93
C VAL B 245 15.70 -5.56 16.43
N PHE B 246 16.91 -5.19 16.02
CA PHE B 246 17.15 -3.91 15.36
C PHE B 246 18.02 -4.11 14.13
N PRO B 247 17.71 -3.37 13.04
CA PRO B 247 18.40 -3.57 11.77
C PRO B 247 19.80 -2.97 11.74
N ALA B 248 20.71 -3.66 11.06
CA ALA B 248 22.05 -3.13 10.82
C ALA B 248 22.20 -2.86 9.33
N PHE B 249 22.42 -1.61 8.95
CA PHE B 249 22.52 -1.24 7.54
C PHE B 249 23.97 -1.05 7.09
N PHE B 250 24.15 -0.80 5.80
CA PHE B 250 25.46 -0.53 5.23
C PHE B 250 25.81 0.93 5.47
N GLY B 251 27.08 1.22 5.70
CA GLY B 251 27.50 2.57 6.01
C GLY B 251 27.02 3.02 7.38
N ASP B 252 26.80 2.04 8.27
CA ASP B 252 26.30 2.32 9.61
C ASP B 252 27.42 2.66 10.58
N SER B 253 27.30 3.81 11.22
CA SER B 253 28.22 4.19 12.29
C SER B 253 27.96 3.29 13.50
N SER B 254 28.94 3.23 14.41
CA SER B 254 28.80 2.46 15.63
C SER B 254 27.77 3.11 16.55
N LEU B 255 27.63 4.42 16.43
CA LEU B 255 26.66 5.17 17.23
C LEU B 255 25.24 4.92 16.75
N ASP B 256 25.05 4.83 15.43
CA ASP B 256 23.74 4.57 14.84
C ASP B 256 23.18 3.24 15.34
N LEU B 257 24.04 2.22 15.33
CA LEU B 257 23.66 0.89 15.80
C LEU B 257 23.24 0.90 17.27
N TYR B 258 23.87 1.77 18.05
CA TYR B 258 23.50 1.91 19.46
C TYR B 258 22.14 2.57 19.62
N LYS B 259 21.95 3.71 18.95
CA LYS B 259 20.71 4.47 19.09
C LYS B 259 19.47 3.69 18.64
N ARG B 260 19.62 2.86 17.63
CA ARG B 260 18.54 1.99 17.17
C ARG B 260 18.27 0.88 18.19
N SER B 261 19.35 0.26 18.66
CA SER B 261 19.25 -0.82 19.64
C SER B 261 18.53 -0.37 20.91
N ARG B 262 18.71 0.90 21.26
CA ARG B 262 18.03 1.48 22.41
C ARG B 262 16.55 1.72 22.11
N GLU B 263 16.27 2.24 20.92
CA GLU B 263 14.90 2.49 20.49
C GLU B 263 14.14 1.18 20.31
N ALA B 264 14.77 0.23 19.63
CA ALA B 264 14.15 -1.06 19.37
C ALA B 264 13.78 -1.78 20.67
N PHE B 265 14.57 -1.55 21.72
CA PHE B 265 14.28 -2.13 23.02
C PHE B 265 13.10 -1.44 23.69
N ASN B 266 13.09 -0.11 23.62
CA ASN B 266 12.01 0.68 24.23
C ASN B 266 10.64 0.34 23.64
N ARG B 267 10.61 0.10 22.33
CA ARG B 267 9.38 -0.24 21.64
C ARG B 267 8.81 -1.58 22.12
N ARG B 268 9.69 -2.59 22.20
CA ARG B 268 9.31 -3.89 22.72
C ARG B 268 8.82 -3.79 24.15
N ALA B 269 9.41 -2.85 24.91
CA ALA B 269 9.04 -2.64 26.30
C ALA B 269 7.66 -1.99 26.42
N ASN B 270 7.39 -1.02 25.55
CA ASN B 270 6.10 -0.34 25.52
C ASN B 270 5.01 -1.24 24.94
N ASN B 271 5.37 -2.01 23.93
CA ASN B 271 4.44 -2.95 23.31
C ASN B 271 4.01 -4.01 24.33
N THR B 272 4.96 -4.47 25.13
CA THR B 272 4.67 -5.42 26.20
C THR B 272 3.74 -4.79 27.23
N MET B 273 3.96 -3.51 27.52
CA MET B 273 3.12 -2.76 28.44
C MET B 273 1.69 -2.66 27.90
N MET B 274 1.55 -2.22 26.65
CA MET B 274 0.24 -2.07 26.02
C MET B 274 -0.53 -3.40 25.98
N VAL B 275 0.11 -4.44 25.47
CA VAL B 275 -0.49 -5.78 25.41
C VAL B 275 -0.95 -6.25 26.79
N THR B 276 -0.13 -5.98 27.81
CA THR B 276 -0.43 -6.37 29.18
C THR B 276 -1.63 -5.61 29.74
N VAL B 277 -1.69 -4.32 29.47
CA VAL B 277 -2.84 -3.51 29.89
C VAL B 277 -4.06 -3.83 29.03
N ASN B 278 -3.82 -4.11 27.76
CA ASN B 278 -4.87 -4.52 26.82
C ASN B 278 -5.63 -5.74 27.35
N GLY B 279 -4.91 -6.63 28.02
CA GLY B 279 -5.51 -7.85 28.54
C GLY B 279 -6.31 -7.66 29.81
N ILE B 280 -5.86 -6.76 30.68
CA ILE B 280 -6.57 -6.47 31.93
C ILE B 280 -7.95 -5.89 31.64
N ARG B 281 -8.00 -5.01 30.64
CA ARG B 281 -9.24 -4.35 30.25
C ARG B 281 -10.15 -5.28 29.44
N ALA B 282 -9.58 -6.40 28.98
CA ALA B 282 -10.31 -7.33 28.11
C ALA B 282 -10.76 -8.60 28.81
N GLY B 283 -10.23 -8.88 30.00
CA GLY B 283 -10.69 -10.01 30.78
C GLY B 283 -9.63 -10.99 31.23
N ARG B 284 -8.62 -11.23 30.41
CA ARG B 284 -7.57 -12.20 30.73
C ARG B 284 -6.66 -11.75 31.87
N GLY B 285 -6.87 -10.54 32.37
CA GLY B 285 -6.11 -10.02 33.49
C GLY B 285 -4.65 -9.77 33.16
N VAL B 286 -3.76 -10.19 34.06
CA VAL B 286 -2.33 -10.02 33.84
C VAL B 286 -1.67 -11.34 33.44
N THR B 287 -1.12 -11.37 32.22
CA THR B 287 -0.56 -12.61 31.69
C THR B 287 0.88 -12.49 31.21
N THR B 288 1.51 -13.64 31.01
CA THR B 288 2.85 -13.71 30.44
C THR B 288 2.73 -13.44 28.94
N THR B 289 3.79 -12.89 28.34
CA THR B 289 3.79 -12.65 26.89
C THR B 289 4.82 -13.50 26.17
N THR B 290 4.97 -13.27 24.86
CA THR B 290 5.96 -13.98 24.07
C THR B 290 6.44 -13.13 22.91
N SER B 291 7.74 -12.85 22.88
CA SER B 291 8.32 -12.07 21.80
C SER B 291 8.28 -12.87 20.50
N ALA B 292 7.77 -12.25 19.43
CA ALA B 292 7.71 -12.90 18.13
C ALA B 292 8.03 -11.89 17.03
N THR B 293 8.85 -12.31 16.07
CA THR B 293 9.20 -11.45 14.95
C THR B 293 8.74 -12.06 13.63
N TYR B 294 7.98 -11.28 12.86
CA TYR B 294 7.43 -11.76 11.60
C TYR B 294 7.92 -10.93 10.41
N LEU B 295 7.94 -11.55 9.24
CA LEU B 295 8.08 -10.82 7.99
C LEU B 295 6.86 -11.15 7.14
N PRO B 296 5.73 -10.47 7.41
CA PRO B 296 4.48 -10.75 6.69
C PRO B 296 4.62 -10.48 5.20
N PRO B 297 3.85 -11.21 4.37
CA PRO B 297 3.99 -11.19 2.91
C PRO B 297 3.91 -9.78 2.32
N GLY B 298 4.90 -9.43 1.50
CA GLY B 298 4.93 -8.13 0.85
C GLY B 298 5.77 -7.10 1.56
N TRP B 299 5.97 -7.30 2.87
CA TRP B 299 6.71 -6.34 3.68
C TRP B 299 8.21 -6.35 3.38
N VAL B 300 8.87 -5.23 3.68
CA VAL B 300 10.31 -5.11 3.51
C VAL B 300 10.96 -4.71 4.84
N SER B 301 10.15 -4.69 5.89
CA SER B 301 10.61 -4.46 7.25
C SER B 301 9.98 -5.50 8.17
N LEU B 302 10.54 -5.68 9.35
CA LEU B 302 10.03 -6.71 10.27
C LEU B 302 8.79 -6.25 11.03
N LEU B 303 8.00 -7.22 11.48
CA LEU B 303 6.88 -6.94 12.40
C LEU B 303 7.22 -7.53 13.76
N HIS B 304 7.37 -6.67 14.75
CA HIS B 304 7.74 -7.11 16.08
C HIS B 304 6.53 -7.13 17.00
N LEU B 305 6.17 -8.32 17.50
CA LEU B 305 4.96 -8.47 18.29
C LEU B 305 5.22 -9.14 19.65
N GLN B 306 4.41 -8.77 20.63
CA GLN B 306 4.41 -9.44 21.93
C GLN B 306 3.05 -10.10 22.13
N LEU B 307 3.04 -11.43 22.05
CA LEU B 307 1.79 -12.18 22.10
C LEU B 307 1.56 -12.82 23.46
N PRO B 308 0.33 -12.74 23.97
CA PRO B 308 -0.06 -13.37 25.24
C PRO B 308 0.09 -14.89 25.18
N THR B 309 -0.09 -15.55 26.32
CA THR B 309 0.06 -17.00 26.39
C THR B 309 -1.04 -17.63 27.23
N LYS B 310 -1.85 -16.78 27.87
CA LYS B 310 -2.95 -17.26 28.69
C LYS B 310 -4.24 -16.56 28.29
N TRP B 311 -5.14 -17.30 27.65
CA TRP B 311 -6.42 -16.75 27.21
C TRP B 311 -7.30 -17.84 26.60
N THR B 312 -8.62 -17.63 26.64
CA THR B 312 -9.56 -18.59 26.09
C THR B 312 -9.37 -18.67 24.58
N ASP B 313 -9.75 -19.80 23.98
CA ASP B 313 -9.58 -20.00 22.55
C ASP B 313 -10.33 -18.96 21.71
N ASN B 314 -11.37 -18.39 22.31
CA ASN B 314 -12.13 -17.33 21.66
C ASN B 314 -11.37 -16.01 21.70
N GLU B 315 -10.59 -15.81 22.77
CA GLU B 315 -9.75 -14.63 22.90
C GLU B 315 -8.61 -14.63 21.90
N GLN B 316 -8.07 -15.81 21.61
CA GLN B 316 -6.92 -15.94 20.73
C GLN B 316 -7.28 -15.71 19.26
N ARG B 317 -8.23 -16.49 18.75
CA ARG B 317 -8.62 -16.39 17.34
C ARG B 317 -9.21 -15.02 17.01
N ASN B 318 -9.77 -14.35 18.01
CA ASN B 318 -10.23 -12.98 17.84
C ASN B 318 -9.06 -11.99 17.84
N TYR B 319 -8.08 -12.25 18.70
CA TYR B 319 -6.89 -11.41 18.77
C TYR B 319 -6.10 -11.50 17.46
N ARG B 320 -6.11 -12.68 16.85
CA ARG B 320 -5.41 -12.91 15.59
C ARG B 320 -6.05 -12.10 14.46
N ILE B 321 -7.38 -12.12 14.40
CA ILE B 321 -8.12 -11.37 13.39
C ILE B 321 -7.82 -9.88 13.51
N ARG B 322 -7.87 -9.36 14.73
CA ARG B 322 -7.58 -7.95 15.00
C ARG B 322 -6.19 -7.56 14.52
N LEU B 323 -5.21 -8.41 14.77
CA LEU B 323 -3.85 -8.17 14.32
C LEU B 323 -3.77 -8.12 12.79
N HIS B 324 -4.58 -8.94 12.12
CA HIS B 324 -4.64 -8.93 10.67
C HIS B 324 -5.26 -7.64 10.15
N LYS B 325 -6.31 -7.16 10.81
CA LYS B 325 -6.98 -5.93 10.42
C LYS B 325 -6.15 -4.70 10.73
N LEU B 326 -5.49 -4.72 11.89
CA LEU B 326 -4.68 -3.57 12.33
C LEU B 326 -3.46 -3.35 11.44
N PHE B 327 -2.84 -4.43 11.00
CA PHE B 327 -1.64 -4.33 10.18
C PHE B 327 -1.93 -4.54 8.69
N ASN B 328 -3.19 -4.45 8.32
CA ASN B 328 -3.64 -4.66 6.94
C ASN B 328 -3.06 -5.93 6.33
N LEU B 329 -3.38 -7.06 6.95
CA LEU B 329 -2.85 -8.35 6.52
C LEU B 329 -3.89 -9.16 5.75
N PRO B 330 -3.44 -10.06 4.88
CA PRO B 330 -4.34 -10.94 4.13
C PRO B 330 -5.30 -11.72 5.04
N SER B 331 -6.48 -12.06 4.52
CA SER B 331 -7.45 -12.83 5.27
C SER B 331 -7.59 -14.21 4.64
N SER B 332 -6.81 -14.44 3.59
CA SER B 332 -6.85 -15.69 2.85
C SER B 332 -5.85 -16.71 3.36
N LYS B 333 -4.64 -16.26 3.69
CA LYS B 333 -3.59 -17.14 4.19
C LYS B 333 -3.14 -16.72 5.59
N PRO B 334 -2.68 -17.70 6.40
CA PRO B 334 -2.25 -17.39 7.76
C PRO B 334 -0.91 -16.65 7.76
N VAL B 335 -0.71 -15.76 8.72
CA VAL B 335 0.49 -14.94 8.76
C VAL B 335 1.12 -14.89 10.15
N LEU B 336 0.31 -14.55 11.16
CA LEU B 336 0.81 -14.32 12.51
C LEU B 336 0.70 -15.53 13.43
N ARG B 337 0.76 -16.73 12.86
CA ARG B 337 0.83 -17.95 13.67
C ARG B 337 2.21 -18.03 14.33
N LEU B 338 2.28 -18.69 15.48
CA LEU B 338 3.55 -18.87 16.18
C LEU B 338 4.56 -19.63 15.33
N SER B 339 4.07 -20.63 14.61
CA SER B 339 4.92 -21.45 13.76
C SER B 339 5.55 -20.63 12.63
N GLN B 340 4.89 -19.53 12.27
CA GLN B 340 5.38 -18.67 11.21
C GLN B 340 6.49 -17.73 11.70
N ALA B 341 6.58 -17.56 13.01
CA ALA B 341 7.55 -16.63 13.60
C ALA B 341 8.98 -16.97 13.22
N LEU B 342 9.79 -15.95 12.96
CA LEU B 342 11.17 -16.13 12.51
C LEU B 342 12.06 -16.70 13.61
N ALA B 343 12.95 -17.60 13.22
CA ALA B 343 13.94 -18.14 14.14
C ALA B 343 15.22 -17.30 14.06
N LEU B 344 15.16 -16.12 14.69
CA LEU B 344 16.28 -15.19 14.66
C LEU B 344 17.26 -15.40 15.81
N HIS B 345 16.73 -15.80 16.97
CA HIS B 345 17.57 -16.06 18.12
C HIS B 345 17.79 -17.55 18.32
N SER B 346 18.85 -17.92 19.02
CA SER B 346 19.20 -19.31 19.24
C SER B 346 18.41 -19.91 20.41
N GLU B 347 18.10 -19.09 21.41
CA GLU B 347 17.34 -19.55 22.56
C GLU B 347 15.84 -19.36 22.35
N SER B 348 15.47 -18.76 21.22
CA SER B 348 14.07 -18.56 20.88
C SER B 348 13.38 -19.89 20.63
N ALA B 349 12.06 -19.94 20.86
CA ALA B 349 11.30 -21.17 20.71
C ALA B 349 11.16 -21.60 19.25
N ARG B 350 10.96 -22.90 19.04
CA ARG B 350 10.73 -23.45 17.72
C ARG B 350 9.70 -24.57 17.78
N LEU B 351 8.78 -24.59 16.82
CA LEU B 351 7.77 -25.66 16.75
C LEU B 351 8.28 -26.81 15.88
N THR B 352 9.17 -26.48 14.95
CA THR B 352 9.88 -27.50 14.18
C THR B 352 11.17 -27.83 14.93
N ASN B 353 11.89 -28.85 14.49
CA ASN B 353 13.15 -29.21 15.13
C ASN B 353 14.18 -28.08 15.01
N LYS B 354 14.99 -27.92 16.05
CA LYS B 354 15.93 -26.81 16.13
C LYS B 354 17.23 -27.10 15.40
N LYS B 355 17.53 -28.39 15.18
CA LYS B 355 18.76 -28.78 14.52
C LYS B 355 18.63 -28.77 13.00
N LEU B 356 17.39 -28.85 12.52
CA LEU B 356 17.12 -28.91 11.07
C LEU B 356 17.60 -27.66 10.34
N ILE B 357 17.88 -27.81 9.05
CA ILE B 357 18.31 -26.69 8.22
C ILE B 357 17.09 -26.05 7.55
N ARG B 358 16.87 -24.77 7.81
CA ARG B 358 15.70 -24.07 7.29
C ARG B 358 16.00 -23.33 6.00
N GLU B 359 15.26 -23.68 4.94
CA GLU B 359 15.44 -23.10 3.61
C GLU B 359 16.90 -23.16 3.13
N PRO B 360 17.39 -24.38 2.83
CA PRO B 360 18.79 -24.55 2.41
C PRO B 360 19.06 -24.00 1.02
N HIS B 361 18.06 -24.08 0.13
CA HIS B 361 18.22 -23.61 -1.23
C HIS B 361 18.42 -22.09 -1.30
N LEU B 362 17.95 -21.40 -0.26
CA LEU B 362 18.05 -19.95 -0.20
C LEU B 362 19.51 -19.52 -0.05
N SER B 363 20.30 -20.34 0.65
CA SER B 363 21.72 -20.07 0.82
C SER B 363 22.51 -20.75 -0.29
N ILE B 364 22.10 -20.53 -1.54
CA ILE B 364 22.78 -21.15 -2.67
C ILE B 364 23.96 -20.28 -3.14
N THR B 365 25.01 -20.94 -3.63
CA THR B 365 26.13 -20.22 -4.23
C THR B 365 25.64 -19.54 -5.50
N ASN B 366 26.39 -18.56 -5.98
CA ASN B 366 26.00 -17.79 -7.17
C ASN B 366 25.59 -18.66 -8.36
N TYR B 367 24.29 -18.71 -8.64
CA TYR B 367 23.77 -19.49 -9.75
C TYR B 367 23.34 -18.58 -10.90
N GLN B 368 23.82 -18.91 -12.10
CA GLN B 368 23.49 -18.13 -13.29
C GLN B 368 22.26 -18.73 -13.99
N PRO B 369 21.12 -18.02 -13.92
CA PRO B 369 19.87 -18.51 -14.52
C PRO B 369 19.95 -18.60 -16.04
N VAL B 370 19.30 -19.61 -16.60
CA VAL B 370 19.31 -19.81 -18.05
C VAL B 370 18.00 -19.35 -18.68
N GLY B 371 17.01 -19.06 -17.84
CA GLY B 371 15.72 -18.58 -18.30
C GLY B 371 14.97 -17.90 -17.18
N GLU B 372 13.63 -17.97 -17.21
CA GLU B 372 12.83 -17.44 -16.12
C GLU B 372 12.75 -18.46 -15.00
N ILE B 373 13.20 -18.06 -13.81
CA ILE B 373 13.29 -18.97 -12.67
C ILE B 373 12.11 -18.83 -11.72
N THR B 374 11.40 -19.94 -11.49
CA THR B 374 10.27 -19.96 -10.57
C THR B 374 10.55 -20.92 -9.41
N THR B 375 10.36 -20.44 -8.19
CA THR B 375 10.78 -21.17 -6.99
C THR B 375 9.68 -21.21 -5.93
N VAL B 376 9.68 -22.29 -5.15
CA VAL B 376 8.79 -22.42 -3.99
C VAL B 376 8.85 -21.15 -3.13
N ASN B 377 7.69 -20.65 -2.72
CA ASN B 377 7.67 -19.54 -1.78
C ASN B 377 7.15 -19.99 -0.41
N GLY B 378 7.85 -19.58 0.65
CA GLY B 378 7.55 -20.03 1.99
C GLY B 378 8.67 -20.87 2.57
N PRO B 379 8.81 -20.87 3.90
CA PRO B 379 9.87 -21.62 4.59
C PRO B 379 9.58 -23.12 4.64
N TYR B 380 10.65 -23.90 4.79
CA TYR B 380 10.55 -25.36 4.88
C TYR B 380 11.84 -25.89 5.48
N ASN B 381 11.82 -27.10 6.01
CA ASN B 381 13.03 -27.69 6.57
C ASN B 381 13.59 -28.83 5.74
N TYR B 382 14.92 -28.94 5.72
CA TYR B 382 15.58 -30.03 5.00
C TYR B 382 15.55 -31.29 5.85
N HIS B 383 14.73 -32.25 5.44
CA HIS B 383 14.71 -33.57 6.05
C HIS B 383 15.43 -34.56 5.14
N HIS B 384 16.38 -35.30 5.70
CA HIS B 384 17.13 -36.30 4.94
C HIS B 384 17.43 -37.54 5.78
N TYR B 385 18.32 -38.40 5.27
CA TYR B 385 18.64 -39.66 5.92
C TYR B 385 19.31 -39.47 7.28
N MET B 386 19.16 -40.46 8.15
CA MET B 386 19.84 -40.51 9.44
C MET B 386 19.58 -39.28 10.32
N GLN B 387 18.35 -38.75 10.26
CA GLN B 387 18.04 -37.50 10.94
C GLN B 387 17.44 -37.68 12.33
N ASP B 388 16.35 -38.45 12.42
CA ASP B 388 15.66 -38.62 13.69
C ASP B 388 16.08 -39.90 14.41
N GLY B 389 17.38 -40.15 14.43
CA GLY B 389 17.93 -41.32 15.11
C GLY B 389 17.43 -42.63 14.53
N ILE B 390 17.55 -42.77 13.21
CA ILE B 390 17.10 -43.98 12.53
C ILE B 390 17.86 -44.19 11.22
N ASP B 391 18.22 -45.43 10.92
CA ASP B 391 18.97 -45.74 9.72
C ASP B 391 18.07 -46.16 8.56
N ASP B 392 17.50 -45.16 7.88
CA ASP B 392 16.85 -45.42 6.59
C ASP B 392 17.90 -45.26 5.50
N SER B 393 18.95 -46.08 5.58
CA SER B 393 20.04 -46.06 4.62
C SER B 393 19.51 -46.30 3.21
N GLY B 394 18.43 -47.07 3.13
CA GLY B 394 17.64 -47.16 1.93
C GLY B 394 16.21 -46.85 2.33
N TRP B 395 15.25 -47.21 1.47
CA TRP B 395 13.82 -47.18 1.79
C TRP B 395 13.39 -46.03 2.73
N GLY B 396 13.85 -44.81 2.50
CA GLY B 396 13.59 -43.72 3.41
C GLY B 396 13.59 -42.47 2.56
N SER B 397 13.63 -42.64 1.24
CA SER B 397 13.70 -41.53 0.30
C SER B 397 12.37 -40.76 0.30
N ALA B 398 11.27 -41.47 0.09
CA ALA B 398 9.97 -40.84 -0.03
C ALA B 398 9.46 -40.26 1.30
N TYR B 399 9.74 -40.96 2.40
CA TYR B 399 9.33 -40.51 3.72
C TYR B 399 9.92 -39.14 4.04
N ARG B 400 11.20 -38.96 3.75
CA ARG B 400 11.91 -37.72 4.05
C ARG B 400 11.41 -36.56 3.19
N SER B 401 11.08 -36.86 1.94
CA SER B 401 10.53 -35.85 1.05
C SER B 401 9.13 -35.45 1.51
N PHE B 402 8.40 -36.42 2.07
CA PHE B 402 7.11 -36.15 2.69
C PHE B 402 7.29 -35.19 3.87
N GLN B 403 8.35 -35.39 4.64
CA GLN B 403 8.61 -34.59 5.82
C GLN B 403 9.01 -33.15 5.47
N THR B 404 9.74 -32.99 4.38
CA THR B 404 10.10 -31.67 3.88
C THR B 404 8.84 -30.91 3.47
N ILE B 405 7.89 -31.64 2.90
CA ILE B 405 6.59 -31.09 2.54
C ILE B 405 5.79 -30.70 3.78
N TRP B 406 5.74 -31.61 4.76
CA TRP B 406 5.00 -31.35 5.99
C TRP B 406 5.55 -30.13 6.73
N SER B 407 6.88 -29.98 6.68
CA SER B 407 7.52 -28.85 7.34
C SER B 407 7.04 -27.52 6.76
N TRP B 408 6.76 -27.52 5.46
CA TRP B 408 6.27 -26.33 4.78
C TRP B 408 4.94 -25.87 5.37
N PHE B 409 4.06 -26.82 5.68
CA PHE B 409 2.74 -26.50 6.21
C PHE B 409 2.80 -26.01 7.65
N ILE B 410 3.77 -26.50 8.42
CA ILE B 410 4.00 -26.00 9.77
C ILE B 410 4.51 -24.56 9.71
N LEU B 411 5.64 -24.39 9.02
CA LEU B 411 6.31 -23.09 8.96
C LEU B 411 5.53 -22.02 8.20
N ASN B 412 4.45 -22.42 7.52
CA ASN B 412 3.59 -21.45 6.84
C ASN B 412 2.23 -21.30 7.51
N GLY B 413 2.12 -21.79 8.74
CA GLY B 413 0.95 -21.53 9.57
C GLY B 413 -0.27 -22.38 9.29
N TYR B 414 -0.11 -23.47 8.56
CA TYR B 414 -1.25 -24.32 8.21
C TYR B 414 -1.48 -25.44 9.22
N THR B 415 -0.52 -25.65 10.11
CA THR B 415 -0.65 -26.66 11.16
C THR B 415 0.36 -26.47 12.29
N ASP B 416 0.07 -27.07 13.44
CA ASP B 416 0.99 -27.05 14.57
C ASP B 416 1.40 -28.48 14.91
N LYS B 417 0.73 -29.45 14.30
CA LYS B 417 1.06 -30.86 14.50
C LYS B 417 2.46 -31.14 14.00
N PRO B 418 3.25 -31.88 14.79
CA PRO B 418 4.67 -32.09 14.49
C PRO B 418 4.87 -33.00 13.28
N VAL B 419 6.05 -32.95 12.67
CA VAL B 419 6.37 -33.81 11.55
C VAL B 419 6.30 -35.27 11.97
N PRO B 420 5.44 -36.06 11.29
CA PRO B 420 5.26 -37.48 11.60
C PRO B 420 6.53 -38.29 11.40
N SER B 421 6.70 -39.36 12.16
CA SER B 421 7.83 -40.26 11.97
C SER B 421 7.50 -41.26 10.88
N HIS B 422 8.45 -42.14 10.58
CA HIS B 422 8.24 -43.18 9.58
C HIS B 422 7.07 -44.08 9.98
N ARG B 423 6.96 -44.36 11.28
CA ARG B 423 5.89 -45.22 11.79
C ARG B 423 4.53 -44.52 11.73
N GLU B 424 4.50 -43.23 12.05
CA GLU B 424 3.26 -42.46 12.01
C GLU B 424 2.71 -42.36 10.60
N ILE B 425 3.60 -42.20 9.62
CA ILE B 425 3.23 -42.16 8.21
C ILE B 425 2.61 -43.49 7.78
N GLN B 426 3.27 -44.58 8.12
CA GLN B 426 2.80 -45.92 7.79
C GLN B 426 1.45 -46.21 8.45
N GLN B 427 1.30 -45.78 9.70
CA GLN B 427 0.05 -45.98 10.43
C GLN B 427 -1.11 -45.24 9.77
N ALA B 428 -0.81 -44.12 9.12
CA ALA B 428 -1.81 -43.36 8.40
C ALA B 428 -2.29 -44.14 7.17
N LEU B 429 -1.32 -44.72 6.44
CA LEU B 429 -1.63 -45.50 5.25
C LEU B 429 -2.52 -46.71 5.55
N VAL B 430 -2.39 -47.25 6.76
CA VAL B 430 -3.21 -48.36 7.21
C VAL B 430 -4.63 -47.89 7.51
N ASP B 431 -4.74 -46.69 8.09
CA ASP B 431 -6.03 -46.14 8.50
C ASP B 431 -6.95 -45.83 7.31
N ILE B 432 -6.38 -45.57 6.14
CA ILE B 432 -7.16 -45.31 4.94
C ILE B 432 -7.32 -46.56 4.07
N GLN B 433 -7.09 -47.73 4.69
CA GLN B 433 -7.28 -49.02 4.03
C GLN B 433 -6.45 -49.19 2.75
N ASP B 434 -5.38 -48.41 2.63
CA ASP B 434 -4.55 -48.44 1.43
C ASP B 434 -3.47 -49.52 1.48
N LYS B 435 -2.88 -49.70 2.67
CA LYS B 435 -1.88 -50.74 2.86
C LYS B 435 -2.33 -51.70 3.97
N GLN B 436 -1.69 -52.87 4.02
CA GLN B 436 -2.00 -53.86 5.05
C GLN B 436 -1.53 -53.39 6.43
N ALA B 437 -1.97 -54.08 7.47
CA ALA B 437 -1.59 -53.73 8.83
C ALA B 437 -0.13 -54.07 9.12
N LYS B 438 0.41 -54.98 8.32
CA LYS B 438 1.80 -55.40 8.46
C LYS B 438 2.77 -54.31 8.03
N PHE B 439 2.24 -53.24 7.44
CA PHE B 439 3.05 -52.17 6.90
C PHE B 439 3.75 -51.37 7.98
N VAL B 440 3.12 -51.25 9.14
CA VAL B 440 3.68 -50.43 10.23
C VAL B 440 4.95 -51.02 10.83
N GLY B 441 5.90 -50.15 11.14
CA GLY B 441 7.16 -50.57 11.71
C GLY B 441 8.04 -51.33 10.74
N SER B 442 7.69 -51.28 9.45
CA SER B 442 8.47 -51.98 8.43
C SER B 442 9.44 -51.02 7.73
N ARG B 443 10.10 -51.52 6.70
CA ARG B 443 11.00 -50.70 5.91
C ARG B 443 10.55 -50.69 4.46
N GLN B 444 9.23 -50.79 4.26
CA GLN B 444 8.66 -50.81 2.91
C GLN B 444 8.78 -49.45 2.23
N TRP B 445 8.74 -49.47 0.89
CA TRP B 445 8.85 -48.24 0.10
C TRP B 445 7.48 -47.64 -0.16
N ILE B 446 7.43 -46.31 -0.28
CA ILE B 446 6.22 -45.62 -0.72
C ILE B 446 6.60 -44.62 -1.81
N GLY B 447 5.62 -43.88 -2.32
CA GLY B 447 5.88 -42.92 -3.35
C GLY B 447 4.94 -41.72 -3.34
N SER B 448 4.84 -41.04 -4.48
CA SER B 448 4.02 -39.85 -4.63
C SER B 448 2.57 -40.06 -4.22
N THR B 449 2.01 -41.22 -4.57
CA THR B 449 0.62 -41.52 -4.28
C THR B 449 0.36 -41.70 -2.79
N GLU B 450 1.25 -42.43 -2.12
CA GLU B 450 1.13 -42.64 -0.68
C GLU B 450 1.30 -41.34 0.09
N ILE B 451 2.12 -40.44 -0.43
CA ILE B 451 2.31 -39.12 0.16
C ILE B 451 1.00 -38.32 0.13
N SER B 452 0.36 -38.31 -1.03
CA SER B 452 -0.93 -37.66 -1.20
C SER B 452 -1.97 -38.24 -0.25
N PHE B 453 -1.89 -39.56 -0.03
CA PHE B 453 -2.81 -40.26 0.85
C PHE B 453 -2.67 -39.84 2.32
N VAL B 454 -1.44 -39.82 2.82
CA VAL B 454 -1.18 -39.45 4.20
C VAL B 454 -1.54 -38.00 4.48
N LEU B 455 -1.15 -37.11 3.58
CA LEU B 455 -1.46 -35.68 3.69
C LEU B 455 -2.96 -35.44 3.76
N ASN B 456 -3.72 -36.31 3.08
CA ASN B 456 -5.18 -36.23 3.11
C ASN B 456 -5.76 -36.84 4.39
N GLU B 457 -5.07 -37.84 4.93
CA GLU B 457 -5.55 -38.51 6.12
C GLU B 457 -5.26 -37.73 7.39
N LEU B 458 -4.09 -37.10 7.45
CA LEU B 458 -3.67 -36.38 8.65
C LEU B 458 -4.03 -34.90 8.65
N LEU B 459 -3.95 -34.28 7.48
CA LEU B 459 -4.19 -32.84 7.37
C LEU B 459 -5.46 -32.48 6.60
N LYS B 460 -6.13 -33.49 6.06
CA LYS B 460 -7.27 -33.28 5.16
C LYS B 460 -6.87 -32.34 4.05
N LEU B 461 -6.02 -32.83 3.15
CA LEU B 461 -5.34 -32.00 2.17
C LEU B 461 -5.36 -32.71 0.83
N GLU B 462 -5.81 -32.03 -0.22
CA GLU B 462 -5.84 -32.63 -1.55
C GLU B 462 -4.57 -32.29 -2.32
N CYS B 463 -4.18 -33.17 -3.23
CA CYS B 463 -2.97 -32.97 -4.03
C CYS B 463 -3.23 -33.14 -5.52
N ARG B 464 -2.58 -32.30 -6.32
CA ARG B 464 -2.62 -32.43 -7.76
C ARG B 464 -1.48 -33.35 -8.19
N PHE B 465 -1.54 -33.85 -9.42
CA PHE B 465 -0.50 -34.76 -9.91
C PHE B 465 -0.01 -34.38 -11.31
N ILE B 466 1.29 -34.43 -11.50
CA ILE B 466 1.88 -34.37 -12.83
C ILE B 466 2.42 -35.76 -13.15
N ALA B 467 1.52 -36.67 -13.51
CA ALA B 467 1.88 -38.05 -13.79
C ALA B 467 2.48 -38.19 -15.20
N THR B 468 3.69 -38.73 -15.28
CA THR B 468 4.38 -38.87 -16.56
C THR B 468 4.68 -40.33 -16.88
N ASN B 469 5.15 -40.57 -18.11
CA ASN B 469 5.51 -41.92 -18.53
C ASN B 469 7.01 -42.03 -18.86
N SER B 470 7.66 -40.88 -18.96
CA SER B 470 9.10 -40.83 -19.23
C SER B 470 9.72 -39.62 -18.56
N GLY B 471 11.02 -39.68 -18.31
CA GLY B 471 11.73 -38.56 -17.72
C GLY B 471 11.81 -37.40 -18.70
N ALA B 472 11.75 -37.72 -19.99
CA ALA B 472 11.74 -36.72 -21.04
C ALA B 472 10.44 -35.93 -20.98
N GLU B 473 9.36 -36.60 -20.58
CA GLU B 473 8.04 -35.97 -20.47
C GLU B 473 8.02 -35.00 -19.29
N VAL B 474 8.80 -35.31 -18.25
CA VAL B 474 8.95 -34.43 -17.10
C VAL B 474 9.53 -33.08 -17.53
N VAL B 475 10.53 -33.14 -18.41
CA VAL B 475 11.17 -31.94 -18.94
C VAL B 475 10.22 -31.14 -19.84
N GLU B 476 9.41 -31.85 -20.61
CA GLU B 476 8.47 -31.21 -21.53
C GLU B 476 7.36 -30.48 -20.78
N ARG B 477 6.81 -31.13 -19.76
CA ARG B 477 5.75 -30.53 -18.95
C ARG B 477 6.31 -29.72 -17.79
N VAL B 478 7.45 -29.06 -18.02
CA VAL B 478 8.07 -28.24 -16.99
C VAL B 478 7.23 -26.99 -16.71
N ARG B 479 6.44 -26.58 -17.70
CA ARG B 479 5.57 -25.42 -17.55
C ARG B 479 4.51 -25.65 -16.48
N GLU B 480 4.20 -26.92 -16.22
CA GLU B 480 3.22 -27.27 -15.20
C GLU B 480 3.82 -27.14 -13.80
N LEU B 481 5.13 -27.34 -13.70
CA LEU B 481 5.83 -27.13 -12.44
C LEU B 481 5.93 -25.64 -12.14
N ALA B 482 6.28 -24.87 -13.17
CA ALA B 482 6.43 -23.42 -13.04
C ALA B 482 5.14 -22.76 -12.55
N ARG B 483 4.01 -23.19 -13.10
CA ARG B 483 2.72 -22.70 -12.66
C ARG B 483 2.50 -23.04 -11.19
N HIS B 484 2.84 -24.27 -10.81
CA HIS B 484 2.63 -24.76 -9.45
C HIS B 484 3.30 -23.90 -8.38
N PHE B 485 4.56 -23.54 -8.61
CA PHE B 485 5.30 -22.75 -7.63
C PHE B 485 4.82 -21.30 -7.63
N GLU B 486 4.09 -20.90 -8.66
CA GLU B 486 3.50 -19.57 -8.72
C GLU B 486 2.15 -19.54 -8.00
N THR B 487 1.35 -20.59 -8.19
CA THR B 487 0.00 -20.63 -7.62
C THR B 487 -0.05 -21.31 -6.24
N SER B 488 0.57 -22.47 -6.10
CA SER B 488 0.55 -23.20 -4.85
C SER B 488 1.78 -22.87 -4.00
N GLY B 489 2.95 -22.94 -4.63
CA GLY B 489 4.19 -22.61 -3.95
C GLY B 489 4.60 -23.62 -2.90
N THR B 490 4.13 -24.85 -3.04
CA THR B 490 4.51 -25.92 -2.13
C THR B 490 5.60 -26.77 -2.78
N PRO B 491 6.55 -27.27 -1.96
CA PRO B 491 7.61 -28.14 -2.50
C PRO B 491 7.03 -29.41 -3.11
N VAL B 492 7.67 -29.90 -4.17
CA VAL B 492 7.13 -31.04 -4.92
C VAL B 492 8.00 -32.27 -4.76
N MET B 493 7.38 -33.44 -4.57
CA MET B 493 8.12 -34.70 -4.52
C MET B 493 7.98 -35.46 -5.85
N ILE B 494 9.09 -35.99 -6.34
CA ILE B 494 9.10 -36.76 -7.57
C ILE B 494 9.44 -38.22 -7.26
N GLY B 495 8.73 -39.15 -7.91
CA GLY B 495 8.95 -40.56 -7.68
C GLY B 495 9.08 -41.32 -8.98
N GLY B 496 10.24 -41.92 -9.21
CA GLY B 496 10.51 -42.68 -10.42
C GLY B 496 11.94 -43.19 -10.43
N ASN B 497 12.17 -44.27 -11.18
CA ASN B 497 13.48 -44.91 -11.25
C ASN B 497 13.94 -45.35 -9.85
N MET B 498 12.97 -45.67 -9.00
CA MET B 498 13.21 -46.01 -7.60
C MET B 498 14.03 -44.94 -6.90
N LEU B 499 13.70 -43.67 -7.15
CA LEU B 499 14.41 -42.54 -6.56
C LEU B 499 13.47 -41.38 -6.28
N ALA B 500 13.44 -40.93 -5.03
CA ALA B 500 12.62 -39.80 -4.64
C ALA B 500 13.46 -38.54 -4.53
N HIS B 501 12.90 -37.41 -4.93
CA HIS B 501 13.58 -36.14 -4.78
C HIS B 501 12.56 -35.06 -4.43
N THR B 502 13.05 -33.86 -4.13
CA THR B 502 12.16 -32.76 -3.79
C THR B 502 12.49 -31.53 -4.62
N ILE B 503 11.67 -31.26 -5.63
CA ILE B 503 11.85 -30.07 -6.47
C ILE B 503 11.39 -28.81 -5.73
N LEU B 504 12.26 -27.80 -5.71
CA LEU B 504 11.95 -26.55 -5.04
C LEU B 504 11.83 -25.43 -6.05
N GLY B 505 12.02 -25.76 -7.32
CA GLY B 505 11.92 -24.77 -8.37
C GLY B 505 12.46 -25.22 -9.71
N VAL B 506 12.11 -24.48 -10.75
CA VAL B 506 12.58 -24.80 -12.11
C VAL B 506 13.18 -23.56 -12.78
N ASP B 507 14.20 -23.78 -13.59
CA ASP B 507 14.78 -22.71 -14.40
C ASP B 507 14.55 -23.05 -15.86
N PHE B 508 13.69 -22.28 -16.52
CA PHE B 508 13.20 -22.64 -17.84
C PHE B 508 13.17 -21.46 -18.81
N ASN B 509 13.69 -21.68 -20.01
CA ASN B 509 13.71 -20.67 -21.06
C ASN B 509 12.87 -21.13 -22.25
N ASP B 510 11.72 -20.49 -22.46
CA ASP B 510 10.77 -20.90 -23.49
C ASP B 510 11.20 -20.52 -24.90
N THR B 511 12.45 -20.12 -25.06
CA THR B 511 13.00 -19.77 -26.38
C THR B 511 14.08 -20.77 -26.77
N THR B 512 15.12 -20.87 -25.95
CA THR B 512 16.20 -21.81 -26.20
C THR B 512 15.77 -23.23 -25.84
N GLY B 513 14.86 -23.34 -24.89
CA GLY B 513 14.35 -24.63 -24.47
C GLY B 513 15.15 -25.27 -23.35
N GLU B 514 16.14 -24.55 -22.84
CA GLU B 514 16.97 -25.08 -21.76
C GLU B 514 16.19 -25.15 -20.45
N THR B 515 16.18 -26.33 -19.85
CA THR B 515 15.40 -26.56 -18.64
C THR B 515 16.26 -27.12 -17.51
N LYS B 516 16.25 -26.44 -16.37
CA LYS B 516 17.00 -26.89 -15.21
C LYS B 516 16.08 -27.10 -14.00
N PHE B 517 16.46 -28.02 -13.12
CA PHE B 517 15.64 -28.32 -11.95
C PHE B 517 16.41 -28.10 -10.65
N LEU B 518 15.77 -27.43 -9.69
CA LEU B 518 16.34 -27.26 -8.37
C LEU B 518 15.86 -28.38 -7.48
N VAL B 519 16.72 -29.37 -7.21
CA VAL B 519 16.32 -30.51 -6.40
C VAL B 519 16.92 -30.48 -5.00
N LEU B 520 16.21 -31.10 -4.06
CA LEU B 520 16.69 -31.25 -2.69
C LEU B 520 16.78 -32.74 -2.38
N ASP B 521 17.97 -33.31 -2.58
CA ASP B 521 18.15 -34.75 -2.43
C ASP B 521 17.90 -35.20 -1.00
N PRO B 522 16.87 -36.04 -0.81
CA PRO B 522 16.43 -36.49 0.52
C PRO B 522 17.36 -37.56 1.08
N HIS B 523 18.45 -37.84 0.39
CA HIS B 523 19.41 -38.83 0.83
C HIS B 523 20.44 -38.23 1.79
N TYR B 524 21.17 -39.09 2.48
CA TYR B 524 21.97 -38.65 3.63
C TYR B 524 23.24 -37.80 3.68
N THR B 525 23.13 -36.60 4.28
CA THR B 525 24.35 -35.88 4.62
C THR B 525 24.72 -35.78 6.11
N GLY B 526 25.94 -35.54 6.49
CA GLY B 526 26.06 -35.41 7.93
C GLY B 526 25.24 -34.17 7.71
N SER B 527 24.40 -33.88 8.71
CA SER B 527 23.50 -32.74 8.78
C SER B 527 23.34 -31.19 8.71
N GLU B 528 24.30 -30.44 9.25
CA GLU B 528 24.17 -29.04 9.17
C GLU B 528 25.26 -28.24 8.37
N ASP B 529 26.23 -28.95 7.79
CA ASP B 529 27.27 -28.28 7.04
C ASP B 529 26.40 -27.84 5.91
N ILE B 530 26.07 -26.56 5.86
CA ILE B 530 25.13 -26.17 4.81
C ILE B 530 26.16 -25.97 3.69
N LYS B 531 27.44 -26.04 4.04
CA LYS B 531 28.50 -25.79 3.06
C LYS B 531 28.69 -27.03 2.21
N THR B 532 28.49 -28.21 2.80
CA THR B 532 28.66 -29.47 2.07
C THR B 532 27.41 -29.81 1.27
N ILE B 533 26.25 -29.41 1.79
CA ILE B 533 24.97 -29.69 1.14
C ILE B 533 24.86 -28.98 -0.21
N THR B 534 25.19 -27.70 -0.23
CA THR B 534 25.10 -26.91 -1.46
C THR B 534 26.25 -27.21 -2.43
N SER B 535 27.44 -27.45 -1.90
CA SER B 535 28.63 -27.62 -2.73
C SER B 535 28.81 -29.04 -3.28
N LYS B 536 28.30 -30.04 -2.57
CA LYS B 536 28.43 -31.42 -3.02
C LYS B 536 27.16 -31.93 -3.70
N GLY B 537 26.29 -31.01 -4.10
CA GLY B 537 25.17 -31.33 -4.97
C GLY B 537 23.91 -31.88 -4.32
N TRP B 538 23.87 -31.90 -2.99
CA TRP B 538 22.71 -32.41 -2.27
C TRP B 538 21.52 -31.46 -2.39
N CYS B 539 21.82 -30.17 -2.54
CA CYS B 539 20.80 -29.16 -2.79
C CYS B 539 21.31 -28.14 -3.80
N ALA B 540 21.21 -28.48 -5.08
CA ALA B 540 21.67 -27.58 -6.13
C ALA B 540 20.85 -27.75 -7.40
N TRP B 541 21.14 -26.92 -8.40
CA TRP B 541 20.45 -26.98 -9.68
C TRP B 541 20.99 -28.13 -10.53
N LYS B 542 20.09 -28.95 -11.05
CA LYS B 542 20.46 -30.09 -11.90
C LYS B 542 19.97 -29.86 -13.32
N PRO B 543 20.68 -30.43 -14.30
CA PRO B 543 20.26 -30.29 -15.70
C PRO B 543 19.03 -31.14 -15.98
N ALA B 544 18.46 -31.02 -17.17
CA ALA B 544 17.30 -31.83 -17.54
C ALA B 544 17.70 -33.29 -17.68
N SER B 545 18.99 -33.53 -17.85
CA SER B 545 19.53 -34.88 -18.00
C SER B 545 19.45 -35.67 -16.69
N PHE B 546 19.06 -34.99 -15.61
CA PHE B 546 18.99 -35.59 -14.29
C PHE B 546 18.00 -36.74 -14.23
N TRP B 547 16.89 -36.61 -14.96
CA TRP B 547 15.83 -37.63 -14.92
C TRP B 547 16.09 -38.72 -15.94
N SER B 548 15.77 -39.96 -15.57
CA SER B 548 15.94 -41.11 -16.45
C SER B 548 15.11 -40.95 -17.73
N LYS B 549 15.80 -40.97 -18.88
CA LYS B 549 15.17 -40.80 -20.19
C LYS B 549 13.97 -41.73 -20.40
N ASP B 550 14.09 -42.95 -19.89
CA ASP B 550 13.07 -43.97 -20.13
C ASP B 550 12.04 -44.08 -18.99
N HIS B 551 12.50 -44.38 -17.78
CA HIS B 551 11.61 -44.63 -16.64
C HIS B 551 10.55 -43.55 -16.41
N PHE B 552 9.42 -43.95 -15.84
CA PHE B 552 8.30 -43.03 -15.63
C PHE B 552 8.40 -42.32 -14.28
N TYR B 553 7.88 -41.10 -14.22
CA TYR B 553 7.94 -40.30 -13.00
C TYR B 553 6.57 -39.78 -12.60
N ASN B 554 6.33 -39.68 -11.29
CA ASN B 554 5.12 -39.05 -10.78
C ASN B 554 5.49 -37.89 -9.86
N MET B 555 4.76 -36.78 -9.98
CA MET B 555 5.01 -35.60 -9.15
C MET B 555 3.78 -35.22 -8.35
N VAL B 556 3.88 -35.27 -7.02
CA VAL B 556 2.76 -34.89 -6.16
C VAL B 556 2.81 -33.39 -5.82
N LEU B 557 1.70 -32.71 -6.03
CA LEU B 557 1.63 -31.27 -5.85
C LEU B 557 0.69 -30.90 -4.70
N PRO B 558 1.24 -30.72 -3.48
CA PRO B 558 0.45 -30.36 -2.30
C PRO B 558 -0.30 -29.05 -2.52
N GLN B 559 -1.57 -29.02 -2.12
CA GLN B 559 -2.41 -27.85 -2.35
C GLN B 559 -2.88 -27.23 -1.05
N PRO B 560 -2.46 -25.98 -0.78
CA PRO B 560 -2.83 -25.28 0.46
C PRO B 560 -4.27 -24.78 0.47
N PRO B 561 -4.96 -24.94 1.61
CA PRO B 561 -6.32 -24.41 1.80
C PRO B 561 -6.49 -23.00 2.35
N SER B 562 -7.38 -22.21 1.76
CA SER B 562 -7.60 -20.84 2.21
C SER B 562 -8.23 -20.20 3.45
N ASP B 563 -7.47 -20.12 4.54
CA ASP B 563 -7.92 -19.44 5.75
C ASP B 563 -6.75 -18.79 6.48
N ALA B 564 -7.03 -18.07 7.56
CA ALA B 564 -5.99 -17.38 8.31
C ALA B 564 -5.87 -17.88 9.75
N VAL C 1 -36.37 -20.98 41.62
CA VAL C 1 -36.98 -21.24 42.92
C VAL C 1 -37.39 -19.94 43.61
N ASN C 2 -36.44 -19.01 43.69
CA ASN C 2 -36.68 -17.72 44.32
C ASN C 2 -36.01 -16.60 43.53
N GLU C 3 -34.85 -16.92 42.98
CA GLU C 3 -34.08 -15.95 42.20
C GLU C 3 -34.42 -15.98 40.72
N LEU C 4 -35.70 -15.87 40.39
CA LEU C 4 -36.13 -15.81 39.00
C LEU C 4 -35.89 -14.43 38.40
N TRP C 5 -35.27 -14.40 37.23
CA TRP C 5 -35.03 -13.15 36.54
C TRP C 5 -36.08 -12.90 35.46
N PHE C 6 -36.25 -11.65 35.06
CA PHE C 6 -37.21 -11.29 34.03
C PHE C 6 -36.52 -10.56 32.89
N ILE C 7 -36.87 -10.92 31.66
CA ILE C 7 -36.21 -10.36 30.49
C ILE C 7 -37.13 -10.35 29.26
N ASP C 8 -37.12 -9.23 28.53
CA ASP C 8 -37.86 -9.13 27.28
C ASP C 8 -37.04 -9.80 26.19
N ALA C 9 -37.10 -11.13 26.14
CA ALA C 9 -36.31 -11.91 25.20
C ALA C 9 -36.52 -11.50 23.74
N GLN C 10 -37.74 -11.08 23.43
CA GLN C 10 -38.06 -10.62 22.08
C GLN C 10 -37.29 -9.35 21.72
N ALA C 11 -37.16 -8.45 22.70
CA ALA C 11 -36.45 -7.20 22.49
C ALA C 11 -34.95 -7.42 22.39
N MET C 12 -34.45 -8.44 23.08
CA MET C 12 -33.04 -8.81 23.00
C MET C 12 -32.70 -9.27 21.59
N PHE C 13 -33.59 -10.07 21.00
CA PHE C 13 -33.40 -10.58 19.65
C PHE C 13 -33.32 -9.45 18.63
N GLN C 14 -34.07 -8.37 18.87
CA GLN C 14 -34.07 -7.22 17.97
C GLN C 14 -32.75 -6.46 18.05
N ASN C 15 -32.24 -6.29 19.26
CA ASN C 15 -30.95 -5.62 19.46
C ASN C 15 -29.83 -6.35 18.74
N TYR C 16 -29.86 -7.68 18.76
CA TYR C 16 -28.88 -8.46 18.03
C TYR C 16 -29.06 -8.25 16.53
N ALA C 17 -30.31 -8.18 16.09
CA ALA C 17 -30.62 -7.96 14.68
C ALA C 17 -30.19 -6.57 14.23
N ASN C 18 -30.23 -5.60 15.15
CA ASN C 18 -29.85 -4.24 14.85
C ASN C 18 -28.33 -4.06 14.72
N LEU C 19 -27.58 -4.82 15.51
CA LEU C 19 -26.13 -4.83 15.39
C LEU C 19 -25.72 -5.58 14.13
N ARG C 20 -26.37 -6.73 13.91
CA ARG C 20 -26.11 -7.56 12.76
C ARG C 20 -26.53 -6.83 11.48
N SER C 21 -27.40 -5.84 11.63
CA SER C 21 -27.93 -5.05 10.52
C SER C 21 -26.85 -4.32 9.73
N PHE C 22 -25.79 -3.89 10.41
CA PHE C 22 -24.74 -3.11 9.75
C PHE C 22 -23.88 -3.95 8.80
N SER C 23 -23.98 -5.26 8.92
CA SER C 23 -23.24 -6.16 8.04
C SER C 23 -24.02 -6.46 6.77
N LYS C 24 -25.24 -6.99 6.93
CA LYS C 24 -26.09 -7.40 5.81
C LYS C 24 -25.36 -8.36 4.88
N SER C 25 -24.43 -9.12 5.45
CA SER C 25 -23.62 -10.07 4.71
C SER C 25 -23.24 -11.22 5.63
N ASN C 26 -24.25 -11.92 6.14
CA ASN C 26 -24.03 -13.04 7.05
C ASN C 26 -23.25 -14.17 6.39
N ALA C 27 -22.29 -14.73 7.12
CA ALA C 27 -21.42 -15.79 6.61
C ALA C 27 -20.60 -15.39 5.38
N ASN C 28 -20.53 -14.09 5.13
CA ASN C 28 -19.78 -13.56 3.99
C ASN C 28 -18.50 -12.86 4.42
N GLU C 29 -18.48 -12.37 5.66
CA GLU C 29 -17.34 -11.63 6.18
C GLU C 29 -16.53 -12.48 7.15
N ILE C 30 -15.31 -12.02 7.44
CA ILE C 30 -14.48 -12.62 8.47
C ILE C 30 -14.39 -11.64 9.63
N ASN C 31 -14.96 -12.01 10.78
CA ASN C 31 -15.02 -11.10 11.91
C ASN C 31 -14.78 -11.75 13.26
N THR C 32 -14.52 -10.91 14.27
CA THR C 32 -14.40 -11.37 15.65
C THR C 32 -15.76 -11.84 16.13
N THR C 33 -15.77 -12.74 17.11
CA THR C 33 -17.01 -13.27 17.64
C THR C 33 -17.82 -12.18 18.35
N ILE C 34 -19.11 -12.43 18.56
CA ILE C 34 -19.98 -11.46 19.20
C ILE C 34 -20.34 -11.86 20.63
N GLY C 35 -20.06 -10.97 21.58
CA GLY C 35 -20.48 -11.14 22.95
C GLY C 35 -21.46 -10.04 23.30
N GLY C 36 -21.58 -9.72 24.58
CA GLY C 36 -22.45 -8.64 24.99
C GLY C 36 -22.58 -8.44 26.49
N PHE C 37 -23.15 -7.29 26.88
CA PHE C 37 -23.40 -7.01 28.28
C PHE C 37 -24.90 -6.99 28.55
N VAL C 38 -25.29 -7.43 29.73
CA VAL C 38 -26.69 -7.39 30.13
C VAL C 38 -26.89 -6.35 31.22
N PHE C 39 -27.70 -5.34 30.93
CA PHE C 39 -28.01 -4.31 31.91
C PHE C 39 -29.46 -4.48 32.37
N GLY C 40 -29.75 -4.07 33.60
CA GLY C 40 -31.09 -4.18 34.14
C GLY C 40 -31.23 -3.64 35.54
N ARG C 41 -32.40 -3.83 36.13
CA ARG C 41 -32.66 -3.41 37.49
C ARG C 41 -32.31 -4.52 38.47
N LYS C 42 -31.07 -4.46 38.99
CA LYS C 42 -30.51 -5.51 39.83
C LYS C 42 -31.35 -5.82 41.06
N ALA C 43 -32.02 -4.80 41.60
CA ALA C 43 -32.83 -4.96 42.80
C ALA C 43 -33.98 -5.95 42.63
N ARG C 44 -34.73 -5.80 41.55
CA ARG C 44 -35.91 -6.62 41.31
C ARG C 44 -35.66 -7.74 40.30
N LYS C 45 -34.40 -7.90 39.90
CA LYS C 45 -34.01 -8.87 38.88
C LYS C 45 -34.80 -8.74 37.58
N GLN C 46 -34.69 -7.57 36.95
CA GLN C 46 -35.40 -7.31 35.71
C GLN C 46 -34.44 -6.76 34.64
N VAL C 47 -34.13 -7.58 33.66
CA VAL C 47 -33.25 -7.18 32.57
C VAL C 47 -33.95 -6.17 31.65
N ILE C 48 -33.34 -5.00 31.49
CA ILE C 48 -33.92 -3.94 30.68
C ILE C 48 -33.18 -3.75 29.35
N HIS C 49 -31.84 -3.77 29.40
CA HIS C 49 -31.04 -3.56 28.20
C HIS C 49 -30.06 -4.70 27.96
N VAL C 50 -30.19 -5.36 26.81
CA VAL C 50 -29.19 -6.35 26.40
C VAL C 50 -28.42 -5.80 25.19
N LEU C 51 -27.19 -5.37 25.44
CA LEU C 51 -26.38 -4.79 24.38
C LEU C 51 -25.31 -5.70 23.82
N PHE C 52 -25.48 -6.08 22.56
CA PHE C 52 -24.51 -6.93 21.87
C PHE C 52 -23.36 -6.07 21.33
N ALA C 53 -22.17 -6.66 21.26
CA ALA C 53 -21.00 -5.98 20.72
C ALA C 53 -19.96 -6.99 20.25
N TYR C 54 -19.21 -6.62 19.26
CA TYR C 54 -18.31 -7.46 18.56
C TYR C 54 -17.33 -7.46 19.59
N ALA C 55 -16.26 -8.21 19.47
CA ALA C 55 -15.26 -8.40 20.53
C ALA C 55 -14.42 -7.25 20.94
N GLU C 56 -14.05 -6.45 20.00
CA GLU C 56 -13.15 -5.38 20.24
C GLU C 56 -13.78 -4.47 21.21
N ASP C 57 -15.10 -4.47 21.29
CA ASP C 57 -15.79 -3.53 22.08
C ASP C 57 -16.28 -4.13 23.35
N LEU C 58 -15.85 -5.33 23.62
CA LEU C 58 -16.03 -5.96 24.90
C LEU C 58 -14.89 -5.65 25.86
N THR C 59 -14.76 -4.41 26.24
CA THR C 59 -13.70 -3.89 27.11
C THR C 59 -14.28 -3.16 28.31
N GLU C 60 -13.47 -3.01 29.35
CA GLU C 60 -13.87 -2.26 30.54
C GLU C 60 -14.09 -0.81 30.15
N SER C 61 -13.25 -0.31 29.25
CA SER C 61 -13.30 1.07 28.81
C SER C 61 -14.61 1.38 28.09
N ASN C 62 -15.23 0.35 27.52
CA ASN C 62 -16.46 0.52 26.75
C ASN C 62 -17.72 0.24 27.58
N ARG C 63 -17.62 -0.73 28.49
CA ARG C 63 -18.75 -1.06 29.37
C ARG C 63 -19.10 0.13 30.25
N GLN C 64 -18.09 0.89 30.64
CA GLN C 64 -18.30 2.08 31.45
C GLN C 64 -19.00 3.17 30.65
N PHE C 65 -18.80 3.18 29.34
CA PHE C 65 -19.45 4.17 28.49
C PHE C 65 -20.94 3.85 28.32
N LEU C 66 -21.27 2.56 28.32
CA LEU C 66 -22.66 2.14 28.19
C LEU C 66 -23.42 2.44 29.47
N GLU C 67 -22.90 1.95 30.59
CA GLU C 67 -23.57 2.06 31.89
C GLU C 67 -23.76 3.52 32.31
N SER C 68 -22.86 4.40 31.86
CA SER C 68 -22.97 5.81 32.18
C SER C 68 -23.98 6.50 31.28
N SER C 69 -24.47 5.77 30.28
CA SER C 69 -25.43 6.32 29.34
C SER C 69 -26.86 5.87 29.64
N LEU C 70 -26.99 4.87 30.51
CA LEU C 70 -28.29 4.32 30.87
C LEU C 70 -28.84 5.05 32.10
N SER C 71 -30.14 4.91 32.34
CA SER C 71 -30.79 5.57 33.48
C SER C 71 -30.22 5.09 34.82
N ALA C 72 -30.41 5.89 35.86
CA ALA C 72 -29.73 5.70 37.14
C ALA C 72 -30.03 4.40 37.88
N ASP C 73 -31.24 3.87 37.70
CA ASP C 73 -31.64 2.66 38.41
C ASP C 73 -31.19 1.38 37.69
N ILE C 74 -30.49 1.54 36.58
CA ILE C 74 -30.05 0.40 35.79
C ILE C 74 -28.52 0.22 35.85
N GLU C 75 -28.08 -1.01 36.09
CA GLU C 75 -26.66 -1.32 36.16
C GLU C 75 -26.32 -2.65 35.48
N LEU C 76 -25.02 -2.90 35.31
CA LEU C 76 -24.54 -4.15 34.75
C LEU C 76 -24.98 -5.32 35.63
N VAL C 77 -25.63 -6.31 35.01
CA VAL C 77 -26.14 -7.46 35.76
C VAL C 77 -25.71 -8.80 35.17
N GLY C 78 -24.92 -8.78 34.10
CA GLY C 78 -24.43 -10.02 33.53
C GLY C 78 -23.88 -9.92 32.11
N ASN C 79 -23.37 -11.04 31.61
CA ASN C 79 -22.85 -11.12 30.25
C ASN C 79 -23.80 -11.92 29.36
N LEU C 80 -23.30 -12.34 28.20
CA LEU C 80 -24.00 -13.29 27.35
C LEU C 80 -22.99 -14.05 26.50
N ASN C 81 -23.40 -15.17 25.92
CA ASN C 81 -22.49 -16.01 25.15
C ASN C 81 -23.22 -16.70 24.00
N ILE C 82 -22.86 -16.35 22.77
CA ILE C 82 -23.50 -16.91 21.59
C ILE C 82 -22.72 -18.11 21.07
N ASP C 83 -23.37 -19.27 21.07
CA ASP C 83 -22.76 -20.54 20.67
C ASP C 83 -21.52 -20.90 21.48
N GLY C 84 -21.43 -20.38 22.70
CA GLY C 84 -20.35 -20.72 23.61
C GLY C 84 -18.97 -20.30 23.13
N GLN C 85 -18.92 -19.43 22.13
CA GLN C 85 -17.64 -18.98 21.60
C GLN C 85 -17.55 -17.45 21.53
N SER C 86 -18.09 -16.78 22.54
CA SER C 86 -17.94 -15.35 22.67
C SER C 86 -16.91 -15.04 23.76
N GLN C 87 -16.31 -13.86 23.69
CA GLN C 87 -15.46 -13.39 24.78
C GLN C 87 -16.36 -12.94 25.92
N ILE C 88 -15.97 -13.28 27.15
CA ILE C 88 -16.70 -12.80 28.31
C ILE C 88 -15.83 -11.85 29.14
N LEU C 89 -16.30 -10.62 29.30
CA LEU C 89 -15.66 -9.68 30.21
C LEU C 89 -16.27 -9.88 31.58
N PRO C 90 -15.47 -10.39 32.53
CA PRO C 90 -15.93 -10.74 33.89
C PRO C 90 -16.76 -9.64 34.52
N GLY C 91 -17.93 -10.00 35.05
CA GLY C 91 -18.83 -9.05 35.65
C GLY C 91 -20.23 -9.62 35.77
N GLY C 92 -21.13 -8.85 36.38
CA GLY C 92 -22.50 -9.29 36.55
C GLY C 92 -22.64 -10.48 37.47
N GLN C 93 -23.77 -11.17 37.37
CA GLN C 93 -24.01 -12.34 38.23
C GLN C 93 -24.39 -13.57 37.42
N PHE C 94 -24.59 -13.38 36.12
CA PHE C 94 -24.96 -14.49 35.23
C PHE C 94 -24.40 -14.28 33.83
N THR C 95 -24.62 -15.28 32.97
CA THR C 95 -24.21 -15.19 31.57
C THR C 95 -25.27 -15.84 30.69
N LEU C 96 -25.99 -15.01 29.92
CA LEU C 96 -27.03 -15.52 29.03
C LEU C 96 -26.43 -16.49 28.02
N GLN C 97 -27.02 -17.67 27.90
CA GLN C 97 -26.56 -18.65 26.94
C GLN C 97 -27.44 -18.65 25.70
N LEU C 98 -26.98 -17.95 24.67
CA LEU C 98 -27.74 -17.84 23.42
C LEU C 98 -27.12 -18.72 22.35
N THR C 99 -27.89 -19.01 21.30
CA THR C 99 -27.39 -19.77 20.16
C THR C 99 -27.73 -19.05 18.85
N SER C 100 -27.08 -19.45 17.76
CA SER C 100 -27.31 -18.82 16.46
C SER C 100 -28.74 -19.06 15.98
N ARG C 101 -29.22 -20.29 16.14
CA ARG C 101 -30.58 -20.65 15.75
C ARG C 101 -31.61 -19.85 16.54
N MET C 102 -31.34 -19.70 17.84
CA MET C 102 -32.21 -18.92 18.73
C MET C 102 -32.36 -17.47 18.26
N LEU C 103 -31.24 -16.87 17.88
CA LEU C 103 -31.23 -15.45 17.51
C LEU C 103 -31.80 -15.19 16.12
N GLU C 104 -31.76 -16.21 15.26
CA GLU C 104 -32.31 -16.08 13.91
C GLU C 104 -33.80 -16.38 13.90
N ASN C 105 -34.17 -17.53 14.47
CA ASN C 105 -35.57 -17.93 14.55
C ASN C 105 -36.36 -17.07 15.54
N ARG C 106 -35.64 -16.37 16.41
CA ARG C 106 -36.24 -15.62 17.51
C ARG C 106 -37.14 -16.50 18.35
N SER C 107 -36.65 -17.70 18.67
CA SER C 107 -37.40 -18.65 19.47
C SER C 107 -37.29 -18.30 20.95
N ILE C 108 -38.34 -17.67 21.48
CA ILE C 108 -38.40 -17.32 22.90
C ILE C 108 -38.34 -18.60 23.73
N SER C 109 -39.00 -19.64 23.25
CA SER C 109 -39.03 -20.93 23.93
C SER C 109 -37.64 -21.55 24.09
N GLU C 110 -36.81 -21.41 23.06
CA GLU C 110 -35.47 -21.97 23.07
C GLU C 110 -34.55 -21.19 24.03
N PHE C 111 -34.81 -19.90 24.16
CA PHE C 111 -34.08 -19.08 25.13
C PHE C 111 -34.36 -19.55 26.54
N LEU C 112 -35.62 -19.85 26.81
CA LEU C 112 -36.06 -20.24 28.15
C LEU C 112 -35.63 -21.67 28.50
N ASP C 113 -35.36 -22.48 27.48
CA ASP C 113 -34.87 -23.84 27.70
C ASP C 113 -33.42 -23.85 28.16
N MET C 114 -32.62 -22.93 27.60
CA MET C 114 -31.20 -22.86 27.93
C MET C 114 -30.94 -22.01 29.18
N ASN C 115 -31.69 -20.91 29.29
CA ASN C 115 -31.58 -20.05 30.47
C ASN C 115 -32.75 -20.32 31.42
N VAL C 116 -32.55 -21.30 32.30
CA VAL C 116 -33.63 -21.85 33.12
C VAL C 116 -34.23 -20.89 34.15
N MET C 117 -33.40 -20.06 34.76
CA MET C 117 -33.87 -19.15 35.80
C MET C 117 -34.42 -17.84 35.25
N PHE C 118 -34.73 -17.82 33.95
CA PHE C 118 -35.27 -16.63 33.31
C PHE C 118 -36.72 -16.83 32.87
N ASN C 119 -37.53 -15.78 33.03
CA ASN C 119 -38.90 -15.79 32.53
C ASN C 119 -39.12 -14.62 31.57
N ASN C 120 -39.64 -14.91 30.38
CA ASN C 120 -39.93 -13.86 29.41
C ASN C 120 -41.01 -12.90 29.90
N GLU C 121 -40.80 -11.61 29.69
CA GLU C 121 -41.77 -10.59 30.09
C GLU C 121 -41.76 -9.42 29.13
N HIS C 122 -42.93 -9.02 28.65
CA HIS C 122 -43.04 -7.83 27.83
C HIS C 122 -42.88 -6.61 28.73
N VAL C 123 -41.63 -6.20 28.93
CA VAL C 123 -41.31 -5.08 29.83
C VAL C 123 -41.86 -3.77 29.30
N LEU C 124 -42.59 -3.06 30.16
CA LEU C 124 -43.15 -1.75 29.81
C LEU C 124 -42.39 -0.65 30.55
N MET C 125 -42.52 0.58 30.07
CA MET C 125 -41.84 1.72 30.71
C MET C 125 -42.68 2.28 31.86
N GLU C 126 -42.05 2.42 33.03
CA GLU C 126 -42.73 2.91 34.22
C GLU C 126 -42.11 4.22 34.72
N GLY C 127 -42.79 4.86 35.65
CA GLY C 127 -42.27 6.05 36.31
C GLY C 127 -42.15 7.29 35.43
N ALA C 128 -41.99 8.44 36.09
CA ALA C 128 -41.80 9.70 35.37
C ALA C 128 -40.32 10.06 35.32
N SER C 129 -40.01 11.18 34.66
CA SER C 129 -38.62 11.62 34.54
C SER C 129 -38.39 12.95 35.24
N CYS C 130 -37.57 12.93 36.28
CA CYS C 130 -37.17 14.16 36.95
C CYS C 130 -35.97 14.75 36.22
N VAL C 131 -36.04 16.04 35.90
CA VAL C 131 -34.98 16.69 35.14
C VAL C 131 -34.54 17.99 35.80
N SER C 132 -33.25 18.28 35.72
CA SER C 132 -32.70 19.52 36.26
C SER C 132 -31.49 19.95 35.42
N ARG C 133 -31.37 21.24 35.16
CA ARG C 133 -30.23 21.74 34.39
C ARG C 133 -29.07 22.05 35.33
N VAL C 134 -27.95 21.36 35.11
CA VAL C 134 -26.80 21.44 36.01
C VAL C 134 -25.54 21.90 35.29
N GLY C 135 -24.78 22.79 35.92
CA GLY C 135 -23.53 23.25 35.37
C GLY C 135 -22.36 23.00 36.29
N TYR C 136 -21.20 22.71 35.70
CA TYR C 136 -19.96 22.56 36.46
C TYR C 136 -18.76 23.05 35.64
N GLU C 137 -17.67 23.33 36.33
CA GLU C 137 -16.50 23.93 35.68
C GLU C 137 -15.22 23.15 35.97
N TRP C 138 -14.44 22.91 34.92
CA TRP C 138 -13.18 22.19 35.06
C TRP C 138 -12.00 23.05 34.61
N SER C 139 -10.87 22.91 35.29
CA SER C 139 -9.65 23.62 34.92
C SER C 139 -8.61 22.60 34.45
N LEU C 140 -8.09 22.80 33.24
CA LEU C 140 -7.14 21.85 32.66
C LEU C 140 -5.78 22.49 32.43
N ARG C 141 -4.77 22.01 33.13
CA ARG C 141 -3.41 22.48 32.98
C ARG C 141 -2.89 22.13 31.59
N ALA C 142 -2.39 23.14 30.87
CA ALA C 142 -1.91 22.95 29.51
C ALA C 142 -0.81 21.90 29.42
N GLY C 143 -1.06 20.87 28.61
CA GLY C 143 -0.14 19.75 28.50
C GLY C 143 -0.59 18.59 29.35
N ARG C 144 -1.48 18.87 30.30
CA ARG C 144 -2.01 17.84 31.18
C ARG C 144 -3.55 17.83 31.20
N GLU C 145 -4.15 18.31 30.10
CA GLU C 145 -5.60 18.35 29.99
C GLU C 145 -6.22 16.96 30.18
N GLN C 146 -5.68 16.00 29.44
CA GLN C 146 -6.15 14.62 29.48
C GLN C 146 -5.93 13.99 30.87
N GLU C 147 -4.87 14.40 31.54
CA GLU C 147 -4.53 13.88 32.86
C GLU C 147 -5.45 14.45 33.94
N ASP C 148 -5.81 15.72 33.80
CA ASP C 148 -6.61 16.42 34.81
C ASP C 148 -8.10 16.09 34.71
N VAL C 149 -8.62 16.04 33.48
CA VAL C 149 -10.05 15.85 33.23
C VAL C 149 -10.58 14.54 33.84
N LYS C 150 -9.72 13.52 33.90
CA LYS C 150 -10.09 12.27 34.53
C LYS C 150 -10.20 12.45 36.04
N SER C 151 -9.40 13.36 36.59
CA SER C 151 -9.38 13.60 38.03
C SER C 151 -10.39 14.66 38.46
N ALA C 152 -10.59 15.66 37.61
CA ALA C 152 -11.53 16.73 37.91
C ALA C 152 -12.95 16.20 38.02
N ALA C 153 -13.22 15.11 37.29
CA ALA C 153 -14.54 14.48 37.32
C ALA C 153 -14.66 13.51 38.51
N GLU C 154 -13.52 13.04 39.00
CA GLU C 154 -13.48 12.14 40.15
C GLU C 154 -14.03 12.80 41.41
N ARG C 155 -13.44 13.94 41.77
CA ARG C 155 -13.82 14.66 42.99
C ARG C 155 -15.16 15.39 42.84
N LEU C 156 -15.65 15.48 41.60
CA LEU C 156 -16.95 16.09 41.34
C LEU C 156 -18.06 15.17 41.85
N SER C 157 -17.88 13.87 41.65
CA SER C 157 -18.83 12.88 42.16
C SER C 157 -18.76 12.81 43.68
N MET C 158 -17.60 13.13 44.22
CA MET C 158 -17.37 13.12 45.66
C MET C 158 -18.10 14.28 46.33
N ALA C 159 -18.41 15.32 45.56
CA ALA C 159 -19.08 16.50 46.09
C ALA C 159 -20.49 16.65 45.52
N SER C 160 -20.97 15.59 44.87
CA SER C 160 -22.29 15.63 44.23
C SER C 160 -23.41 15.35 45.23
N PHE C 161 -23.04 15.18 46.50
CA PHE C 161 -24.01 14.85 47.54
C PHE C 161 -24.48 16.08 48.30
N ARG C 162 -23.80 17.21 48.08
CA ARG C 162 -24.17 18.46 48.71
C ARG C 162 -25.17 19.24 47.86
N PHE C 163 -25.74 18.58 46.86
CA PHE C 163 -26.68 19.22 45.95
C PHE C 163 -28.10 19.18 46.50
N THR C 164 -28.93 20.12 46.04
CA THR C 164 -30.33 20.18 46.45
C THR C 164 -31.21 20.53 45.24
N TYR C 165 -32.13 19.62 44.92
CA TYR C 165 -33.03 19.82 43.79
C TYR C 165 -34.40 20.27 44.28
N LEU C 166 -34.86 21.41 43.78
CA LEU C 166 -36.10 22.03 44.27
C LEU C 166 -37.08 22.34 43.16
N ASN C 167 -38.32 21.85 43.32
CA ASN C 167 -39.41 22.22 42.41
C ASN C 167 -40.27 23.31 43.05
N ALA C 168 -40.20 24.51 42.48
CA ALA C 168 -40.87 25.67 43.04
C ALA C 168 -42.41 25.57 43.00
N GLU C 169 -42.92 24.99 41.91
CA GLU C 169 -44.37 24.93 41.69
C GLU C 169 -45.13 24.14 42.76
N HIS C 170 -44.62 22.95 43.09
CA HIS C 170 -45.33 22.06 44.01
C HIS C 170 -44.63 21.95 45.36
N GLY C 171 -43.59 22.76 45.56
CA GLY C 171 -42.86 22.75 46.81
C GLY C 171 -42.18 21.41 47.06
N LEU C 172 -41.59 20.86 46.01
CA LEU C 172 -40.90 19.58 46.12
C LEU C 172 -39.40 19.82 46.25
N VAL C 173 -38.75 19.05 47.11
CA VAL C 173 -37.31 19.22 47.33
C VAL C 173 -36.61 17.89 47.64
N ILE C 174 -35.55 17.61 46.87
CA ILE C 174 -34.76 16.41 47.09
C ILE C 174 -33.34 16.78 47.49
N ARG C 175 -32.96 16.41 48.70
CA ARG C 175 -31.60 16.64 49.19
C ARG C 175 -31.18 15.51 50.10
N GLU C 176 -29.94 15.54 50.58
CA GLU C 176 -29.45 14.48 51.45
C GLU C 176 -30.23 14.43 52.77
N GLN C 177 -30.70 13.24 53.11
CA GLN C 177 -31.50 13.05 54.31
C GLN C 177 -30.96 11.92 55.17
N LYS C 178 -31.19 12.01 56.46
CA LYS C 178 -30.96 10.88 57.35
C LYS C 178 -32.08 9.88 57.09
N PRO C 179 -31.72 8.59 56.97
CA PRO C 179 -32.64 7.50 56.59
C PRO C 179 -33.99 7.51 57.31
N GLU C 180 -34.03 8.05 58.52
CA GLU C 180 -35.27 8.09 59.29
C GLU C 180 -36.10 9.33 58.97
N ALA C 181 -35.48 10.31 58.31
CA ALA C 181 -36.19 11.52 57.90
C ALA C 181 -36.78 11.35 56.52
N ALA C 182 -36.62 10.15 55.95
CA ALA C 182 -37.11 9.85 54.61
C ALA C 182 -38.64 9.97 54.51
N GLN C 183 -39.10 10.72 53.53
CA GLN C 183 -40.52 10.95 53.33
C GLN C 183 -41.07 9.93 52.32
N GLN C 184 -41.76 8.90 52.84
CA GLN C 184 -42.24 7.79 52.02
C GLN C 184 -43.32 8.21 51.01
N LYS C 185 -43.36 7.51 49.88
CA LYS C 185 -44.32 7.76 48.81
C LYS C 185 -44.36 9.23 48.43
N TYR C 186 -43.18 9.82 48.25
CA TYR C 186 -43.03 11.24 47.96
C TYR C 186 -43.69 11.80 46.70
N LEU C 187 -43.29 11.29 45.54
CA LEU C 187 -43.79 11.82 44.27
C LEU C 187 -44.77 10.88 43.58
N ASP C 188 -45.56 10.15 44.36
CA ASP C 188 -46.55 9.22 43.80
C ASP C 188 -47.67 9.96 43.06
N LYS C 189 -47.90 11.22 43.44
CA LYS C 189 -48.92 12.03 42.79
C LYS C 189 -48.50 12.36 41.36
N PHE C 190 -47.21 12.21 41.07
CA PHE C 190 -46.67 12.55 39.77
C PHE C 190 -46.23 11.31 38.99
N SER C 191 -45.86 10.25 39.71
CA SER C 191 -45.28 9.07 39.09
C SER C 191 -46.27 7.93 38.86
N LYS C 192 -47.50 8.09 39.38
CA LYS C 192 -48.51 7.05 39.23
C LYS C 192 -49.03 6.96 37.79
N GLY C 193 -48.80 5.82 37.15
CA GLY C 193 -49.21 5.61 35.78
C GLY C 193 -48.59 6.61 34.83
N ALA C 194 -47.28 6.85 35.00
CA ALA C 194 -46.58 7.83 34.19
C ALA C 194 -45.56 7.18 33.26
N VAL C 195 -45.14 7.91 32.23
CA VAL C 195 -44.14 7.42 31.28
C VAL C 195 -43.00 8.42 31.10
N PRO C 196 -41.75 7.91 31.08
CA PRO C 196 -40.52 8.70 31.08
C PRO C 196 -40.44 9.84 30.05
N TYR C 197 -41.07 9.67 28.90
CA TYR C 197 -40.94 10.63 27.80
C TYR C 197 -41.95 11.78 27.84
N LYS C 198 -43.02 11.62 28.61
CA LYS C 198 -44.09 12.60 28.62
C LYS C 198 -44.27 13.27 29.98
N ASP C 199 -44.28 12.47 31.05
CA ASP C 199 -44.46 13.00 32.39
C ASP C 199 -43.13 13.45 32.98
N VAL C 200 -42.99 14.76 33.18
CA VAL C 200 -41.71 15.33 33.57
C VAL C 200 -41.82 16.29 34.76
N ILE C 201 -41.06 16.01 35.83
CA ILE C 201 -40.96 16.93 36.96
C ILE C 201 -39.64 17.69 36.87
N GLU C 202 -39.72 19.01 36.69
CA GLU C 202 -38.52 19.81 36.49
C GLU C 202 -38.04 20.47 37.77
N PHE C 203 -36.77 20.26 38.12
CA PHE C 203 -36.18 20.86 39.31
C PHE C 203 -35.10 21.87 38.92
N THR C 204 -34.77 22.75 39.85
CA THR C 204 -33.59 23.59 39.73
C THR C 204 -32.52 23.03 40.66
N ALA C 205 -31.35 22.72 40.11
CA ALA C 205 -30.26 22.17 40.90
C ALA C 205 -29.53 23.28 41.64
N MET C 206 -29.54 23.21 42.98
CA MET C 206 -28.91 24.24 43.80
C MET C 206 -27.81 23.68 44.70
N GLN C 207 -26.89 24.55 45.09
CA GLN C 207 -25.75 24.18 45.92
C GLN C 207 -25.67 25.13 47.11
N SER C 208 -25.13 24.67 48.22
CA SER C 208 -24.99 25.50 49.42
C SER C 208 -24.14 26.73 49.10
N LEU C 209 -24.59 27.89 49.55
CA LEU C 209 -23.95 29.16 49.22
C LEU C 209 -22.64 29.34 49.99
N THR C 210 -22.41 28.50 50.98
CA THR C 210 -21.20 28.59 51.81
C THR C 210 -20.30 27.37 51.64
N ARG C 211 -19.89 27.11 50.41
CA ARG C 211 -19.05 25.95 50.13
C ARG C 211 -18.37 26.06 48.76
N PHE C 235 -3.02 27.45 31.62
CA PHE C 235 -4.05 26.43 31.74
C PHE C 235 -5.30 26.80 30.95
N THR C 236 -6.15 25.82 30.69
CA THR C 236 -7.39 26.04 29.93
C THR C 236 -8.61 25.69 30.76
N ARG C 237 -9.61 26.57 30.73
CA ARG C 237 -10.83 26.39 31.51
C ARG C 237 -11.89 25.68 30.68
N LEU C 238 -12.76 24.94 31.34
CA LEU C 238 -13.83 24.21 30.66
C LEU C 238 -15.09 24.20 31.51
N VAL C 239 -16.15 24.81 30.98
CA VAL C 239 -17.44 24.81 31.66
C VAL C 239 -18.50 24.08 30.83
N THR C 240 -19.06 23.02 31.40
CA THR C 240 -20.06 22.24 30.70
C THR C 240 -21.42 22.29 31.41
N ILE C 241 -22.30 23.15 30.91
CA ILE C 241 -23.68 23.16 31.38
C ILE C 241 -24.45 22.10 30.59
N GLY C 242 -25.51 21.57 31.18
CA GLY C 242 -26.28 20.51 30.55
C GLY C 242 -27.26 19.87 31.51
N GLU C 243 -28.29 19.23 30.97
CA GLU C 243 -29.35 18.65 31.78
C GLU C 243 -28.94 17.30 32.40
N VAL C 244 -29.63 16.92 33.46
CA VAL C 244 -29.45 15.62 34.08
C VAL C 244 -30.82 15.01 34.38
N VAL C 245 -31.07 13.80 33.89
CA VAL C 245 -32.37 13.17 34.03
C VAL C 245 -32.31 11.89 34.87
N PHE C 246 -33.10 11.84 35.94
CA PHE C 246 -33.25 10.63 36.73
C PHE C 246 -34.73 10.28 36.90
N PRO C 247 -35.05 8.98 36.83
CA PRO C 247 -36.45 8.53 36.86
C PRO C 247 -37.06 8.56 38.26
N ALA C 248 -38.36 8.79 38.33
CA ALA C 248 -39.09 8.71 39.59
C ALA C 248 -40.23 7.71 39.45
N PHE C 249 -40.17 6.63 40.23
CA PHE C 249 -41.18 5.58 40.15
C PHE C 249 -42.26 5.74 41.22
N PHE C 250 -43.31 4.92 41.12
CA PHE C 250 -44.35 4.89 42.13
C PHE C 250 -43.81 4.18 43.36
N GLY C 251 -44.20 4.63 44.54
CA GLY C 251 -43.76 4.02 45.78
C GLY C 251 -42.36 4.44 46.17
N ASP C 252 -41.79 5.39 45.43
CA ASP C 252 -40.44 5.87 45.72
C ASP C 252 -40.38 6.65 47.03
N SER C 253 -39.45 6.27 47.89
CA SER C 253 -39.16 7.03 49.10
C SER C 253 -38.46 8.33 48.71
N SER C 254 -38.40 9.28 49.64
CA SER C 254 -37.70 10.54 49.40
C SER C 254 -36.20 10.30 49.32
N LEU C 255 -35.74 9.27 50.03
CA LEU C 255 -34.32 8.91 50.01
C LEU C 255 -33.98 8.16 48.73
N ASP C 256 -34.93 7.35 48.24
CA ASP C 256 -34.75 6.60 47.01
C ASP C 256 -34.48 7.54 45.84
N LEU C 257 -35.19 8.66 45.82
CA LEU C 257 -35.00 9.68 44.79
C LEU C 257 -33.65 10.36 44.92
N TYR C 258 -33.17 10.52 46.15
CA TYR C 258 -31.88 11.15 46.38
C TYR C 258 -30.72 10.30 45.88
N LYS C 259 -30.74 9.02 46.22
CA LYS C 259 -29.70 8.09 45.79
C LYS C 259 -29.55 8.10 44.27
N ARG C 260 -30.69 8.13 43.58
CA ARG C 260 -30.72 8.12 42.12
C ARG C 260 -30.26 9.46 41.54
N SER C 261 -30.79 10.55 42.07
CA SER C 261 -30.44 11.89 41.59
C SER C 261 -28.94 12.15 41.69
N ARG C 262 -28.27 11.47 42.60
CA ARG C 262 -26.83 11.60 42.77
C ARG C 262 -26.09 10.74 41.74
N GLU C 263 -26.51 9.49 41.63
CA GLU C 263 -25.93 8.55 40.67
C GLU C 263 -26.14 9.03 39.23
N ALA C 264 -27.27 9.67 38.99
CA ALA C 264 -27.58 10.21 37.67
C ALA C 264 -26.59 11.31 37.28
N PHE C 265 -26.30 12.20 38.22
CA PHE C 265 -25.37 13.30 37.97
C PHE C 265 -23.94 12.79 37.78
N ASN C 266 -23.55 11.80 38.57
CA ASN C 266 -22.22 11.22 38.47
C ASN C 266 -21.96 10.63 37.09
N ARG C 267 -22.95 9.94 36.54
CA ARG C 267 -22.83 9.29 35.24
C ARG C 267 -22.66 10.29 34.10
N ARG C 268 -23.47 11.35 34.11
CA ARG C 268 -23.36 12.41 33.12
C ARG C 268 -21.99 13.06 33.15
N ALA C 269 -21.46 13.25 34.36
CA ALA C 269 -20.15 13.84 34.54
C ALA C 269 -19.05 12.93 34.00
N ASN C 270 -19.16 11.64 34.31
CA ASN C 270 -18.22 10.65 33.78
C ASN C 270 -18.34 10.55 32.26
N ASN C 271 -19.56 10.65 31.76
CA ASN C 271 -19.81 10.62 30.32
C ASN C 271 -19.20 11.85 29.65
N THR C 272 -19.38 13.00 30.28
CA THR C 272 -18.76 14.24 29.79
C THR C 272 -17.24 14.09 29.82
N MET C 273 -16.73 13.42 30.86
CA MET C 273 -15.31 13.15 30.98
C MET C 273 -14.83 12.22 29.88
N MET C 274 -15.47 11.05 29.78
CA MET C 274 -15.11 10.05 28.78
C MET C 274 -15.11 10.59 27.35
N VAL C 275 -16.16 11.35 27.01
CA VAL C 275 -16.28 11.96 25.69
C VAL C 275 -15.16 12.97 25.43
N THR C 276 -14.82 13.75 26.45
CA THR C 276 -13.77 14.76 26.34
C THR C 276 -12.39 14.13 26.18
N VAL C 277 -12.10 13.11 26.99
CA VAL C 277 -10.80 12.42 26.97
C VAL C 277 -10.49 11.82 25.59
N ASN C 278 -11.37 10.93 25.12
CA ASN C 278 -11.14 10.27 23.84
C ASN C 278 -11.32 11.20 22.65
N GLY C 279 -11.78 12.42 22.92
CA GLY C 279 -11.86 13.45 21.90
C GLY C 279 -10.46 13.94 21.57
N ILE C 280 -9.66 14.13 22.61
CA ILE C 280 -8.27 14.56 22.46
C ILE C 280 -7.45 13.45 21.81
N ARG C 281 -7.81 12.20 22.10
CA ARG C 281 -7.13 11.04 21.54
C ARG C 281 -7.50 10.81 20.08
N ALA C 282 -8.60 11.41 19.65
CA ALA C 282 -9.09 11.21 18.29
C ALA C 282 -8.79 12.40 17.37
N GLY C 283 -8.33 13.50 17.95
CA GLY C 283 -7.92 14.65 17.16
C GLY C 283 -8.55 15.98 17.54
N ARG C 284 -9.87 16.00 17.70
CA ARG C 284 -10.60 17.24 17.95
C ARG C 284 -10.21 17.98 19.24
N GLY C 285 -9.37 17.36 20.06
CA GLY C 285 -8.88 18.00 21.26
C GLY C 285 -9.97 18.26 22.30
N VAL C 286 -9.88 19.39 22.99
CA VAL C 286 -10.86 19.75 24.01
C VAL C 286 -12.03 20.54 23.43
N THR C 287 -13.22 19.95 23.46
CA THR C 287 -14.43 20.61 22.99
C THR C 287 -15.50 20.60 24.08
N THR C 288 -16.36 21.60 24.09
CA THR C 288 -17.50 21.59 25.01
C THR C 288 -18.51 20.56 24.51
N THR C 289 -19.42 20.14 25.39
CA THR C 289 -20.39 19.12 25.03
C THR C 289 -21.83 19.58 25.28
N THR C 290 -22.71 19.29 24.34
CA THR C 290 -24.14 19.53 24.54
C THR C 290 -24.78 18.24 25.05
N SER C 291 -25.72 18.37 25.97
CA SER C 291 -26.36 17.19 26.57
C SER C 291 -27.68 16.85 25.87
N ALA C 292 -27.83 15.60 25.47
CA ALA C 292 -29.04 15.14 24.81
C ALA C 292 -29.59 13.87 25.46
N THR C 293 -30.91 13.73 25.48
CA THR C 293 -31.54 12.54 26.03
C THR C 293 -32.52 11.95 25.02
N TYR C 294 -32.44 10.65 24.78
CA TYR C 294 -33.29 10.00 23.78
C TYR C 294 -34.13 8.87 24.36
N LEU C 295 -35.20 8.52 23.64
CA LEU C 295 -35.93 7.28 23.86
C LEU C 295 -35.94 6.52 22.54
N PRO C 296 -34.84 5.82 22.24
CA PRO C 296 -34.67 5.12 20.97
C PRO C 296 -35.71 4.02 20.77
N PRO C 297 -36.01 3.69 19.49
CA PRO C 297 -37.03 2.71 19.10
C PRO C 297 -36.96 1.39 19.86
N GLY C 298 -37.99 1.11 20.66
CA GLY C 298 -38.10 -0.16 21.35
C GLY C 298 -37.66 -0.15 22.80
N TRP C 299 -37.04 0.95 23.24
CA TRP C 299 -36.53 1.02 24.61
C TRP C 299 -37.62 1.40 25.60
N VAL C 300 -37.50 0.88 26.82
CA VAL C 300 -38.44 1.20 27.90
C VAL C 300 -37.76 2.09 28.94
N SER C 301 -36.47 2.34 28.73
CA SER C 301 -35.72 3.29 29.53
C SER C 301 -35.06 4.30 28.60
N LEU C 302 -34.49 5.36 29.16
CA LEU C 302 -33.95 6.44 28.33
C LEU C 302 -32.45 6.28 28.04
N LEU C 303 -31.98 7.01 27.03
CA LEU C 303 -30.56 7.02 26.68
C LEU C 303 -29.98 8.40 27.00
N HIS C 304 -28.98 8.43 27.88
CA HIS C 304 -28.40 9.70 28.31
C HIS C 304 -27.04 9.90 27.66
N LEU C 305 -26.94 10.85 26.74
CA LEU C 305 -25.70 11.07 25.99
C LEU C 305 -25.16 12.49 26.09
N GLN C 306 -23.82 12.59 26.09
CA GLN C 306 -23.14 13.87 25.99
C GLN C 306 -22.44 13.91 24.63
N LEU C 307 -22.82 14.88 23.80
CA LEU C 307 -22.33 14.93 22.43
C LEU C 307 -21.40 16.11 22.21
N PRO C 308 -20.29 15.88 21.49
CA PRO C 308 -19.35 16.95 21.13
C PRO C 308 -20.04 18.02 20.28
N THR C 309 -19.63 19.27 20.44
CA THR C 309 -20.28 20.38 19.75
C THR C 309 -19.47 20.85 18.54
N LYS C 310 -18.19 20.48 18.51
CA LYS C 310 -17.31 20.88 17.42
C LYS C 310 -16.46 19.74 16.89
N TRP C 311 -16.48 19.56 15.58
CA TRP C 311 -15.72 18.51 14.90
C TRP C 311 -16.06 18.50 13.42
N THR C 312 -15.16 17.94 12.60
CA THR C 312 -15.39 17.90 11.16
C THR C 312 -16.58 16.97 10.92
N ASP C 313 -17.27 17.14 9.79
CA ASP C 313 -18.48 16.36 9.52
C ASP C 313 -18.18 14.88 9.36
N ASN C 314 -16.93 14.57 9.01
CA ASN C 314 -16.47 13.19 8.98
C ASN C 314 -16.47 12.61 10.38
N GLU C 315 -15.95 13.40 11.33
CA GLU C 315 -15.91 13.01 12.73
C GLU C 315 -17.31 12.82 13.31
N GLN C 316 -18.28 13.60 12.81
CA GLN C 316 -19.64 13.53 13.31
C GLN C 316 -20.39 12.31 12.79
N ARG C 317 -20.38 12.11 11.48
CA ARG C 317 -21.10 10.98 10.89
C ARG C 317 -20.53 9.63 11.35
N ASN C 318 -19.23 9.59 11.61
CA ASN C 318 -18.62 8.39 12.17
C ASN C 318 -19.05 8.18 13.62
N TYR C 319 -19.28 9.28 14.33
CA TYR C 319 -19.71 9.21 15.71
C TYR C 319 -21.16 8.72 15.78
N ARG C 320 -21.97 9.13 14.80
CA ARG C 320 -23.34 8.66 14.68
C ARG C 320 -23.38 7.15 14.47
N ILE C 321 -22.66 6.69 13.44
CA ILE C 321 -22.61 5.27 13.08
C ILE C 321 -22.18 4.39 14.25
N ARG C 322 -21.18 4.84 15.00
CA ARG C 322 -20.63 4.06 16.10
C ARG C 322 -21.55 3.99 17.32
N LEU C 323 -22.20 5.10 17.64
CA LEU C 323 -23.18 5.12 18.71
C LEU C 323 -24.33 4.16 18.39
N HIS C 324 -24.65 4.05 17.11
CA HIS C 324 -25.66 3.09 16.65
C HIS C 324 -25.20 1.65 16.89
N LYS C 325 -23.96 1.35 16.51
CA LYS C 325 -23.39 0.03 16.70
C LYS C 325 -23.27 -0.35 18.17
N LEU C 326 -22.81 0.61 18.98
CA LEU C 326 -22.59 0.35 20.40
C LEU C 326 -23.87 0.10 21.17
N PHE C 327 -24.91 0.89 20.88
CA PHE C 327 -26.17 0.77 21.61
C PHE C 327 -27.18 -0.11 20.90
N ASN C 328 -26.71 -0.89 19.91
CA ASN C 328 -27.57 -1.76 19.11
C ASN C 328 -28.80 -1.04 18.56
N LEU C 329 -28.55 0.02 17.79
CA LEU C 329 -29.62 0.79 17.17
C LEU C 329 -29.72 0.41 15.69
N PRO C 330 -30.90 0.59 15.08
CA PRO C 330 -31.07 0.19 13.67
C PRO C 330 -30.23 1.04 12.73
N SER C 331 -29.99 0.52 11.53
CA SER C 331 -29.27 1.27 10.50
C SER C 331 -30.26 1.80 9.48
N SER C 332 -31.54 1.67 9.79
CA SER C 332 -32.61 2.13 8.92
C SER C 332 -33.12 3.49 9.38
N LYS C 333 -33.76 3.52 10.55
CA LYS C 333 -34.23 4.76 11.13
C LYS C 333 -33.07 5.61 11.63
N PRO C 334 -33.17 6.93 11.49
CA PRO C 334 -32.29 7.82 12.24
C PRO C 334 -32.77 7.86 13.69
N VAL C 335 -31.85 7.87 14.65
CA VAL C 335 -32.23 7.75 16.05
C VAL C 335 -31.64 8.85 16.94
N LEU C 336 -30.36 9.16 16.74
CA LEU C 336 -29.63 10.03 17.66
C LEU C 336 -29.36 11.43 17.12
N ARG C 337 -30.17 11.89 16.16
CA ARG C 337 -30.05 13.26 15.67
C ARG C 337 -30.43 14.22 16.80
N LEU C 338 -29.80 15.40 16.82
CA LEU C 338 -30.05 16.37 17.88
C LEU C 338 -31.51 16.80 17.95
N SER C 339 -32.17 16.81 16.79
CA SER C 339 -33.57 17.21 16.71
C SER C 339 -34.50 16.13 17.28
N GLN C 340 -33.98 14.90 17.38
CA GLN C 340 -34.76 13.79 17.92
C GLN C 340 -34.71 13.76 19.45
N ALA C 341 -33.81 14.55 20.03
CA ALA C 341 -33.65 14.58 21.48
C ALA C 341 -34.90 15.09 22.17
N LEU C 342 -35.26 14.44 23.28
CA LEU C 342 -36.46 14.78 24.04
C LEU C 342 -36.39 16.20 24.58
N ALA C 343 -37.55 16.86 24.68
CA ALA C 343 -37.62 18.19 25.24
C ALA C 343 -38.08 18.13 26.70
N LEU C 344 -37.26 17.50 27.54
CA LEU C 344 -37.59 17.29 28.94
C LEU C 344 -37.49 18.58 29.74
N HIS C 345 -36.37 19.29 29.59
CA HIS C 345 -36.16 20.54 30.31
C HIS C 345 -36.64 21.74 29.50
N SER C 346 -37.07 22.80 30.20
CA SER C 346 -37.64 23.98 29.55
C SER C 346 -36.58 24.88 28.94
N GLU C 347 -35.44 25.02 29.62
CA GLU C 347 -34.37 25.89 29.13
C GLU C 347 -33.50 25.17 28.11
N SER C 348 -33.73 23.87 27.94
CA SER C 348 -33.03 23.10 26.91
C SER C 348 -33.38 23.65 25.54
N ALA C 349 -32.37 23.74 24.67
CA ALA C 349 -32.57 24.29 23.33
C ALA C 349 -33.58 23.48 22.53
N ARG C 350 -34.19 24.12 21.54
CA ARG C 350 -35.22 23.48 20.73
C ARG C 350 -35.08 23.82 19.26
N LEU C 351 -35.34 22.82 18.42
CA LEU C 351 -35.36 22.99 16.96
C LEU C 351 -36.84 23.06 16.53
N THR C 352 -37.28 24.24 16.11
CA THR C 352 -38.68 24.48 15.71
C THR C 352 -39.83 24.40 16.72
N ASN C 353 -39.53 24.56 18.01
CA ASN C 353 -40.56 24.42 19.05
C ASN C 353 -40.58 25.86 19.56
N LYS C 354 -41.24 26.75 18.81
CA LYS C 354 -41.40 28.13 19.22
C LYS C 354 -42.40 28.44 20.33
N LYS C 355 -43.69 28.31 20.02
CA LYS C 355 -44.72 28.32 21.06
C LYS C 355 -45.47 27.04 20.70
N LEU C 356 -44.96 26.35 19.68
CA LEU C 356 -45.61 25.16 19.13
C LEU C 356 -45.76 24.04 20.14
N ILE C 357 -46.92 23.37 20.09
CA ILE C 357 -47.21 22.25 20.98
C ILE C 357 -46.75 20.94 20.35
N ARG C 358 -45.95 20.18 21.08
CA ARG C 358 -45.48 18.89 20.58
C ARG C 358 -46.43 17.76 20.99
N GLU C 359 -46.91 17.03 19.99
CA GLU C 359 -47.79 15.86 20.20
C GLU C 359 -48.98 16.15 21.11
N PRO C 360 -49.98 16.90 20.61
CA PRO C 360 -51.18 17.21 21.39
C PRO C 360 -51.99 15.96 21.71
N HIS C 361 -52.10 15.03 20.76
CA HIS C 361 -52.94 13.85 20.92
C HIS C 361 -52.56 12.96 22.11
N LEU C 362 -51.35 13.15 22.63
CA LEU C 362 -50.88 12.38 23.78
C LEU C 362 -51.49 12.89 25.07
N SER C 363 -51.87 14.16 25.10
CA SER C 363 -52.51 14.74 26.28
C SER C 363 -54.01 14.47 26.28
N ILE C 364 -54.39 13.20 26.14
CA ILE C 364 -55.78 12.80 26.08
C ILE C 364 -56.03 11.47 26.79
N THR C 365 -56.95 11.47 27.75
CA THR C 365 -57.41 10.25 28.39
C THR C 365 -58.94 10.28 28.46
N ASN C 366 -59.53 11.26 27.77
CA ASN C 366 -60.97 11.33 27.60
C ASN C 366 -61.48 10.09 26.87
N TYR C 367 -60.64 9.59 25.98
CA TYR C 367 -61.04 8.55 25.03
C TYR C 367 -60.80 7.13 25.54
N GLN C 368 -61.65 6.21 25.08
CA GLN C 368 -61.48 4.79 25.31
C GLN C 368 -61.72 4.08 23.97
N PRO C 369 -60.98 2.99 23.71
CA PRO C 369 -61.08 2.35 22.40
C PRO C 369 -62.43 1.68 22.15
N VAL C 370 -62.91 1.77 20.90
CA VAL C 370 -64.12 1.06 20.51
C VAL C 370 -63.73 -0.24 19.82
N GLY C 371 -62.42 -0.48 19.73
CA GLY C 371 -61.87 -1.67 19.11
C GLY C 371 -60.35 -1.61 19.04
N GLU C 372 -59.79 -1.98 17.89
CA GLU C 372 -58.34 -1.93 17.69
C GLU C 372 -57.92 -0.52 17.28
N ILE C 373 -56.77 -0.08 17.80
CA ILE C 373 -56.32 1.29 17.57
C ILE C 373 -54.83 1.39 17.20
N THR C 374 -54.55 2.01 16.06
CA THR C 374 -53.18 2.27 15.63
C THR C 374 -52.99 3.76 15.34
N THR C 375 -51.89 4.33 15.82
CA THR C 375 -51.66 5.76 15.69
C THR C 375 -50.30 6.09 15.07
N VAL C 376 -50.01 7.38 14.92
CA VAL C 376 -48.73 7.83 14.37
C VAL C 376 -47.57 7.35 15.23
N ASN C 377 -46.42 7.12 14.60
CA ASN C 377 -45.23 6.68 15.31
C ASN C 377 -44.14 7.75 15.22
N GLY C 378 -44.18 8.71 16.15
CA GLY C 378 -43.20 9.79 16.18
C GLY C 378 -43.77 11.11 16.63
N PRO C 379 -42.89 12.07 16.96
CA PRO C 379 -43.26 13.42 17.39
C PRO C 379 -43.70 14.32 16.22
N TYR C 380 -44.47 15.35 16.52
CA TYR C 380 -44.93 16.31 15.52
C TYR C 380 -45.38 17.60 16.21
N ASN C 381 -45.53 18.67 15.43
CA ASN C 381 -45.97 19.94 15.99
C ASN C 381 -47.31 20.42 15.41
N TYR C 382 -48.15 20.96 16.27
CA TYR C 382 -49.47 21.46 15.84
C TYR C 382 -49.35 22.82 15.17
N HIS C 383 -49.63 22.86 13.88
CA HIS C 383 -49.57 24.10 13.10
C HIS C 383 -50.96 24.57 12.71
N HIS C 384 -51.49 25.53 13.46
CA HIS C 384 -52.80 26.10 13.19
C HIS C 384 -52.71 27.45 12.47
N TYR C 385 -53.78 28.23 12.52
CA TYR C 385 -53.86 29.49 11.78
C TYR C 385 -53.09 30.63 12.46
N MET C 386 -52.63 31.58 11.64
CA MET C 386 -52.13 32.88 12.13
C MET C 386 -50.91 32.80 13.04
N GLN C 387 -50.38 31.60 13.26
CA GLN C 387 -49.32 31.40 14.23
C GLN C 387 -47.96 31.89 13.76
N ASP C 388 -47.76 31.94 12.45
CA ASP C 388 -46.48 32.38 11.90
C ASP C 388 -46.54 33.82 11.39
N GLY C 389 -47.07 34.71 12.22
CA GLY C 389 -47.09 36.13 11.90
C GLY C 389 -48.29 36.56 11.07
N ILE C 390 -48.36 36.07 9.84
CA ILE C 390 -49.43 36.46 8.93
C ILE C 390 -50.70 35.65 9.14
N ASP C 391 -51.84 36.27 8.85
CA ASP C 391 -53.14 35.61 8.99
C ASP C 391 -53.52 34.86 7.72
N ASP C 392 -53.55 33.54 7.79
CA ASP C 392 -53.92 32.70 6.66
C ASP C 392 -55.26 32.06 6.91
N SER C 393 -56.33 32.80 6.73
CA SER C 393 -57.59 32.33 7.22
C SER C 393 -58.42 31.12 6.93
N GLY C 394 -58.55 30.82 5.65
CA GLY C 394 -59.50 29.83 5.22
C GLY C 394 -58.87 29.20 4.02
N TRP C 395 -57.60 29.46 3.80
CA TRP C 395 -56.97 29.01 2.59
C TRP C 395 -55.73 28.35 3.05
N GLY C 396 -55.31 28.70 4.22
CA GLY C 396 -54.10 28.22 4.86
C GLY C 396 -54.19 26.81 5.40
N SER C 397 -55.40 26.31 5.60
CA SER C 397 -55.64 25.00 6.19
C SER C 397 -54.83 23.88 5.54
N ALA C 398 -54.71 23.93 4.21
CA ALA C 398 -53.95 22.92 3.49
C ALA C 398 -52.46 23.08 3.72
N TYR C 399 -52.01 24.32 3.79
CA TYR C 399 -50.61 24.63 4.07
C TYR C 399 -50.26 24.22 5.49
N ARG C 400 -51.19 24.44 6.42
CA ARG C 400 -50.96 24.19 7.83
C ARG C 400 -50.75 22.71 8.16
N SER C 401 -51.46 21.84 7.44
CA SER C 401 -51.32 20.40 7.63
C SER C 401 -50.01 19.92 7.01
N PHE C 402 -49.59 20.57 5.92
CA PHE C 402 -48.30 20.30 5.29
C PHE C 402 -47.19 20.54 6.30
N GLN C 403 -47.35 21.59 7.11
CA GLN C 403 -46.35 21.98 8.09
C GLN C 403 -46.25 20.98 9.24
N THR C 404 -47.39 20.46 9.67
CA THR C 404 -47.44 19.44 10.71
C THR C 404 -46.69 18.19 10.25
N ILE C 405 -46.84 17.86 8.97
CA ILE C 405 -46.12 16.75 8.36
C ILE C 405 -44.61 17.00 8.38
N TRP C 406 -44.21 18.19 7.93
CA TRP C 406 -42.81 18.56 7.87
C TRP C 406 -42.16 18.49 9.26
N SER C 407 -42.92 18.85 10.28
CA SER C 407 -42.43 18.81 11.65
C SER C 407 -42.10 17.39 12.08
N TRP C 408 -42.85 16.42 11.56
CA TRP C 408 -42.59 15.03 11.87
C TRP C 408 -41.23 14.59 11.31
N PHE C 409 -40.84 15.18 10.20
CA PHE C 409 -39.61 14.77 9.52
C PHE C 409 -38.34 15.36 10.13
N ILE C 410 -38.49 16.46 10.86
CA ILE C 410 -37.37 17.10 11.54
C ILE C 410 -37.26 16.56 12.96
N LEU C 411 -38.40 16.23 13.55
CA LEU C 411 -38.45 15.68 14.91
C LEU C 411 -38.16 14.18 14.94
N ASN C 412 -38.01 13.58 13.76
CA ASN C 412 -37.63 12.17 13.67
C ASN C 412 -36.34 11.98 12.91
N GLY C 413 -35.57 13.06 12.76
CA GLY C 413 -34.22 13.00 12.23
C GLY C 413 -34.09 12.70 10.75
N TYR C 414 -35.10 13.07 9.96
CA TYR C 414 -35.02 12.86 8.52
C TYR C 414 -34.50 14.09 7.78
N THR C 415 -34.59 15.24 8.45
CA THR C 415 -33.97 16.47 7.94
C THR C 415 -33.83 17.51 9.06
N ASP C 416 -33.13 18.60 8.77
CA ASP C 416 -32.94 19.67 9.75
C ASP C 416 -33.41 21.01 9.20
N LYS C 417 -33.88 21.00 7.95
CA LYS C 417 -34.42 22.20 7.33
C LYS C 417 -35.69 22.63 8.04
N PRO C 418 -35.86 23.95 8.23
CA PRO C 418 -37.00 24.47 9.00
C PRO C 418 -38.32 24.29 8.26
N VAL C 419 -39.42 24.34 8.99
CA VAL C 419 -40.75 24.27 8.39
C VAL C 419 -40.98 25.46 7.47
N PRO C 420 -41.16 25.21 6.16
CA PRO C 420 -41.29 26.27 5.17
C PRO C 420 -42.48 27.18 5.42
N SER C 421 -42.36 28.45 5.07
CA SER C 421 -43.47 29.39 5.16
C SER C 421 -44.39 29.19 3.98
N HIS C 422 -45.53 29.88 3.98
CA HIS C 422 -46.51 29.76 2.90
C HIS C 422 -45.88 30.11 1.56
N ARG C 423 -45.15 31.22 1.52
CA ARG C 423 -44.46 31.65 0.31
C ARG C 423 -43.42 30.61 -0.15
N GLU C 424 -42.75 30.00 0.82
CA GLU C 424 -41.75 28.98 0.50
C GLU C 424 -42.39 27.74 -0.13
N ILE C 425 -43.58 27.39 0.35
CA ILE C 425 -44.33 26.26 -0.19
C ILE C 425 -44.75 26.56 -1.63
N GLN C 426 -45.37 27.71 -1.82
CA GLN C 426 -45.91 28.11 -3.12
C GLN C 426 -44.81 28.25 -4.18
N GLN C 427 -43.62 28.66 -3.77
CA GLN C 427 -42.49 28.79 -4.68
C GLN C 427 -42.04 27.42 -5.21
N ALA C 428 -42.13 26.41 -4.35
CA ALA C 428 -41.76 25.05 -4.74
C ALA C 428 -42.67 24.53 -5.84
N LEU C 429 -43.96 24.83 -5.74
CA LEU C 429 -44.93 24.45 -6.76
C LEU C 429 -44.61 25.10 -8.10
N VAL C 430 -44.06 26.31 -8.05
CA VAL C 430 -43.66 27.03 -9.26
C VAL C 430 -42.34 26.47 -9.78
N ASP C 431 -41.41 26.18 -8.88
CA ASP C 431 -40.12 25.59 -9.24
C ASP C 431 -40.28 24.22 -9.87
N ILE C 432 -41.20 23.42 -9.33
CA ILE C 432 -41.46 22.07 -9.84
C ILE C 432 -42.36 22.13 -11.08
N GLN C 433 -42.72 23.35 -11.48
CA GLN C 433 -43.53 23.60 -12.67
C GLN C 433 -44.93 23.00 -12.60
N ASP C 434 -45.60 23.19 -11.46
CA ASP C 434 -46.99 22.79 -11.30
C ASP C 434 -47.89 24.02 -11.45
N LYS C 435 -47.89 24.86 -10.42
CA LYS C 435 -48.67 26.10 -10.43
C LYS C 435 -47.79 27.33 -10.59
N GLN C 436 -48.25 28.29 -11.40
CA GLN C 436 -47.52 29.56 -11.67
C GLN C 436 -47.07 30.74 -10.72
N ALA C 437 -46.33 31.68 -11.28
CA ALA C 437 -45.60 32.65 -10.48
C ALA C 437 -46.53 33.52 -9.66
N LYS C 438 -47.65 33.79 -10.25
CA LYS C 438 -48.68 34.48 -9.52
C LYS C 438 -49.12 33.55 -8.39
N PHE C 439 -48.95 32.25 -8.61
CA PHE C 439 -49.32 31.34 -7.56
C PHE C 439 -48.49 31.63 -6.39
N VAL C 440 -47.20 31.90 -6.62
CA VAL C 440 -46.27 32.23 -5.56
C VAL C 440 -46.80 33.38 -4.72
N GLY C 441 -47.18 34.48 -5.36
CA GLY C 441 -47.69 35.62 -4.61
C GLY C 441 -48.88 35.23 -3.70
N SER C 442 -49.82 34.43 -4.18
CA SER C 442 -51.23 34.30 -3.73
C SER C 442 -51.76 33.75 -2.39
N ARG C 443 -53.09 33.79 -2.20
CA ARG C 443 -53.84 33.24 -1.07
C ARG C 443 -54.70 32.10 -1.63
N GLN C 444 -54.15 31.41 -2.62
CA GLN C 444 -54.86 30.34 -3.31
C GLN C 444 -55.00 29.08 -2.45
N TRP C 445 -55.87 28.17 -2.90
CA TRP C 445 -56.08 26.90 -2.22
C TRP C 445 -55.16 25.83 -2.83
N ILE C 446 -54.67 24.93 -1.99
CA ILE C 446 -53.96 23.75 -2.47
C ILE C 446 -54.55 22.50 -1.81
N GLY C 447 -54.00 21.33 -2.14
CA GLY C 447 -54.47 20.09 -1.57
C GLY C 447 -53.37 19.07 -1.38
N SER C 448 -53.76 17.82 -1.10
CA SER C 448 -52.82 16.73 -0.88
C SER C 448 -51.86 16.53 -2.05
N THR C 449 -52.38 16.68 -3.26
CA THR C 449 -51.59 16.45 -4.46
C THR C 449 -50.50 17.50 -4.64
N GLU C 450 -50.73 18.71 -4.14
CA GLU C 450 -49.70 19.74 -4.14
C GLU C 450 -48.71 19.51 -3.00
N ILE C 451 -49.22 19.05 -1.86
CA ILE C 451 -48.38 18.70 -0.72
C ILE C 451 -47.35 17.64 -1.11
N SER C 452 -47.81 16.60 -1.79
CA SER C 452 -46.93 15.52 -2.23
C SER C 452 -45.82 16.05 -3.15
N PHE C 453 -46.12 17.08 -3.92
CA PHE C 453 -45.14 17.66 -4.82
C PHE C 453 -44.06 18.44 -4.09
N VAL C 454 -44.45 19.23 -3.09
CA VAL C 454 -43.51 20.02 -2.32
C VAL C 454 -42.55 19.13 -1.52
N LEU C 455 -43.09 18.09 -0.90
CA LEU C 455 -42.28 17.09 -0.19
C LEU C 455 -41.24 16.46 -1.11
N ASN C 456 -41.61 16.27 -2.37
CA ASN C 456 -40.72 15.67 -3.36
C ASN C 456 -39.67 16.66 -3.89
N GLU C 457 -40.03 17.93 -3.92
CA GLU C 457 -39.11 18.96 -4.40
C GLU C 457 -38.14 19.41 -3.31
N LEU C 458 -38.67 19.68 -2.13
CA LEU C 458 -37.86 20.19 -1.02
C LEU C 458 -37.13 19.09 -0.25
N LEU C 459 -37.70 17.89 -0.21
CA LEU C 459 -37.14 16.82 0.61
C LEU C 459 -36.90 15.51 -0.13
N LYS C 460 -37.15 15.49 -1.44
CA LYS C 460 -36.99 14.29 -2.26
C LYS C 460 -37.81 13.12 -1.69
N LEU C 461 -39.00 13.43 -1.17
CA LEU C 461 -39.84 12.43 -0.54
C LEU C 461 -40.81 11.79 -1.52
N GLU C 462 -41.23 10.57 -1.22
CA GLU C 462 -42.21 9.86 -2.02
C GLU C 462 -43.49 9.74 -1.21
N CYS C 463 -44.63 9.99 -1.83
CA CYS C 463 -45.90 9.93 -1.12
C CYS C 463 -46.87 8.92 -1.75
N ARG C 464 -47.72 8.33 -0.91
CA ARG C 464 -48.74 7.41 -1.38
C ARG C 464 -50.13 7.96 -1.09
N PHE C 465 -51.10 7.62 -1.94
CA PHE C 465 -52.43 8.20 -1.82
C PHE C 465 -53.54 7.19 -1.54
N ILE C 466 -54.53 7.61 -0.76
CA ILE C 466 -55.78 6.90 -0.63
C ILE C 466 -56.84 7.76 -1.29
N ALA C 467 -57.15 7.46 -2.55
CA ALA C 467 -58.10 8.26 -3.32
C ALA C 467 -59.53 7.73 -3.22
N THR C 468 -60.40 8.53 -2.61
CA THR C 468 -61.80 8.12 -2.41
C THR C 468 -62.76 9.00 -3.21
N ASN C 469 -64.01 8.56 -3.32
CA ASN C 469 -65.04 9.31 -4.01
C ASN C 469 -66.16 9.74 -3.07
N SER C 470 -66.07 9.32 -1.81
CA SER C 470 -67.07 9.64 -0.81
C SER C 470 -66.50 9.48 0.60
N GLY C 471 -67.12 10.15 1.57
CA GLY C 471 -66.70 10.06 2.96
C GLY C 471 -67.04 8.71 3.57
N ALA C 472 -67.87 7.94 2.86
CA ALA C 472 -68.22 6.60 3.29
C ALA C 472 -67.11 5.62 2.90
N GLU C 473 -66.43 5.92 1.79
CA GLU C 473 -65.33 5.09 1.30
C GLU C 473 -64.11 5.27 2.20
N VAL C 474 -63.97 6.47 2.77
CA VAL C 474 -62.92 6.75 3.74
C VAL C 474 -63.04 5.80 4.94
N VAL C 475 -64.28 5.60 5.39
CA VAL C 475 -64.56 4.71 6.52
C VAL C 475 -64.35 3.24 6.13
N GLU C 476 -64.76 2.89 4.92
CA GLU C 476 -64.62 1.53 4.42
C GLU C 476 -63.15 1.12 4.28
N ARG C 477 -62.33 2.04 3.79
CA ARG C 477 -60.91 1.77 3.57
C ARG C 477 -60.08 2.27 4.76
N VAL C 478 -60.53 1.95 5.97
CA VAL C 478 -59.83 2.37 7.18
C VAL C 478 -58.59 1.51 7.41
N ARG C 479 -58.66 0.25 6.99
CA ARG C 479 -57.56 -0.68 7.15
C ARG C 479 -56.30 -0.17 6.44
N GLU C 480 -56.50 0.61 5.37
CA GLU C 480 -55.40 1.19 4.63
C GLU C 480 -54.72 2.28 5.45
N LEU C 481 -55.49 2.96 6.29
CA LEU C 481 -54.94 3.96 7.20
C LEU C 481 -54.22 3.27 8.36
N ALA C 482 -54.88 2.29 8.96
CA ALA C 482 -54.33 1.55 10.08
C ALA C 482 -53.02 0.85 9.70
N ARG C 483 -52.95 0.38 8.47
CA ARG C 483 -51.72 -0.20 7.95
C ARG C 483 -50.63 0.85 7.90
N HIS C 484 -50.97 2.01 7.34
CA HIS C 484 -50.02 3.12 7.18
C HIS C 484 -49.35 3.54 8.48
N PHE C 485 -50.15 3.79 9.51
CA PHE C 485 -49.64 4.20 10.81
C PHE C 485 -48.79 3.11 11.44
N GLU C 486 -49.11 1.86 11.12
CA GLU C 486 -48.37 0.72 11.64
C GLU C 486 -47.05 0.53 10.92
N THR C 487 -47.00 0.94 9.64
CA THR C 487 -45.81 0.74 8.83
C THR C 487 -44.97 2.01 8.61
N SER C 488 -45.63 3.15 8.37
CA SER C 488 -44.91 4.39 8.09
C SER C 488 -44.95 5.34 9.28
N GLY C 489 -46.09 5.42 9.94
CA GLY C 489 -46.23 6.22 11.15
C GLY C 489 -46.38 7.71 10.91
N THR C 490 -46.12 8.15 9.68
CA THR C 490 -46.21 9.57 9.35
C THR C 490 -47.65 10.06 9.42
N PRO C 491 -47.85 11.30 9.86
CA PRO C 491 -49.21 11.88 9.93
C PRO C 491 -49.81 12.06 8.54
N VAL C 492 -51.12 11.89 8.44
CA VAL C 492 -51.80 11.97 7.15
C VAL C 492 -52.67 13.22 7.06
N MET C 493 -52.52 13.98 5.99
CA MET C 493 -53.49 15.05 5.72
C MET C 493 -54.60 14.49 4.86
N ILE C 494 -55.81 14.99 5.08
CA ILE C 494 -56.96 14.60 4.26
C ILE C 494 -57.62 15.85 3.70
N GLY C 495 -57.94 15.83 2.41
CA GLY C 495 -58.49 16.98 1.75
C GLY C 495 -59.74 16.68 0.94
N GLY C 496 -60.85 17.31 1.35
CA GLY C 496 -62.11 17.16 0.66
C GLY C 496 -63.16 18.05 1.29
N ASN C 497 -64.24 18.34 0.55
CA ASN C 497 -65.32 19.20 1.03
C ASN C 497 -64.81 20.58 1.43
N MET C 498 -63.90 21.13 0.62
CA MET C 498 -63.30 22.45 0.85
C MET C 498 -62.52 22.55 2.16
N LEU C 499 -62.30 21.43 2.84
CA LEU C 499 -61.59 21.43 4.11
C LEU C 499 -60.37 20.52 4.11
N ALA C 500 -59.32 20.94 4.82
CA ALA C 500 -58.13 20.11 4.98
C ALA C 500 -57.95 19.77 6.46
N HIS C 501 -57.67 18.49 6.74
CA HIS C 501 -57.46 18.06 8.12
C HIS C 501 -56.18 17.24 8.24
N THR C 502 -55.90 16.76 9.44
CA THR C 502 -54.73 15.93 9.69
C THR C 502 -55.11 14.71 10.55
N ILE C 503 -54.96 13.53 9.98
CA ILE C 503 -55.32 12.29 10.67
C ILE C 503 -54.09 11.69 11.36
N LEU C 504 -54.18 11.48 12.67
CA LEU C 504 -53.05 11.03 13.46
C LEU C 504 -53.23 9.61 13.98
N GLY C 505 -54.46 9.11 13.89
CA GLY C 505 -54.76 7.77 14.37
C GLY C 505 -56.12 7.29 13.91
N VAL C 506 -56.42 6.03 14.21
CA VAL C 506 -57.69 5.44 13.83
C VAL C 506 -58.07 4.29 14.77
N ASP C 507 -59.35 4.24 15.15
CA ASP C 507 -59.85 3.19 16.02
C ASP C 507 -60.89 2.37 15.26
N PHE C 508 -60.61 1.09 15.08
CA PHE C 508 -61.41 0.26 14.18
C PHE C 508 -61.67 -1.15 14.69
N ASN C 509 -62.94 -1.46 14.93
CA ASN C 509 -63.35 -2.80 15.34
C ASN C 509 -63.77 -3.63 14.13
N ASP C 510 -63.02 -4.69 13.85
CA ASP C 510 -63.24 -5.50 12.65
C ASP C 510 -64.33 -6.56 12.85
N THR C 511 -65.24 -6.30 13.78
CA THR C 511 -66.40 -7.15 14.00
C THR C 511 -67.65 -6.29 14.08
N THR C 512 -67.52 -5.14 14.73
CA THR C 512 -68.60 -4.18 14.86
C THR C 512 -68.72 -3.34 13.60
N GLY C 513 -67.57 -2.97 13.04
CA GLY C 513 -67.54 -2.07 11.90
C GLY C 513 -67.45 -0.64 12.36
N GLU C 514 -67.54 -0.46 13.68
CA GLU C 514 -67.46 0.86 14.30
C GLU C 514 -66.08 1.46 14.06
N THR C 515 -66.05 2.72 13.63
CA THR C 515 -64.80 3.36 13.26
C THR C 515 -64.71 4.81 13.73
N LYS C 516 -63.60 5.13 14.40
CA LYS C 516 -63.37 6.47 14.91
C LYS C 516 -62.06 7.03 14.35
N PHE C 517 -62.01 8.34 14.15
CA PHE C 517 -60.81 8.98 13.61
C PHE C 517 -60.20 9.99 14.58
N LEU C 518 -58.87 9.95 14.72
CA LEU C 518 -58.17 10.95 15.52
C LEU C 518 -57.74 12.09 14.61
N VAL C 519 -58.35 13.26 14.79
CA VAL C 519 -58.14 14.37 13.88
C VAL C 519 -57.49 15.60 14.54
N LEU C 520 -56.41 16.09 13.93
CA LEU C 520 -55.82 17.36 14.32
C LEU C 520 -56.34 18.44 13.38
N ASP C 521 -57.09 19.39 13.92
CA ASP C 521 -57.75 20.40 13.11
C ASP C 521 -56.83 21.59 12.81
N PRO C 522 -56.41 21.73 11.54
CA PRO C 522 -55.49 22.79 11.11
C PRO C 522 -56.12 24.16 11.28
N HIS C 523 -57.44 24.20 11.41
CA HIS C 523 -58.17 25.45 11.59
C HIS C 523 -57.85 26.03 12.97
N TYR C 524 -58.00 27.33 13.09
CA TYR C 524 -57.26 28.09 14.05
C TYR C 524 -57.75 28.18 15.46
N THR C 525 -56.92 27.69 16.37
CA THR C 525 -57.12 27.95 17.78
C THR C 525 -56.40 29.22 18.29
N GLY C 526 -56.69 29.63 19.50
CA GLY C 526 -56.03 30.81 20.04
C GLY C 526 -54.51 30.74 20.12
N SER C 527 -54.01 29.92 21.04
CA SER C 527 -52.58 29.75 21.20
C SER C 527 -52.25 28.39 21.80
N GLU C 528 -51.04 28.25 22.34
CA GLU C 528 -50.63 27.00 22.97
C GLU C 528 -51.40 26.73 24.26
N ASP C 529 -52.59 26.15 24.13
CA ASP C 529 -53.39 25.79 25.29
C ASP C 529 -54.15 24.50 25.00
N ILE C 530 -53.67 23.40 25.56
CA ILE C 530 -54.27 22.09 25.30
C ILE C 530 -55.69 21.98 25.88
N LYS C 531 -55.94 22.62 27.02
CA LYS C 531 -57.26 22.58 27.66
C LYS C 531 -58.37 22.95 26.68
N THR C 532 -58.11 23.98 25.89
CA THR C 532 -59.03 24.35 24.81
C THR C 532 -58.96 23.27 23.73
N ILE C 533 -57.77 23.04 23.20
CA ILE C 533 -57.56 22.09 22.11
C ILE C 533 -58.06 20.67 22.41
N THR C 534 -57.77 20.17 23.60
CA THR C 534 -58.20 18.84 24.00
C THR C 534 -59.71 18.73 24.19
N SER C 535 -60.29 19.72 24.86
CA SER C 535 -61.71 19.66 25.23
C SER C 535 -62.66 20.33 24.24
N LYS C 536 -62.22 21.40 23.59
CA LYS C 536 -63.09 22.11 22.65
C LYS C 536 -63.05 21.49 21.25
N GLY C 537 -62.43 20.32 21.13
CA GLY C 537 -62.56 19.49 19.95
C GLY C 537 -61.55 19.66 18.82
N TRP C 538 -60.60 20.58 18.98
CA TRP C 538 -59.64 20.86 17.90
C TRP C 538 -58.63 19.72 17.68
N CYS C 539 -58.44 18.91 18.71
CA CYS C 539 -57.64 17.70 18.58
C CYS C 539 -58.24 16.59 19.42
N ALA C 540 -59.26 15.93 18.87
CA ALA C 540 -59.94 14.85 19.57
C ALA C 540 -60.29 13.72 18.61
N TRP C 541 -61.04 12.74 19.11
CA TRP C 541 -61.50 11.65 18.26
C TRP C 541 -62.84 12.01 17.60
N LYS C 542 -62.96 11.67 16.32
CA LYS C 542 -64.16 11.98 15.56
C LYS C 542 -64.87 10.71 15.13
N PRO C 543 -66.21 10.74 15.07
CA PRO C 543 -66.98 9.58 14.62
C PRO C 543 -66.80 9.39 13.12
N ALA C 544 -67.23 8.24 12.59
CA ALA C 544 -67.08 7.97 11.16
C ALA C 544 -67.92 8.92 10.32
N SER C 545 -68.89 9.58 10.95
CA SER C 545 -69.76 10.53 10.28
C SER C 545 -69.11 11.90 10.14
N PHE C 546 -67.83 11.98 10.47
CA PHE C 546 -67.10 13.24 10.39
C PHE C 546 -66.87 13.66 8.94
N TRP C 547 -66.78 12.67 8.06
CA TRP C 547 -66.53 12.94 6.65
C TRP C 547 -67.82 12.97 5.85
N SER C 548 -67.97 13.99 5.01
CA SER C 548 -69.16 14.15 4.18
C SER C 548 -69.28 13.03 3.14
N LYS C 549 -70.45 12.41 3.08
CA LYS C 549 -70.69 11.31 2.16
C LYS C 549 -70.93 11.81 0.74
N ASP C 550 -71.14 13.12 0.62
CA ASP C 550 -71.48 13.73 -0.68
C ASP C 550 -70.25 14.28 -1.39
N HIS C 551 -69.09 14.24 -0.75
CA HIS C 551 -67.87 14.76 -1.34
C HIS C 551 -66.74 13.75 -1.37
N PHE C 552 -65.85 13.89 -2.35
CA PHE C 552 -64.72 12.98 -2.48
C PHE C 552 -63.57 13.43 -1.56
N TYR C 553 -62.81 12.47 -1.04
CA TYR C 553 -61.70 12.79 -0.16
C TYR C 553 -60.39 12.18 -0.66
N ASN C 554 -59.30 12.92 -0.50
CA ASN C 554 -57.98 12.39 -0.78
C ASN C 554 -57.09 12.44 0.46
N MET C 555 -56.26 11.41 0.62
CA MET C 555 -55.33 11.36 1.74
C MET C 555 -53.93 11.14 1.19
N VAL C 556 -52.99 12.00 1.59
CA VAL C 556 -51.60 11.78 1.21
C VAL C 556 -50.86 11.10 2.37
N LEU C 557 -50.11 10.05 2.04
CA LEU C 557 -49.40 9.26 3.04
C LEU C 557 -47.91 9.39 2.81
N PRO C 558 -47.27 10.38 3.47
CA PRO C 558 -45.84 10.63 3.28
C PRO C 558 -45.00 9.43 3.70
N GLN C 559 -44.05 9.02 2.86
CA GLN C 559 -43.28 7.81 3.11
C GLN C 559 -41.83 8.13 3.47
N PRO C 560 -41.42 7.73 4.69
CA PRO C 560 -40.06 8.02 5.19
C PRO C 560 -39.00 7.12 4.54
N PRO C 561 -37.82 7.70 4.26
CA PRO C 561 -36.70 6.96 3.66
C PRO C 561 -36.16 5.86 4.57
N SER C 562 -35.09 5.19 4.16
CA SER C 562 -34.57 4.04 4.90
C SER C 562 -33.08 4.14 5.25
N ASP C 563 -32.66 5.29 5.77
CA ASP C 563 -31.24 5.51 6.09
C ASP C 563 -31.05 6.36 7.36
N ALA C 564 -30.00 6.06 8.12
CA ALA C 564 -29.76 6.71 9.41
C ALA C 564 -29.31 8.16 9.29
N VAL D 1 -56.95 56.47 53.69
CA VAL D 1 -57.04 57.87 54.12
C VAL D 1 -56.12 58.12 55.31
N ASN D 2 -55.13 57.24 55.48
CA ASN D 2 -54.15 57.38 56.57
C ASN D 2 -53.01 58.31 56.19
N GLU D 3 -53.07 59.55 56.68
CA GLU D 3 -52.07 60.55 56.36
C GLU D 3 -51.23 60.90 57.58
N LEU D 4 -51.46 60.19 58.69
CA LEU D 4 -50.76 60.48 59.93
C LEU D 4 -49.57 59.54 60.17
N TRP D 5 -48.45 60.11 60.62
CA TRP D 5 -47.28 59.34 60.96
C TRP D 5 -47.19 59.16 62.47
N PHE D 6 -46.60 58.05 62.91
CA PHE D 6 -46.43 57.80 64.33
C PHE D 6 -44.94 57.72 64.67
N ILE D 7 -44.57 58.24 65.83
CA ILE D 7 -43.16 58.34 66.20
C ILE D 7 -42.95 58.33 67.72
N ASP D 8 -42.04 57.48 68.19
CA ASP D 8 -41.68 57.46 69.59
C ASP D 8 -40.82 58.68 69.90
N ALA D 9 -41.45 59.72 70.42
CA ALA D 9 -40.76 60.98 70.70
C ALA D 9 -39.69 60.81 71.76
N GLN D 10 -39.99 60.03 72.79
CA GLN D 10 -39.05 59.78 73.88
C GLN D 10 -37.77 59.10 73.39
N ALA D 11 -37.92 58.16 72.47
CA ALA D 11 -36.77 57.48 71.89
C ALA D 11 -35.90 58.47 71.11
N MET D 12 -36.55 59.37 70.39
CA MET D 12 -35.86 60.41 69.64
C MET D 12 -35.07 61.33 70.57
N PHE D 13 -35.70 61.74 71.66
CA PHE D 13 -35.06 62.61 72.64
C PHE D 13 -33.84 61.94 73.28
N GLN D 14 -33.94 60.63 73.52
CA GLN D 14 -32.84 59.88 74.11
C GLN D 14 -31.65 59.82 73.17
N ASN D 15 -31.93 59.56 71.88
CA ASN D 15 -30.88 59.53 70.87
C ASN D 15 -30.17 60.87 70.74
N TYR D 16 -30.91 61.96 70.91
CA TYR D 16 -30.32 63.29 70.86
C TYR D 16 -29.38 63.50 72.05
N ALA D 17 -29.78 63.00 73.22
CA ALA D 17 -28.95 63.11 74.41
C ALA D 17 -27.66 62.31 74.27
N ASN D 18 -27.76 61.13 73.66
CA ASN D 18 -26.62 60.25 73.47
C ASN D 18 -25.54 60.85 72.56
N LEU D 19 -25.96 61.66 71.59
CA LEU D 19 -25.03 62.34 70.69
C LEU D 19 -24.32 63.48 71.42
N ARG D 20 -25.05 64.17 72.27
CA ARG D 20 -24.52 65.32 73.00
C ARG D 20 -23.46 64.91 74.02
N SER D 21 -23.43 63.63 74.35
CA SER D 21 -22.48 63.10 75.32
C SER D 21 -21.05 63.04 74.77
N PHE D 22 -20.87 63.51 73.55
CA PHE D 22 -19.56 63.48 72.90
C PHE D 22 -18.92 64.86 72.79
N SER D 23 -18.72 65.51 73.93
CA SER D 23 -17.95 66.75 73.98
C SER D 23 -16.48 66.41 74.14
N LYS D 24 -16.18 65.12 74.18
CA LYS D 24 -14.83 64.62 74.38
C LYS D 24 -14.22 64.21 73.05
N SER D 25 -14.95 63.42 72.29
CA SER D 25 -14.48 62.93 70.99
C SER D 25 -15.16 63.67 69.84
N ASN D 31 -18.47 75.60 67.57
CA ASN D 31 -19.28 74.38 67.52
C ASN D 31 -20.26 74.40 66.34
N THR D 32 -20.40 73.27 65.66
CA THR D 32 -21.22 73.20 64.44
C THR D 32 -22.65 72.72 64.71
N THR D 33 -23.52 72.91 63.72
CA THR D 33 -24.95 72.63 63.87
C THR D 33 -25.29 71.14 63.90
N ILE D 34 -26.54 70.82 64.23
CA ILE D 34 -26.97 69.43 64.37
C ILE D 34 -28.20 69.13 63.51
N GLY D 35 -28.08 68.14 62.64
CA GLY D 35 -29.20 67.67 61.85
C GLY D 35 -29.39 66.18 62.07
N GLY D 36 -30.11 65.51 61.17
CA GLY D 36 -30.32 64.08 61.34
C GLY D 36 -31.18 63.40 60.29
N PHE D 37 -31.16 62.07 60.30
CA PHE D 37 -31.98 61.28 59.40
C PHE D 37 -33.11 60.62 60.17
N VAL D 38 -34.26 60.46 59.52
CA VAL D 38 -35.39 59.76 60.14
C VAL D 38 -35.66 58.47 59.39
N PHE D 39 -35.38 57.34 60.04
CA PHE D 39 -35.65 56.04 59.43
C PHE D 39 -36.90 55.43 60.05
N GLY D 40 -37.64 54.68 59.23
CA GLY D 40 -38.86 54.04 59.70
C GLY D 40 -39.47 53.13 58.66
N ARG D 41 -40.69 52.66 58.93
CA ARG D 41 -41.41 51.81 58.00
C ARG D 41 -42.34 52.66 57.12
N LYS D 42 -41.92 52.88 55.89
CA LYS D 42 -42.59 53.79 54.96
C LYS D 42 -44.06 53.46 54.71
N ALA D 43 -44.37 52.17 54.64
CA ALA D 43 -45.72 51.72 54.34
C ALA D 43 -46.73 52.09 55.43
N ARG D 44 -46.45 51.65 56.66
CA ARG D 44 -47.36 51.87 57.78
C ARG D 44 -47.14 53.23 58.44
N LYS D 45 -46.26 54.05 57.85
CA LYS D 45 -45.95 55.37 58.36
C LYS D 45 -45.59 55.38 59.84
N GLN D 46 -44.49 54.71 60.16
CA GLN D 46 -44.07 54.55 61.55
C GLN D 46 -42.56 54.78 61.68
N VAL D 47 -42.18 55.76 62.48
CA VAL D 47 -40.78 56.09 62.67
C VAL D 47 -40.13 55.14 63.69
N ILE D 48 -39.06 54.48 63.27
CA ILE D 48 -38.39 53.48 64.10
C ILE D 48 -37.04 53.99 64.61
N HIS D 49 -36.33 54.71 63.75
CA HIS D 49 -35.01 55.23 64.12
C HIS D 49 -34.83 56.70 63.76
N VAL D 50 -34.60 57.53 64.76
CA VAL D 50 -34.21 58.92 64.53
C VAL D 50 -32.75 59.10 64.90
N LEU D 51 -31.90 59.27 63.90
CA LEU D 51 -30.46 59.38 64.13
C LEU D 51 -29.97 60.81 63.91
N PHE D 52 -29.52 61.45 64.99
CA PHE D 52 -28.97 62.79 64.90
C PHE D 52 -27.48 62.74 64.56
N ALA D 53 -26.98 63.78 63.91
CA ALA D 53 -25.57 63.86 63.55
C ALA D 53 -25.17 65.30 63.28
N TYR D 54 -23.89 65.61 63.50
CA TYR D 54 -23.39 66.96 63.26
C TYR D 54 -23.26 67.24 61.77
N ALA D 55 -23.03 68.48 61.43
CA ALA D 55 -23.14 68.90 60.08
C ALA D 55 -22.17 68.20 59.21
N GLU D 56 -21.03 67.84 59.76
CA GLU D 56 -20.03 67.15 58.99
C GLU D 56 -20.54 65.81 58.57
N ASP D 57 -21.28 65.20 59.45
CA ASP D 57 -21.62 63.82 59.33
C ASP D 57 -22.90 63.65 58.60
N LEU D 58 -23.39 64.70 58.02
CA LEU D 58 -24.64 64.65 57.32
C LEU D 58 -24.47 64.35 55.88
N THR D 59 -23.30 63.93 55.50
CA THR D 59 -23.26 63.27 54.09
C THR D 59 -24.02 61.96 53.48
N GLU D 60 -24.36 61.87 52.16
CA GLU D 60 -24.98 60.72 51.52
C GLU D 60 -24.19 59.45 51.81
N SER D 61 -22.87 59.59 51.92
CA SER D 61 -21.99 58.49 52.25
C SER D 61 -22.35 57.86 53.61
N ASN D 62 -22.74 58.71 54.56
CA ASN D 62 -23.07 58.24 55.90
C ASN D 62 -24.48 57.65 56.01
N ARG D 63 -25.44 58.25 55.32
CA ARG D 63 -26.82 57.74 55.35
C ARG D 63 -26.92 56.40 54.63
N GLN D 64 -26.01 56.17 53.70
CA GLN D 64 -25.94 54.89 53.00
C GLN D 64 -25.35 53.82 53.90
N PHE D 65 -24.52 54.23 54.85
CA PHE D 65 -23.96 53.31 55.83
C PHE D 65 -24.99 53.01 56.90
N LEU D 66 -25.75 54.02 57.29
CA LEU D 66 -26.78 53.86 58.31
C LEU D 66 -27.90 52.93 57.82
N GLU D 67 -28.44 53.21 56.64
CA GLU D 67 -29.55 52.46 56.10
C GLU D 67 -29.15 51.01 55.78
N SER D 68 -27.85 50.80 55.54
CA SER D 68 -27.33 49.46 55.28
C SER D 68 -27.15 48.67 56.56
N SER D 69 -27.29 49.35 57.70
CA SER D 69 -27.09 48.74 59.00
C SER D 69 -28.41 48.41 59.70
N LEU D 70 -29.50 49.00 59.20
CA LEU D 70 -30.82 48.79 59.79
C LEU D 70 -31.52 47.62 59.11
N SER D 71 -32.60 47.13 59.72
CA SER D 71 -33.36 46.01 59.17
C SER D 71 -33.94 46.35 57.79
N ALA D 72 -34.16 45.31 56.97
CA ALA D 72 -34.49 45.49 55.56
C ALA D 72 -35.88 46.10 55.30
N ASP D 73 -36.71 46.16 56.33
CA ASP D 73 -38.04 46.73 56.18
C ASP D 73 -38.03 48.22 56.53
N ILE D 74 -36.92 48.68 57.11
CA ILE D 74 -36.79 50.07 57.52
C ILE D 74 -35.94 50.86 56.51
N GLU D 75 -36.44 52.02 56.10
CA GLU D 75 -35.75 52.85 55.13
C GLU D 75 -35.83 54.33 55.53
N LEU D 76 -35.08 55.18 54.83
CA LEU D 76 -35.11 56.61 55.07
C LEU D 76 -36.46 57.19 54.69
N VAL D 77 -37.23 57.62 55.68
CA VAL D 77 -38.56 58.16 55.43
C VAL D 77 -38.58 59.69 55.50
N GLY D 78 -37.49 60.28 55.97
CA GLY D 78 -37.38 61.73 56.05
C GLY D 78 -36.18 62.21 56.85
N ASN D 79 -36.09 63.53 57.02
CA ASN D 79 -35.04 64.13 57.84
C ASN D 79 -35.61 65.10 58.86
N LEU D 80 -34.74 65.87 59.52
CA LEU D 80 -35.19 66.82 60.54
C LEU D 80 -34.40 68.12 60.49
N ASN D 81 -35.02 69.20 60.96
CA ASN D 81 -34.39 70.51 60.96
C ASN D 81 -34.49 71.16 62.33
N ILE D 82 -33.38 71.17 63.08
CA ILE D 82 -33.35 71.73 64.43
C ILE D 82 -33.02 73.22 64.39
N ASP D 83 -33.89 74.03 64.98
CA ASP D 83 -33.72 75.49 65.05
C ASP D 83 -33.63 76.17 63.68
N GLY D 84 -34.05 75.46 62.64
CA GLY D 84 -34.11 76.02 61.30
C GLY D 84 -32.77 76.42 60.70
N GLN D 85 -31.68 76.00 61.34
CA GLN D 85 -30.35 76.36 60.85
C GLN D 85 -29.47 75.12 60.66
N SER D 86 -30.11 73.96 60.60
CA SER D 86 -29.38 72.70 60.39
C SER D 86 -29.29 72.36 58.91
N GLN D 87 -28.21 71.68 58.53
CA GLN D 87 -28.04 71.20 57.17
C GLN D 87 -29.07 70.12 56.87
N ILE D 88 -29.61 70.13 55.65
CA ILE D 88 -30.61 69.15 55.24
C ILE D 88 -30.17 68.40 53.99
N LEU D 89 -30.16 67.08 54.07
CA LEU D 89 -29.77 66.24 52.95
C LEU D 89 -31.02 65.80 52.18
N PRO D 90 -30.88 65.57 50.86
CA PRO D 90 -31.99 65.00 50.09
C PRO D 90 -32.38 63.65 50.66
N GLY D 91 -33.63 63.51 51.11
CA GLY D 91 -34.06 62.29 51.77
C GLY D 91 -35.51 61.92 51.53
N GLY D 92 -36.23 61.65 52.61
CA GLY D 92 -37.59 61.15 52.53
C GLY D 92 -38.66 62.16 52.11
N GLN D 93 -39.84 62.00 52.68
CA GLN D 93 -41.01 62.77 52.24
C GLN D 93 -41.44 63.85 53.22
N PHE D 94 -40.69 64.01 54.30
CA PHE D 94 -40.96 65.07 55.27
C PHE D 94 -39.70 65.63 55.91
N THR D 95 -39.89 66.64 56.77
CA THR D 95 -38.78 67.28 57.47
C THR D 95 -39.24 67.73 58.85
N LEU D 96 -38.83 66.99 59.87
CA LEU D 96 -39.23 67.28 61.25
C LEU D 96 -38.78 68.67 61.68
N GLN D 97 -39.73 69.49 62.13
CA GLN D 97 -39.40 70.82 62.63
C GLN D 97 -39.13 70.74 64.13
N LEU D 98 -37.86 70.89 64.50
CA LEU D 98 -37.46 70.75 65.90
C LEU D 98 -36.72 71.98 66.40
N THR D 99 -36.63 72.09 67.72
CA THR D 99 -35.85 73.16 68.35
C THR D 99 -34.96 72.54 69.44
N SER D 100 -33.82 73.18 69.71
CA SER D 100 -32.93 72.71 70.77
C SER D 100 -33.61 72.84 72.11
N ARG D 101 -34.56 73.78 72.19
CA ARG D 101 -35.30 74.02 73.42
C ARG D 101 -36.25 72.86 73.71
N MET D 102 -36.93 72.35 72.69
CA MET D 102 -37.87 71.24 72.87
C MET D 102 -37.13 69.92 73.04
N LEU D 103 -35.90 69.86 72.53
CA LEU D 103 -35.14 68.62 72.51
C LEU D 103 -34.44 68.35 73.84
N GLU D 104 -34.02 69.41 74.50
CA GLU D 104 -33.32 69.29 75.78
C GLU D 104 -34.30 69.19 76.94
N ASN D 105 -35.46 69.83 76.80
CA ASN D 105 -36.50 69.74 77.81
C ASN D 105 -37.39 68.51 77.59
N ARG D 106 -37.15 67.82 76.47
CA ARG D 106 -37.95 66.66 76.07
C ARG D 106 -39.43 67.00 76.05
N SER D 107 -39.75 68.22 75.60
CA SER D 107 -41.12 68.69 75.58
C SER D 107 -41.91 68.06 74.45
N ILE D 108 -42.48 66.89 74.72
CA ILE D 108 -43.40 66.24 73.79
C ILE D 108 -44.60 67.17 73.60
N SER D 109 -44.88 67.96 74.65
CA SER D 109 -45.93 68.97 74.62
C SER D 109 -45.69 69.98 73.50
N GLU D 110 -44.42 70.24 73.20
CA GLU D 110 -44.04 71.25 72.22
C GLU D 110 -43.81 70.65 70.83
N PHE D 111 -43.36 69.40 70.78
CA PHE D 111 -43.09 68.73 69.52
C PHE D 111 -44.36 68.46 68.72
N LEU D 112 -45.37 67.92 69.39
CA LEU D 112 -46.62 67.49 68.75
C LEU D 112 -47.34 68.60 67.99
N ASP D 113 -47.40 69.79 68.58
CA ASP D 113 -48.11 70.91 67.97
C ASP D 113 -47.20 71.74 67.06
N MET D 114 -45.97 71.29 66.88
CA MET D 114 -45.06 71.92 65.93
C MET D 114 -44.93 71.03 64.70
N ASN D 115 -45.16 69.74 64.90
CA ASN D 115 -45.24 68.78 63.80
C ASN D 115 -46.62 68.12 63.79
N VAL D 116 -47.51 68.63 62.95
CA VAL D 116 -48.92 68.24 62.95
C VAL D 116 -49.16 66.79 62.54
N MET D 117 -48.49 66.36 61.47
CA MET D 117 -48.69 65.02 60.92
C MET D 117 -48.33 63.88 61.88
N PHE D 118 -47.66 64.22 62.98
CA PHE D 118 -47.11 63.20 63.86
C PHE D 118 -47.84 63.05 65.18
N ASN D 119 -48.09 61.80 65.57
CA ASN D 119 -48.67 61.49 66.87
C ASN D 119 -47.71 60.59 67.65
N ASN D 120 -47.61 60.81 68.95
CA ASN D 120 -46.70 60.02 69.78
C ASN D 120 -47.17 58.57 69.90
N GLU D 121 -46.22 57.66 70.11
CA GLU D 121 -46.51 56.24 70.28
C GLU D 121 -45.30 55.50 70.83
N HIS D 122 -45.51 54.76 71.91
CA HIS D 122 -44.43 53.94 72.45
C HIS D 122 -44.20 52.75 71.52
N VAL D 123 -43.28 52.91 70.58
CA VAL D 123 -43.02 51.88 69.57
C VAL D 123 -42.50 50.59 70.21
N LEU D 124 -42.97 49.44 69.71
CA LEU D 124 -42.62 48.15 70.29
C LEU D 124 -42.07 47.18 69.26
N MET D 125 -41.32 46.19 69.73
CA MET D 125 -40.71 45.20 68.85
C MET D 125 -41.78 44.28 68.26
N GLU D 126 -41.63 43.95 66.97
CA GLU D 126 -42.56 43.07 66.28
C GLU D 126 -41.83 42.00 65.49
N GLY D 127 -42.55 40.94 65.14
CA GLY D 127 -42.03 39.92 64.25
C GLY D 127 -40.87 39.10 64.77
N ALA D 128 -40.52 38.05 64.04
CA ALA D 128 -39.38 37.21 64.39
C ALA D 128 -38.13 37.69 63.64
N SER D 129 -37.14 36.82 63.53
CA SER D 129 -35.92 37.15 62.81
C SER D 129 -35.39 35.95 62.03
N CYS D 130 -35.54 36.00 60.71
CA CYS D 130 -34.99 34.96 59.85
C CYS D 130 -33.49 35.18 59.70
N VAL D 131 -32.71 34.12 59.85
CA VAL D 131 -31.26 34.22 59.80
C VAL D 131 -30.65 33.09 58.98
N SER D 132 -29.67 33.43 58.16
CA SER D 132 -28.96 32.42 57.36
C SER D 132 -27.52 32.86 57.09
N ARG D 133 -26.62 31.90 57.06
CA ARG D 133 -25.21 32.18 56.78
C ARG D 133 -24.95 32.13 55.29
N VAL D 134 -24.39 33.21 54.75
CA VAL D 134 -24.03 33.26 53.33
C VAL D 134 -22.55 33.56 53.19
N GLY D 135 -22.03 33.43 51.97
CA GLY D 135 -20.63 33.68 51.71
C GLY D 135 -20.37 34.10 50.28
N TYR D 136 -19.70 35.23 50.10
CA TYR D 136 -19.35 35.71 48.77
C TYR D 136 -17.86 36.02 48.65
N GLU D 137 -17.28 35.64 47.53
CA GLU D 137 -15.85 35.84 47.29
C GLU D 137 -15.60 36.97 46.28
N TRP D 138 -14.63 37.83 46.59
CA TRP D 138 -14.27 38.92 45.70
C TRP D 138 -12.82 38.83 45.22
N SER D 139 -12.57 39.34 44.03
CA SER D 139 -11.22 39.42 43.50
C SER D 139 -10.88 40.89 43.21
N LEU D 140 -9.73 41.34 43.69
CA LEU D 140 -9.38 42.76 43.59
C LEU D 140 -8.08 42.98 42.80
N ARG D 141 -8.21 43.65 41.66
CA ARG D 141 -7.05 44.01 40.85
C ARG D 141 -6.14 44.95 41.64
N ALA D 142 -4.91 44.49 41.89
CA ALA D 142 -3.94 45.25 42.68
C ALA D 142 -3.67 46.62 42.07
N GLY D 143 -3.53 47.62 42.93
CA GLY D 143 -3.32 48.99 42.49
C GLY D 143 -4.64 49.73 42.39
N ARG D 144 -5.72 48.98 42.24
CA ARG D 144 -7.06 49.53 42.14
C ARG D 144 -8.06 48.70 42.94
N GLU D 145 -7.69 48.38 44.17
CA GLU D 145 -8.50 47.54 45.05
C GLU D 145 -9.85 48.19 45.40
N GLN D 146 -9.78 49.43 45.88
CA GLN D 146 -10.97 50.18 46.27
C GLN D 146 -11.99 50.30 45.14
N GLU D 147 -11.49 50.53 43.93
CA GLU D 147 -12.33 50.71 42.76
C GLU D 147 -13.06 49.42 42.39
N ASP D 148 -12.44 48.28 42.70
CA ASP D 148 -13.01 46.98 42.38
C ASP D 148 -14.08 46.55 43.38
N VAL D 149 -13.85 46.81 44.66
CA VAL D 149 -14.80 46.46 45.73
C VAL D 149 -16.16 47.10 45.48
N LYS D 150 -16.15 48.39 45.16
CA LYS D 150 -17.37 49.14 44.88
C LYS D 150 -18.13 48.54 43.69
N SER D 151 -17.39 48.00 42.74
CA SER D 151 -18.00 47.41 41.55
C SER D 151 -18.21 45.90 41.70
N ALA D 152 -17.63 45.33 42.75
CA ALA D 152 -17.83 43.91 43.06
C ALA D 152 -19.14 43.73 43.83
N ALA D 153 -19.34 44.60 44.82
CA ALA D 153 -20.58 44.58 45.59
C ALA D 153 -21.74 45.08 44.72
N GLU D 154 -21.41 45.90 43.73
CA GLU D 154 -22.41 46.45 42.82
C GLU D 154 -23.04 45.35 41.98
N ARG D 155 -22.22 44.41 41.50
CA ARG D 155 -22.71 43.29 40.71
C ARG D 155 -23.33 42.23 41.60
N LEU D 156 -22.97 42.24 42.88
CA LEU D 156 -23.50 41.28 43.83
C LEU D 156 -24.98 41.55 44.08
N SER D 157 -25.31 42.82 44.33
CA SER D 157 -26.69 43.23 44.58
C SER D 157 -27.58 42.99 43.36
N MET D 158 -26.95 42.83 42.20
CA MET D 158 -27.67 42.49 40.98
C MET D 158 -28.00 40.99 40.96
N ALA D 159 -27.08 40.18 41.46
CA ALA D 159 -27.25 38.72 41.43
C ALA D 159 -27.92 38.19 42.70
N SER D 160 -28.59 39.07 43.43
CA SER D 160 -29.21 38.70 44.69
C SER D 160 -30.50 37.91 44.53
N PHE D 161 -31.15 38.04 43.38
CA PHE D 161 -32.47 37.44 43.18
C PHE D 161 -32.49 35.91 43.11
N ARG D 162 -31.47 35.33 42.48
CA ARG D 162 -31.39 33.88 42.32
C ARG D 162 -31.04 33.13 43.61
N PHE D 163 -30.84 33.86 44.70
CA PHE D 163 -30.52 33.25 45.97
C PHE D 163 -31.77 32.56 46.49
N THR D 164 -31.60 31.41 47.15
CA THR D 164 -32.73 30.67 47.67
C THR D 164 -32.47 30.20 49.10
N TYR D 165 -33.31 30.64 50.03
CA TYR D 165 -33.17 30.26 51.43
C TYR D 165 -34.17 29.16 51.77
N LEU D 166 -33.69 28.10 52.41
CA LEU D 166 -34.50 26.90 52.64
C LEU D 166 -34.42 26.38 54.06
N ASN D 167 -35.58 26.23 54.70
CA ASN D 167 -35.67 25.55 55.98
C ASN D 167 -36.13 24.11 55.74
N ALA D 168 -35.47 23.16 56.39
CA ALA D 168 -35.71 21.75 56.10
C ALA D 168 -36.76 21.09 57.00
N GLU D 169 -36.64 21.28 58.32
CA GLU D 169 -37.52 20.59 59.26
C GLU D 169 -38.97 21.07 59.20
N HIS D 170 -39.17 22.33 58.86
CA HIS D 170 -40.53 22.86 58.75
C HIS D 170 -40.97 22.94 57.28
N GLY D 171 -40.05 22.60 56.38
CA GLY D 171 -40.34 22.61 54.97
C GLY D 171 -40.68 24.00 54.45
N LEU D 172 -39.78 24.95 54.70
CA LEU D 172 -39.99 26.31 54.25
C LEU D 172 -38.99 26.69 53.17
N VAL D 173 -39.44 27.46 52.18
CA VAL D 173 -38.55 27.92 51.12
C VAL D 173 -38.85 29.36 50.73
N ILE D 174 -37.82 30.20 50.68
CA ILE D 174 -37.95 31.59 50.31
C ILE D 174 -37.12 31.88 49.06
N ARG D 175 -37.78 32.30 47.99
CA ARG D 175 -37.10 32.60 46.73
C ARG D 175 -37.95 33.53 45.88
N GLU D 176 -37.41 33.94 44.73
CA GLU D 176 -38.14 34.80 43.81
C GLU D 176 -39.39 34.11 43.27
N GLN D 177 -40.48 34.84 43.23
CA GLN D 177 -41.71 34.27 42.79
C GLN D 177 -42.61 35.37 42.36
N LYS D 178 -43.36 35.13 41.30
CA LYS D 178 -44.31 36.10 40.76
C LYS D 178 -45.34 36.37 41.83
N PRO D 179 -45.92 37.57 41.80
CA PRO D 179 -46.91 37.94 42.82
C PRO D 179 -48.09 36.97 42.98
N GLU D 180 -48.45 36.26 41.92
CA GLU D 180 -49.56 35.32 41.97
C GLU D 180 -49.21 34.02 42.70
N ALA D 181 -47.92 33.80 42.95
CA ALA D 181 -47.47 32.60 43.65
C ALA D 181 -47.33 32.85 45.15
N ALA D 182 -47.78 34.02 45.60
CA ALA D 182 -47.64 34.41 47.00
C ALA D 182 -48.53 33.58 47.93
N GLN D 183 -47.89 32.94 48.91
CA GLN D 183 -48.61 32.20 49.95
C GLN D 183 -48.86 33.16 51.12
N GLN D 184 -50.12 33.53 51.31
CA GLN D 184 -50.51 34.66 52.16
C GLN D 184 -50.22 34.83 53.65
N LYS D 185 -50.28 33.73 54.41
CA LYS D 185 -50.07 33.83 55.85
C LYS D 185 -48.90 32.87 56.09
N TYR D 186 -47.86 32.98 55.26
CA TYR D 186 -46.69 32.14 55.38
C TYR D 186 -45.86 32.54 56.59
N LEU D 187 -45.44 31.54 57.37
CA LEU D 187 -44.64 31.75 58.58
C LEU D 187 -45.35 32.53 59.69
N ASP D 188 -46.68 32.58 59.63
CA ASP D 188 -47.45 33.28 60.64
C ASP D 188 -47.38 32.52 61.97
N LYS D 189 -47.20 31.20 61.86
CA LYS D 189 -47.10 30.33 63.03
C LYS D 189 -45.78 30.53 63.79
N PHE D 190 -44.88 31.33 63.20
CA PHE D 190 -43.58 31.58 63.81
C PHE D 190 -43.47 32.99 64.36
N SER D 191 -44.27 33.92 63.83
CA SER D 191 -44.12 35.33 64.15
C SER D 191 -45.33 35.95 64.84
N LYS D 192 -46.20 35.11 65.41
CA LYS D 192 -47.42 35.59 66.05
C LYS D 192 -47.12 36.50 67.24
N GLY D 193 -46.52 35.93 68.28
CA GLY D 193 -46.11 36.71 69.43
C GLY D 193 -44.60 36.69 69.57
N ALA D 194 -43.90 36.76 68.44
CA ALA D 194 -42.45 36.64 68.43
C ALA D 194 -41.74 37.98 68.66
N VAL D 195 -40.48 37.90 69.09
CA VAL D 195 -39.64 39.08 69.27
C VAL D 195 -38.26 38.85 68.64
N PRO D 196 -37.77 39.85 67.89
CA PRO D 196 -36.58 39.75 67.02
C PRO D 196 -35.31 39.20 67.66
N TYR D 197 -35.21 39.26 68.99
CA TYR D 197 -33.98 38.83 69.68
C TYR D 197 -33.81 37.34 69.90
N LYS D 198 -34.90 36.64 70.23
CA LYS D 198 -34.81 35.21 70.51
C LYS D 198 -35.62 34.24 69.64
N ASP D 199 -36.65 34.74 68.98
CA ASP D 199 -37.42 33.91 68.05
C ASP D 199 -36.80 33.94 66.66
N VAL D 200 -35.97 32.95 66.36
CA VAL D 200 -35.28 32.91 65.08
C VAL D 200 -35.79 31.79 64.17
N ILE D 201 -35.67 31.99 62.86
CA ILE D 201 -36.00 30.97 61.89
C ILE D 201 -34.78 30.75 61.00
N GLU D 202 -34.03 29.69 61.26
CA GLU D 202 -32.77 29.47 60.57
C GLU D 202 -32.96 28.83 59.19
N PHE D 203 -32.37 29.45 58.18
CA PHE D 203 -32.46 28.94 56.81
C PHE D 203 -31.10 28.52 56.27
N THR D 204 -31.11 27.71 55.22
CA THR D 204 -29.89 27.38 54.51
C THR D 204 -29.89 28.16 53.20
N ALA D 205 -28.84 28.95 52.98
CA ALA D 205 -28.75 29.77 51.77
C ALA D 205 -28.17 28.95 50.62
N MET D 206 -28.83 29.02 49.46
CA MET D 206 -28.37 28.27 48.29
C MET D 206 -28.46 29.08 47.00
N GLN D 207 -27.75 28.62 45.98
CA GLN D 207 -27.76 29.25 44.67
C GLN D 207 -27.78 28.17 43.60
N SER D 208 -28.43 28.45 42.46
CA SER D 208 -28.52 27.46 41.39
C SER D 208 -27.15 27.18 40.78
N LEU D 209 -27.02 26.00 40.18
CA LEU D 209 -25.76 25.58 39.56
C LEU D 209 -25.63 26.14 38.16
N THR D 210 -26.74 26.59 37.59
CA THR D 210 -26.77 27.10 36.23
C THR D 210 -26.50 28.61 36.18
N ARG D 211 -25.67 29.10 37.10
CA ARG D 211 -25.31 30.52 37.11
C ARG D 211 -23.96 30.74 37.81
N ASP D 212 -23.33 31.88 37.51
CA ASP D 212 -21.98 32.17 38.01
C ASP D 212 -21.93 33.50 38.74
N HIS D 234 -0.85 39.94 39.70
CA HIS D 234 -0.80 39.93 41.16
C HIS D 234 -2.04 40.58 41.76
N PHE D 235 -3.15 39.84 41.78
CA PHE D 235 -4.39 40.34 42.33
C PHE D 235 -4.63 39.78 43.72
N THR D 236 -5.57 40.38 44.45
CA THR D 236 -5.87 39.94 45.80
C THR D 236 -7.29 39.40 45.89
N ARG D 237 -7.46 38.28 46.58
CA ARG D 237 -8.78 37.66 46.74
C ARG D 237 -9.32 37.88 48.15
N LEU D 238 -10.64 38.06 48.25
CA LEU D 238 -11.28 38.28 49.54
C LEU D 238 -12.53 37.42 49.70
N VAL D 239 -12.46 36.43 50.59
CA VAL D 239 -13.61 35.59 50.90
C VAL D 239 -14.28 36.09 52.18
N THR D 240 -15.59 36.31 52.12
CA THR D 240 -16.32 36.82 53.27
C THR D 240 -17.55 35.97 53.60
N ILE D 241 -17.53 35.38 54.80
CA ILE D 241 -18.68 34.63 55.30
C ILE D 241 -19.33 35.45 56.41
N GLY D 242 -20.66 35.42 56.50
CA GLY D 242 -21.35 36.18 57.52
C GLY D 242 -22.85 35.95 57.54
N GLU D 243 -23.46 36.26 58.67
CA GLU D 243 -24.91 36.15 58.83
C GLU D 243 -25.63 37.15 57.94
N VAL D 244 -26.90 36.86 57.66
CA VAL D 244 -27.80 37.82 57.04
C VAL D 244 -29.14 37.71 57.74
N VAL D 245 -29.58 38.79 58.39
CA VAL D 245 -30.80 38.75 59.18
C VAL D 245 -31.90 39.67 58.62
N PHE D 246 -33.05 39.08 58.30
CA PHE D 246 -34.22 39.84 57.88
C PHE D 246 -35.43 39.42 58.71
N PRO D 247 -36.24 40.40 59.14
CA PRO D 247 -37.39 40.12 60.02
C PRO D 247 -38.56 39.47 59.28
N ALA D 248 -39.26 38.59 59.97
CA ALA D 248 -40.50 38.02 59.45
C ALA D 248 -41.65 38.44 60.37
N PHE D 249 -42.57 39.24 59.84
CA PHE D 249 -43.68 39.73 60.65
C PHE D 249 -44.91 38.85 60.51
N PHE D 250 -45.93 39.12 61.33
CA PHE D 250 -47.17 38.36 61.28
C PHE D 250 -48.06 38.90 60.17
N GLY D 251 -48.31 38.07 59.16
CA GLY D 251 -49.21 38.45 58.09
C GLY D 251 -48.56 38.59 56.73
N ASP D 252 -47.26 38.86 56.70
CA ASP D 252 -46.55 39.01 55.44
C ASP D 252 -46.51 37.71 54.64
N SER D 253 -46.50 37.82 53.32
CA SER D 253 -46.52 36.64 52.45
C SER D 253 -45.14 36.12 52.11
N SER D 254 -45.10 35.05 51.32
CA SER D 254 -43.83 34.50 50.84
C SER D 254 -43.16 35.50 49.91
N LEU D 255 -43.97 36.35 49.27
CA LEU D 255 -43.46 37.37 48.37
C LEU D 255 -42.82 38.51 49.17
N ASP D 256 -43.44 38.88 50.27
CA ASP D 256 -42.90 39.93 51.14
C ASP D 256 -41.59 39.50 51.79
N LEU D 257 -41.51 38.23 52.14
CA LEU D 257 -40.31 37.68 52.77
C LEU D 257 -39.13 37.64 51.82
N TYR D 258 -39.39 37.31 50.56
CA TYR D 258 -38.35 37.27 49.55
C TYR D 258 -37.72 38.66 49.33
N LYS D 259 -38.57 39.67 49.17
CA LYS D 259 -38.11 41.03 48.91
C LYS D 259 -37.23 41.56 50.03
N ARG D 260 -37.53 41.17 51.26
CA ARG D 260 -36.72 41.56 52.40
C ARG D 260 -35.44 40.75 52.47
N SER D 261 -35.54 39.45 52.21
CA SER D 261 -34.38 38.57 52.22
C SER D 261 -33.32 39.02 51.21
N ARG D 262 -33.79 39.64 50.12
CA ARG D 262 -32.89 40.16 49.10
C ARG D 262 -32.27 41.47 49.55
N GLU D 263 -33.11 42.39 50.03
CA GLU D 263 -32.65 43.70 50.50
C GLU D 263 -31.72 43.56 51.70
N ALA D 264 -32.05 42.63 52.60
CA ALA D 264 -31.22 42.38 53.76
C ALA D 264 -29.83 41.93 53.36
N PHE D 265 -29.75 41.17 52.27
CA PHE D 265 -28.47 40.71 51.75
C PHE D 265 -27.64 41.88 51.23
N ASN D 266 -28.24 42.65 50.32
CA ASN D 266 -27.54 43.77 49.69
C ASN D 266 -26.92 44.73 50.70
N ARG D 267 -27.66 45.01 51.77
CA ARG D 267 -27.20 45.92 52.82
C ARG D 267 -25.99 45.35 53.55
N ARG D 268 -26.00 44.04 53.78
CA ARG D 268 -24.86 43.36 54.39
C ARG D 268 -23.63 43.45 53.47
N ALA D 269 -23.87 43.33 52.17
CA ALA D 269 -22.79 43.39 51.20
C ALA D 269 -22.23 44.82 51.10
N ASN D 270 -23.12 45.79 51.03
CA ASN D 270 -22.72 47.19 50.97
C ASN D 270 -21.99 47.62 52.23
N ASN D 271 -22.48 47.16 53.38
CA ASN D 271 -21.84 47.43 54.67
C ASN D 271 -20.42 46.87 54.70
N THR D 272 -20.26 45.67 54.14
CA THR D 272 -18.95 45.03 54.04
C THR D 272 -18.02 45.85 53.14
N MET D 273 -18.55 46.35 52.04
CA MET D 273 -17.77 47.15 51.10
C MET D 273 -17.34 48.48 51.72
N MET D 274 -18.22 49.10 52.50
CA MET D 274 -17.92 50.38 53.14
C MET D 274 -16.83 50.28 54.21
N VAL D 275 -16.89 49.24 55.03
CA VAL D 275 -15.86 48.99 56.02
C VAL D 275 -14.53 48.68 55.32
N THR D 276 -14.62 47.92 54.24
CA THR D 276 -13.44 47.53 53.46
C THR D 276 -12.76 48.73 52.82
N VAL D 277 -13.54 49.56 52.11
CA VAL D 277 -12.98 50.74 51.44
C VAL D 277 -12.50 51.78 52.45
N ASN D 278 -12.98 51.70 53.69
CA ASN D 278 -12.53 52.59 54.74
C ASN D 278 -11.09 52.27 55.13
N GLY D 279 -10.82 51.00 55.40
CA GLY D 279 -9.47 50.56 55.72
C GLY D 279 -8.51 50.75 54.56
N ILE D 280 -9.02 50.57 53.34
CA ILE D 280 -8.22 50.78 52.13
C ILE D 280 -7.78 52.24 52.04
N ARG D 281 -8.72 53.16 52.22
CA ARG D 281 -8.42 54.59 52.17
C ARG D 281 -7.59 55.03 53.37
N ALA D 282 -7.60 54.23 54.43
CA ALA D 282 -6.81 54.53 55.62
C ALA D 282 -5.51 53.76 55.62
N GLY D 283 -5.24 53.04 54.53
CA GLY D 283 -4.00 52.31 54.37
C GLY D 283 -3.89 51.06 55.24
N ARG D 284 -4.99 50.71 55.90
CA ARG D 284 -5.00 49.56 56.79
C ARG D 284 -5.21 48.26 56.03
N GLY D 285 -5.10 48.32 54.70
CA GLY D 285 -5.19 47.15 53.85
C GLY D 285 -6.55 46.51 53.78
N VAL D 286 -6.68 45.49 52.93
CA VAL D 286 -7.92 44.75 52.81
C VAL D 286 -8.10 43.79 53.98
N THR D 287 -8.88 44.19 54.97
CA THR D 287 -9.14 43.35 56.13
C THR D 287 -10.31 42.40 55.88
N THR D 288 -10.30 41.25 56.53
CA THR D 288 -11.45 40.36 56.50
C THR D 288 -12.48 40.94 57.46
N THR D 289 -13.73 40.51 57.34
CA THR D 289 -14.79 41.05 58.18
C THR D 289 -15.40 39.98 59.10
N THR D 290 -16.32 40.41 59.95
CA THR D 290 -17.04 39.50 60.83
C THR D 290 -18.46 40.02 61.05
N SER D 291 -19.45 39.16 60.85
CA SER D 291 -20.85 39.55 60.97
C SER D 291 -21.31 39.61 62.42
N ALA D 292 -22.16 40.58 62.73
CA ALA D 292 -22.70 40.73 64.08
C ALA D 292 -24.05 41.43 64.08
N THR D 293 -24.92 41.01 65.00
CA THR D 293 -26.22 41.65 65.19
C THR D 293 -26.31 42.07 66.66
N TYR D 294 -27.00 43.17 66.94
CA TYR D 294 -26.84 43.81 68.25
C TYR D 294 -28.09 44.12 69.10
N LEU D 295 -29.00 44.92 68.56
CA LEU D 295 -30.18 45.34 69.31
C LEU D 295 -29.68 46.18 70.50
N PRO D 296 -29.19 47.39 70.21
CA PRO D 296 -28.64 48.27 71.24
C PRO D 296 -29.76 48.72 72.21
N PRO D 297 -29.42 49.60 73.18
CA PRO D 297 -30.26 50.13 74.26
C PRO D 297 -31.58 50.69 73.69
N GLY D 298 -32.69 50.06 74.06
CA GLY D 298 -34.00 50.58 73.76
C GLY D 298 -34.44 50.65 72.30
N TRP D 299 -33.74 49.93 71.43
CA TRP D 299 -34.16 49.85 70.04
C TRP D 299 -35.30 48.84 69.90
N VAL D 300 -36.13 49.02 68.89
CA VAL D 300 -37.20 48.06 68.61
C VAL D 300 -36.92 47.32 67.31
N SER D 301 -35.74 47.61 66.74
CA SER D 301 -35.24 46.89 65.58
C SER D 301 -33.79 46.53 65.84
N LEU D 302 -33.22 45.68 65.00
CA LEU D 302 -31.84 45.22 65.21
C LEU D 302 -30.81 46.09 64.49
N LEU D 303 -29.56 46.00 64.92
CA LEU D 303 -28.46 46.70 64.25
C LEU D 303 -27.55 45.68 63.59
N HIS D 304 -27.42 45.78 62.27
CA HIS D 304 -26.64 44.82 61.51
C HIS D 304 -25.30 45.42 61.08
N LEU D 305 -24.21 44.84 61.53
CA LEU D 305 -22.88 45.41 61.25
C LEU D 305 -21.86 44.35 60.82
N GLN D 306 -20.94 44.78 59.94
CA GLN D 306 -19.82 43.95 59.55
C GLN D 306 -18.55 44.57 60.13
N LEU D 307 -17.87 43.81 61.00
CA LEU D 307 -16.76 44.37 61.77
C LEU D 307 -15.39 43.96 61.21
N PRO D 308 -14.47 44.93 61.14
CA PRO D 308 -13.09 44.69 60.71
C PRO D 308 -12.25 44.11 61.85
N THR D 309 -12.26 42.79 61.98
CA THR D 309 -11.60 42.14 63.11
C THR D 309 -10.10 41.88 62.89
N LYS D 310 -9.57 42.38 61.78
CA LYS D 310 -8.14 42.28 61.52
C LYS D 310 -7.42 43.60 61.76
N TRP D 311 -8.18 44.67 61.94
CA TRP D 311 -7.61 45.96 62.34
C TRP D 311 -6.96 45.82 63.71
N THR D 312 -6.02 46.71 64.02
CA THR D 312 -5.34 46.68 65.30
C THR D 312 -6.35 46.80 66.44
N ASP D 313 -6.00 46.26 67.61
CA ASP D 313 -6.92 46.21 68.75
C ASP D 313 -7.41 47.60 69.16
N ASN D 314 -6.63 48.62 68.86
CA ASN D 314 -7.02 50.00 69.15
C ASN D 314 -7.81 50.64 68.01
N GLU D 315 -7.44 50.32 66.77
CA GLU D 315 -8.16 50.83 65.60
C GLU D 315 -9.60 50.34 65.60
N GLN D 316 -9.84 49.18 66.21
CA GLN D 316 -11.19 48.66 66.38
C GLN D 316 -11.94 49.51 67.40
N ARG D 317 -11.23 49.98 68.42
CA ARG D 317 -11.83 50.79 69.47
C ARG D 317 -12.30 52.14 68.93
N ASN D 318 -11.51 52.73 68.04
CA ASN D 318 -11.87 53.99 67.40
C ASN D 318 -13.09 53.83 66.51
N TYR D 319 -13.38 52.58 66.11
CA TYR D 319 -14.52 52.30 65.25
C TYR D 319 -15.82 52.30 66.04
N ARG D 320 -15.81 51.65 67.20
CA ARG D 320 -16.97 51.64 68.08
C ARG D 320 -17.33 53.06 68.52
N ILE D 321 -16.32 53.90 68.70
CA ILE D 321 -16.52 55.31 69.01
C ILE D 321 -17.29 55.99 67.89
N ARG D 322 -16.81 55.81 66.67
CA ARG D 322 -17.45 56.40 65.49
C ARG D 322 -18.88 55.90 65.32
N LEU D 323 -19.09 54.61 65.54
CA LEU D 323 -20.41 54.02 65.41
C LEU D 323 -21.39 54.51 66.47
N HIS D 324 -20.89 54.70 67.70
CA HIS D 324 -21.69 55.26 68.78
C HIS D 324 -22.23 56.63 68.39
N LYS D 325 -21.36 57.44 67.79
CA LYS D 325 -21.71 58.79 67.34
C LYS D 325 -22.71 58.75 66.18
N LEU D 326 -22.59 57.72 65.35
CA LEU D 326 -23.43 57.60 64.16
C LEU D 326 -24.85 57.12 64.48
N PHE D 327 -24.95 56.10 65.33
CA PHE D 327 -26.25 55.51 65.64
C PHE D 327 -26.84 56.04 66.95
N ASN D 328 -26.26 57.12 67.45
CA ASN D 328 -26.69 57.74 68.72
C ASN D 328 -26.78 56.74 69.85
N LEU D 329 -25.63 56.34 70.37
CA LEU D 329 -25.55 55.34 71.42
C LEU D 329 -24.90 55.89 72.68
N PRO D 330 -25.25 55.34 73.85
CA PRO D 330 -24.62 55.72 75.12
C PRO D 330 -23.10 55.60 75.05
N SER D 331 -22.40 56.60 75.57
CA SER D 331 -20.94 56.66 75.47
C SER D 331 -20.25 56.24 76.76
N SER D 332 -21.03 55.66 77.68
CA SER D 332 -20.49 55.22 78.96
C SER D 332 -20.01 53.77 78.89
N LYS D 333 -20.97 52.85 78.77
CA LYS D 333 -20.68 51.42 78.71
C LYS D 333 -20.64 50.94 77.26
N PRO D 334 -19.84 49.89 76.99
CA PRO D 334 -19.72 49.35 75.62
C PRO D 334 -21.02 48.71 75.14
N VAL D 335 -21.28 48.84 73.83
CA VAL D 335 -22.51 48.31 73.24
C VAL D 335 -22.20 47.39 72.06
N LEU D 336 -21.26 47.82 71.22
CA LEU D 336 -20.97 47.12 69.98
C LEU D 336 -19.75 46.20 70.08
N ARG D 337 -19.50 45.66 71.27
CA ARG D 337 -18.44 44.67 71.43
C ARG D 337 -18.85 43.35 70.79
N LEU D 338 -17.89 42.66 70.18
CA LEU D 338 -18.15 41.39 69.53
C LEU D 338 -18.65 40.35 70.54
N SER D 339 -18.27 40.54 71.79
CA SER D 339 -18.61 39.63 72.86
C SER D 339 -20.10 39.65 73.19
N GLN D 340 -20.74 40.80 73.01
CA GLN D 340 -22.13 40.98 73.38
C GLN D 340 -23.09 40.96 72.19
N ALA D 341 -22.57 40.60 71.01
CA ALA D 341 -23.41 40.47 69.83
C ALA D 341 -24.34 39.28 69.98
N LEU D 342 -25.57 39.41 69.48
CA LEU D 342 -26.53 38.31 69.52
C LEU D 342 -26.03 37.14 68.67
N ALA D 343 -26.37 35.92 69.10
CA ALA D 343 -26.03 34.73 68.34
C ALA D 343 -27.31 34.03 67.90
N LEU D 344 -27.84 34.43 66.75
CA LEU D 344 -29.10 33.90 66.26
C LEU D 344 -28.89 32.71 65.33
N HIS D 345 -27.66 32.56 64.82
CA HIS D 345 -27.34 31.45 63.94
C HIS D 345 -26.59 30.35 64.69
N SER D 346 -26.94 29.09 64.40
CA SER D 346 -26.38 27.94 65.11
C SER D 346 -24.89 27.75 64.84
N GLU D 347 -24.41 28.34 63.75
CA GLU D 347 -23.00 28.20 63.38
C GLU D 347 -22.22 29.46 63.70
N SER D 348 -22.89 30.43 64.31
CA SER D 348 -22.25 31.70 64.66
C SER D 348 -21.31 31.56 65.85
N ALA D 349 -20.30 32.42 65.89
CA ALA D 349 -19.26 32.36 66.93
C ALA D 349 -19.84 32.61 68.33
N ARG D 350 -19.71 31.61 69.19
CA ARG D 350 -20.16 31.72 70.58
C ARG D 350 -18.97 32.02 71.49
N LEU D 351 -19.08 33.08 72.29
CA LEU D 351 -18.05 33.41 73.27
C LEU D 351 -18.45 32.88 74.65
N THR D 352 -19.73 32.59 74.81
CA THR D 352 -20.23 31.92 76.01
C THR D 352 -20.74 30.53 75.61
N ASN D 353 -21.15 29.74 76.59
CA ASN D 353 -21.69 28.41 76.30
C ASN D 353 -23.15 28.49 75.84
N LYS D 354 -23.44 27.88 74.70
CA LYS D 354 -24.74 28.00 74.06
C LYS D 354 -25.86 27.21 74.76
N LYS D 355 -25.48 26.28 75.62
CA LYS D 355 -26.47 25.49 76.37
C LYS D 355 -27.08 26.30 77.50
N LEU D 356 -26.37 27.34 77.93
CA LEU D 356 -26.73 28.11 79.11
C LEU D 356 -28.00 28.97 78.95
N ILE D 357 -28.66 29.25 80.07
CA ILE D 357 -29.79 30.16 80.09
C ILE D 357 -29.27 31.59 80.18
N ARG D 358 -29.78 32.47 79.31
CA ARG D 358 -29.39 33.87 79.32
C ARG D 358 -30.49 34.74 79.93
N GLU D 359 -30.13 35.44 81.01
CA GLU D 359 -31.08 36.27 81.75
C GLU D 359 -32.35 35.51 82.15
N PRO D 360 -32.22 34.58 83.12
CA PRO D 360 -33.35 33.76 83.54
C PRO D 360 -34.36 34.56 84.37
N HIS D 361 -33.90 35.59 85.06
CA HIS D 361 -34.76 36.37 85.95
C HIS D 361 -35.71 37.28 85.18
N LEU D 362 -35.57 37.33 83.86
CA LEU D 362 -36.50 38.11 83.04
C LEU D 362 -37.84 37.42 82.93
N SER D 363 -37.83 36.09 83.11
CA SER D 363 -39.03 35.28 82.94
C SER D 363 -40.11 35.56 83.97
N ILE D 364 -39.71 35.72 85.23
CA ILE D 364 -40.65 36.00 86.31
C ILE D 364 -41.42 37.29 86.04
N THR D 365 -42.72 37.16 85.81
CA THR D 365 -43.58 38.32 85.55
C THR D 365 -44.78 38.34 86.50
N ASN D 366 -44.96 37.24 87.22
CA ASN D 366 -46.06 37.11 88.16
C ASN D 366 -45.90 37.99 89.40
N TYR D 367 -44.69 38.08 89.91
CA TYR D 367 -44.37 38.83 91.12
C TYR D 367 -44.80 40.30 91.04
N GLN D 368 -45.44 40.77 92.11
CA GLN D 368 -45.87 42.16 92.20
C GLN D 368 -44.97 42.97 93.14
N PRO D 369 -44.48 44.12 92.67
CA PRO D 369 -43.57 44.98 93.44
C PRO D 369 -44.21 45.50 94.73
N VAL D 370 -43.66 45.10 95.87
CA VAL D 370 -44.16 45.55 97.16
C VAL D 370 -43.46 46.83 97.61
N GLY D 371 -42.73 47.45 96.69
CA GLY D 371 -42.02 48.69 96.96
C GLY D 371 -41.32 49.23 95.73
N GLU D 372 -40.08 49.67 95.90
CA GLU D 372 -39.30 50.20 94.79
C GLU D 372 -38.50 49.09 94.10
N ILE D 373 -38.63 49.00 92.78
CA ILE D 373 -37.96 47.95 92.02
C ILE D 373 -36.62 48.43 91.44
N THR D 374 -35.60 47.57 91.59
CA THR D 374 -34.26 47.87 91.09
C THR D 374 -33.49 46.56 90.95
N THR D 375 -33.04 46.28 89.72
CA THR D 375 -32.30 45.04 89.46
C THR D 375 -31.01 45.27 88.69
N VAL D 376 -30.29 44.18 88.42
CA VAL D 376 -29.03 44.23 87.69
C VAL D 376 -29.20 44.76 86.26
N ASN D 377 -28.36 45.72 85.88
CA ASN D 377 -28.40 46.29 84.53
C ASN D 377 -27.44 45.55 83.58
N GLY D 378 -28.00 44.63 82.79
CA GLY D 378 -27.20 43.90 81.82
C GLY D 378 -27.55 42.42 81.74
N PRO D 379 -27.08 41.75 80.66
CA PRO D 379 -27.27 40.31 80.46
C PRO D 379 -26.28 39.48 81.26
N TYR D 380 -26.65 38.24 81.54
CA TYR D 380 -25.80 37.32 82.30
C TYR D 380 -26.27 35.88 82.11
N ASN D 381 -25.40 34.92 82.39
CA ASN D 381 -25.76 33.51 82.27
C ASN D 381 -25.91 32.80 83.61
N TYR D 382 -26.91 31.93 83.70
CA TYR D 382 -27.14 31.15 84.92
C TYR D 382 -26.15 29.99 84.96
N HIS D 383 -25.30 29.99 85.99
CA HIS D 383 -24.39 28.88 86.25
C HIS D 383 -24.82 28.18 87.54
N HIS D 384 -24.77 26.86 87.56
CA HIS D 384 -25.18 26.12 88.76
C HIS D 384 -24.53 24.74 88.86
N TYR D 385 -25.07 23.90 89.75
CA TYR D 385 -24.54 22.56 89.95
C TYR D 385 -24.63 21.74 88.68
N MET D 386 -23.80 20.71 88.59
CA MET D 386 -23.87 19.73 87.51
C MET D 386 -23.58 20.09 86.06
N GLN D 387 -23.21 21.34 85.83
CA GLN D 387 -22.89 21.83 84.49
C GLN D 387 -21.38 21.79 84.67
N ASP D 388 -20.62 21.80 83.60
CA ASP D 388 -19.24 21.36 83.73
C ASP D 388 -18.84 19.98 84.34
N GLY D 389 -19.68 19.01 84.06
CA GLY D 389 -19.51 17.58 83.92
C GLY D 389 -18.78 17.53 85.25
N ILE D 390 -19.26 18.06 86.28
CA ILE D 390 -18.67 17.93 87.60
C ILE D 390 -19.84 17.67 88.54
N ASP D 391 -19.55 17.19 89.75
CA ASP D 391 -20.58 17.04 90.77
C ASP D 391 -20.18 18.14 91.75
N ASP D 392 -21.05 19.14 91.90
CA ASP D 392 -20.78 20.27 92.79
C ASP D 392 -21.63 20.19 94.06
N SER D 393 -21.96 18.97 94.47
CA SER D 393 -22.81 18.75 95.64
C SER D 393 -22.24 19.37 96.91
N GLY D 394 -22.82 20.49 97.32
CA GLY D 394 -22.40 21.17 98.54
C GLY D 394 -21.40 22.27 98.29
N TRP D 395 -20.15 21.89 98.05
CA TRP D 395 -19.05 22.83 97.88
C TRP D 395 -19.19 23.72 96.64
N GLY D 396 -20.01 23.29 95.69
CA GLY D 396 -20.18 24.00 94.45
C GLY D 396 -21.03 25.25 94.56
N SER D 397 -21.75 25.38 95.68
CA SER D 397 -22.61 26.53 95.92
C SER D 397 -21.78 27.82 95.88
N ALA D 398 -20.53 27.70 96.31
CA ALA D 398 -19.62 28.83 96.34
C ALA D 398 -19.22 29.29 94.94
N TYR D 399 -18.60 28.39 94.19
CA TYR D 399 -18.02 28.71 92.89
C TYR D 399 -19.00 29.28 91.86
N ARG D 400 -20.09 28.56 91.62
CA ARG D 400 -21.02 28.88 90.53
C ARG D 400 -21.46 30.34 90.45
N SER D 401 -21.60 30.98 91.61
CA SER D 401 -21.98 32.39 91.67
C SER D 401 -20.88 33.29 91.09
N PHE D 402 -19.63 32.86 91.22
CA PHE D 402 -18.51 33.58 90.61
C PHE D 402 -18.63 33.54 89.10
N GLN D 403 -18.96 32.36 88.57
CA GLN D 403 -19.11 32.16 87.14
C GLN D 403 -20.26 32.97 86.56
N THR D 404 -21.35 33.07 87.34
CA THR D 404 -22.51 33.87 86.96
C THR D 404 -22.07 35.33 86.77
N ILE D 405 -21.25 35.81 87.68
CA ILE D 405 -20.69 37.16 87.61
C ILE D 405 -19.82 37.32 86.36
N TRP D 406 -19.00 36.31 86.08
CA TRP D 406 -18.08 36.35 84.94
C TRP D 406 -18.84 36.49 83.62
N SER D 407 -19.98 35.82 83.52
CA SER D 407 -20.81 35.88 82.34
C SER D 407 -21.23 37.32 82.04
N TRP D 408 -21.53 38.06 83.09
CA TRP D 408 -21.94 39.45 82.97
C TRP D 408 -20.87 40.30 82.27
N PHE D 409 -19.61 40.01 82.57
CA PHE D 409 -18.51 40.82 82.08
C PHE D 409 -18.15 40.56 80.62
N ILE D 410 -18.54 39.39 80.10
CA ILE D 410 -18.31 39.08 78.69
C ILE D 410 -19.58 39.34 77.88
N LEU D 411 -20.73 39.29 78.54
CA LEU D 411 -22.00 39.56 77.87
C LEU D 411 -22.28 41.06 77.82
N ASN D 412 -21.46 41.84 78.53
CA ASN D 412 -21.56 43.29 78.48
C ASN D 412 -20.32 43.92 77.83
N GLY D 413 -19.44 43.07 77.30
CA GLY D 413 -18.32 43.51 76.49
C GLY D 413 -17.13 44.09 77.22
N TYR D 414 -16.66 43.39 78.25
CA TYR D 414 -15.46 43.82 78.98
C TYR D 414 -14.28 42.89 78.74
N THR D 415 -14.57 41.63 78.43
CA THR D 415 -13.52 40.65 78.14
C THR D 415 -13.93 39.65 77.06
N ASP D 416 -12.96 38.94 76.51
CA ASP D 416 -13.22 37.87 75.56
C ASP D 416 -13.01 36.53 76.24
N LYS D 417 -12.30 36.56 77.37
CA LYS D 417 -11.95 35.37 78.12
C LYS D 417 -13.18 34.58 78.56
N PRO D 418 -13.18 33.26 78.32
CA PRO D 418 -14.31 32.40 78.63
C PRO D 418 -14.51 32.25 80.13
N VAL D 419 -15.67 31.74 80.53
CA VAL D 419 -15.94 31.50 81.95
C VAL D 419 -15.04 30.39 82.47
N PRO D 420 -14.14 30.72 83.41
CA PRO D 420 -13.17 29.76 83.95
C PRO D 420 -13.84 28.62 84.70
N SER D 421 -13.13 27.49 84.83
CA SER D 421 -13.63 26.35 85.60
C SER D 421 -13.06 26.35 87.00
N HIS D 422 -13.53 25.40 87.82
CA HIS D 422 -13.09 25.29 89.20
C HIS D 422 -11.57 25.17 89.32
N ARG D 423 -11.00 24.24 88.56
CA ARG D 423 -9.55 24.04 88.54
C ARG D 423 -8.81 25.29 88.09
N GLU D 424 -9.42 26.05 87.19
CA GLU D 424 -8.81 27.28 86.70
C GLU D 424 -8.90 28.40 87.75
N ILE D 425 -9.99 28.41 88.51
CA ILE D 425 -10.16 29.37 89.59
C ILE D 425 -9.16 29.13 90.71
N GLN D 426 -9.13 27.90 91.21
CA GLN D 426 -8.27 27.50 92.31
C GLN D 426 -6.79 27.75 91.98
N GLN D 427 -6.42 27.50 90.74
CA GLN D 427 -5.06 27.72 90.32
C GLN D 427 -4.83 29.18 90.00
N ALA D 428 -5.75 30.07 90.37
CA ALA D 428 -5.49 31.47 90.04
C ALA D 428 -5.39 31.96 91.49
N LEU D 429 -6.04 31.23 92.40
CA LEU D 429 -5.98 31.56 93.83
C LEU D 429 -4.74 30.98 94.51
N VAL D 430 -3.87 30.36 93.72
CA VAL D 430 -2.62 29.81 94.23
C VAL D 430 -1.54 30.72 93.65
N ASP D 431 -1.76 31.18 92.41
CA ASP D 431 -0.83 32.08 91.74
C ASP D 431 -0.63 33.38 92.52
N ILE D 432 -1.62 33.74 93.34
CA ILE D 432 -1.55 34.94 94.14
C ILE D 432 -1.17 34.64 95.59
N GLN D 433 -0.81 33.37 95.85
CA GLN D 433 -0.38 32.93 97.18
C GLN D 433 -1.39 33.23 98.29
N ASP D 434 -2.59 32.68 98.17
CA ASP D 434 -3.65 32.97 99.14
C ASP D 434 -3.99 31.79 100.05
N LYS D 435 -4.31 30.64 99.45
CA LYS D 435 -4.75 29.48 100.20
C LYS D 435 -3.64 28.47 100.49
N GLN D 436 -3.40 27.59 99.54
CA GLN D 436 -2.39 26.54 99.68
C GLN D 436 -2.42 25.75 98.38
N ALA D 437 -1.27 25.26 97.92
CA ALA D 437 -1.38 24.55 96.57
C ALA D 437 -2.39 23.34 96.26
N LYS D 438 -2.54 22.54 97.31
CA LYS D 438 -3.44 21.40 97.26
C LYS D 438 -4.85 21.89 96.97
N PHE D 439 -5.07 23.20 97.00
CA PHE D 439 -6.39 23.69 96.73
C PHE D 439 -6.77 23.74 95.27
N VAL D 440 -5.80 23.60 94.40
CA VAL D 440 -6.22 23.33 93.06
C VAL D 440 -6.86 21.92 93.17
N GLY D 441 -7.96 21.70 92.48
CA GLY D 441 -8.56 20.37 92.41
C GLY D 441 -8.96 19.91 93.79
N SER D 442 -9.20 20.87 94.65
CA SER D 442 -9.58 20.54 96.03
C SER D 442 -11.10 20.71 95.96
N ARG D 443 -11.79 20.01 96.85
CA ARG D 443 -13.23 20.17 96.99
C ARG D 443 -13.53 21.17 98.11
N GLN D 444 -12.47 21.78 98.62
CA GLN D 444 -12.60 22.68 99.77
C GLN D 444 -13.35 23.96 99.40
N TRP D 445 -14.07 24.51 100.39
CA TRP D 445 -14.98 25.62 100.16
C TRP D 445 -14.26 26.96 99.97
N ILE D 446 -14.92 27.87 99.25
CA ILE D 446 -14.43 29.22 99.07
C ILE D 446 -15.52 30.21 99.50
N GLY D 447 -15.19 31.49 99.54
CA GLY D 447 -16.17 32.48 99.96
C GLY D 447 -16.14 33.78 99.16
N SER D 448 -16.78 34.80 99.73
CA SER D 448 -16.89 36.10 99.11
C SER D 448 -15.54 36.73 98.81
N THR D 449 -14.66 36.73 99.81
CA THR D 449 -13.34 37.34 99.69
C THR D 449 -12.49 36.66 98.61
N GLU D 450 -12.54 35.33 98.57
CA GLU D 450 -11.81 34.55 97.59
C GLU D 450 -12.18 34.97 96.17
N ILE D 451 -13.48 35.15 95.93
CA ILE D 451 -13.99 35.58 94.64
C ILE D 451 -13.35 36.89 94.19
N SER D 452 -13.47 37.93 95.01
CA SER D 452 -12.94 39.25 94.71
C SER D 452 -11.47 39.25 94.28
N PHE D 453 -10.69 38.31 94.83
CA PHE D 453 -9.28 38.19 94.50
C PHE D 453 -9.08 37.58 93.13
N VAL D 454 -9.87 36.55 92.82
CA VAL D 454 -9.78 35.84 91.54
C VAL D 454 -10.01 36.78 90.36
N LEU D 455 -11.09 37.55 90.43
CA LEU D 455 -11.38 38.55 89.41
C LEU D 455 -10.15 39.43 89.21
N ASN D 456 -9.74 40.12 90.27
CA ASN D 456 -8.55 40.96 90.29
C ASN D 456 -7.35 40.35 89.57
N GLU D 457 -7.07 39.08 89.85
CA GLU D 457 -5.95 38.38 89.22
C GLU D 457 -6.17 38.19 87.72
N LEU D 458 -7.24 37.47 87.37
CA LEU D 458 -7.54 37.17 85.98
C LEU D 458 -7.90 38.45 85.20
N LEU D 459 -8.79 39.26 85.77
CA LEU D 459 -9.20 40.50 85.13
C LEU D 459 -8.61 41.57 86.06
N LYS D 460 -8.10 42.65 85.47
CA LYS D 460 -7.48 43.77 86.29
C LYS D 460 -8.67 44.55 86.78
N LEU D 461 -9.48 43.96 87.64
CA LEU D 461 -10.79 44.51 87.97
C LEU D 461 -10.83 44.72 89.47
N GLU D 462 -11.63 45.70 89.90
CA GLU D 462 -11.71 46.06 91.29
C GLU D 462 -12.94 45.37 91.86
N CYS D 463 -13.23 45.61 93.13
CA CYS D 463 -14.38 45.01 93.80
C CYS D 463 -14.71 45.75 95.09
N ARG D 464 -15.97 45.66 95.53
CA ARG D 464 -16.41 46.33 96.76
C ARG D 464 -17.20 45.39 97.65
N PHE D 465 -17.11 45.60 98.97
CA PHE D 465 -17.72 44.70 99.93
C PHE D 465 -18.80 45.35 100.78
N ILE D 466 -19.70 44.51 101.29
CA ILE D 466 -20.64 44.91 102.34
C ILE D 466 -20.53 43.88 103.46
N ALA D 467 -19.72 44.19 104.47
CA ALA D 467 -19.47 43.25 105.55
C ALA D 467 -20.44 43.44 106.71
N THR D 468 -21.31 42.46 106.92
CA THR D 468 -22.28 42.52 108.01
C THR D 468 -21.93 41.51 109.11
N ASN D 469 -22.62 41.61 110.23
CA ASN D 469 -22.41 40.70 111.35
C ASN D 469 -23.67 39.93 111.70
N SER D 470 -24.78 40.30 111.06
CA SER D 470 -26.06 39.66 111.28
C SER D 470 -26.86 39.58 109.98
N GLY D 471 -27.73 38.58 109.88
CA GLY D 471 -28.57 38.42 108.71
C GLY D 471 -29.64 39.49 108.65
N ALA D 472 -29.89 40.13 109.79
CA ALA D 472 -30.83 41.24 109.86
C ALA D 472 -30.17 42.53 109.40
N GLU D 473 -28.85 42.56 109.47
CA GLU D 473 -28.09 43.77 109.13
C GLU D 473 -28.10 44.04 107.62
N VAL D 474 -28.22 42.98 106.82
CA VAL D 474 -28.29 43.15 105.37
C VAL D 474 -29.65 43.73 104.98
N VAL D 475 -30.65 43.51 105.83
CA VAL D 475 -32.00 44.02 105.61
C VAL D 475 -32.06 45.51 105.93
N GLU D 476 -31.14 45.95 106.79
CA GLU D 476 -31.04 47.36 107.15
C GLU D 476 -30.25 48.12 106.09
N ARG D 477 -29.34 47.41 105.42
CA ARG D 477 -28.45 48.04 104.45
C ARG D 477 -28.84 47.75 103.01
N VAL D 478 -30.14 47.67 102.74
CA VAL D 478 -30.65 47.51 101.38
C VAL D 478 -30.48 48.82 100.62
N ARG D 479 -30.43 49.92 101.38
CA ARG D 479 -30.24 51.26 100.82
C ARG D 479 -29.02 51.36 99.91
N GLU D 480 -27.93 50.72 100.30
CA GLU D 480 -26.69 50.76 99.54
C GLU D 480 -26.57 49.59 98.57
N LEU D 481 -27.46 48.63 98.69
CA LEU D 481 -27.47 47.49 97.78
C LEU D 481 -28.13 47.88 96.46
N ALA D 482 -29.18 48.69 96.55
CA ALA D 482 -29.87 49.19 95.37
C ALA D 482 -29.02 50.19 94.61
N ARG D 483 -28.23 50.96 95.34
CA ARG D 483 -27.32 51.93 94.76
C ARG D 483 -26.30 51.26 93.85
N HIS D 484 -25.93 50.03 94.20
CA HIS D 484 -25.01 49.25 93.38
C HIS D 484 -25.64 48.89 92.04
N PHE D 485 -26.86 48.35 92.10
CA PHE D 485 -27.61 47.97 90.90
C PHE D 485 -27.92 49.19 90.04
N GLU D 486 -27.96 50.36 90.67
CA GLU D 486 -28.22 51.61 89.97
C GLU D 486 -27.01 52.04 89.16
N THR D 487 -25.84 52.02 89.80
CA THR D 487 -24.61 52.49 89.19
C THR D 487 -23.86 51.37 88.45
N SER D 488 -23.19 50.50 89.20
CA SER D 488 -22.43 49.41 88.62
C SER D 488 -23.33 48.40 87.94
N GLY D 489 -24.40 48.00 88.64
CA GLY D 489 -25.37 47.08 88.08
C GLY D 489 -24.79 45.72 87.73
N THR D 490 -24.04 45.15 88.67
CA THR D 490 -23.47 43.83 88.47
C THR D 490 -24.05 42.86 89.50
N PRO D 491 -24.16 41.57 89.14
CA PRO D 491 -24.66 40.57 90.10
C PRO D 491 -23.78 40.53 91.34
N VAL D 492 -24.39 40.35 92.51
CA VAL D 492 -23.62 40.32 93.75
C VAL D 492 -23.59 38.93 94.39
N MET D 493 -22.44 38.57 94.93
CA MET D 493 -22.27 37.27 95.59
C MET D 493 -22.36 37.43 97.11
N ILE D 494 -23.29 36.71 97.72
CA ILE D 494 -23.49 36.77 99.17
C ILE D 494 -23.20 35.42 99.82
N GLY D 495 -22.42 35.45 100.90
CA GLY D 495 -22.05 34.23 101.60
C GLY D 495 -22.27 34.33 103.10
N GLY D 496 -22.76 33.24 103.69
CA GLY D 496 -23.02 33.19 105.12
C GLY D 496 -23.83 31.98 105.51
N ASN D 497 -23.69 31.54 106.76
CA ASN D 497 -24.39 30.36 107.26
C ASN D 497 -24.04 29.15 106.38
N MET D 498 -22.85 29.22 105.81
CA MET D 498 -22.29 28.15 105.01
C MET D 498 -22.89 28.11 103.62
N LEU D 499 -23.88 28.94 103.40
CA LEU D 499 -24.72 28.91 102.21
C LEU D 499 -24.50 30.17 101.39
N ALA D 500 -24.23 29.98 100.09
CA ALA D 500 -23.96 31.11 99.19
C ALA D 500 -25.02 31.21 98.09
N HIS D 501 -25.42 32.43 97.77
CA HIS D 501 -26.41 32.66 96.73
C HIS D 501 -25.99 33.83 95.84
N THR D 502 -26.85 34.19 94.89
CA THR D 502 -26.59 35.32 94.02
C THR D 502 -27.81 36.25 94.02
N ILE D 503 -27.58 37.55 94.05
CA ILE D 503 -28.68 38.51 94.07
C ILE D 503 -28.67 39.40 92.83
N LEU D 504 -29.80 39.47 92.14
CA LEU D 504 -29.91 40.23 90.90
C LEU D 504 -30.64 41.54 91.08
N GLY D 505 -31.48 41.62 92.12
CA GLY D 505 -32.26 42.81 92.38
C GLY D 505 -32.89 42.85 93.76
N VAL D 506 -33.36 44.03 94.16
CA VAL D 506 -34.00 44.19 95.45
C VAL D 506 -35.28 45.02 95.32
N ASP D 507 -36.24 44.75 96.19
CA ASP D 507 -37.49 45.52 96.23
C ASP D 507 -37.65 46.16 97.60
N PHE D 508 -37.39 47.46 97.66
CA PHE D 508 -37.34 48.17 98.94
C PHE D 508 -38.44 49.21 99.08
N ASN D 509 -39.08 49.22 100.24
CA ASN D 509 -40.11 50.20 100.56
C ASN D 509 -39.68 51.08 101.73
N ASP D 510 -39.20 52.29 101.41
CA ASP D 510 -38.62 53.18 102.42
C ASP D 510 -39.62 53.68 103.44
N THR D 511 -40.91 53.61 103.11
CA THR D 511 -41.95 54.10 104.00
C THR D 511 -42.68 52.97 104.72
N THR D 512 -42.47 51.74 104.24
CA THR D 512 -43.04 50.56 104.88
C THR D 512 -41.96 49.83 105.67
N GLY D 513 -40.75 49.80 105.12
CA GLY D 513 -39.64 49.09 105.73
C GLY D 513 -39.53 47.69 105.18
N GLU D 514 -40.54 47.29 104.40
CA GLU D 514 -40.56 45.96 103.81
C GLU D 514 -39.55 45.83 102.69
N THR D 515 -38.72 44.80 102.77
CA THR D 515 -37.72 44.53 101.75
C THR D 515 -37.82 43.08 101.30
N LYS D 516 -37.42 42.82 100.06
CA LYS D 516 -37.28 41.44 99.57
C LYS D 516 -36.26 41.35 98.45
N PHE D 517 -35.64 40.19 98.31
CA PHE D 517 -34.50 40.04 97.42
C PHE D 517 -34.77 39.09 96.25
N LEU D 518 -34.13 39.36 95.12
CA LEU D 518 -34.19 38.45 93.97
C LEU D 518 -32.97 37.55 94.00
N VAL D 519 -33.12 36.38 94.61
CA VAL D 519 -32.00 35.45 94.74
C VAL D 519 -31.90 34.51 93.54
N LEU D 520 -30.71 33.97 93.32
CA LEU D 520 -30.47 32.99 92.27
C LEU D 520 -29.73 31.81 92.86
N ASP D 521 -30.49 30.89 93.47
CA ASP D 521 -29.93 29.73 94.13
C ASP D 521 -29.07 28.92 93.17
N PRO D 522 -27.74 28.96 93.38
CA PRO D 522 -26.75 28.39 92.45
C PRO D 522 -26.66 26.87 92.56
N HIS D 523 -27.59 26.31 93.32
CA HIS D 523 -27.69 24.88 93.49
C HIS D 523 -28.34 24.26 92.25
N TYR D 524 -28.26 22.94 92.16
CA TYR D 524 -28.78 22.21 91.02
C TYR D 524 -30.30 22.10 90.82
N THR D 525 -30.81 22.92 89.90
CA THR D 525 -32.21 22.88 89.50
C THR D 525 -32.47 22.70 88.00
N GLY D 526 -31.90 21.64 87.44
CA GLY D 526 -32.06 21.36 86.02
C GLY D 526 -30.88 21.85 85.21
N SER D 527 -30.66 21.22 84.05
CA SER D 527 -29.57 21.60 83.17
C SER D 527 -30.52 22.32 82.22
N GLU D 528 -30.73 23.61 82.45
CA GLU D 528 -31.63 24.39 81.62
C GLU D 528 -33.12 24.25 81.41
N ASP D 529 -33.86 24.27 82.50
CA ASP D 529 -35.31 24.12 82.40
C ASP D 529 -35.93 25.25 83.20
N ILE D 530 -36.22 26.36 82.52
CA ILE D 530 -36.68 27.59 83.16
C ILE D 530 -37.95 27.42 83.98
N LYS D 531 -38.83 26.53 83.54
CA LYS D 531 -40.11 26.29 84.21
C LYS D 531 -39.94 25.83 85.66
N THR D 532 -39.17 24.76 85.86
CA THR D 532 -38.96 24.20 87.18
C THR D 532 -38.20 25.14 88.11
N ILE D 533 -37.32 25.96 87.54
CA ILE D 533 -36.57 26.95 88.30
C ILE D 533 -37.53 27.92 88.98
N THR D 534 -38.26 28.69 88.18
CA THR D 534 -39.26 29.65 88.66
C THR D 534 -40.22 29.05 89.68
N SER D 535 -40.47 27.75 89.55
CA SER D 535 -41.48 27.06 90.36
C SER D 535 -41.19 27.00 91.86
N LYS D 536 -40.02 26.48 92.23
CA LYS D 536 -39.75 26.16 93.65
C LYS D 536 -38.82 27.14 94.37
N GLY D 537 -38.94 28.43 94.06
CA GLY D 537 -38.16 29.44 94.75
C GLY D 537 -36.74 29.59 94.21
N TRP D 538 -36.48 28.92 93.10
CA TRP D 538 -35.20 29.05 92.43
C TRP D 538 -35.31 30.20 91.42
N CYS D 539 -34.41 31.18 91.43
CA CYS D 539 -34.80 32.43 90.74
C CYS D 539 -36.19 32.57 91.34
N ALA D 540 -36.16 32.92 92.58
CA ALA D 540 -37.37 33.06 93.28
C ALA D 540 -37.15 34.39 93.88
N TRP D 541 -38.22 34.96 94.41
CA TRP D 541 -38.20 36.25 95.08
C TRP D 541 -38.11 35.93 96.56
N LYS D 542 -37.27 36.65 97.28
CA LYS D 542 -37.10 36.37 98.65
C LYS D 542 -37.36 37.51 99.56
N PRO D 543 -38.08 37.14 100.60
CA PRO D 543 -38.51 38.03 101.67
C PRO D 543 -37.31 38.23 102.52
N ALA D 544 -37.35 39.22 103.41
CA ALA D 544 -36.24 39.50 104.30
C ALA D 544 -35.77 38.46 105.30
N SER D 545 -36.69 37.64 105.79
CA SER D 545 -36.38 36.64 106.80
C SER D 545 -35.65 35.42 106.22
N PHE D 546 -35.20 35.53 104.97
CA PHE D 546 -34.38 34.51 104.34
C PHE D 546 -33.10 34.33 105.14
N TRP D 547 -32.31 35.39 105.21
CA TRP D 547 -31.02 35.36 105.89
C TRP D 547 -31.20 35.17 107.40
N SER D 548 -30.60 34.11 107.92
CA SER D 548 -30.66 33.81 109.35
C SER D 548 -30.03 34.93 110.15
N LYS D 549 -30.66 35.30 111.26
CA LYS D 549 -30.23 36.45 112.05
C LYS D 549 -29.19 36.07 113.10
N ASP D 550 -28.71 34.83 113.04
CA ASP D 550 -27.73 34.34 114.00
C ASP D 550 -26.32 34.31 113.40
N HIS D 551 -26.25 34.22 112.07
CA HIS D 551 -24.96 34.17 111.39
C HIS D 551 -24.68 35.46 110.63
N PHE D 552 -23.41 35.70 110.32
CA PHE D 552 -23.00 36.91 109.61
C PHE D 552 -22.96 36.67 108.11
N TYR D 553 -23.00 37.76 107.33
CA TYR D 553 -23.00 37.65 105.87
C TYR D 553 -22.02 38.63 105.22
N ASN D 554 -21.41 38.22 104.12
CA ASN D 554 -20.58 39.11 103.31
C ASN D 554 -21.14 39.22 101.90
N MET D 555 -20.91 40.37 101.25
CA MET D 555 -21.40 40.59 99.90
C MET D 555 -20.32 41.20 99.01
N VAL D 556 -20.17 40.66 97.81
CA VAL D 556 -19.20 41.19 96.85
C VAL D 556 -19.89 42.01 95.77
N LEU D 557 -19.41 43.24 95.57
CA LEU D 557 -20.00 44.15 94.59
C LEU D 557 -18.98 44.46 93.50
N PRO D 558 -18.93 43.64 92.43
CA PRO D 558 -17.97 43.79 91.33
C PRO D 558 -18.08 45.15 90.65
N GLN D 559 -16.94 45.81 90.46
CA GLN D 559 -16.93 47.16 89.90
C GLN D 559 -16.39 47.18 88.47
N PRO D 560 -17.27 47.41 87.49
CA PRO D 560 -16.89 47.47 86.07
C PRO D 560 -16.04 48.69 85.76
N PRO D 561 -15.08 48.54 84.82
CA PRO D 561 -14.13 49.62 84.48
C PRO D 561 -14.78 50.80 83.76
N SER D 562 -13.96 51.74 83.30
CA SER D 562 -14.47 52.97 82.69
C SER D 562 -14.04 53.15 81.24
N ASP D 563 -14.43 52.21 80.38
CA ASP D 563 -14.17 52.32 78.95
C ASP D 563 -15.23 51.59 78.14
N ALA D 564 -15.27 51.87 76.83
CA ALA D 564 -16.30 51.32 75.96
C ALA D 564 -15.82 51.21 74.52
N VAL E 1 23.78 -44.43 -42.76
CA VAL E 1 22.72 -44.10 -43.70
C VAL E 1 22.32 -42.63 -43.62
N ASN E 2 22.19 -41.99 -44.78
CA ASN E 2 21.89 -40.57 -44.85
C ASN E 2 20.44 -40.29 -45.22
N GLU E 3 19.57 -41.26 -44.93
CA GLU E 3 18.14 -41.10 -45.20
C GLU E 3 17.44 -40.43 -44.04
N LEU E 4 17.97 -39.31 -43.59
CA LEU E 4 17.41 -38.60 -42.44
C LEU E 4 16.35 -37.60 -42.87
N TRP E 5 15.09 -37.98 -42.73
CA TRP E 5 13.97 -37.13 -43.09
C TRP E 5 13.77 -36.03 -42.05
N PHE E 6 13.28 -34.87 -42.49
CA PHE E 6 12.98 -33.78 -41.58
C PHE E 6 11.47 -33.61 -41.45
N ILE E 7 11.03 -33.04 -40.33
CA ILE E 7 9.61 -32.89 -40.05
C ILE E 7 9.37 -31.85 -38.97
N ASP E 8 8.29 -31.08 -39.11
CA ASP E 8 7.90 -30.13 -38.07
C ASP E 8 6.87 -30.80 -37.18
N ALA E 9 7.34 -31.58 -36.21
CA ALA E 9 6.47 -32.33 -35.31
C ALA E 9 5.51 -31.42 -34.55
N GLN E 10 5.98 -30.22 -34.22
CA GLN E 10 5.15 -29.25 -33.52
C GLN E 10 3.98 -28.81 -34.39
N ALA E 11 4.17 -28.86 -35.71
CA ALA E 11 3.12 -28.51 -36.65
C ALA E 11 2.19 -29.70 -36.89
N MET E 12 2.76 -30.90 -36.98
CA MET E 12 1.97 -32.12 -37.11
C MET E 12 1.05 -32.29 -35.91
N PHE E 13 1.60 -32.09 -34.72
CA PHE E 13 0.84 -32.17 -33.48
C PHE E 13 -0.35 -31.21 -33.49
N GLN E 14 -0.17 -30.03 -34.08
CA GLN E 14 -1.25 -29.06 -34.20
C GLN E 14 -2.38 -29.61 -35.08
N ASN E 15 -2.03 -29.98 -36.31
CA ASN E 15 -2.99 -30.52 -37.27
C ASN E 15 -3.86 -31.64 -36.72
N TYR E 16 -3.29 -32.44 -35.82
CA TYR E 16 -4.05 -33.51 -35.16
C TYR E 16 -5.15 -32.94 -34.29
N ALA E 17 -4.80 -31.91 -33.50
CA ALA E 17 -5.77 -31.26 -32.62
C ALA E 17 -6.89 -30.59 -33.41
N ASN E 18 -6.53 -29.95 -34.52
CA ASN E 18 -7.52 -29.28 -35.37
C ASN E 18 -8.54 -30.25 -35.95
N LEU E 19 -8.12 -31.47 -36.24
CA LEU E 19 -9.03 -32.50 -36.72
C LEU E 19 -10.01 -32.90 -35.63
N ARG E 20 -9.49 -33.00 -34.40
CA ARG E 20 -10.31 -33.41 -33.26
C ARG E 20 -11.17 -32.26 -32.73
N SER E 21 -11.10 -31.12 -33.40
CA SER E 21 -11.89 -29.95 -33.02
C SER E 21 -13.30 -30.06 -33.59
N PHE E 22 -13.62 -31.21 -34.17
CA PHE E 22 -14.92 -31.44 -34.77
C PHE E 22 -15.63 -32.64 -34.15
N SER E 23 -14.88 -33.45 -33.41
CA SER E 23 -15.40 -34.69 -32.81
C SER E 23 -16.59 -34.44 -31.87
N THR E 32 -14.28 -43.68 -33.81
CA THR E 32 -13.55 -44.46 -34.80
C THR E 32 -12.07 -44.06 -34.85
N THR E 33 -11.24 -44.93 -35.43
CA THR E 33 -9.79 -44.72 -35.47
C THR E 33 -9.39 -43.55 -36.37
N ILE E 34 -8.11 -43.17 -36.29
CA ILE E 34 -7.57 -42.10 -37.11
C ILE E 34 -6.32 -42.52 -37.86
N GLY E 35 -6.33 -42.34 -39.17
CA GLY E 35 -5.13 -42.53 -39.99
C GLY E 35 -4.72 -41.19 -40.55
N GLY E 36 -3.81 -41.19 -41.51
CA GLY E 36 -3.37 -39.94 -42.11
C GLY E 36 -2.40 -40.07 -43.27
N PHE E 37 -2.20 -38.98 -43.99
CA PHE E 37 -1.25 -38.95 -45.08
C PHE E 37 -0.11 -38.01 -44.72
N VAL E 38 1.09 -38.32 -45.19
CA VAL E 38 2.24 -37.47 -44.98
C VAL E 38 2.69 -36.88 -46.32
N PHE E 39 2.41 -35.61 -46.53
CA PHE E 39 2.82 -34.92 -47.74
C PHE E 39 4.09 -34.11 -47.50
N GLY E 40 4.97 -34.07 -48.50
CA GLY E 40 6.21 -33.33 -48.37
C GLY E 40 7.02 -33.31 -49.64
N ARG E 41 8.30 -32.94 -49.51
CA ARG E 41 9.21 -32.87 -50.66
C ARG E 41 10.15 -34.07 -50.65
N LYS E 42 9.85 -35.05 -51.50
CA LYS E 42 10.63 -36.29 -51.57
C LYS E 42 12.09 -36.01 -51.95
N ALA E 43 12.31 -34.97 -52.74
CA ALA E 43 13.66 -34.60 -53.15
C ALA E 43 14.55 -34.26 -51.97
N ARG E 44 14.03 -33.45 -51.05
CA ARG E 44 14.80 -32.98 -49.91
C ARG E 44 14.66 -33.88 -48.69
N LYS E 45 13.75 -34.86 -48.79
CA LYS E 45 13.36 -35.67 -47.63
C LYS E 45 12.92 -34.76 -46.49
N GLN E 46 11.85 -34.00 -46.75
CA GLN E 46 11.38 -32.99 -45.82
C GLN E 46 9.85 -32.95 -45.79
N VAL E 47 9.28 -33.41 -44.68
CA VAL E 47 7.82 -33.42 -44.51
C VAL E 47 7.27 -31.99 -44.38
N ILE E 48 6.23 -31.70 -45.14
CA ILE E 48 5.63 -30.36 -45.14
C ILE E 48 4.21 -30.36 -44.58
N HIS E 49 3.41 -31.33 -45.00
CA HIS E 49 2.02 -31.40 -44.55
C HIS E 49 1.65 -32.79 -44.01
N VAL E 50 1.34 -32.86 -42.71
CA VAL E 50 0.82 -34.09 -42.12
C VAL E 50 -0.68 -33.96 -41.90
N LEU E 51 -1.45 -34.56 -42.80
CA LEU E 51 -2.91 -34.43 -42.75
C LEU E 51 -3.57 -35.69 -42.17
N PHE E 52 -4.12 -35.54 -40.96
CA PHE E 52 -4.85 -36.63 -40.32
C PHE E 52 -6.27 -36.68 -40.86
N ALA E 53 -6.88 -37.87 -40.79
CA ALA E 53 -8.25 -38.06 -41.22
C ALA E 53 -8.81 -39.33 -40.59
N TYR E 54 -10.09 -39.31 -40.24
CA TYR E 54 -10.74 -40.48 -39.64
C TYR E 54 -10.78 -41.64 -40.64
N ALA E 55 -11.13 -42.80 -40.17
CA ALA E 55 -11.01 -43.92 -41.05
C ALA E 55 -11.89 -43.70 -42.21
N GLU E 56 -13.06 -43.21 -41.94
CA GLU E 56 -14.08 -43.18 -42.94
C GLU E 56 -13.60 -42.33 -44.07
N ASP E 57 -12.68 -41.43 -43.79
CA ASP E 57 -12.19 -40.55 -44.79
C ASP E 57 -10.88 -40.96 -45.30
N LEU E 58 -10.46 -42.16 -44.99
CA LEU E 58 -9.25 -42.69 -45.59
C LEU E 58 -9.51 -43.38 -46.90
N THR E 59 -9.87 -42.62 -47.91
CA THR E 59 -10.13 -43.15 -49.24
C THR E 59 -9.10 -42.64 -50.24
N GLU E 60 -8.86 -43.40 -51.30
CA GLU E 60 -7.94 -42.99 -52.35
C GLU E 60 -8.46 -41.72 -53.03
N SER E 61 -9.78 -41.57 -53.02
CA SER E 61 -10.43 -40.39 -53.58
C SER E 61 -9.92 -39.11 -52.95
N ASN E 62 -10.01 -39.02 -51.63
CA ASN E 62 -9.50 -37.87 -50.89
C ASN E 62 -8.00 -37.68 -51.07
N ARG E 63 -7.26 -38.79 -51.13
CA ARG E 63 -5.82 -38.74 -51.32
C ARG E 63 -5.49 -38.05 -52.64
N GLN E 64 -6.34 -38.24 -53.63
CA GLN E 64 -6.19 -37.57 -54.92
C GLN E 64 -6.66 -36.12 -54.82
N PHE E 65 -7.62 -35.86 -53.94
CA PHE E 65 -8.13 -34.51 -53.74
C PHE E 65 -7.12 -33.65 -53.00
N LEU E 66 -6.64 -34.15 -51.87
CA LEU E 66 -5.66 -33.43 -51.06
C LEU E 66 -4.40 -33.08 -51.86
N GLU E 67 -3.88 -34.04 -52.61
CA GLU E 67 -2.66 -33.85 -53.38
C GLU E 67 -2.88 -32.87 -54.54
N SER E 68 -4.11 -32.77 -55.00
CA SER E 68 -4.45 -31.84 -56.08
C SER E 68 -4.55 -30.42 -55.54
N SER E 69 -4.55 -30.28 -54.22
CA SER E 69 -4.74 -29.00 -53.58
C SER E 69 -3.44 -28.40 -53.06
N LEU E 70 -2.41 -29.23 -52.96
CA LEU E 70 -1.12 -28.78 -52.45
C LEU E 70 -0.23 -28.26 -53.58
N SER E 71 0.89 -27.65 -53.21
CA SER E 71 1.83 -27.09 -54.20
C SER E 71 2.42 -28.19 -55.10
N ALA E 72 2.96 -27.77 -56.24
CA ALA E 72 3.41 -28.72 -57.27
C ALA E 72 4.52 -29.66 -56.82
N ASP E 73 5.45 -29.16 -56.03
CA ASP E 73 6.59 -29.96 -55.59
C ASP E 73 6.27 -30.87 -54.41
N ILE E 74 5.13 -30.65 -53.77
CA ILE E 74 4.70 -31.50 -52.65
C ILE E 74 3.95 -32.73 -53.15
N GLU E 75 4.38 -33.91 -52.70
CA GLU E 75 3.72 -35.16 -53.08
C GLU E 75 3.59 -36.10 -51.88
N LEU E 76 2.75 -37.13 -52.05
CA LEU E 76 2.54 -38.12 -50.99
C LEU E 76 3.82 -38.91 -50.75
N VAL E 77 4.52 -38.56 -49.67
CA VAL E 77 5.80 -39.21 -49.36
C VAL E 77 5.65 -40.33 -48.34
N GLY E 78 4.45 -40.46 -47.75
CA GLY E 78 4.21 -41.51 -46.77
C GLY E 78 2.90 -41.38 -46.04
N ASN E 79 2.67 -42.29 -45.09
CA ASN E 79 1.48 -42.26 -44.25
C ASN E 79 1.84 -42.36 -42.77
N LEU E 80 0.87 -42.62 -41.93
CA LEU E 80 1.10 -42.72 -40.49
C LEU E 80 0.21 -43.78 -39.83
N ASN E 81 0.64 -44.27 -38.68
CA ASN E 81 -0.13 -45.28 -37.95
C ASN E 81 -0.25 -44.91 -36.47
N ILE E 82 -1.47 -44.60 -36.03
CA ILE E 82 -1.72 -44.23 -34.64
C ILE E 82 -2.14 -45.44 -33.81
N ASP E 83 -1.34 -45.77 -32.80
CA ASP E 83 -1.58 -46.93 -31.93
C ASP E 83 -1.59 -48.26 -32.68
N GLY E 84 -1.14 -48.25 -33.93
CA GLY E 84 -1.13 -49.45 -34.75
C GLY E 84 -2.50 -49.85 -35.26
N GLN E 85 -3.54 -49.20 -34.73
CA GLN E 85 -4.92 -49.55 -35.04
C GLN E 85 -5.51 -48.67 -36.12
N SER E 86 -4.68 -47.82 -36.73
CA SER E 86 -5.14 -46.94 -37.79
C SER E 86 -5.46 -47.74 -39.05
N GLN E 87 -6.48 -47.31 -39.77
CA GLN E 87 -6.72 -47.84 -41.11
C GLN E 87 -5.53 -47.45 -41.97
N ILE E 88 -5.13 -48.33 -42.88
CA ILE E 88 -3.94 -48.07 -43.68
C ILE E 88 -4.20 -48.15 -45.18
N LEU E 89 -3.59 -47.23 -45.93
CA LEU E 89 -3.67 -47.24 -47.38
C LEU E 89 -2.28 -47.41 -47.97
N PRO E 90 -2.19 -48.11 -49.10
CA PRO E 90 -0.91 -48.18 -49.81
C PRO E 90 -0.52 -46.81 -50.31
N GLY E 91 0.77 -46.47 -50.23
CA GLY E 91 1.23 -45.15 -50.62
C GLY E 91 2.42 -44.70 -49.80
N GLY E 92 3.35 -43.99 -50.43
CA GLY E 92 4.54 -43.53 -49.75
C GLY E 92 5.52 -44.65 -49.47
N GLN E 93 6.65 -44.31 -48.86
CA GLN E 93 7.69 -45.30 -48.57
C GLN E 93 8.07 -45.34 -47.09
N PHE E 94 7.31 -44.63 -46.27
CA PHE E 94 7.47 -44.72 -44.82
C PHE E 94 6.15 -44.56 -44.08
N THR E 95 6.08 -45.08 -42.86
CA THR E 95 4.87 -44.99 -42.05
C THR E 95 5.20 -44.48 -40.65
N LEU E 96 4.75 -43.27 -40.35
CA LEU E 96 4.99 -42.66 -39.04
C LEU E 96 4.29 -43.44 -37.93
N GLN E 97 5.06 -43.89 -36.95
CA GLN E 97 4.51 -44.59 -35.81
C GLN E 97 4.12 -43.59 -34.73
N LEU E 98 2.82 -43.51 -34.44
CA LEU E 98 2.33 -42.54 -33.47
C LEU E 98 1.44 -43.21 -32.41
N THR E 99 1.29 -42.55 -31.27
CA THR E 99 0.38 -43.02 -30.23
C THR E 99 -0.56 -41.90 -29.81
N SER E 100 -1.76 -42.25 -29.36
CA SER E 100 -2.77 -41.26 -28.98
C SER E 100 -2.28 -40.38 -27.85
N ARG E 101 -1.52 -40.96 -26.92
CA ARG E 101 -0.94 -40.22 -25.81
C ARG E 101 0.10 -39.22 -26.29
N MET E 102 0.91 -39.64 -27.27
CA MET E 102 1.92 -38.76 -27.86
C MET E 102 1.27 -37.54 -28.48
N LEU E 103 0.16 -37.74 -29.18
CA LEU E 103 -0.53 -36.67 -29.88
C LEU E 103 -1.32 -35.78 -28.92
N GLU E 104 -1.79 -36.36 -27.81
CA GLU E 104 -2.45 -35.58 -26.77
C GLU E 104 -1.45 -34.68 -26.06
N ASN E 105 -0.43 -35.31 -25.48
CA ASN E 105 0.60 -34.58 -24.75
C ASN E 105 1.48 -33.74 -25.68
N ARG E 106 1.38 -34.01 -26.98
CA ARG E 106 2.21 -33.34 -27.98
C ARG E 106 3.69 -33.53 -27.63
N SER E 107 4.06 -34.78 -27.36
CA SER E 107 5.40 -35.11 -26.90
C SER E 107 6.36 -35.39 -28.07
N ILE E 108 7.20 -34.42 -28.38
CA ILE E 108 8.19 -34.54 -29.43
C ILE E 108 9.16 -35.70 -29.17
N SER E 109 9.59 -35.82 -27.92
CA SER E 109 10.53 -36.87 -27.53
C SER E 109 9.99 -38.27 -27.78
N GLU E 110 8.71 -38.48 -27.48
CA GLU E 110 8.08 -39.78 -27.70
C GLU E 110 8.01 -40.10 -29.19
N PHE E 111 7.82 -39.09 -30.02
CA PHE E 111 7.81 -39.27 -31.46
C PHE E 111 9.19 -39.67 -31.99
N LEU E 112 10.18 -38.81 -31.74
CA LEU E 112 11.54 -39.04 -32.25
C LEU E 112 12.14 -40.37 -31.81
N ASP E 113 11.65 -40.92 -30.70
CA ASP E 113 12.14 -42.19 -30.19
C ASP E 113 11.45 -43.36 -30.89
N MET E 114 10.22 -43.14 -31.33
CA MET E 114 9.46 -44.17 -32.04
C MET E 114 9.71 -44.09 -33.55
N ASN E 115 10.13 -42.91 -34.01
CA ASN E 115 10.47 -42.71 -35.41
C ASN E 115 11.89 -42.18 -35.56
N VAL E 116 12.86 -43.09 -35.54
CA VAL E 116 14.28 -42.76 -35.56
C VAL E 116 14.84 -41.93 -36.72
N MET E 117 14.51 -42.30 -37.95
CA MET E 117 15.08 -41.61 -39.11
C MET E 117 14.45 -40.24 -39.37
N PHE E 118 13.86 -39.66 -38.33
CA PHE E 118 13.25 -38.34 -38.44
C PHE E 118 13.86 -37.36 -37.45
N ASN E 119 14.04 -36.11 -37.87
CA ASN E 119 14.49 -35.04 -37.00
C ASN E 119 13.48 -33.92 -36.94
N ASN E 120 13.20 -33.40 -35.76
CA ASN E 120 12.29 -32.26 -35.61
C ASN E 120 12.94 -30.99 -36.15
N GLU E 121 12.18 -30.20 -36.90
CA GLU E 121 12.72 -28.99 -37.51
C GLU E 121 11.62 -27.97 -37.82
N HIS E 122 11.90 -26.70 -37.60
CA HIS E 122 10.95 -25.64 -37.90
C HIS E 122 11.07 -25.24 -39.38
N VAL E 123 10.18 -25.78 -40.21
CA VAL E 123 10.18 -25.52 -41.64
C VAL E 123 9.74 -24.07 -41.90
N LEU E 124 10.36 -23.40 -42.87
CA LEU E 124 10.30 -21.94 -42.94
C LEU E 124 9.98 -21.28 -44.29
N MET E 125 9.03 -21.81 -45.04
CA MET E 125 8.59 -21.20 -46.31
C MET E 125 9.60 -20.79 -47.38
N GLU E 126 10.26 -21.76 -48.00
CA GLU E 126 11.37 -21.46 -48.91
C GLU E 126 11.14 -21.02 -50.34
N GLY E 127 9.91 -20.67 -50.70
CA GLY E 127 9.62 -20.42 -52.10
C GLY E 127 9.26 -19.01 -52.50
N ALA E 128 9.24 -18.78 -53.81
CA ALA E 128 8.61 -17.62 -54.41
C ALA E 128 7.44 -18.19 -55.21
N SER E 129 6.53 -17.34 -55.67
CA SER E 129 5.34 -17.85 -56.34
C SER E 129 5.08 -17.23 -57.72
N CYS E 130 4.88 -18.09 -58.71
CA CYS E 130 4.54 -17.66 -60.06
C CYS E 130 3.05 -17.89 -60.31
N VAL E 131 2.38 -16.89 -60.87
CA VAL E 131 0.95 -16.98 -61.13
C VAL E 131 0.62 -16.64 -62.58
N SER E 132 -0.35 -17.35 -63.15
CA SER E 132 -0.82 -17.09 -64.50
C SER E 132 -2.27 -17.52 -64.64
N ARG E 133 -3.14 -16.61 -65.07
CA ARG E 133 -4.56 -16.94 -65.23
C ARG E 133 -4.79 -17.71 -66.52
N VAL E 134 -5.36 -18.89 -66.39
CA VAL E 134 -5.63 -19.74 -67.55
C VAL E 134 -7.14 -19.95 -67.71
N GLY E 135 -7.52 -20.58 -68.81
CA GLY E 135 -8.92 -20.88 -69.06
C GLY E 135 -9.07 -22.09 -69.96
N TYR E 136 -9.98 -22.99 -69.60
CA TYR E 136 -10.25 -24.17 -70.42
C TYR E 136 -11.74 -24.44 -70.54
N GLU E 137 -12.14 -24.98 -71.69
CA GLU E 137 -13.55 -25.23 -71.97
C GLU E 137 -13.85 -26.72 -72.14
N TRP E 138 -14.86 -27.20 -71.42
CA TRP E 138 -15.26 -28.60 -71.52
C TRP E 138 -16.71 -28.71 -72.02
N SER E 139 -17.02 -29.84 -72.63
CA SER E 139 -18.38 -30.11 -73.09
C SER E 139 -18.85 -31.45 -72.55
N LEU E 140 -20.06 -31.47 -72.00
CA LEU E 140 -20.59 -32.67 -71.35
C LEU E 140 -21.82 -33.20 -72.08
N ARG E 141 -21.78 -34.48 -72.44
CA ARG E 141 -22.94 -35.14 -73.02
C ARG E 141 -23.97 -35.35 -71.93
N ALA E 142 -25.08 -34.61 -72.02
CA ALA E 142 -26.15 -34.66 -71.01
C ALA E 142 -26.63 -36.09 -70.76
N GLY E 143 -26.38 -36.57 -69.55
CA GLY E 143 -26.67 -37.96 -69.21
C GLY E 143 -25.37 -38.69 -68.92
N ARG E 144 -24.33 -38.34 -69.67
CA ARG E 144 -22.99 -38.87 -69.44
C ARG E 144 -22.16 -37.84 -68.71
N GLU E 145 -22.84 -36.83 -68.15
CA GLU E 145 -22.21 -35.66 -67.53
C GLU E 145 -21.05 -36.00 -66.58
N GLN E 146 -21.32 -36.84 -65.59
CA GLN E 146 -20.30 -37.26 -64.64
C GLN E 146 -19.18 -38.04 -65.32
N GLU E 147 -19.56 -38.96 -66.22
CA GLU E 147 -18.59 -39.79 -66.91
C GLU E 147 -17.80 -39.01 -67.96
N ASP E 148 -18.35 -37.90 -68.42
CA ASP E 148 -17.73 -37.12 -69.49
C ASP E 148 -16.64 -36.19 -68.95
N VAL E 149 -16.85 -35.63 -67.76
CA VAL E 149 -15.92 -34.67 -67.18
C VAL E 149 -14.65 -35.35 -66.64
N LYS E 150 -14.80 -36.58 -66.15
CA LYS E 150 -13.66 -37.35 -65.65
C LYS E 150 -12.62 -37.57 -66.76
N SER E 151 -13.10 -37.92 -67.94
CA SER E 151 -12.21 -38.14 -69.09
C SER E 151 -11.74 -36.82 -69.67
N ALA E 152 -12.56 -35.78 -69.54
CA ALA E 152 -12.22 -34.45 -70.03
C ALA E 152 -11.00 -33.90 -69.30
N ALA E 153 -10.84 -34.29 -68.04
CA ALA E 153 -9.68 -33.89 -67.25
C ALA E 153 -8.44 -34.66 -67.68
N GLU E 154 -8.60 -35.96 -67.89
CA GLU E 154 -7.51 -36.83 -68.34
C GLU E 154 -6.96 -36.36 -69.68
N ARG E 155 -7.85 -36.18 -70.64
CA ARG E 155 -7.49 -35.74 -71.99
C ARG E 155 -6.81 -34.37 -71.95
N LEU E 156 -7.24 -33.52 -71.03
CA LEU E 156 -6.61 -32.22 -70.83
C LEU E 156 -5.25 -32.39 -70.17
N SER E 157 -5.12 -33.43 -69.36
CA SER E 157 -3.87 -33.72 -68.66
C SER E 157 -2.87 -34.46 -69.55
N MET E 158 -3.35 -34.93 -70.70
CA MET E 158 -2.49 -35.62 -71.66
C MET E 158 -1.90 -34.62 -72.65
N ALA E 159 -2.44 -33.40 -72.65
CA ALA E 159 -1.97 -32.36 -73.52
C ALA E 159 -1.59 -31.12 -72.79
N SER E 160 -1.33 -31.25 -71.51
CA SER E 160 -1.06 -30.04 -70.74
C SER E 160 0.42 -29.63 -70.78
N PHE E 161 1.12 -30.07 -71.82
CA PHE E 161 2.54 -29.78 -71.96
C PHE E 161 2.81 -28.79 -73.09
N ARG E 162 1.85 -28.63 -73.98
CA ARG E 162 1.99 -27.75 -75.14
C ARG E 162 1.75 -26.28 -74.79
N PHE E 163 1.89 -25.94 -73.50
CA PHE E 163 1.68 -24.57 -73.06
C PHE E 163 2.98 -23.79 -72.95
N THR E 164 2.87 -22.47 -72.87
CA THR E 164 4.04 -21.61 -72.73
C THR E 164 3.68 -20.37 -71.91
N TYR E 165 4.46 -20.12 -70.86
CA TYR E 165 4.20 -18.99 -69.98
C TYR E 165 5.24 -17.89 -70.22
N LEU E 166 4.80 -16.64 -70.24
CA LEU E 166 5.68 -15.52 -70.57
C LEU E 166 5.47 -14.30 -69.66
N ASN E 167 6.56 -13.72 -69.21
CA ASN E 167 6.53 -12.47 -68.46
C ASN E 167 6.95 -11.30 -69.35
N ALA E 168 6.12 -10.26 -69.40
CA ALA E 168 6.36 -9.14 -70.29
C ALA E 168 7.46 -8.21 -69.81
N GLU E 169 7.35 -7.74 -68.57
CA GLU E 169 8.24 -6.69 -68.06
C GLU E 169 9.71 -7.12 -67.93
N HIS E 170 9.95 -8.41 -67.68
CA HIS E 170 11.32 -8.89 -67.52
C HIS E 170 11.76 -9.81 -68.66
N GLY E 171 10.80 -10.32 -69.42
CA GLY E 171 11.10 -11.15 -70.57
C GLY E 171 11.42 -12.60 -70.24
N LEU E 172 10.62 -13.18 -69.35
CA LEU E 172 10.83 -14.55 -68.91
C LEU E 172 9.91 -15.52 -69.65
N VAL E 173 10.44 -16.67 -70.06
CA VAL E 173 9.65 -17.68 -70.77
C VAL E 173 9.78 -19.06 -70.15
N ILE E 174 8.64 -19.65 -69.76
CA ILE E 174 8.62 -21.03 -69.28
C ILE E 174 7.81 -21.89 -70.25
N ARG E 175 8.43 -22.97 -70.75
CA ARG E 175 7.78 -23.84 -71.73
C ARG E 175 8.43 -25.21 -71.78
N GLU E 176 7.90 -26.08 -72.64
CA GLU E 176 8.50 -27.38 -72.92
C GLU E 176 9.93 -27.22 -73.41
N GLN E 177 10.86 -27.90 -72.74
CA GLN E 177 12.27 -27.80 -73.10
C GLN E 177 12.96 -29.17 -73.17
N LYS E 178 14.26 -29.14 -73.47
CA LYS E 178 15.07 -30.35 -73.53
C LYS E 178 16.24 -30.21 -72.57
N PRO E 179 16.67 -31.34 -71.97
CA PRO E 179 17.76 -31.47 -71.00
C PRO E 179 18.92 -30.47 -71.17
N GLU E 180 19.36 -30.27 -72.40
CA GLU E 180 20.48 -29.37 -72.67
C GLU E 180 20.03 -27.91 -72.84
N ALA E 181 18.77 -27.72 -73.22
CA ALA E 181 18.24 -26.37 -73.43
C ALA E 181 17.95 -25.67 -72.11
N ALA E 182 18.06 -26.41 -71.01
CA ALA E 182 17.78 -25.86 -69.69
C ALA E 182 18.83 -24.83 -69.27
N GLN E 183 18.37 -23.59 -69.07
CA GLN E 183 19.23 -22.54 -68.55
C GLN E 183 19.04 -22.41 -67.04
N GLN E 184 20.06 -22.80 -66.27
CA GLN E 184 19.95 -22.86 -64.82
C GLN E 184 19.92 -21.48 -64.16
N LYS E 185 19.44 -21.46 -62.92
CA LYS E 185 19.27 -20.22 -62.16
C LYS E 185 18.46 -19.18 -62.92
N TYR E 186 17.44 -19.64 -63.62
CA TYR E 186 16.58 -18.77 -64.42
C TYR E 186 15.84 -17.72 -63.60
N LEU E 187 15.18 -18.16 -62.54
CA LEU E 187 14.42 -17.25 -61.69
C LEU E 187 15.06 -17.07 -60.31
N ASP E 188 16.36 -17.30 -60.22
CA ASP E 188 17.09 -17.11 -58.96
C ASP E 188 17.09 -15.64 -58.53
N LYS E 189 16.94 -14.75 -59.49
CA LYS E 189 16.90 -13.31 -59.22
C LYS E 189 15.67 -12.92 -58.41
N PHE E 190 14.59 -13.68 -58.59
CA PHE E 190 13.31 -13.35 -57.95
C PHE E 190 12.98 -14.28 -56.78
N SER E 191 13.85 -15.25 -56.52
CA SER E 191 13.55 -16.27 -55.52
C SER E 191 14.72 -16.59 -54.59
N LYS E 192 15.65 -15.64 -54.43
CA LYS E 192 16.76 -15.86 -53.51
C LYS E 192 16.51 -15.68 -52.02
N GLY E 193 15.73 -14.66 -51.69
CA GLY E 193 15.27 -14.47 -50.32
C GLY E 193 13.79 -14.27 -50.17
N ALA E 194 13.00 -14.94 -51.01
CA ALA E 194 11.56 -14.72 -51.03
C ALA E 194 10.55 -15.56 -50.25
N VAL E 195 9.34 -15.05 -50.13
CA VAL E 195 8.23 -15.78 -49.50
C VAL E 195 7.16 -16.09 -50.55
N PRO E 196 6.49 -17.24 -50.40
CA PRO E 196 5.49 -17.64 -51.41
C PRO E 196 4.10 -17.08 -51.12
N TYR E 197 4.04 -15.83 -50.64
CA TYR E 197 2.75 -15.19 -50.38
C TYR E 197 2.79 -13.68 -50.62
N LYS E 198 3.98 -13.14 -50.83
CA LYS E 198 4.15 -11.71 -51.08
C LYS E 198 4.95 -11.46 -52.35
N ASP E 199 5.97 -12.27 -52.57
CA ASP E 199 6.82 -12.14 -53.74
C ASP E 199 6.25 -12.94 -54.91
N VAL E 200 5.43 -12.29 -55.73
CA VAL E 200 4.72 -12.95 -56.81
C VAL E 200 5.30 -12.60 -58.18
N ILE E 201 5.32 -13.58 -59.08
CA ILE E 201 5.76 -13.36 -60.45
C ILE E 201 4.63 -13.71 -61.42
N GLU E 202 4.05 -12.69 -62.04
CA GLU E 202 2.87 -12.90 -62.88
C GLU E 202 3.23 -13.24 -64.32
N PHE E 203 2.67 -14.33 -64.83
CA PHE E 203 2.90 -14.76 -66.20
C PHE E 203 1.64 -14.65 -67.05
N THR E 204 1.79 -14.89 -68.35
CA THR E 204 0.65 -14.99 -69.26
C THR E 204 0.62 -16.39 -69.86
N ALA E 205 -0.53 -17.05 -69.81
CA ALA E 205 -0.66 -18.39 -70.34
C ALA E 205 -1.03 -18.36 -71.82
N MET E 206 -0.23 -19.03 -72.65
CA MET E 206 -0.46 -19.04 -74.09
C MET E 206 -0.28 -20.44 -74.67
N GLN E 207 -1.09 -20.76 -75.68
CA GLN E 207 -0.93 -22.00 -76.43
C GLN E 207 -0.84 -21.71 -77.92
N SER E 208 -0.14 -22.55 -78.66
CA SER E 208 0.11 -22.30 -80.08
C SER E 208 -1.13 -22.45 -80.95
N LEU E 209 -1.02 -22.05 -82.20
CA LEU E 209 -2.14 -22.13 -83.15
C LEU E 209 -1.88 -23.21 -84.20
N THR E 210 -0.67 -23.77 -84.17
CA THR E 210 -0.32 -24.87 -85.06
C THR E 210 -1.23 -26.05 -84.79
N ARG E 211 -1.65 -26.18 -83.53
CA ARG E 211 -2.62 -27.18 -83.12
C ARG E 211 -3.53 -26.59 -82.06
N ASP E 212 -4.84 -26.65 -82.30
CA ASP E 212 -5.82 -26.06 -81.40
C ASP E 212 -6.87 -27.07 -80.93
N HIS E 234 -29.54 -30.77 -77.06
CA HIS E 234 -28.32 -31.10 -77.77
C HIS E 234 -27.24 -31.56 -76.80
N PHE E 235 -26.62 -30.61 -76.10
CA PHE E 235 -25.56 -30.92 -75.13
C PHE E 235 -25.32 -29.74 -74.19
N THR E 236 -24.53 -29.98 -73.14
CA THR E 236 -24.22 -28.93 -72.17
C THR E 236 -22.71 -28.72 -72.03
N ARG E 237 -22.28 -27.46 -72.09
CA ARG E 237 -20.86 -27.15 -71.97
C ARG E 237 -20.60 -26.24 -70.77
N LEU E 238 -19.33 -26.08 -70.44
CA LEU E 238 -18.92 -25.15 -69.39
C LEU E 238 -17.51 -24.62 -69.66
N VAL E 239 -17.20 -23.45 -69.14
CA VAL E 239 -15.86 -22.91 -69.23
C VAL E 239 -15.40 -22.41 -67.87
N THR E 240 -14.22 -22.87 -67.44
CA THR E 240 -13.69 -22.49 -66.14
C THR E 240 -12.35 -21.77 -66.26
N ILE E 241 -12.38 -20.45 -66.19
CA ILE E 241 -11.15 -19.67 -66.11
C ILE E 241 -10.73 -19.58 -64.65
N GLY E 242 -9.43 -19.38 -64.42
CA GLY E 242 -8.93 -19.30 -63.07
C GLY E 242 -7.42 -19.17 -63.00
N GLU E 243 -6.90 -19.13 -61.77
CA GLU E 243 -5.47 -18.98 -61.56
C GLU E 243 -4.76 -20.33 -61.57
N VAL E 244 -3.45 -20.31 -61.79
CA VAL E 244 -2.60 -21.46 -61.62
C VAL E 244 -1.28 -20.98 -61.00
N VAL E 245 -0.91 -21.57 -59.87
CA VAL E 245 0.30 -21.14 -59.17
C VAL E 245 1.27 -22.29 -58.92
N PHE E 246 2.55 -22.01 -59.15
CA PHE E 246 3.61 -22.99 -58.89
C PHE E 246 4.81 -22.30 -58.24
N PRO E 247 5.41 -22.95 -57.23
CA PRO E 247 6.52 -22.35 -56.48
C PRO E 247 7.80 -22.27 -57.29
N ALA E 248 8.45 -21.12 -57.26
CA ALA E 248 9.76 -20.96 -57.87
C ALA E 248 10.81 -20.82 -56.78
N PHE E 249 11.63 -21.86 -56.60
CA PHE E 249 12.64 -21.86 -55.56
C PHE E 249 13.93 -21.22 -56.05
N PHE E 250 14.98 -21.29 -55.23
CA PHE E 250 16.29 -20.79 -55.61
C PHE E 250 17.16 -21.95 -56.09
N GLY E 251 17.81 -21.75 -57.23
CA GLY E 251 18.72 -22.75 -57.75
C GLY E 251 18.08 -23.77 -58.66
N ASP E 252 16.96 -23.41 -59.28
CA ASP E 252 16.30 -24.30 -60.23
C ASP E 252 16.36 -23.75 -61.65
N SER E 253 16.33 -24.64 -62.65
CA SER E 253 16.47 -24.26 -64.05
C SER E 253 15.13 -24.01 -64.73
N SER E 254 15.20 -23.58 -65.99
CA SER E 254 14.01 -23.36 -66.80
C SER E 254 13.22 -24.66 -66.94
N LEU E 255 13.94 -25.77 -67.01
CA LEU E 255 13.32 -27.09 -67.10
C LEU E 255 12.54 -27.42 -65.82
N ASP E 256 13.18 -27.18 -64.67
CA ASP E 256 12.57 -27.43 -63.38
C ASP E 256 11.31 -26.60 -63.19
N LEU E 257 11.39 -25.32 -63.56
CA LEU E 257 10.24 -24.42 -63.49
C LEU E 257 9.09 -24.93 -64.35
N TYR E 258 9.40 -25.40 -65.55
CA TYR E 258 8.41 -25.93 -66.46
C TYR E 258 7.67 -27.14 -65.89
N LYS E 259 8.43 -28.08 -65.34
CA LYS E 259 7.87 -29.32 -64.78
C LYS E 259 6.79 -29.04 -63.74
N ARG E 260 7.06 -28.10 -62.85
CA ARG E 260 6.09 -27.73 -61.83
C ARG E 260 4.93 -26.97 -62.43
N SER E 261 5.21 -26.11 -63.41
CA SER E 261 4.17 -25.32 -64.07
C SER E 261 3.12 -26.22 -64.74
N ARG E 262 3.59 -27.32 -65.33
CA ARG E 262 2.70 -28.29 -65.95
C ARG E 262 1.94 -29.09 -64.89
N GLU E 263 2.67 -29.56 -63.89
CA GLU E 263 2.09 -30.35 -62.80
C GLU E 263 1.05 -29.54 -62.03
N ALA E 264 1.33 -28.26 -61.84
CA ALA E 264 0.39 -27.37 -61.16
C ALA E 264 -0.92 -27.24 -61.93
N PHE E 265 -0.82 -27.19 -63.25
CA PHE E 265 -1.99 -27.05 -64.12
C PHE E 265 -2.94 -28.22 -63.97
N ASN E 266 -2.42 -29.43 -64.10
CA ASN E 266 -3.23 -30.65 -64.04
C ASN E 266 -3.98 -30.79 -62.72
N ARG E 267 -3.31 -30.46 -61.62
CA ARG E 267 -3.89 -30.57 -60.29
C ARG E 267 -5.11 -29.68 -60.11
N ARG E 268 -5.01 -28.42 -60.54
CA ARG E 268 -6.13 -27.51 -60.46
C ARG E 268 -7.24 -27.88 -61.44
N ALA E 269 -6.87 -28.60 -62.49
CA ALA E 269 -7.85 -29.14 -63.44
C ALA E 269 -8.55 -30.34 -62.80
N ASN E 270 -7.77 -31.17 -62.11
CA ASN E 270 -8.32 -32.31 -61.39
C ASN E 270 -9.15 -31.85 -60.19
N ASN E 271 -8.74 -30.75 -59.58
CA ASN E 271 -9.49 -30.15 -58.48
C ASN E 271 -10.83 -29.65 -58.99
N THR E 272 -10.80 -28.96 -60.14
CA THR E 272 -12.02 -28.51 -60.81
C THR E 272 -12.88 -29.72 -61.18
N MET E 273 -12.22 -30.82 -61.55
CA MET E 273 -12.92 -32.05 -61.90
C MET E 273 -13.67 -32.62 -60.70
N MET E 274 -12.93 -32.96 -59.64
CA MET E 274 -13.51 -33.58 -58.45
C MET E 274 -14.61 -32.73 -57.79
N VAL E 275 -14.44 -31.42 -57.81
CA VAL E 275 -15.47 -30.51 -57.32
C VAL E 275 -16.74 -30.62 -58.16
N THR E 276 -16.55 -30.64 -59.48
CA THR E 276 -17.66 -30.66 -60.43
C THR E 276 -18.51 -31.92 -60.33
N VAL E 277 -17.87 -33.08 -60.26
CA VAL E 277 -18.59 -34.35 -60.16
C VAL E 277 -19.32 -34.49 -58.83
N ASN E 278 -18.84 -33.78 -57.81
CA ASN E 278 -19.45 -33.83 -56.49
C ASN E 278 -20.83 -33.19 -56.49
N GLY E 279 -20.92 -31.98 -57.06
CA GLY E 279 -22.20 -31.31 -57.21
C GLY E 279 -23.17 -32.15 -58.01
N ILE E 280 -22.69 -32.66 -59.15
CA ILE E 280 -23.49 -33.54 -60.00
C ILE E 280 -24.03 -34.74 -59.22
N ARG E 281 -23.15 -35.40 -58.49
CA ARG E 281 -23.53 -36.58 -57.71
C ARG E 281 -24.43 -36.23 -56.53
N ALA E 282 -24.34 -34.99 -56.04
CA ALA E 282 -25.12 -34.57 -54.89
C ALA E 282 -26.43 -33.91 -55.28
N GLY E 283 -26.85 -34.10 -56.53
CA GLY E 283 -28.11 -33.54 -57.00
C GLY E 283 -27.99 -32.09 -57.45
N ARG E 284 -26.91 -31.45 -57.03
CA ARG E 284 -26.66 -30.06 -57.42
C ARG E 284 -26.34 -30.04 -58.92
N GLY E 285 -26.56 -28.89 -59.56
CA GLY E 285 -26.32 -28.79 -60.98
C GLY E 285 -24.86 -28.66 -61.35
N VAL E 286 -24.55 -28.76 -62.64
CA VAL E 286 -23.21 -28.52 -63.12
C VAL E 286 -22.92 -27.03 -63.05
N THR E 287 -22.30 -26.59 -61.96
CA THR E 287 -22.04 -25.18 -61.73
C THR E 287 -20.56 -24.83 -61.95
N THR E 288 -20.31 -23.59 -62.35
CA THR E 288 -18.93 -23.14 -62.58
C THR E 288 -18.18 -22.99 -61.26
N THR E 289 -16.87 -22.77 -61.35
CA THR E 289 -16.03 -22.63 -60.18
C THR E 289 -15.27 -21.30 -60.20
N THR E 290 -14.62 -20.99 -59.07
CA THR E 290 -13.73 -19.84 -59.01
C THR E 290 -12.41 -20.27 -58.35
N SER E 291 -11.29 -19.88 -58.95
CA SER E 291 -9.99 -20.27 -58.42
C SER E 291 -9.54 -19.37 -57.29
N ALA E 292 -9.33 -19.96 -56.11
CA ALA E 292 -8.83 -19.22 -54.97
C ALA E 292 -7.55 -19.87 -54.45
N THR E 293 -6.66 -19.05 -53.90
CA THR E 293 -5.41 -19.55 -53.34
C THR E 293 -5.24 -19.09 -51.89
N TYR E 294 -4.92 -20.02 -51.00
CA TYR E 294 -4.83 -19.71 -49.58
C TYR E 294 -3.45 -20.01 -48.98
N LEU E 295 -3.18 -19.37 -47.85
CA LEU E 295 -2.06 -19.74 -46.99
C LEU E 295 -2.62 -19.90 -45.58
N PRO E 296 -3.15 -21.10 -45.27
CA PRO E 296 -3.74 -21.41 -43.97
C PRO E 296 -2.78 -21.13 -42.81
N PRO E 297 -3.33 -20.81 -41.63
CA PRO E 297 -2.50 -20.46 -40.48
C PRO E 297 -1.60 -21.62 -40.04
N GLY E 298 -0.29 -21.35 -39.95
CA GLY E 298 0.66 -22.36 -39.54
C GLY E 298 1.27 -23.10 -40.71
N TRP E 299 0.77 -22.86 -41.92
CA TRP E 299 1.26 -23.55 -43.10
C TRP E 299 2.50 -22.87 -43.68
N VAL E 300 3.36 -23.68 -44.30
CA VAL E 300 4.57 -23.18 -44.94
C VAL E 300 4.49 -23.35 -46.46
N SER E 301 3.37 -23.88 -46.93
CA SER E 301 3.10 -24.03 -48.35
C SER E 301 1.66 -23.61 -48.65
N LEU E 302 1.45 -23.03 -49.82
CA LEU E 302 0.13 -22.52 -50.22
C LEU E 302 -0.90 -23.63 -50.34
N LEU E 303 -2.18 -23.27 -50.22
CA LEU E 303 -3.28 -24.20 -50.45
C LEU E 303 -4.05 -23.76 -51.69
N HIS E 304 -4.23 -24.67 -52.63
CA HIS E 304 -4.85 -24.35 -53.90
C HIS E 304 -6.20 -25.05 -54.04
N LEU E 305 -7.26 -24.28 -54.25
CA LEU E 305 -8.61 -24.85 -54.31
C LEU E 305 -9.49 -24.22 -55.39
N GLN E 306 -10.40 -25.03 -55.93
CA GLN E 306 -11.40 -24.54 -56.87
C GLN E 306 -12.76 -24.54 -56.16
N LEU E 307 -13.33 -23.35 -55.98
CA LEU E 307 -14.52 -23.21 -55.17
C LEU E 307 -15.80 -23.12 -56.00
N PRO E 308 -16.74 -24.04 -55.74
CA PRO E 308 -18.07 -24.04 -56.37
C PRO E 308 -18.89 -22.84 -55.91
N THR E 309 -18.58 -21.67 -56.48
CA THR E 309 -19.17 -20.41 -56.06
C THR E 309 -20.64 -20.26 -56.42
N LYS E 310 -21.20 -21.25 -57.12
CA LYS E 310 -22.59 -21.17 -57.55
C LYS E 310 -23.48 -22.18 -56.81
N TRP E 311 -23.03 -22.59 -55.62
CA TRP E 311 -23.85 -23.44 -54.76
C TRP E 311 -24.64 -22.57 -53.78
N THR E 312 -25.58 -23.20 -53.08
CA THR E 312 -26.37 -22.50 -52.09
C THR E 312 -25.40 -22.05 -51.00
N ASP E 313 -25.54 -20.81 -50.56
CA ASP E 313 -24.64 -20.23 -49.56
C ASP E 313 -24.47 -21.14 -48.34
N ASN E 314 -25.55 -21.82 -47.95
CA ASN E 314 -25.48 -22.83 -46.91
C ASN E 314 -24.54 -23.96 -47.30
N GLU E 315 -24.84 -24.61 -48.43
CA GLU E 315 -24.04 -25.72 -48.93
C GLU E 315 -22.62 -25.28 -49.29
N GLN E 316 -22.46 -24.00 -49.64
CA GLN E 316 -21.15 -23.45 -49.95
C GLN E 316 -20.29 -23.32 -48.70
N ARG E 317 -20.89 -22.80 -47.63
CA ARG E 317 -20.22 -22.71 -46.34
C ARG E 317 -20.06 -24.10 -45.75
N ASN E 318 -21.07 -24.94 -45.94
CA ASN E 318 -21.05 -26.32 -45.46
C ASN E 318 -19.94 -27.11 -46.15
N TYR E 319 -19.51 -26.63 -47.31
CA TYR E 319 -18.41 -27.25 -48.05
C TYR E 319 -17.07 -26.86 -47.43
N ARG E 320 -16.97 -25.64 -46.93
CA ARG E 320 -15.75 -25.16 -46.29
C ARG E 320 -15.49 -25.92 -44.98
N ILE E 321 -16.57 -26.39 -44.35
CA ILE E 321 -16.46 -27.23 -43.16
C ILE E 321 -15.80 -28.56 -43.52
N ARG E 322 -16.29 -29.17 -44.59
CA ARG E 322 -15.76 -30.44 -45.08
C ARG E 322 -14.27 -30.34 -45.38
N LEU E 323 -13.86 -29.21 -45.94
CA LEU E 323 -12.45 -28.97 -46.25
C LEU E 323 -11.62 -28.77 -45.00
N HIS E 324 -12.21 -28.15 -43.98
CA HIS E 324 -11.52 -27.95 -42.70
C HIS E 324 -11.09 -29.28 -42.09
N LYS E 325 -11.95 -30.29 -42.22
CA LYS E 325 -11.66 -31.62 -41.70
C LYS E 325 -10.61 -32.33 -42.56
N LEU E 326 -10.65 -32.09 -43.86
CA LEU E 326 -9.73 -32.73 -44.79
C LEU E 326 -8.29 -32.23 -44.64
N PHE E 327 -8.14 -30.91 -44.53
CA PHE E 327 -6.81 -30.31 -44.48
C PHE E 327 -6.36 -29.99 -43.06
N ASN E 328 -7.07 -30.56 -42.08
CA ASN E 328 -6.80 -30.31 -40.66
C ASN E 328 -6.68 -28.82 -40.34
N LEU E 329 -7.82 -28.13 -40.41
CA LEU E 329 -7.87 -26.69 -40.17
C LEU E 329 -8.72 -26.41 -38.94
N PRO E 330 -8.48 -25.25 -38.29
CA PRO E 330 -9.24 -24.86 -37.09
C PRO E 330 -10.76 -24.85 -37.31
N SER E 331 -11.52 -24.97 -36.23
CA SER E 331 -12.97 -24.91 -36.30
C SER E 331 -13.46 -23.66 -35.60
N SER E 332 -12.52 -22.78 -35.27
CA SER E 332 -12.81 -21.54 -34.58
C SER E 332 -12.87 -20.38 -35.58
N LYS E 333 -11.72 -20.07 -36.17
CA LYS E 333 -11.60 -18.99 -37.13
C LYS E 333 -12.06 -19.44 -38.52
N PRO E 334 -12.42 -18.47 -39.38
CA PRO E 334 -12.64 -18.78 -40.80
C PRO E 334 -11.31 -18.78 -41.55
N VAL E 335 -11.16 -19.67 -42.51
CA VAL E 335 -9.90 -19.80 -43.24
C VAL E 335 -10.11 -19.78 -44.75
N LEU E 336 -11.15 -20.45 -45.22
CA LEU E 336 -11.36 -20.66 -46.64
C LEU E 336 -12.44 -19.76 -47.25
N ARG E 337 -12.78 -18.68 -46.54
CA ARG E 337 -13.72 -17.70 -47.08
C ARG E 337 -13.09 -17.07 -48.33
N LEU E 338 -13.94 -16.75 -49.31
CA LEU E 338 -13.44 -16.19 -50.57
C LEU E 338 -12.74 -14.84 -50.36
N SER E 339 -13.13 -14.14 -49.31
CA SER E 339 -12.62 -12.79 -49.05
C SER E 339 -11.20 -12.78 -48.50
N GLN E 340 -10.69 -13.94 -48.11
CA GLN E 340 -9.35 -14.02 -47.53
C GLN E 340 -8.36 -14.81 -48.38
N ALA E 341 -8.72 -15.07 -49.63
CA ALA E 341 -7.79 -15.67 -50.57
C ALA E 341 -6.73 -14.64 -50.93
N LEU E 342 -5.52 -15.10 -51.22
CA LEU E 342 -4.41 -14.19 -51.51
C LEU E 342 -4.62 -13.40 -52.81
N ALA E 343 -4.17 -12.15 -52.80
CA ALA E 343 -4.19 -11.32 -54.00
C ALA E 343 -2.95 -11.61 -54.85
N LEU E 344 -2.90 -12.80 -55.41
CA LEU E 344 -1.75 -13.22 -56.20
C LEU E 344 -1.81 -12.67 -57.62
N HIS E 345 -2.85 -13.02 -58.36
CA HIS E 345 -3.03 -12.53 -59.72
C HIS E 345 -3.70 -11.16 -59.74
N SER E 346 -3.16 -10.24 -60.52
CA SER E 346 -3.65 -8.88 -60.59
C SER E 346 -5.08 -8.80 -61.13
N GLU E 347 -5.45 -9.76 -61.97
CA GLU E 347 -6.77 -9.78 -62.59
C GLU E 347 -7.77 -10.62 -61.80
N SER E 348 -7.46 -10.88 -60.53
CA SER E 348 -8.36 -11.64 -59.68
C SER E 348 -9.28 -10.73 -58.88
N ALA E 349 -10.46 -11.23 -58.55
CA ALA E 349 -11.48 -10.46 -57.85
C ALA E 349 -11.04 -10.05 -56.44
N ARG E 350 -11.15 -8.76 -56.15
CA ARG E 350 -10.84 -8.25 -54.82
C ARG E 350 -12.10 -7.69 -54.16
N LEU E 351 -12.20 -7.87 -52.85
CA LEU E 351 -13.34 -7.36 -52.09
C LEU E 351 -12.97 -6.09 -51.34
N THR E 352 -11.73 -5.63 -51.56
CA THR E 352 -11.25 -4.38 -50.98
C THR E 352 -10.74 -3.47 -52.08
N ASN E 353 -10.28 -2.28 -51.71
CA ASN E 353 -9.63 -1.39 -52.66
C ASN E 353 -8.33 -2.00 -53.13
N LYS E 354 -8.10 -1.97 -54.44
CA LYS E 354 -6.87 -2.49 -55.03
C LYS E 354 -5.70 -1.60 -54.65
N LYS E 355 -5.85 -0.29 -54.87
CA LYS E 355 -4.82 0.68 -54.57
C LYS E 355 -4.82 1.02 -53.09
N LEU E 356 -4.56 0.03 -52.24
CA LEU E 356 -4.58 0.24 -50.80
C LEU E 356 -3.59 -0.68 -50.10
N ILE E 357 -2.73 -0.11 -49.27
CA ILE E 357 -1.72 -0.87 -48.55
C ILE E 357 -2.35 -1.97 -47.70
N ARG E 358 -1.60 -3.05 -47.50
CA ARG E 358 -2.08 -4.18 -46.70
C ARG E 358 -0.99 -4.62 -45.73
N GLU E 359 -1.28 -4.50 -44.43
CA GLU E 359 -0.30 -4.79 -43.37
C GLU E 359 1.00 -3.99 -43.53
N PRO E 360 0.92 -2.65 -43.39
CA PRO E 360 2.13 -1.84 -43.58
C PRO E 360 3.13 -1.98 -42.43
N HIS E 361 2.66 -2.45 -41.28
CA HIS E 361 3.52 -2.60 -40.12
C HIS E 361 4.50 -3.76 -40.29
N LEU E 362 4.19 -4.67 -41.22
CA LEU E 362 5.05 -5.80 -41.52
C LEU E 362 6.34 -5.35 -42.22
N SER E 363 6.27 -4.21 -42.91
CA SER E 363 7.39 -3.75 -43.74
C SER E 363 8.62 -3.33 -42.93
N ILE E 364 8.41 -2.87 -41.70
CA ILE E 364 9.50 -2.39 -40.86
C ILE E 364 10.32 -3.52 -40.23
N THR E 365 11.64 -3.36 -40.29
CA THR E 365 12.58 -4.30 -39.72
C THR E 365 13.77 -3.54 -39.14
N ASN E 366 13.57 -2.26 -38.88
CA ASN E 366 14.63 -1.40 -38.34
C ASN E 366 14.42 -1.11 -36.86
N TYR E 367 13.55 -1.90 -36.22
CA TYR E 367 13.20 -1.70 -34.82
C TYR E 367 13.71 -2.84 -33.94
N GLN E 368 14.19 -2.48 -32.75
CA GLN E 368 14.68 -3.46 -31.79
C GLN E 368 13.79 -3.47 -30.54
N PRO E 369 13.15 -4.61 -30.27
CA PRO E 369 12.23 -4.77 -29.14
C PRO E 369 12.87 -4.42 -27.80
N VAL E 370 12.23 -3.53 -27.05
CA VAL E 370 12.70 -3.18 -25.72
C VAL E 370 12.30 -4.27 -24.74
N GLY E 371 11.38 -5.13 -25.16
CA GLY E 371 10.93 -6.26 -24.36
C GLY E 371 10.06 -7.22 -25.15
N GLU E 372 8.97 -7.68 -24.53
CA GLU E 372 8.03 -8.59 -25.19
C GLU E 372 7.14 -7.82 -26.18
N ILE E 373 7.03 -8.35 -27.39
CA ILE E 373 6.21 -7.72 -28.42
C ILE E 373 5.02 -8.57 -28.85
N THR E 374 3.83 -8.00 -28.77
CA THR E 374 2.61 -8.67 -29.22
C THR E 374 1.86 -7.76 -30.20
N THR E 375 1.58 -8.28 -31.38
CA THR E 375 0.92 -7.48 -32.43
C THR E 375 -0.35 -8.11 -32.97
N VAL E 376 -0.93 -7.47 -33.97
CA VAL E 376 -2.14 -7.96 -34.65
C VAL E 376 -1.92 -9.35 -35.23
N ASN E 377 -2.90 -10.23 -35.05
CA ASN E 377 -2.85 -11.56 -35.65
C ASN E 377 -3.79 -11.62 -36.86
N GLY E 378 -3.39 -10.97 -37.95
CA GLY E 378 -4.18 -10.97 -39.17
C GLY E 378 -3.94 -9.78 -40.07
N PRO E 379 -4.51 -9.83 -41.29
CA PRO E 379 -4.41 -8.76 -42.30
C PRO E 379 -5.40 -7.62 -42.10
N TYR E 380 -5.04 -6.44 -42.62
CA TYR E 380 -5.86 -5.24 -42.50
C TYR E 380 -5.37 -4.23 -43.53
N ASN E 381 -6.19 -3.24 -43.85
CA ASN E 381 -5.79 -2.21 -44.81
C ASN E 381 -5.61 -0.84 -44.14
N TYR E 382 -4.59 -0.11 -44.59
CA TYR E 382 -4.30 1.22 -44.04
C TYR E 382 -5.16 2.29 -44.70
N HIS E 383 -6.28 2.63 -44.06
CA HIS E 383 -7.11 3.74 -44.50
C HIS E 383 -6.68 5.01 -43.78
N HIS E 384 -6.75 6.15 -44.45
CA HIS E 384 -6.43 7.45 -43.88
C HIS E 384 -7.10 8.61 -44.54
N TYR E 385 -6.55 9.80 -44.35
CA TYR E 385 -7.13 11.00 -44.95
C TYR E 385 -7.08 11.10 -46.47
N MET E 386 -7.96 11.94 -47.01
CA MET E 386 -7.99 12.27 -48.43
C MET E 386 -8.28 11.11 -49.37
N GLN E 387 -8.43 9.91 -48.81
CA GLN E 387 -8.82 8.74 -49.60
C GLN E 387 -10.29 8.87 -49.99
N ASP E 388 -10.71 8.05 -50.96
CA ASP E 388 -12.11 8.04 -51.40
C ASP E 388 -12.61 9.37 -51.94
N GLY E 389 -11.69 10.27 -52.26
CA GLY E 389 -12.05 11.58 -52.79
C GLY E 389 -12.81 12.48 -51.83
N ILE E 390 -12.52 12.35 -50.53
CA ILE E 390 -13.17 13.18 -49.52
C ILE E 390 -12.14 14.00 -48.73
N ASP E 391 -12.47 15.25 -48.46
CA ASP E 391 -11.60 16.12 -47.68
C ASP E 391 -11.97 16.07 -46.20
N ASP E 392 -11.64 14.96 -45.54
CA ASP E 392 -11.83 14.84 -44.10
C ASP E 392 -10.59 15.34 -43.37
N SER E 393 -10.30 16.62 -43.54
CA SER E 393 -9.07 17.23 -43.04
C SER E 393 -8.89 17.12 -41.52
N GLY E 394 -9.87 17.60 -40.76
CA GLY E 394 -9.73 17.65 -39.31
C GLY E 394 -11.09 16.98 -39.44
N TRP E 395 -11.48 16.22 -38.43
CA TRP E 395 -12.71 15.44 -38.52
C TRP E 395 -12.97 14.07 -39.16
N GLY E 396 -12.10 13.38 -39.68
CA GLY E 396 -12.37 12.07 -40.25
C GLY E 396 -11.39 11.04 -39.70
N SER E 397 -10.60 11.42 -38.72
CA SER E 397 -9.59 10.52 -38.15
C SER E 397 -10.12 9.33 -37.35
N ALA E 398 -11.39 9.40 -36.94
CA ALA E 398 -11.99 8.34 -36.14
C ALA E 398 -12.69 7.42 -37.13
N TYR E 399 -13.11 7.97 -38.27
CA TYR E 399 -13.77 7.19 -39.31
C TYR E 399 -12.78 6.24 -39.99
N ARG E 400 -11.58 6.75 -40.28
CA ARG E 400 -10.55 5.96 -40.93
C ARG E 400 -10.15 4.75 -40.09
N SER E 401 -10.05 4.96 -38.78
CA SER E 401 -9.74 3.89 -37.86
C SER E 401 -10.80 2.80 -37.91
N PHE E 402 -12.07 3.22 -37.99
CA PHE E 402 -13.18 2.29 -38.14
C PHE E 402 -13.03 1.47 -39.42
N GLN E 403 -12.55 2.13 -40.47
CA GLN E 403 -12.37 1.48 -41.76
C GLN E 403 -11.25 0.44 -41.70
N THR E 404 -10.15 0.80 -41.06
CA THR E 404 -9.02 -0.11 -40.87
C THR E 404 -9.47 -1.36 -40.10
N ILE E 405 -10.31 -1.14 -39.09
CA ILE E 405 -10.88 -2.24 -38.32
C ILE E 405 -11.78 -3.11 -39.19
N TRP E 406 -12.65 -2.47 -39.97
CA TRP E 406 -13.56 -3.19 -40.85
C TRP E 406 -12.78 -4.01 -41.87
N SER E 407 -11.70 -3.45 -42.38
CA SER E 407 -10.86 -4.12 -43.36
C SER E 407 -10.35 -5.46 -42.82
N TRP E 408 -10.05 -5.47 -41.53
CA TRP E 408 -9.58 -6.69 -40.87
C TRP E 408 -10.64 -7.79 -40.92
N PHE E 409 -11.91 -7.40 -40.88
CA PHE E 409 -12.99 -8.36 -40.80
C PHE E 409 -13.34 -9.04 -42.13
N ILE E 410 -13.01 -8.39 -43.24
CA ILE E 410 -13.23 -9.00 -44.54
C ILE E 410 -11.98 -9.71 -45.04
N LEU E 411 -10.81 -9.18 -44.66
CA LEU E 411 -9.55 -9.81 -45.03
C LEU E 411 -9.29 -11.08 -44.22
N ASN E 412 -10.02 -11.23 -43.12
CA ASN E 412 -9.95 -12.45 -42.32
C ASN E 412 -11.18 -13.33 -42.52
N GLY E 413 -12.08 -12.88 -43.38
CA GLY E 413 -13.22 -13.68 -43.79
C GLY E 413 -14.39 -13.74 -42.82
N TYR E 414 -14.82 -12.57 -42.35
CA TYR E 414 -16.02 -12.51 -41.50
C TYR E 414 -17.20 -11.89 -42.27
N THR E 415 -16.89 -11.21 -43.36
CA THR E 415 -17.92 -10.57 -44.18
C THR E 415 -17.40 -10.14 -45.57
N ASP E 416 -18.30 -10.08 -46.54
CA ASP E 416 -17.95 -9.67 -47.90
C ASP E 416 -18.20 -8.17 -48.02
N LYS E 417 -19.08 -7.68 -47.14
CA LYS E 417 -19.55 -6.30 -47.15
C LYS E 417 -18.40 -5.29 -47.15
N PRO E 418 -18.38 -4.41 -48.16
CA PRO E 418 -17.29 -3.45 -48.41
C PRO E 418 -17.15 -2.45 -47.26
N VAL E 419 -15.95 -1.89 -47.13
CA VAL E 419 -15.68 -0.89 -46.10
C VAL E 419 -16.61 0.30 -46.27
N PRO E 420 -17.46 0.56 -45.26
CA PRO E 420 -18.45 1.64 -45.30
C PRO E 420 -17.81 3.01 -45.46
N SER E 421 -18.50 3.92 -46.14
CA SER E 421 -18.03 5.29 -46.30
C SER E 421 -18.46 6.12 -45.10
N HIS E 422 -18.06 7.39 -45.08
CA HIS E 422 -18.43 8.30 -44.00
C HIS E 422 -19.95 8.39 -43.86
N ARG E 423 -20.64 8.62 -44.97
CA ARG E 423 -22.10 8.71 -44.97
C ARG E 423 -22.76 7.43 -44.48
N GLU E 424 -22.25 6.29 -44.92
CA GLU E 424 -22.78 5.00 -44.48
C GLU E 424 -22.62 4.80 -42.97
N ILE E 425 -21.46 5.22 -42.45
CA ILE E 425 -21.22 5.20 -41.02
C ILE E 425 -22.17 6.16 -40.30
N GLN E 426 -22.19 7.41 -40.77
CA GLN E 426 -23.05 8.44 -40.22
C GLN E 426 -24.52 8.04 -40.29
N GLN E 427 -24.88 7.26 -41.30
CA GLN E 427 -26.23 6.75 -41.43
C GLN E 427 -26.55 5.79 -40.30
N ALA E 428 -25.73 4.74 -40.15
CA ALA E 428 -25.94 3.72 -39.14
C ALA E 428 -26.09 4.28 -37.73
N LEU E 429 -25.38 5.37 -37.44
CA LEU E 429 -25.48 6.03 -36.16
C LEU E 429 -26.86 6.68 -35.97
N VAL E 430 -27.44 7.13 -37.07
CA VAL E 430 -28.78 7.73 -37.03
C VAL E 430 -29.86 6.65 -37.02
N ASP E 431 -29.64 5.59 -37.80
CA ASP E 431 -30.59 4.48 -37.87
C ASP E 431 -30.85 3.86 -36.50
N ILE E 432 -29.84 3.85 -35.64
CA ILE E 432 -29.99 3.32 -34.29
C ILE E 432 -30.37 4.41 -33.28
N GLN E 433 -30.64 5.60 -33.81
CA GLN E 433 -31.09 6.75 -33.01
C GLN E 433 -30.11 7.16 -31.90
N ASP E 434 -28.81 7.17 -32.23
CA ASP E 434 -27.80 7.67 -31.30
C ASP E 434 -27.45 9.10 -31.69
N LYS E 435 -27.65 9.41 -32.97
CA LYS E 435 -27.41 10.75 -33.49
C LYS E 435 -28.65 11.27 -34.20
N GLN E 436 -28.85 12.59 -34.17
CA GLN E 436 -29.98 13.20 -34.85
C GLN E 436 -29.81 13.18 -36.37
N ALA E 437 -30.77 13.74 -37.10
CA ALA E 437 -30.79 13.66 -38.56
C ALA E 437 -29.65 14.42 -39.26
N LYS E 438 -29.39 15.65 -38.81
CA LYS E 438 -28.40 16.50 -39.48
C LYS E 438 -26.97 15.97 -39.35
N PHE E 439 -26.81 14.84 -38.66
CA PHE E 439 -25.51 14.22 -38.47
C PHE E 439 -25.07 13.47 -39.73
N VAL E 440 -26.05 13.07 -40.54
CA VAL E 440 -25.83 12.13 -41.64
C VAL E 440 -24.96 12.65 -42.79
N GLY E 441 -24.93 13.97 -42.98
CA GLY E 441 -24.12 14.54 -44.04
C GLY E 441 -23.15 15.58 -43.53
N SER E 442 -22.69 15.39 -42.30
CA SER E 442 -21.89 16.41 -41.62
C SER E 442 -20.41 16.04 -41.47
N ARG E 443 -19.63 17.01 -41.01
CA ARG E 443 -18.22 16.81 -40.72
C ARG E 443 -18.03 16.67 -39.21
N GLN E 444 -18.98 16.00 -38.57
CA GLN E 444 -18.97 15.85 -37.12
C GLN E 444 -17.93 14.83 -36.66
N TRP E 445 -17.65 14.84 -35.35
CA TRP E 445 -16.66 13.95 -34.78
C TRP E 445 -17.31 12.76 -34.07
N ILE E 446 -16.63 11.62 -34.08
CA ILE E 446 -17.07 10.45 -33.33
C ILE E 446 -15.90 9.87 -32.55
N GLY E 447 -16.13 8.74 -31.88
CA GLY E 447 -15.08 8.10 -31.10
C GLY E 447 -15.26 6.59 -31.00
N SER E 448 -14.59 5.98 -30.04
CA SER E 448 -14.61 4.54 -29.84
C SER E 448 -16.02 3.99 -29.60
N THR E 449 -16.82 4.71 -28.83
CA THR E 449 -18.18 4.29 -28.51
C THR E 449 -19.07 4.21 -29.74
N GLU E 450 -18.95 5.21 -30.62
CA GLU E 450 -19.70 5.22 -31.87
C GLU E 450 -19.23 4.08 -32.78
N ILE E 451 -17.93 3.84 -32.83
CA ILE E 451 -17.36 2.76 -33.62
C ILE E 451 -17.93 1.40 -33.18
N SER E 452 -18.05 1.22 -31.86
CA SER E 452 -18.66 0.02 -31.31
C SER E 452 -20.11 -0.14 -31.74
N PHE E 453 -20.86 0.96 -31.70
CA PHE E 453 -22.27 0.96 -32.08
C PHE E 453 -22.50 0.51 -33.52
N VAL E 454 -21.80 1.15 -34.46
CA VAL E 454 -21.92 0.83 -35.88
C VAL E 454 -21.60 -0.63 -36.18
N LEU E 455 -20.49 -1.10 -35.63
CA LEU E 455 -20.06 -2.49 -35.79
C LEU E 455 -21.13 -3.48 -35.34
N ASN E 456 -21.83 -3.13 -34.26
CA ASN E 456 -22.93 -3.97 -33.76
C ASN E 456 -24.15 -3.89 -34.67
N GLU E 457 -24.35 -2.76 -35.31
CA GLU E 457 -25.49 -2.57 -36.20
C GLU E 457 -25.30 -3.30 -37.53
N LEU E 458 -24.13 -3.13 -38.13
CA LEU E 458 -23.87 -3.67 -39.45
C LEU E 458 -23.39 -5.13 -39.42
N LEU E 459 -22.60 -5.48 -38.41
CA LEU E 459 -21.97 -6.79 -38.37
C LEU E 459 -22.33 -7.63 -37.14
N LYS E 460 -23.13 -7.06 -36.24
CA LYS E 460 -23.52 -7.73 -35.00
C LYS E 460 -22.30 -8.13 -34.16
N LEU E 461 -21.30 -7.26 -34.13
CA LEU E 461 -20.10 -7.49 -33.34
C LEU E 461 -20.25 -6.81 -31.97
N GLU E 462 -19.82 -7.50 -30.92
CA GLU E 462 -19.73 -6.86 -29.61
C GLU E 462 -18.27 -6.46 -29.38
N CYS E 463 -18.06 -5.39 -28.62
CA CYS E 463 -16.70 -4.91 -28.41
C CYS E 463 -16.36 -4.79 -26.92
N ARG E 464 -15.08 -4.93 -26.61
CA ARG E 464 -14.58 -4.71 -25.26
C ARG E 464 -14.01 -3.29 -25.18
N PHE E 465 -13.89 -2.77 -23.96
CA PHE E 465 -13.38 -1.41 -23.79
C PHE E 465 -12.26 -1.33 -22.75
N ILE E 466 -11.39 -0.35 -22.91
CA ILE E 466 -10.40 0.00 -21.90
C ILE E 466 -10.54 1.50 -21.62
N ALA E 467 -11.42 1.83 -20.68
CA ALA E 467 -11.68 3.23 -20.36
C ALA E 467 -10.68 3.76 -19.33
N THR E 468 -9.81 4.67 -19.77
CA THR E 468 -8.78 5.23 -18.89
C THR E 468 -9.07 6.71 -18.61
N ASN E 469 -8.54 7.21 -17.50
CA ASN E 469 -8.75 8.60 -17.12
C ASN E 469 -7.54 9.47 -17.49
N SER E 470 -6.51 8.82 -18.04
CA SER E 470 -5.27 9.50 -18.40
C SER E 470 -4.48 8.67 -19.40
N GLY E 471 -3.59 9.32 -20.14
CA GLY E 471 -2.69 8.61 -21.05
C GLY E 471 -1.70 7.79 -20.26
N ALA E 472 -1.42 8.24 -19.03
CA ALA E 472 -0.55 7.50 -18.13
C ALA E 472 -1.20 6.17 -17.74
N GLU E 473 -2.52 6.17 -17.65
CA GLU E 473 -3.26 4.94 -17.35
C GLU E 473 -3.21 3.96 -18.51
N VAL E 474 -3.04 4.48 -19.72
CA VAL E 474 -2.94 3.64 -20.91
C VAL E 474 -1.62 2.88 -20.89
N VAL E 475 -0.54 3.59 -20.58
CA VAL E 475 0.80 3.02 -20.47
C VAL E 475 0.88 2.06 -19.28
N GLU E 476 -0.06 2.22 -18.35
CA GLU E 476 -0.07 1.44 -17.12
C GLU E 476 -0.86 0.13 -17.28
N ARG E 477 -1.64 0.05 -18.36
CA ARG E 477 -2.47 -1.12 -18.60
C ARG E 477 -2.16 -1.79 -19.94
N VAL E 478 -0.88 -1.79 -20.31
CA VAL E 478 -0.42 -2.41 -21.55
C VAL E 478 -0.75 -3.90 -21.59
N ARG E 479 -0.70 -4.54 -20.42
CA ARG E 479 -0.99 -5.97 -20.28
C ARG E 479 -2.38 -6.34 -20.80
N GLU E 480 -3.28 -5.36 -20.83
CA GLU E 480 -4.63 -5.59 -21.34
C GLU E 480 -4.64 -5.56 -22.86
N LEU E 481 -3.86 -4.65 -23.44
CA LEU E 481 -3.71 -4.57 -24.89
C LEU E 481 -2.96 -5.79 -25.41
N ALA E 482 -1.93 -6.19 -24.69
CA ALA E 482 -1.13 -7.35 -25.07
C ALA E 482 -1.97 -8.63 -25.05
N ARG E 483 -2.80 -8.78 -24.02
CA ARG E 483 -3.66 -9.95 -23.88
C ARG E 483 -4.75 -9.94 -24.95
N HIS E 484 -5.07 -8.75 -25.47
CA HIS E 484 -6.04 -8.63 -26.54
C HIS E 484 -5.48 -9.19 -27.84
N PHE E 485 -4.31 -8.69 -28.24
CA PHE E 485 -3.67 -9.13 -29.48
C PHE E 485 -3.31 -10.62 -29.46
N GLU E 486 -3.10 -11.16 -28.27
CA GLU E 486 -2.82 -12.59 -28.12
C GLU E 486 -4.08 -13.42 -28.34
N THR E 487 -5.23 -12.84 -27.99
CA THR E 487 -6.50 -13.55 -28.09
C THR E 487 -7.30 -13.13 -29.32
N SER E 488 -7.85 -11.93 -29.30
CA SER E 488 -8.66 -11.43 -30.41
C SER E 488 -7.80 -11.07 -31.62
N GLY E 489 -6.74 -10.31 -31.38
CA GLY E 489 -5.80 -9.95 -32.42
C GLY E 489 -6.23 -8.80 -33.30
N THR E 490 -7.49 -8.37 -33.15
CA THR E 490 -8.03 -7.29 -33.98
C THR E 490 -7.36 -5.96 -33.66
N PRO E 491 -7.27 -5.06 -34.67
CA PRO E 491 -6.72 -3.72 -34.46
C PRO E 491 -7.54 -2.94 -33.44
N VAL E 492 -6.88 -2.07 -32.68
CA VAL E 492 -7.55 -1.32 -31.63
C VAL E 492 -7.59 0.18 -31.92
N MET E 493 -8.78 0.77 -31.82
CA MET E 493 -8.94 2.20 -32.03
C MET E 493 -8.88 2.93 -30.68
N ILE E 494 -8.05 3.97 -30.60
CA ILE E 494 -7.89 4.73 -29.36
C ILE E 494 -8.24 6.20 -29.59
N GLY E 495 -9.01 6.78 -28.67
CA GLY E 495 -9.44 8.17 -28.80
C GLY E 495 -9.22 8.97 -27.53
N GLY E 496 -8.70 10.18 -27.70
CA GLY E 496 -8.42 11.06 -26.59
C GLY E 496 -7.64 12.28 -27.04
N ASN E 497 -7.85 13.41 -26.37
CA ASN E 497 -7.18 14.68 -26.71
C ASN E 497 -7.43 15.07 -28.17
N MET E 498 -8.66 14.87 -28.62
CA MET E 498 -9.07 15.21 -29.98
C MET E 498 -8.19 14.52 -31.04
N LEU E 499 -7.91 13.23 -30.83
CA LEU E 499 -7.08 12.47 -31.76
C LEU E 499 -7.50 11.00 -31.78
N ALA E 500 -7.56 10.43 -32.98
CA ALA E 500 -7.85 9.01 -33.15
C ALA E 500 -6.67 8.29 -33.78
N HIS E 501 -6.34 7.11 -33.27
CA HIS E 501 -5.26 6.30 -33.84
C HIS E 501 -5.67 4.83 -33.86
N THR E 502 -4.85 3.99 -34.49
CA THR E 502 -5.08 2.56 -34.50
C THR E 502 -3.87 1.82 -33.95
N ILE E 503 -4.02 1.21 -32.78
CA ILE E 503 -2.93 0.48 -32.14
C ILE E 503 -2.86 -0.95 -32.65
N LEU E 504 -1.71 -1.32 -33.21
CA LEU E 504 -1.54 -2.61 -33.87
C LEU E 504 -0.64 -3.55 -33.09
N GLY E 505 0.01 -3.03 -32.05
CA GLY E 505 0.91 -3.85 -31.26
C GLY E 505 1.50 -3.11 -30.07
N VAL E 506 2.09 -3.88 -29.15
CA VAL E 506 2.71 -3.31 -27.97
C VAL E 506 4.09 -3.93 -27.73
N ASP E 507 5.05 -3.08 -27.34
CA ASP E 507 6.37 -3.55 -26.96
C ASP E 507 6.56 -3.25 -25.47
N PHE E 508 6.36 -4.26 -24.64
CA PHE E 508 6.46 -4.05 -23.20
C PHE E 508 7.29 -5.08 -22.46
N ASN E 509 8.15 -4.56 -21.60
CA ASN E 509 9.02 -5.38 -20.75
C ASN E 509 8.68 -5.22 -19.27
N ASP E 510 8.29 -6.32 -18.64
CA ASP E 510 7.84 -6.30 -17.25
C ASP E 510 8.99 -6.20 -16.26
N THR E 511 10.19 -5.93 -16.76
CA THR E 511 11.36 -5.74 -15.92
C THR E 511 11.83 -4.28 -16.00
N THR E 512 11.99 -3.78 -17.21
CA THR E 512 12.38 -2.40 -17.44
C THR E 512 11.25 -1.46 -17.03
N GLY E 513 10.04 -1.81 -17.43
CA GLY E 513 8.89 -0.95 -17.20
C GLY E 513 8.62 -0.09 -18.41
N GLU E 514 9.58 -0.06 -19.32
CA GLU E 514 9.47 0.73 -20.55
C GLU E 514 8.55 0.05 -21.55
N THR E 515 7.60 0.81 -22.09
CA THR E 515 6.66 0.28 -23.08
C THR E 515 6.59 1.19 -24.30
N LYS E 516 6.41 0.58 -25.48
CA LYS E 516 6.25 1.35 -26.71
C LYS E 516 5.06 0.81 -27.52
N PHE E 517 4.37 1.70 -28.23
CA PHE E 517 3.15 1.33 -28.93
C PHE E 517 3.31 1.36 -30.45
N LEU E 518 2.72 0.37 -31.12
CA LEU E 518 2.70 0.34 -32.58
C LEU E 518 1.52 1.14 -33.09
N VAL E 519 1.77 2.39 -33.45
CA VAL E 519 0.70 3.31 -33.84
C VAL E 519 0.57 3.42 -35.35
N LEU E 520 -0.67 3.32 -35.84
CA LEU E 520 -0.97 3.54 -37.25
C LEU E 520 -1.77 4.83 -37.40
N ASP E 521 -1.05 5.95 -37.45
CA ASP E 521 -1.69 7.27 -37.53
C ASP E 521 -2.52 7.40 -38.79
N PRO E 522 -3.81 7.45 -38.61
CA PRO E 522 -4.74 7.52 -39.70
C PRO E 522 -4.93 8.91 -40.16
N HIS E 523 -4.35 9.83 -39.39
CA HIS E 523 -4.19 11.17 -39.98
C HIS E 523 -3.44 11.20 -41.26
N TYR E 524 -3.60 12.24 -42.07
CA TYR E 524 -3.03 12.20 -43.43
C TYR E 524 -1.59 11.97 -43.94
N THR E 525 -1.53 10.88 -44.67
CA THR E 525 -0.36 10.45 -45.36
C THR E 525 -0.90 10.72 -46.72
N GLY E 526 -0.45 11.82 -47.29
CA GLY E 526 -0.99 12.18 -48.58
C GLY E 526 -0.71 11.63 -49.96
N SER E 527 -0.10 10.45 -50.08
CA SER E 527 0.22 9.91 -51.33
C SER E 527 0.51 8.65 -50.61
N GLU E 528 0.77 7.57 -51.13
CA GLU E 528 0.63 6.30 -50.50
C GLU E 528 1.63 5.22 -50.82
N ASP E 529 2.85 5.45 -50.38
CA ASP E 529 3.96 4.53 -50.60
C ASP E 529 4.54 4.12 -49.26
N ILE E 530 4.93 2.87 -49.13
CA ILE E 530 5.33 2.31 -47.84
C ILE E 530 6.59 2.97 -47.26
N LYS E 531 7.36 3.63 -48.12
CA LYS E 531 8.63 4.23 -47.70
C LYS E 531 8.45 5.60 -47.04
N THR E 532 7.28 6.20 -47.22
CA THR E 532 6.99 7.51 -46.64
C THR E 532 6.20 7.38 -45.34
N ILE E 533 5.47 6.27 -45.20
CA ILE E 533 4.69 6.02 -44.00
C ILE E 533 5.54 5.46 -42.86
N THR E 534 6.52 4.63 -43.21
CA THR E 534 7.43 4.05 -42.21
C THR E 534 8.42 5.10 -41.75
N SER E 535 8.59 6.14 -42.56
CA SER E 535 9.34 7.32 -42.15
C SER E 535 8.34 8.32 -41.57
N LYS E 536 8.84 9.23 -40.76
CA LYS E 536 8.01 10.30 -40.17
C LYS E 536 6.84 9.81 -39.31
N GLY E 537 6.86 8.52 -38.96
CA GLY E 537 5.95 7.97 -37.96
C GLY E 537 4.47 7.85 -38.31
N TRP E 538 4.17 7.50 -39.56
CA TRP E 538 2.79 7.24 -39.93
C TRP E 538 2.45 5.78 -39.66
N CYS E 539 3.45 5.10 -39.14
CA CYS E 539 3.37 3.71 -38.72
C CYS E 539 4.67 3.54 -37.97
N ALA E 540 4.87 4.30 -36.89
CA ALA E 540 6.14 4.22 -36.23
C ALA E 540 5.72 3.68 -34.89
N TRP E 541 6.63 2.99 -34.22
CA TRP E 541 6.39 2.51 -32.86
C TRP E 541 6.69 3.67 -31.91
N LYS E 542 5.73 3.99 -31.03
CA LYS E 542 5.83 5.05 -30.14
C LYS E 542 5.93 4.75 -28.70
N PRO E 543 6.87 5.53 -28.17
CA PRO E 543 7.32 5.51 -26.81
C PRO E 543 6.10 5.82 -26.08
N ALA E 544 6.04 5.53 -24.80
CA ALA E 544 4.87 5.97 -24.17
C ALA E 544 4.50 7.35 -23.92
N SER E 545 5.45 8.23 -24.11
CA SER E 545 5.17 9.62 -23.85
C SER E 545 4.19 10.14 -24.90
N PHE E 546 3.89 9.29 -25.89
CA PHE E 546 3.03 9.67 -27.01
C PHE E 546 1.65 10.12 -26.55
N TRP E 547 1.03 9.34 -25.65
CA TRP E 547 -0.29 9.69 -25.14
C TRP E 547 -0.19 10.82 -24.12
N SER E 548 -1.15 11.73 -24.16
CA SER E 548 -1.17 12.88 -23.25
C SER E 548 -1.47 12.45 -21.82
N LYS E 549 -0.61 12.87 -20.89
CA LYS E 549 -0.80 12.58 -19.48
C LYS E 549 -1.66 13.67 -18.83
N ASP E 550 -2.61 14.19 -19.59
CA ASP E 550 -3.49 15.24 -19.10
C ASP E 550 -4.93 15.04 -19.58
N HIS E 551 -5.11 14.18 -20.58
CA HIS E 551 -6.44 13.92 -21.11
C HIS E 551 -6.80 12.44 -21.01
N PHE E 552 -8.09 12.14 -20.94
CA PHE E 552 -8.54 10.75 -20.80
C PHE E 552 -8.58 10.05 -22.16
N TYR E 553 -8.41 8.73 -22.14
CA TYR E 553 -8.38 7.95 -23.37
C TYR E 553 -9.31 6.75 -23.32
N ASN E 554 -9.94 6.45 -24.45
CA ASN E 554 -10.75 5.24 -24.57
C ASN E 554 -10.20 4.31 -25.65
N MET E 555 -10.36 3.01 -25.45
CA MET E 555 -9.89 2.02 -26.41
C MET E 555 -10.97 0.97 -26.67
N VAL E 556 -11.34 0.80 -27.93
CA VAL E 556 -12.31 -0.22 -28.29
C VAL E 556 -11.62 -1.48 -28.84
N LEU E 557 -11.98 -2.63 -28.29
CA LEU E 557 -11.35 -3.89 -28.65
C LEU E 557 -12.34 -4.77 -29.41
N PRO E 558 -12.32 -4.70 -30.75
CA PRO E 558 -13.24 -5.46 -31.61
C PRO E 558 -13.14 -6.95 -31.34
N GLN E 559 -14.26 -7.57 -30.95
CA GLN E 559 -14.27 -8.98 -30.65
C GLN E 559 -14.84 -9.79 -31.81
N PRO E 560 -13.98 -10.58 -32.46
CA PRO E 560 -14.41 -11.43 -33.57
C PRO E 560 -15.39 -12.50 -33.09
N PRO E 561 -16.37 -12.87 -33.92
CA PRO E 561 -17.40 -13.86 -33.57
C PRO E 561 -16.98 -15.32 -33.76
N SER E 562 -17.76 -16.25 -33.22
CA SER E 562 -17.31 -17.64 -33.15
C SER E 562 -17.38 -18.69 -34.27
N ASP E 563 -18.51 -18.76 -34.95
CA ASP E 563 -18.78 -19.86 -35.88
C ASP E 563 -18.74 -19.44 -37.35
N ALA E 564 -17.54 -19.21 -37.87
CA ALA E 564 -17.38 -18.84 -39.28
C ALA E 564 -16.64 -19.94 -40.05
N VAL F 1 7.91 16.11 -94.69
CA VAL F 1 7.57 15.94 -96.10
C VAL F 1 8.56 16.64 -97.02
N ASN F 2 9.82 16.23 -96.96
CA ASN F 2 10.85 16.77 -97.85
C ASN F 2 10.52 16.44 -99.30
N GLU F 3 9.79 15.35 -99.49
CA GLU F 3 9.26 14.96 -100.80
C GLU F 3 10.35 14.76 -101.85
N LEU F 4 11.38 14.01 -101.48
CA LEU F 4 12.40 13.60 -102.43
C LEU F 4 12.22 12.12 -102.71
N TRP F 5 11.07 11.78 -103.30
CA TRP F 5 10.69 10.38 -103.52
C TRP F 5 11.67 9.62 -104.41
N PHE F 6 11.64 8.28 -104.29
CA PHE F 6 12.51 7.41 -105.06
C PHE F 6 11.67 6.34 -105.77
N ILE F 7 12.14 5.91 -106.94
CA ILE F 7 11.45 4.86 -107.70
C ILE F 7 12.37 4.19 -108.72
N ASP F 8 12.28 2.87 -108.81
CA ASP F 8 12.99 2.13 -109.85
C ASP F 8 12.17 2.19 -111.13
N ALA F 9 12.53 3.12 -112.00
CA ALA F 9 11.79 3.36 -113.24
C ALA F 9 11.77 2.12 -114.13
N GLN F 10 12.92 1.45 -114.24
CA GLN F 10 13.06 0.30 -115.11
C GLN F 10 12.08 -0.83 -114.74
N ALA F 11 11.94 -1.08 -113.45
CA ALA F 11 11.03 -2.11 -112.97
C ALA F 11 9.57 -1.76 -113.29
N MET F 12 9.26 -0.46 -113.24
CA MET F 12 7.93 0.02 -113.59
C MET F 12 7.66 -0.20 -115.08
N PHE F 13 8.59 0.23 -115.92
CA PHE F 13 8.49 0.05 -117.36
C PHE F 13 8.29 -1.41 -117.71
N GLN F 14 9.03 -2.28 -117.03
CA GLN F 14 8.92 -3.72 -117.22
C GLN F 14 7.52 -4.21 -116.88
N ASN F 15 7.00 -3.76 -115.74
CA ASN F 15 5.66 -4.13 -115.31
C ASN F 15 4.57 -3.63 -116.27
N TYR F 16 4.85 -2.54 -116.97
CA TYR F 16 3.96 -2.08 -118.03
C TYR F 16 4.02 -3.07 -119.18
N ALA F 17 5.24 -3.41 -119.60
CA ALA F 17 5.45 -4.34 -120.70
C ALA F 17 4.85 -5.72 -120.41
N ASN F 18 4.84 -6.10 -119.14
CA ASN F 18 4.26 -7.38 -118.72
C ASN F 18 2.75 -7.40 -118.86
N LEU F 19 2.11 -6.24 -118.67
CA LEU F 19 0.67 -6.13 -118.85
C LEU F 19 0.35 -6.11 -120.34
N ARG F 20 1.22 -5.44 -121.11
CA ARG F 20 1.07 -5.38 -122.55
C ARG F 20 1.53 -6.68 -123.21
N SER F 21 2.23 -7.52 -122.44
CA SER F 21 2.76 -8.78 -122.92
C SER F 21 1.71 -9.70 -123.54
N PHE F 22 0.47 -9.57 -123.07
CA PHE F 22 -0.63 -10.37 -123.58
C PHE F 22 -1.96 -9.62 -123.71
N SER F 23 -2.08 -8.87 -124.80
CA SER F 23 -3.29 -8.11 -125.10
C SER F 23 -3.91 -8.58 -126.40
N ASN F 31 -12.79 -2.21 -125.88
CA ASN F 31 -11.82 -1.12 -125.78
C ASN F 31 -11.82 -0.44 -124.42
N THR F 32 -10.64 -0.34 -123.81
CA THR F 32 -10.45 0.40 -122.57
C THR F 32 -9.13 1.16 -122.62
N THR F 33 -8.80 1.84 -121.52
CA THR F 33 -7.50 2.50 -121.39
C THR F 33 -6.68 1.82 -120.30
N ILE F 34 -5.51 2.37 -120.00
CA ILE F 34 -4.62 1.78 -119.00
C ILE F 34 -4.32 2.72 -117.84
N GLY F 35 -4.61 2.26 -116.63
CA GLY F 35 -4.27 3.00 -115.42
C GLY F 35 -3.42 2.14 -114.52
N GLY F 36 -3.21 2.56 -113.28
CA GLY F 36 -2.43 1.77 -112.35
C GLY F 36 -2.27 2.38 -110.96
N PHE F 37 -1.90 1.54 -110.00
CA PHE F 37 -1.67 1.99 -108.64
C PHE F 37 -0.18 2.00 -108.32
N VAL F 38 0.22 2.89 -107.41
CA VAL F 38 1.61 2.96 -106.99
C VAL F 38 1.74 2.62 -105.52
N PHE F 39 2.55 1.60 -105.21
CA PHE F 39 2.77 1.19 -103.83
C PHE F 39 4.19 1.51 -103.40
N GLY F 40 4.50 1.23 -102.13
CA GLY F 40 5.83 1.47 -101.61
C GLY F 40 5.86 1.86 -100.15
N ARG F 41 6.99 2.38 -99.70
CA ARG F 41 7.17 2.74 -98.30
C ARG F 41 7.08 4.25 -98.10
N LYS F 42 5.94 4.69 -97.56
CA LYS F 42 5.68 6.11 -97.32
C LYS F 42 6.67 6.69 -96.32
N ALA F 43 7.20 5.83 -95.46
CA ALA F 43 8.19 6.23 -94.44
C ALA F 43 9.39 6.92 -95.08
N ARG F 44 10.11 6.18 -95.92
CA ARG F 44 11.30 6.71 -96.58
C ARG F 44 10.94 7.35 -97.92
N LYS F 45 9.64 7.40 -98.22
CA LYS F 45 9.14 7.88 -99.50
C LYS F 45 9.80 7.16 -100.67
N GLN F 46 9.53 5.86 -100.78
CA GLN F 46 10.17 5.01 -101.77
C GLN F 46 9.18 4.05 -102.41
N VAL F 47 9.14 4.06 -103.74
CA VAL F 47 8.24 3.20 -104.49
C VAL F 47 8.84 1.81 -104.68
N ILE F 48 8.05 0.78 -104.39
CA ILE F 48 8.51 -0.60 -104.51
C ILE F 48 7.76 -1.33 -105.62
N HIS F 49 6.54 -0.92 -105.85
CA HIS F 49 5.85 -1.44 -106.98
C HIS F 49 5.03 -0.47 -107.69
N VAL F 50 4.80 -0.76 -108.94
CA VAL F 50 3.91 0.03 -109.79
C VAL F 50 3.05 -0.91 -110.62
N LEU F 51 1.85 -1.20 -110.13
CA LEU F 51 0.98 -2.17 -110.80
C LEU F 51 -0.02 -1.51 -111.75
N PHE F 52 0.27 -1.60 -113.04
CA PHE F 52 -0.64 -1.11 -114.06
C PHE F 52 -1.83 -2.06 -114.19
N ALA F 53 -2.94 -1.57 -114.70
CA ALA F 53 -4.13 -2.38 -114.92
C ALA F 53 -5.08 -1.68 -115.87
N TYR F 54 -5.88 -2.45 -116.59
CA TYR F 54 -6.89 -1.89 -117.49
C TYR F 54 -7.94 -1.09 -116.69
N ALA F 55 -8.75 -0.30 -117.36
CA ALA F 55 -9.69 0.49 -116.62
C ALA F 55 -10.66 -0.35 -115.86
N GLU F 56 -11.16 -1.41 -116.46
CA GLU F 56 -12.22 -2.15 -115.82
C GLU F 56 -11.69 -2.75 -114.56
N ASP F 57 -10.39 -2.75 -114.38
CA ASP F 57 -9.82 -3.34 -113.21
C ASP F 57 -9.27 -2.35 -112.23
N LEU F 58 -9.70 -1.11 -112.34
CA LEU F 58 -9.19 -0.08 -111.47
C LEU F 58 -10.10 0.08 -110.29
N THR F 59 -10.86 -0.95 -110.04
CA THR F 59 -11.93 -0.93 -109.05
C THR F 59 -11.37 -0.81 -107.63
N GLU F 60 -12.26 -0.87 -106.64
CA GLU F 60 -11.88 -0.81 -105.25
C GLU F 60 -11.49 -2.18 -104.73
N SER F 61 -12.11 -3.21 -105.30
CA SER F 61 -11.86 -4.60 -104.91
C SER F 61 -10.40 -4.98 -105.13
N ASN F 62 -9.82 -4.51 -106.23
CA ASN F 62 -8.44 -4.85 -106.58
C ASN F 62 -7.40 -4.13 -105.72
N ARG F 63 -7.58 -2.84 -105.50
CA ARG F 63 -6.64 -2.07 -104.68
C ARG F 63 -6.62 -2.59 -103.24
N GLN F 64 -7.69 -3.29 -102.86
CA GLN F 64 -7.73 -3.99 -101.58
C GLN F 64 -7.04 -5.35 -101.71
N PHE F 65 -7.12 -5.94 -102.89
CA PHE F 65 -6.50 -7.23 -103.15
C PHE F 65 -4.99 -7.08 -103.29
N LEU F 66 -4.57 -6.06 -104.03
CA LEU F 66 -3.14 -5.80 -104.23
C LEU F 66 -2.39 -5.56 -102.92
N GLU F 67 -2.99 -4.77 -102.05
CA GLU F 67 -2.35 -4.41 -100.78
C GLU F 67 -2.36 -5.59 -99.81
N SER F 68 -3.32 -6.49 -99.96
CA SER F 68 -3.41 -7.67 -99.11
C SER F 68 -2.54 -8.80 -99.62
N SER F 69 -1.70 -8.50 -100.61
CA SER F 69 -0.82 -9.49 -101.21
C SER F 69 0.64 -9.07 -101.10
N LEU F 70 0.86 -7.77 -100.91
CA LEU F 70 2.19 -7.23 -100.74
C LEU F 70 2.67 -7.40 -99.30
N SER F 71 3.97 -7.25 -99.07
CA SER F 71 4.51 -7.33 -97.72
C SER F 71 3.95 -6.20 -96.85
N ALA F 72 3.84 -6.46 -95.54
CA ALA F 72 3.14 -5.56 -94.63
C ALA F 72 3.74 -4.16 -94.52
N ASP F 73 4.98 -3.99 -95.00
CA ASP F 73 5.68 -2.73 -94.85
C ASP F 73 5.41 -1.73 -95.98
N ILE F 74 4.76 -2.20 -97.05
CA ILE F 74 4.45 -1.32 -98.18
C ILE F 74 2.95 -1.07 -98.35
N GLU F 75 2.61 0.16 -98.74
CA GLU F 75 1.21 0.56 -98.87
C GLU F 75 1.01 1.43 -100.11
N LEU F 76 -0.26 1.71 -100.43
CA LEU F 76 -0.59 2.56 -101.56
C LEU F 76 -0.09 3.98 -101.31
N VAL F 77 0.71 4.50 -102.24
CA VAL F 77 1.28 5.84 -102.09
C VAL F 77 0.92 6.75 -103.26
N GLY F 78 0.05 6.27 -104.14
CA GLY F 78 -0.38 7.06 -105.29
C GLY F 78 -0.85 6.25 -106.48
N ASN F 79 -1.18 6.95 -107.56
CA ASN F 79 -1.58 6.31 -108.81
C ASN F 79 -0.82 6.89 -110.00
N LEU F 80 -1.24 6.56 -111.21
CA LEU F 80 -0.56 7.02 -112.40
C LEU F 80 -1.52 7.50 -113.49
N ASN F 81 -0.97 8.18 -114.50
CA ASN F 81 -1.77 8.71 -115.59
C ASN F 81 -0.98 8.72 -116.90
N ILE F 82 -1.35 7.83 -117.83
CA ILE F 82 -0.67 7.76 -119.12
C ILE F 82 -1.41 8.58 -120.18
N ASP F 83 -0.68 9.48 -120.84
CA ASP F 83 -1.22 10.37 -121.86
C ASP F 83 -2.39 11.23 -121.37
N GLY F 84 -2.60 11.28 -120.06
CA GLY F 84 -3.66 12.09 -119.47
C GLY F 84 -5.06 11.62 -119.81
N GLN F 85 -5.17 10.44 -120.40
CA GLN F 85 -6.46 9.91 -120.82
C GLN F 85 -6.76 8.59 -120.12
N SER F 86 -6.24 8.43 -118.91
CA SER F 86 -6.46 7.20 -118.14
C SER F 86 -7.39 7.46 -116.97
N GLN F 87 -8.44 6.66 -116.87
CA GLN F 87 -9.40 6.76 -115.76
C GLN F 87 -8.68 6.46 -114.44
N ILE F 88 -8.69 7.44 -113.53
CA ILE F 88 -7.98 7.28 -112.26
C ILE F 88 -8.91 6.92 -111.10
N LEU F 89 -8.30 6.52 -109.99
CA LEU F 89 -9.02 6.19 -108.78
C LEU F 89 -8.38 6.96 -107.63
N PRO F 90 -9.21 7.62 -106.80
CA PRO F 90 -8.73 8.38 -105.64
C PRO F 90 -7.79 7.56 -104.76
N GLY F 91 -6.51 7.93 -104.74
CA GLY F 91 -5.51 7.14 -104.04
C GLY F 91 -4.58 7.94 -103.14
N GLY F 92 -3.28 7.75 -103.35
CA GLY F 92 -2.27 8.31 -102.46
C GLY F 92 -2.04 9.81 -102.59
N GLN F 93 -0.79 10.22 -102.35
CA GLN F 93 -0.44 11.63 -102.25
C GLN F 93 0.00 12.23 -103.60
N PHE F 94 0.07 11.39 -104.62
CA PHE F 94 0.47 11.87 -105.95
C PHE F 94 -0.12 11.06 -107.10
N THR F 95 0.04 11.58 -108.32
CA THR F 95 -0.35 10.87 -109.52
C THR F 95 0.77 10.92 -110.54
N LEU F 96 1.36 9.76 -110.83
CA LEU F 96 2.46 9.69 -111.78
C LEU F 96 2.00 10.06 -113.19
N GLN F 97 2.60 11.10 -113.76
CA GLN F 97 2.28 11.52 -115.11
C GLN F 97 3.19 10.83 -116.12
N LEU F 98 2.62 9.96 -116.93
CA LEU F 98 3.40 9.18 -117.88
C LEU F 98 2.92 9.40 -119.31
N THR F 99 3.80 9.12 -120.27
CA THR F 99 3.45 9.16 -121.68
C THR F 99 3.68 7.78 -122.28
N SER F 100 2.79 7.36 -123.17
CA SER F 100 2.88 6.03 -123.78
C SER F 100 4.21 5.84 -124.53
N ARG F 101 4.89 6.94 -124.79
CA ARG F 101 6.22 6.91 -125.41
C ARG F 101 7.24 6.31 -124.44
N MET F 102 7.33 6.87 -123.24
CA MET F 102 8.33 6.44 -122.27
C MET F 102 8.11 5.01 -121.78
N LEU F 103 6.86 4.56 -121.82
CA LEU F 103 6.54 3.19 -121.42
C LEU F 103 7.04 2.21 -122.48
N GLU F 104 7.08 2.68 -123.73
CA GLU F 104 7.54 1.86 -124.85
C GLU F 104 9.02 2.07 -125.11
N ASN F 105 9.45 3.32 -125.11
CA ASN F 105 10.85 3.67 -125.34
C ASN F 105 11.74 3.34 -124.14
N ARG F 106 11.11 3.01 -123.02
CA ARG F 106 11.82 2.73 -121.77
C ARG F 106 12.68 3.92 -121.35
N SER F 107 12.25 5.11 -121.75
CA SER F 107 13.01 6.32 -121.51
C SER F 107 12.94 6.78 -120.06
N ILE F 108 13.97 6.44 -119.30
CA ILE F 108 14.13 6.93 -117.94
C ILE F 108 14.19 8.45 -117.96
N SER F 109 14.89 8.98 -118.96
CA SER F 109 15.08 10.42 -119.12
C SER F 109 13.76 11.19 -119.23
N GLU F 110 12.82 10.64 -120.01
CA GLU F 110 11.54 11.32 -120.24
C GLU F 110 10.66 11.29 -118.98
N PHE F 111 10.99 10.40 -118.04
CA PHE F 111 10.24 10.31 -116.80
C PHE F 111 10.50 11.52 -115.90
N LEU F 112 11.78 11.73 -115.59
CA LEU F 112 12.19 12.72 -114.59
C LEU F 112 11.78 14.17 -114.92
N ASP F 113 11.92 14.55 -116.18
CA ASP F 113 11.59 15.91 -116.61
C ASP F 113 10.10 16.24 -116.42
N MET F 114 9.26 15.21 -116.39
CA MET F 114 7.83 15.39 -116.22
C MET F 114 7.43 15.18 -114.76
N ASN F 115 7.97 14.12 -114.17
CA ASN F 115 7.77 13.86 -112.74
C ASN F 115 9.01 14.28 -111.95
N VAL F 116 9.15 15.59 -111.76
CA VAL F 116 10.36 16.17 -111.16
C VAL F 116 10.60 15.72 -109.71
N MET F 117 9.53 15.45 -108.98
CA MET F 117 9.64 15.07 -107.57
C MET F 117 10.04 13.61 -107.39
N PHE F 118 10.89 13.10 -108.28
CA PHE F 118 11.31 11.70 -108.22
C PHE F 118 12.75 11.51 -108.64
N ASN F 119 13.31 10.35 -108.32
CA ASN F 119 14.66 9.98 -108.74
C ASN F 119 14.74 8.48 -109.02
N ASN F 120 15.49 8.11 -110.05
CA ASN F 120 15.63 6.69 -110.41
C ASN F 120 16.66 5.99 -109.54
N GLU F 121 16.18 5.22 -108.57
CA GLU F 121 17.06 4.42 -107.73
C GLU F 121 16.92 2.95 -108.08
N HIS F 122 18.05 2.26 -108.24
CA HIS F 122 18.02 0.83 -108.42
C HIS F 122 17.57 0.21 -107.10
N VAL F 123 16.25 0.05 -106.95
CA VAL F 123 15.67 -0.42 -105.70
C VAL F 123 16.18 -1.80 -105.31
N LEU F 124 16.82 -1.89 -104.14
CA LEU F 124 17.41 -3.13 -103.67
C LEU F 124 16.63 -3.71 -102.51
N MET F 125 16.65 -5.04 -102.37
CA MET F 125 15.94 -5.72 -101.30
C MET F 125 16.70 -5.61 -99.97
N GLU F 126 15.94 -5.42 -98.88
CA GLU F 126 16.53 -5.23 -97.57
C GLU F 126 15.86 -6.11 -96.51
N GLY F 127 16.54 -6.29 -95.38
CA GLY F 127 16.00 -7.03 -94.26
C GLY F 127 15.80 -8.51 -94.50
N ALA F 128 15.29 -9.20 -93.49
CA ALA F 128 15.01 -10.63 -93.57
C ALA F 128 13.52 -10.88 -93.40
N SER F 129 13.09 -12.12 -93.65
CA SER F 129 11.68 -12.46 -93.55
C SER F 129 11.38 -13.32 -92.33
N CYS F 130 10.45 -12.87 -91.50
CA CYS F 130 10.04 -13.64 -90.33
C CYS F 130 8.81 -14.48 -90.65
N VAL F 131 8.86 -15.76 -90.30
CA VAL F 131 7.79 -16.70 -90.66
C VAL F 131 7.07 -17.20 -89.41
N SER F 132 5.78 -17.53 -89.56
CA SER F 132 4.97 -18.07 -88.48
C SER F 132 3.74 -18.76 -89.02
N ARG F 133 3.62 -20.06 -88.77
CA ARG F 133 2.44 -20.81 -89.22
C ARG F 133 1.24 -20.48 -88.35
N VAL F 134 0.19 -19.95 -88.97
CA VAL F 134 -0.98 -19.49 -88.23
C VAL F 134 -2.25 -20.15 -88.75
N GLY F 135 -3.18 -20.44 -87.83
CA GLY F 135 -4.47 -21.01 -88.20
C GLY F 135 -5.62 -20.30 -87.52
N TYR F 136 -6.81 -20.41 -88.11
CA TYR F 136 -8.02 -19.82 -87.53
C TYR F 136 -9.28 -20.45 -88.11
N GLU F 137 -10.29 -20.65 -87.26
CA GLU F 137 -11.53 -21.29 -87.69
C GLU F 137 -12.67 -20.30 -87.86
N TRP F 138 -13.38 -20.40 -88.98
CA TRP F 138 -14.55 -19.57 -89.24
C TRP F 138 -15.80 -20.42 -89.36
N SER F 139 -16.90 -19.95 -88.78
CA SER F 139 -18.18 -20.64 -88.89
C SER F 139 -19.11 -19.86 -89.82
N LEU F 140 -19.61 -20.54 -90.84
CA LEU F 140 -20.44 -19.90 -91.86
C LEU F 140 -21.86 -20.45 -91.85
N ARG F 141 -22.84 -19.57 -91.68
CA ARG F 141 -24.24 -19.97 -91.73
C ARG F 141 -24.67 -20.32 -93.15
N ALA F 142 -25.29 -21.49 -93.31
CA ALA F 142 -25.79 -21.93 -94.60
C ALA F 142 -26.87 -20.98 -95.10
N GLY F 143 -26.53 -20.18 -96.11
CA GLY F 143 -27.43 -19.17 -96.62
C GLY F 143 -26.79 -17.80 -96.50
N ARG F 144 -26.44 -17.42 -95.28
CA ARG F 144 -25.67 -16.20 -95.03
C ARG F 144 -24.18 -16.49 -95.15
N GLU F 145 -23.84 -17.36 -96.09
CA GLU F 145 -22.48 -17.87 -96.25
C GLU F 145 -21.48 -16.76 -96.59
N GLN F 146 -21.83 -15.94 -97.57
CA GLN F 146 -20.94 -14.87 -98.04
C GLN F 146 -20.94 -13.66 -97.11
N GLU F 147 -22.09 -13.33 -96.54
CA GLU F 147 -22.22 -12.09 -95.77
C GLU F 147 -21.66 -12.16 -94.34
N ASP F 148 -21.22 -13.34 -93.91
CA ASP F 148 -20.59 -13.43 -92.59
C ASP F 148 -19.10 -13.83 -92.65
N VAL F 149 -18.71 -14.47 -93.73
CA VAL F 149 -17.30 -14.81 -93.94
C VAL F 149 -16.51 -13.52 -94.15
N LYS F 150 -17.19 -12.49 -94.64
CA LYS F 150 -16.61 -11.17 -94.77
C LYS F 150 -16.48 -10.52 -93.40
N SER F 151 -17.46 -10.81 -92.54
CA SER F 151 -17.48 -10.24 -91.19
C SER F 151 -16.48 -10.95 -90.28
N ALA F 152 -16.27 -12.25 -90.53
CA ALA F 152 -15.31 -13.02 -89.76
C ALA F 152 -13.89 -12.49 -89.98
N ALA F 153 -13.66 -11.92 -91.15
CA ALA F 153 -12.36 -11.36 -91.50
C ALA F 153 -12.07 -10.09 -90.71
N GLU F 154 -12.99 -9.12 -90.77
CA GLU F 154 -12.83 -7.85 -90.08
C GLU F 154 -12.78 -8.02 -88.57
N ARG F 155 -13.52 -9.00 -88.05
CA ARG F 155 -13.50 -9.33 -86.63
C ARG F 155 -12.14 -9.92 -86.24
N LEU F 156 -11.60 -10.76 -87.11
CA LEU F 156 -10.30 -11.39 -86.88
C LEU F 156 -9.19 -10.35 -86.87
N SER F 157 -9.33 -9.33 -87.72
CA SER F 157 -8.35 -8.25 -87.80
C SER F 157 -8.37 -7.41 -86.52
N MET F 158 -9.53 -7.30 -85.91
CA MET F 158 -9.68 -6.55 -84.66
C MET F 158 -9.03 -7.28 -83.49
N ALA F 159 -9.09 -8.60 -83.50
CA ALA F 159 -8.52 -9.40 -82.43
C ALA F 159 -7.08 -9.78 -82.73
N SER F 160 -6.51 -9.22 -83.80
CA SER F 160 -5.16 -9.56 -84.24
C SER F 160 -4.08 -9.05 -83.30
N PHE F 161 -4.46 -8.26 -82.30
CA PHE F 161 -3.50 -7.73 -81.33
C PHE F 161 -3.21 -8.75 -80.24
N ARG F 162 -4.15 -9.66 -80.01
CA ARG F 162 -3.98 -10.68 -78.99
C ARG F 162 -3.25 -11.90 -79.55
N PHE F 163 -2.25 -11.63 -80.39
CA PHE F 163 -1.36 -12.68 -80.89
C PHE F 163 0.06 -12.41 -80.46
N THR F 164 0.87 -13.46 -80.38
CA THR F 164 2.26 -13.33 -79.98
C THR F 164 3.11 -14.37 -80.70
N TYR F 165 4.30 -13.98 -81.10
CA TYR F 165 5.21 -14.88 -81.80
C TYR F 165 6.52 -15.03 -81.03
N LEU F 166 6.98 -16.27 -80.92
CA LEU F 166 8.16 -16.58 -80.11
C LEU F 166 9.12 -17.53 -80.81
N ASN F 167 10.41 -17.18 -80.79
CA ASN F 167 11.47 -18.07 -81.26
C ASN F 167 12.19 -18.69 -80.08
N ALA F 168 12.28 -20.02 -80.06
CA ALA F 168 12.86 -20.73 -78.94
C ALA F 168 14.38 -20.69 -78.89
N GLU F 169 15.01 -21.10 -80.00
CA GLU F 169 16.47 -21.26 -80.05
C GLU F 169 17.24 -19.98 -79.72
N HIS F 170 16.71 -18.84 -80.12
CA HIS F 170 17.39 -17.56 -79.87
C HIS F 170 16.69 -16.75 -78.78
N GLY F 171 15.50 -17.17 -78.40
CA GLY F 171 14.78 -16.55 -77.31
C GLY F 171 14.34 -15.12 -77.58
N LEU F 172 13.55 -14.94 -78.63
CA LEU F 172 13.01 -13.62 -78.97
C LEU F 172 11.49 -13.69 -79.04
N VAL F 173 10.82 -12.77 -78.37
CA VAL F 173 9.35 -12.73 -78.38
C VAL F 173 8.83 -11.39 -78.88
N ILE F 174 7.74 -11.44 -79.65
CA ILE F 174 7.11 -10.23 -80.16
C ILE F 174 5.59 -10.30 -79.95
N ARG F 175 5.04 -9.27 -79.32
CA ARG F 175 3.61 -9.25 -79.00
C ARG F 175 3.09 -7.84 -78.77
N GLU F 176 1.85 -7.74 -78.29
CA GLU F 176 1.25 -6.47 -77.91
C GLU F 176 2.18 -5.71 -76.96
N GLN F 177 2.65 -4.55 -77.40
CA GLN F 177 3.71 -3.84 -76.71
C GLN F 177 3.40 -2.37 -76.50
N LYS F 178 3.89 -1.82 -75.40
CA LYS F 178 3.73 -0.41 -75.10
C LYS F 178 4.91 0.36 -75.68
N PRO F 179 4.64 1.57 -76.23
CA PRO F 179 5.64 2.38 -76.93
C PRO F 179 6.92 2.64 -76.13
N GLU F 180 6.82 2.57 -74.80
CA GLU F 180 7.97 2.81 -73.93
C GLU F 180 8.93 1.63 -73.91
N ALA F 181 8.40 0.43 -74.02
CA ALA F 181 9.22 -0.78 -74.01
C ALA F 181 9.87 -1.01 -75.37
N ALA F 182 10.49 0.03 -75.91
CA ALA F 182 11.10 -0.04 -77.23
C ALA F 182 12.51 -0.64 -77.18
N GLN F 183 12.60 -1.95 -77.43
CA GLN F 183 13.90 -2.61 -77.51
C GLN F 183 14.55 -2.29 -78.86
N GLN F 184 15.15 -1.11 -78.94
CA GLN F 184 15.79 -0.64 -80.17
C GLN F 184 16.91 -1.57 -80.62
N LYS F 185 17.12 -1.66 -81.93
CA LYS F 185 18.14 -2.53 -82.51
C LYS F 185 17.97 -3.97 -82.04
N TYR F 186 16.72 -4.44 -82.04
CA TYR F 186 16.37 -5.76 -81.55
C TYR F 186 16.98 -6.86 -82.40
N LEU F 187 16.62 -6.89 -83.68
CA LEU F 187 17.02 -7.98 -84.57
C LEU F 187 18.09 -7.57 -85.57
N ASP F 188 18.97 -6.67 -85.17
CA ASP F 188 20.05 -6.20 -86.04
C ASP F 188 21.08 -7.30 -86.33
N LYS F 189 21.13 -8.29 -85.45
CA LYS F 189 22.06 -9.41 -85.61
C LYS F 189 21.52 -10.46 -86.59
N PHE F 190 20.33 -10.19 -87.14
CA PHE F 190 19.73 -11.06 -88.15
C PHE F 190 19.58 -10.28 -89.45
N SER F 191 19.17 -9.03 -89.34
CA SER F 191 19.10 -8.13 -90.48
C SER F 191 20.31 -7.61 -91.25
N LYS F 192 21.50 -8.10 -90.90
CA LYS F 192 22.73 -7.71 -91.57
C LYS F 192 22.91 -8.45 -92.88
N GLY F 193 22.90 -7.70 -93.98
CA GLY F 193 23.33 -8.22 -95.26
C GLY F 193 22.31 -9.24 -95.68
N ALA F 194 21.13 -9.14 -95.09
CA ALA F 194 20.09 -10.17 -95.24
C ALA F 194 19.14 -9.91 -96.40
N VAL F 195 18.69 -10.99 -97.02
CA VAL F 195 17.73 -10.92 -98.13
C VAL F 195 16.49 -11.77 -97.84
N PRO F 196 15.29 -11.20 -98.07
CA PRO F 196 13.99 -11.75 -97.69
C PRO F 196 13.69 -13.18 -98.18
N TYR F 197 14.45 -13.69 -99.14
CA TYR F 197 14.20 -15.03 -99.67
C TYR F 197 15.16 -16.07 -99.10
N LYS F 198 16.17 -15.61 -98.36
CA LYS F 198 17.17 -16.50 -97.79
C LYS F 198 17.06 -16.57 -96.28
N ASP F 199 17.20 -15.43 -95.62
CA ASP F 199 17.26 -15.37 -94.17
C ASP F 199 15.87 -15.39 -93.54
N VAL F 200 15.48 -16.53 -92.97
CA VAL F 200 14.20 -16.65 -92.29
C VAL F 200 14.38 -16.76 -90.79
N ILE F 201 13.42 -16.22 -90.05
CA ILE F 201 13.42 -16.30 -88.59
C ILE F 201 12.16 -17.02 -88.12
N GLU F 202 12.25 -18.33 -87.92
CA GLU F 202 11.11 -19.17 -87.60
C GLU F 202 10.46 -18.80 -86.25
N PHE F 203 9.18 -18.42 -86.30
CA PHE F 203 8.44 -18.09 -85.09
C PHE F 203 7.27 -19.07 -84.88
N THR F 204 6.63 -18.97 -83.72
CA THR F 204 5.47 -19.79 -83.40
C THR F 204 4.30 -18.90 -82.99
N ALA F 205 3.12 -19.18 -83.53
CA ALA F 205 1.94 -18.35 -83.28
C ALA F 205 1.15 -18.81 -82.06
N MET F 206 1.21 -18.03 -80.98
CA MET F 206 0.48 -18.36 -79.75
C MET F 206 -0.59 -17.32 -79.43
N GLN F 207 -1.51 -17.70 -78.55
CA GLN F 207 -2.63 -16.85 -78.15
C GLN F 207 -2.98 -17.10 -76.69
N SER F 208 -3.30 -16.03 -75.96
CA SER F 208 -3.65 -16.15 -74.54
C SER F 208 -4.93 -16.97 -74.34
N LEU F 209 -4.92 -17.83 -73.33
CA LEU F 209 -6.05 -18.71 -73.07
C LEU F 209 -7.27 -17.98 -72.51
N THR F 210 -7.14 -16.69 -72.25
CA THR F 210 -8.23 -15.89 -71.70
C THR F 210 -9.46 -15.94 -72.61
N ARG F 211 -9.23 -15.93 -73.92
CA ARG F 211 -10.31 -16.04 -74.89
C ARG F 211 -9.88 -16.84 -76.12
N HIS F 234 -27.38 -25.81 -88.48
CA HIS F 234 -26.49 -26.37 -89.49
C HIS F 234 -25.57 -25.30 -90.06
N PHE F 235 -24.30 -25.65 -90.24
CA PHE F 235 -23.33 -24.70 -90.77
C PHE F 235 -22.09 -25.41 -91.34
N THR F 236 -21.13 -24.62 -91.80
CA THR F 236 -19.90 -25.15 -92.37
C THR F 236 -18.69 -24.71 -91.55
N ARG F 237 -17.87 -25.68 -91.15
CA ARG F 237 -16.70 -25.39 -90.32
C ARG F 237 -15.44 -25.17 -91.16
N LEU F 238 -15.13 -23.90 -91.45
CA LEU F 238 -13.96 -23.55 -92.23
C LEU F 238 -12.71 -23.43 -91.36
N VAL F 239 -11.65 -24.14 -91.73
CA VAL F 239 -10.38 -24.06 -91.03
C VAL F 239 -9.27 -23.60 -91.96
N THR F 240 -8.87 -22.34 -91.82
CA THR F 240 -7.75 -21.80 -92.58
C THR F 240 -6.46 -21.93 -91.78
N ILE F 241 -5.41 -22.41 -92.42
CA ILE F 241 -4.10 -22.52 -91.77
C ILE F 241 -2.96 -22.46 -92.79
N GLY F 242 -2.08 -21.47 -92.61
CA GLY F 242 -0.94 -21.28 -93.49
C GLY F 242 0.00 -20.25 -92.91
N GLU F 243 1.18 -20.10 -93.52
CA GLU F 243 2.20 -19.21 -92.99
C GLU F 243 1.82 -17.74 -93.08
N VAL F 244 2.57 -16.91 -92.34
CA VAL F 244 2.43 -15.45 -92.40
C VAL F 244 3.84 -14.86 -92.42
N VAL F 245 4.13 -14.04 -93.42
CA VAL F 245 5.48 -13.50 -93.58
C VAL F 245 5.51 -11.97 -93.51
N PHE F 246 6.38 -11.45 -92.65
CA PHE F 246 6.62 -10.01 -92.58
C PHE F 246 8.12 -9.71 -92.54
N PRO F 247 8.54 -8.60 -93.18
CA PRO F 247 9.95 -8.25 -93.24
C PRO F 247 10.48 -7.69 -91.92
N ALA F 248 11.73 -8.01 -91.59
CA ALA F 248 12.38 -7.46 -90.42
C ALA F 248 13.61 -6.66 -90.84
N PHE F 249 13.50 -5.33 -90.77
CA PHE F 249 14.55 -4.45 -91.25
C PHE F 249 15.73 -4.35 -90.27
N PHE F 250 16.71 -3.53 -90.62
CA PHE F 250 17.84 -3.25 -89.76
C PHE F 250 17.52 -2.02 -88.91
N GLY F 251 17.98 -2.05 -87.66
CA GLY F 251 17.82 -0.91 -86.76
C GLY F 251 16.37 -0.50 -86.53
N ASP F 252 15.54 -1.45 -86.13
CA ASP F 252 14.15 -1.16 -85.80
C ASP F 252 13.73 -1.85 -84.51
N SER F 253 12.92 -1.17 -83.71
CA SER F 253 12.53 -1.68 -82.39
C SER F 253 11.53 -2.82 -82.48
N SER F 254 11.26 -3.43 -81.33
CA SER F 254 10.28 -4.51 -81.23
C SER F 254 8.87 -3.97 -81.47
N LEU F 255 8.71 -2.65 -81.31
CA LEU F 255 7.44 -2.00 -81.60
C LEU F 255 7.20 -1.95 -83.10
N ASP F 256 8.25 -1.64 -83.85
CA ASP F 256 8.20 -1.63 -85.31
C ASP F 256 7.89 -3.03 -85.82
N LEU F 257 8.51 -4.03 -85.21
CA LEU F 257 8.28 -5.42 -85.57
C LEU F 257 6.84 -5.82 -85.30
N TYR F 258 6.30 -5.39 -84.17
CA TYR F 258 4.93 -5.73 -83.79
C TYR F 258 3.90 -5.20 -84.78
N LYS F 259 4.03 -3.93 -85.15
CA LYS F 259 3.07 -3.29 -86.05
C LYS F 259 3.01 -3.97 -87.41
N ARG F 260 4.17 -4.29 -87.96
CA ARG F 260 4.23 -4.97 -89.26
C ARG F 260 3.75 -6.41 -89.14
N SER F 261 4.07 -7.06 -88.02
CA SER F 261 3.62 -8.43 -87.79
C SER F 261 2.10 -8.46 -87.63
N ARG F 262 1.54 -7.39 -87.07
CA ARG F 262 0.10 -7.26 -86.96
C ARG F 262 -0.54 -7.10 -88.34
N GLU F 263 0.00 -6.16 -89.12
CA GLU F 263 -0.52 -5.90 -90.46
C GLU F 263 -0.32 -7.08 -91.39
N ALA F 264 0.73 -7.87 -91.15
CA ALA F 264 1.02 -9.03 -91.98
C ALA F 264 -0.06 -10.11 -91.86
N PHE F 265 -0.49 -10.36 -90.64
CA PHE F 265 -1.46 -11.43 -90.37
C PHE F 265 -2.80 -11.22 -91.07
N ASN F 266 -3.46 -10.11 -90.75
CA ASN F 266 -4.81 -9.85 -91.26
C ASN F 266 -4.87 -9.66 -92.78
N ARG F 267 -3.78 -9.20 -93.37
CA ARG F 267 -3.71 -9.05 -94.83
C ARG F 267 -3.95 -10.39 -95.52
N ARG F 268 -3.33 -11.44 -94.98
CA ARG F 268 -3.53 -12.79 -95.50
C ARG F 268 -4.92 -13.32 -95.12
N ALA F 269 -5.47 -12.79 -94.03
CA ALA F 269 -6.82 -13.14 -93.64
C ALA F 269 -7.81 -12.47 -94.59
N ASN F 270 -7.54 -11.23 -94.94
CA ASN F 270 -8.35 -10.52 -95.94
C ASN F 270 -8.15 -11.13 -97.32
N ASN F 271 -6.94 -11.61 -97.58
CA ASN F 271 -6.65 -12.29 -98.84
C ASN F 271 -7.42 -13.60 -98.91
N THR F 272 -7.56 -14.26 -97.76
CA THR F 272 -8.25 -15.54 -97.68
C THR F 272 -9.75 -15.39 -97.98
N MET F 273 -10.35 -14.29 -97.53
CA MET F 273 -11.78 -14.09 -97.75
C MET F 273 -12.11 -13.64 -99.18
N MET F 274 -11.27 -12.76 -99.74
CA MET F 274 -11.48 -12.27 -101.10
C MET F 274 -11.47 -13.43 -102.10
N VAL F 275 -10.54 -14.36 -101.90
CA VAL F 275 -10.48 -15.57 -102.70
C VAL F 275 -11.71 -16.45 -102.43
N THR F 276 -12.04 -16.59 -101.15
CA THR F 276 -13.16 -17.42 -100.72
C THR F 276 -14.49 -16.92 -101.27
N VAL F 277 -14.77 -15.63 -101.10
CA VAL F 277 -16.01 -15.06 -101.60
C VAL F 277 -16.04 -15.07 -103.13
N ASN F 278 -14.86 -15.04 -103.75
CA ASN F 278 -14.75 -15.16 -105.20
C ASN F 278 -15.17 -16.56 -105.62
N GLY F 279 -14.83 -17.54 -104.81
CA GLY F 279 -15.23 -18.91 -105.05
C GLY F 279 -16.72 -19.12 -104.86
N ILE F 280 -17.29 -18.43 -103.87
CA ILE F 280 -18.74 -18.49 -103.62
C ILE F 280 -19.50 -17.85 -104.76
N ARG F 281 -19.06 -16.66 -105.17
CA ARG F 281 -19.67 -15.93 -106.29
C ARG F 281 -19.69 -16.77 -107.58
N ALA F 282 -18.59 -17.47 -107.83
CA ALA F 282 -18.46 -18.27 -109.04
C ALA F 282 -19.29 -19.54 -108.97
N GLY F 283 -19.90 -19.80 -107.81
CA GLY F 283 -20.73 -20.98 -107.63
C GLY F 283 -19.90 -22.21 -107.31
N ARG F 284 -18.71 -22.00 -106.78
CA ARG F 284 -17.80 -23.09 -106.42
C ARG F 284 -17.96 -23.46 -104.95
N GLY F 285 -17.95 -22.46 -104.07
CA GLY F 285 -18.21 -22.69 -102.66
C GLY F 285 -17.02 -22.49 -101.74
N VAL F 286 -17.04 -23.20 -100.62
CA VAL F 286 -15.99 -23.09 -99.62
C VAL F 286 -14.67 -23.66 -100.13
N THR F 287 -13.71 -22.77 -100.41
CA THR F 287 -12.42 -23.20 -100.95
C THR F 287 -11.34 -23.19 -99.88
N THR F 288 -10.92 -24.38 -99.45
CA THR F 288 -9.84 -24.52 -98.49
C THR F 288 -8.54 -24.01 -99.09
N THR F 289 -8.10 -22.82 -98.66
CA THR F 289 -6.92 -22.20 -99.23
C THR F 289 -5.63 -22.79 -98.68
N THR F 290 -4.53 -22.59 -99.40
CA THR F 290 -3.21 -22.97 -98.94
C THR F 290 -2.27 -21.78 -99.11
N SER F 291 -1.63 -21.36 -98.03
CA SER F 291 -0.75 -20.19 -98.08
C SER F 291 0.44 -20.40 -99.01
N ALA F 292 0.96 -19.29 -99.54
CA ALA F 292 2.11 -19.33 -100.44
C ALA F 292 2.80 -17.97 -100.47
N THR F 293 4.12 -17.99 -100.62
CA THR F 293 4.89 -16.76 -100.72
C THR F 293 5.83 -16.84 -101.92
N TYR F 294 5.80 -15.83 -102.77
CA TYR F 294 6.61 -15.84 -103.99
C TYR F 294 7.61 -14.69 -104.02
N LEU F 295 8.62 -14.84 -104.88
CA LEU F 295 9.49 -13.73 -105.26
C LEU F 295 9.50 -13.67 -106.78
N PRO F 296 8.51 -12.96 -107.35
CA PRO F 296 8.37 -12.82 -108.81
C PRO F 296 9.63 -12.22 -109.42
N PRO F 297 9.91 -12.58 -110.69
CA PRO F 297 11.12 -12.12 -111.39
C PRO F 297 11.21 -10.59 -111.46
N GLY F 298 12.19 -10.04 -110.77
CA GLY F 298 12.41 -8.60 -110.77
C GLY F 298 11.88 -7.91 -109.53
N TRP F 299 11.06 -8.60 -108.76
CA TRP F 299 10.46 -8.00 -107.56
C TRP F 299 11.46 -7.83 -106.42
N VAL F 300 11.30 -6.74 -105.68
CA VAL F 300 12.19 -6.41 -104.58
C VAL F 300 11.58 -6.82 -103.24
N SER F 301 10.28 -6.60 -103.10
CA SER F 301 9.53 -7.11 -101.95
C SER F 301 8.99 -8.49 -102.29
N LEU F 302 8.05 -9.00 -101.50
CA LEU F 302 7.52 -10.34 -101.74
C LEU F 302 6.04 -10.31 -102.13
N LEU F 303 5.55 -11.46 -102.59
CA LEU F 303 4.14 -11.62 -102.94
C LEU F 303 3.50 -12.67 -102.05
N HIS F 304 2.44 -12.29 -101.35
CA HIS F 304 1.79 -13.17 -100.39
C HIS F 304 0.38 -13.53 -100.87
N LEU F 305 0.14 -14.80 -101.14
CA LEU F 305 -1.15 -15.23 -101.68
C LEU F 305 -1.71 -16.48 -101.03
N GLN F 306 -3.03 -16.55 -100.95
CA GLN F 306 -3.73 -17.73 -100.47
C GLN F 306 -4.38 -18.42 -101.66
N LEU F 307 -3.81 -19.54 -102.08
CA LEU F 307 -4.24 -20.20 -103.31
C LEU F 307 -5.51 -21.04 -103.12
N PRO F 308 -6.49 -20.84 -104.01
CA PRO F 308 -7.74 -21.60 -104.01
C PRO F 308 -7.52 -23.02 -104.51
N THR F 309 -6.96 -23.88 -103.66
CA THR F 309 -6.56 -25.22 -104.05
C THR F 309 -7.72 -26.15 -104.44
N LYS F 310 -8.82 -26.05 -103.70
CA LYS F 310 -9.95 -26.96 -103.88
C LYS F 310 -10.61 -26.87 -105.27
N TRP F 311 -10.31 -25.81 -106.02
CA TRP F 311 -10.82 -25.66 -107.37
C TRP F 311 -10.20 -26.69 -108.30
N THR F 312 -10.81 -26.88 -109.47
CA THR F 312 -10.29 -27.81 -110.47
C THR F 312 -8.97 -27.29 -111.06
N ASP F 313 -8.24 -28.17 -111.73
CA ASP F 313 -6.98 -27.80 -112.36
C ASP F 313 -7.17 -26.66 -113.35
N ASN F 314 -8.29 -26.69 -114.08
CA ASN F 314 -8.60 -25.67 -115.05
C ASN F 314 -9.00 -24.34 -114.39
N GLU F 315 -9.83 -24.43 -113.35
CA GLU F 315 -10.27 -23.24 -112.62
C GLU F 315 -9.08 -22.52 -111.98
N GLN F 316 -8.14 -23.28 -111.44
CA GLN F 316 -6.95 -22.71 -110.83
C GLN F 316 -6.07 -22.04 -111.89
N ARG F 317 -6.06 -22.62 -113.09
CA ARG F 317 -5.28 -22.07 -114.20
C ARG F 317 -5.75 -20.66 -114.54
N ASN F 318 -7.06 -20.51 -114.72
CA ASN F 318 -7.64 -19.20 -115.02
C ASN F 318 -7.35 -18.18 -113.91
N TYR F 319 -7.44 -18.63 -112.66
CA TYR F 319 -7.14 -17.77 -111.52
C TYR F 319 -5.66 -17.41 -111.53
N ARG F 320 -4.81 -18.38 -111.85
CA ARG F 320 -3.37 -18.15 -111.93
C ARG F 320 -3.07 -17.11 -113.00
N ILE F 321 -3.81 -17.17 -114.11
CA ILE F 321 -3.70 -16.17 -115.17
C ILE F 321 -4.13 -14.79 -114.67
N ARG F 322 -5.28 -14.75 -114.01
CA ARG F 322 -5.86 -13.51 -113.49
C ARG F 322 -4.87 -12.73 -112.62
N LEU F 323 -4.07 -13.45 -111.84
CA LEU F 323 -3.06 -12.84 -111.00
C LEU F 323 -1.92 -12.24 -111.82
N HIS F 324 -1.55 -12.91 -112.91
CA HIS F 324 -0.51 -12.41 -113.81
C HIS F 324 -0.85 -11.02 -114.33
N LYS F 325 -2.12 -10.82 -114.69
CA LYS F 325 -2.59 -9.52 -115.15
C LYS F 325 -2.54 -8.49 -114.03
N LEU F 326 -3.11 -8.85 -112.88
CA LEU F 326 -3.21 -7.96 -111.74
C LEU F 326 -1.85 -7.51 -111.21
N PHE F 327 -0.90 -8.43 -111.18
CA PHE F 327 0.42 -8.15 -110.59
C PHE F 327 1.48 -7.84 -111.64
N ASN F 328 1.04 -7.63 -112.88
CA ASN F 328 1.94 -7.36 -114.00
C ASN F 328 3.06 -8.40 -114.11
N LEU F 329 2.66 -9.65 -114.32
CA LEU F 329 3.61 -10.76 -114.39
C LEU F 329 3.73 -11.25 -115.84
N PRO F 330 4.90 -11.84 -116.19
CA PRO F 330 5.13 -12.35 -117.54
C PRO F 330 4.07 -13.38 -117.96
N SER F 331 3.83 -13.49 -119.26
CA SER F 331 2.83 -14.43 -119.78
C SER F 331 3.50 -15.59 -120.50
N SER F 332 4.82 -15.53 -120.61
CA SER F 332 5.60 -16.57 -121.27
C SER F 332 5.84 -17.75 -120.34
N LYS F 333 6.45 -17.48 -119.19
CA LYS F 333 6.81 -18.52 -118.23
C LYS F 333 5.92 -18.47 -116.99
N PRO F 334 5.64 -19.64 -116.39
CA PRO F 334 4.88 -19.69 -115.14
C PRO F 334 5.66 -19.05 -114.00
N VAL F 335 4.95 -18.43 -113.06
CA VAL F 335 5.58 -17.76 -111.93
C VAL F 335 4.89 -18.14 -110.61
N LEU F 336 3.57 -18.24 -110.66
CA LEU F 336 2.79 -18.48 -109.45
C LEU F 336 2.36 -19.94 -109.30
N ARG F 337 3.21 -20.86 -109.75
CA ARG F 337 2.98 -22.28 -109.52
C ARG F 337 3.33 -22.62 -108.07
N LEU F 338 2.62 -23.60 -107.50
CA LEU F 338 2.88 -24.04 -106.13
C LEU F 338 4.30 -24.57 -105.98
N SER F 339 4.83 -25.11 -107.09
CA SER F 339 6.16 -25.71 -107.09
C SER F 339 7.25 -24.65 -106.89
N GLN F 340 7.03 -23.45 -107.42
CA GLN F 340 7.99 -22.37 -107.31
C GLN F 340 7.63 -21.41 -106.18
N ALA F 341 6.78 -21.87 -105.26
CA ALA F 341 6.46 -21.10 -104.07
C ALA F 341 7.56 -21.29 -103.04
N LEU F 342 8.07 -20.18 -102.50
CA LEU F 342 9.15 -20.22 -101.52
C LEU F 342 8.76 -21.02 -100.28
N ALA F 343 9.68 -21.84 -99.81
CA ALA F 343 9.47 -22.61 -98.57
C ALA F 343 10.21 -21.93 -97.43
N LEU F 344 9.61 -20.89 -96.88
CA LEU F 344 10.23 -20.14 -95.80
C LEU F 344 9.95 -20.78 -94.44
N HIS F 345 8.89 -21.59 -94.39
CA HIS F 345 8.51 -22.27 -93.16
C HIS F 345 8.99 -23.72 -93.16
N SER F 346 9.29 -24.25 -91.98
CA SER F 346 9.81 -25.60 -91.85
C SER F 346 8.74 -26.65 -92.18
N GLU F 347 7.50 -26.38 -91.78
CA GLU F 347 6.39 -27.30 -92.01
C GLU F 347 5.83 -27.21 -93.42
N SER F 348 6.34 -26.25 -94.20
CA SER F 348 5.91 -26.09 -95.58
C SER F 348 6.37 -27.28 -96.44
N ALA F 349 5.41 -28.02 -96.98
CA ALA F 349 5.72 -29.19 -97.80
C ALA F 349 6.37 -28.78 -99.11
N ARG F 350 7.56 -29.34 -99.37
CA ARG F 350 8.30 -29.06 -100.59
C ARG F 350 8.10 -30.20 -101.59
N LEU F 351 8.51 -29.96 -102.84
CA LEU F 351 8.43 -31.00 -103.88
C LEU F 351 9.82 -31.43 -104.30
N THR F 352 10.83 -30.86 -103.65
CA THR F 352 12.21 -31.28 -103.82
C THR F 352 12.82 -31.51 -102.44
N ASN F 353 13.68 -32.52 -102.31
CA ASN F 353 14.31 -32.82 -101.03
C ASN F 353 15.13 -31.63 -100.53
N LYS F 354 15.05 -31.39 -99.22
CA LYS F 354 15.59 -30.19 -98.60
C LYS F 354 17.12 -30.09 -98.68
N LYS F 355 17.79 -31.23 -98.68
CA LYS F 355 19.26 -31.26 -98.66
C LYS F 355 19.89 -30.75 -99.95
N LEU F 356 19.18 -30.92 -101.07
CA LEU F 356 19.70 -30.51 -102.37
C LEU F 356 20.10 -29.04 -102.42
N ILE F 357 21.38 -28.79 -102.68
CA ILE F 357 21.88 -27.42 -102.80
C ILE F 357 21.27 -26.75 -104.03
N ARG F 358 20.30 -25.88 -103.79
CA ARG F 358 19.63 -25.16 -104.86
C ARG F 358 20.47 -23.98 -105.35
N GLU F 359 20.58 -23.84 -106.67
CA GLU F 359 21.36 -22.77 -107.30
C GLU F 359 22.82 -22.70 -106.85
N PRO F 360 23.59 -23.78 -107.05
CA PRO F 360 24.97 -23.75 -106.56
C PRO F 360 25.99 -23.34 -107.61
N HIS F 361 25.80 -22.18 -108.25
CA HIS F 361 26.81 -21.64 -109.17
C HIS F 361 26.97 -20.15 -108.95
N LEU F 362 26.01 -19.55 -108.26
CA LEU F 362 26.09 -18.14 -107.89
C LEU F 362 27.10 -17.96 -106.76
N SER F 363 27.43 -19.07 -106.11
CA SER F 363 28.32 -19.05 -104.95
C SER F 363 29.79 -18.93 -105.34
N ILE F 364 30.05 -18.38 -106.53
CA ILE F 364 31.42 -18.09 -106.95
C ILE F 364 31.50 -16.70 -107.59
N THR F 365 31.75 -15.69 -106.74
CA THR F 365 31.92 -14.33 -107.20
C THR F 365 33.40 -14.08 -107.45
N ASN F 366 34.17 -15.17 -107.40
CA ASN F 366 35.61 -15.12 -107.60
C ASN F 366 35.96 -15.33 -109.08
N TYR F 367 35.11 -14.80 -109.96
CA TYR F 367 35.30 -15.03 -111.40
C TYR F 367 35.29 -13.76 -112.22
N GLN F 368 36.35 -13.57 -113.01
CA GLN F 368 36.41 -12.49 -113.98
C GLN F 368 36.40 -13.05 -115.40
N PRO F 369 35.42 -12.62 -116.21
CA PRO F 369 35.24 -13.12 -117.58
C PRO F 369 36.42 -12.78 -118.49
N VAL F 370 36.58 -13.56 -119.56
CA VAL F 370 37.52 -13.22 -120.61
C VAL F 370 36.71 -12.58 -121.73
N GLY F 371 35.40 -12.51 -121.52
CA GLY F 371 34.49 -11.90 -122.47
C GLY F 371 33.09 -11.66 -121.95
N GLU F 372 32.08 -12.19 -122.65
CA GLU F 372 30.68 -11.94 -122.33
C GLU F 372 30.04 -13.04 -121.50
N ILE F 373 29.38 -12.63 -120.42
CA ILE F 373 28.70 -13.56 -119.52
C ILE F 373 27.39 -14.09 -120.12
N THR F 374 27.16 -15.39 -119.98
CA THR F 374 25.91 -16.00 -120.42
C THR F 374 25.46 -17.09 -119.44
N THR F 375 24.73 -16.69 -118.41
CA THR F 375 24.30 -17.62 -117.36
C THR F 375 23.10 -18.46 -117.79
N VAL F 376 22.67 -19.34 -116.89
CA VAL F 376 21.45 -20.12 -117.10
C VAL F 376 20.27 -19.26 -116.63
N ASN F 377 19.04 -19.69 -116.91
CA ASN F 377 17.87 -18.89 -116.55
C ASN F 377 16.92 -19.61 -115.59
N GLY F 378 17.22 -19.53 -114.30
CA GLY F 378 16.33 -20.08 -113.29
C GLY F 378 16.99 -20.92 -112.21
N PRO F 379 16.16 -21.50 -111.32
CA PRO F 379 16.59 -22.36 -110.22
C PRO F 379 16.75 -23.82 -110.63
N TYR F 380 17.59 -24.55 -109.90
CA TYR F 380 17.90 -25.94 -110.21
C TYR F 380 18.63 -26.58 -109.03
N ASN F 381 18.49 -27.89 -108.89
CA ASN F 381 19.14 -28.60 -107.79
C ASN F 381 20.38 -29.40 -108.23
N TYR F 382 21.38 -29.44 -107.37
CA TYR F 382 22.62 -30.17 -107.67
C TYR F 382 22.53 -31.65 -107.30
N HIS F 383 22.22 -32.48 -108.28
CA HIS F 383 22.12 -33.91 -108.08
C HIS F 383 23.42 -34.60 -108.50
N HIS F 384 24.03 -35.32 -107.56
CA HIS F 384 25.28 -36.04 -107.84
C HIS F 384 25.22 -37.48 -107.33
N TYR F 385 26.36 -38.16 -107.29
CA TYR F 385 26.39 -39.56 -106.86
C TYR F 385 25.89 -39.73 -105.42
N MET F 386 25.13 -40.79 -105.20
CA MET F 386 24.60 -41.14 -103.87
C MET F 386 23.73 -40.07 -103.23
N GLN F 387 22.82 -39.48 -104.01
CA GLN F 387 21.83 -38.56 -103.45
C GLN F 387 20.70 -39.34 -102.80
N ASP F 388 20.10 -40.23 -103.59
CA ASP F 388 18.96 -41.01 -103.13
C ASP F 388 19.39 -42.26 -102.35
N GLY F 389 20.51 -42.14 -101.64
CA GLY F 389 21.03 -43.24 -100.85
C GLY F 389 21.74 -44.29 -101.69
N ILE F 390 21.17 -44.61 -102.85
CA ILE F 390 21.73 -45.60 -103.75
C ILE F 390 23.11 -45.19 -104.26
N ASP F 391 24.05 -46.13 -104.24
CA ASP F 391 25.39 -45.87 -104.72
C ASP F 391 25.54 -46.23 -106.20
N ASP F 392 25.47 -45.22 -107.05
CA ASP F 392 25.68 -45.39 -108.48
C ASP F 392 27.05 -44.86 -108.87
N SER F 393 28.04 -45.16 -108.03
CA SER F 393 29.38 -44.57 -108.12
C SER F 393 30.08 -44.74 -109.47
N GLY F 394 29.59 -45.65 -110.30
CA GLY F 394 30.25 -45.91 -111.57
C GLY F 394 29.37 -45.92 -112.80
N TRP F 395 28.10 -45.53 -112.65
CA TRP F 395 27.14 -45.64 -113.75
C TRP F 395 26.01 -44.62 -113.72
N GLY F 396 26.14 -43.59 -112.89
CA GLY F 396 25.04 -42.66 -112.71
C GLY F 396 25.29 -41.23 -113.16
N SER F 397 26.49 -40.97 -113.69
CA SER F 397 26.87 -39.61 -114.08
C SER F 397 25.92 -38.98 -115.10
N ALA F 398 25.23 -39.83 -115.87
CA ALA F 398 24.25 -39.34 -116.83
C ALA F 398 22.87 -39.23 -116.19
N TYR F 399 22.56 -40.13 -115.26
CA TYR F 399 21.31 -40.09 -114.52
C TYR F 399 21.22 -38.83 -113.67
N ARG F 400 22.34 -38.46 -113.05
CA ARG F 400 22.40 -37.29 -112.18
C ARG F 400 22.13 -36.00 -112.95
N SER F 401 22.80 -35.87 -114.10
CA SER F 401 22.65 -34.69 -114.93
C SER F 401 21.23 -34.59 -115.51
N PHE F 402 20.52 -35.72 -115.51
CA PHE F 402 19.12 -35.73 -115.91
C PHE F 402 18.24 -35.16 -114.79
N GLN F 403 18.56 -35.51 -113.55
CA GLN F 403 17.80 -35.05 -112.40
C GLN F 403 18.00 -33.55 -112.16
N THR F 404 19.22 -33.08 -112.40
CA THR F 404 19.54 -31.66 -112.31
C THR F 404 18.69 -30.89 -113.32
N ILE F 405 18.47 -31.49 -114.48
CA ILE F 405 17.58 -30.94 -115.50
C ILE F 405 16.12 -30.99 -115.04
N TRP F 406 15.70 -32.15 -114.55
CA TRP F 406 14.32 -32.35 -114.11
C TRP F 406 13.96 -31.40 -112.97
N SER F 407 14.92 -31.13 -112.10
CA SER F 407 14.72 -30.20 -110.99
C SER F 407 14.28 -28.85 -111.51
N TRP F 408 14.96 -28.38 -112.56
CA TRP F 408 14.66 -27.08 -113.17
C TRP F 408 13.20 -27.00 -113.62
N PHE F 409 12.67 -28.11 -114.11
CA PHE F 409 11.31 -28.13 -114.63
C PHE F 409 10.22 -28.12 -113.55
N ILE F 410 10.61 -28.49 -112.34
CA ILE F 410 9.71 -28.38 -111.19
C ILE F 410 9.86 -26.99 -110.59
N LEU F 411 11.11 -26.56 -110.46
CA LEU F 411 11.44 -25.28 -109.84
C LEU F 411 10.99 -24.08 -110.67
N ASN F 412 10.52 -24.34 -111.89
CA ASN F 412 10.03 -23.27 -112.75
C ASN F 412 8.56 -23.49 -113.15
N GLY F 413 7.92 -24.43 -112.47
CA GLY F 413 6.50 -24.65 -112.62
C GLY F 413 6.04 -25.22 -113.95
N TYR F 414 6.53 -26.41 -114.29
CA TYR F 414 6.06 -27.11 -115.48
C TYR F 414 5.45 -28.45 -115.11
N THR F 415 5.82 -28.96 -113.94
CA THR F 415 5.27 -30.21 -113.43
C THR F 415 5.09 -30.18 -111.91
N ASP F 416 3.97 -30.73 -111.44
CA ASP F 416 3.79 -30.99 -110.02
C ASP F 416 4.19 -32.44 -109.76
N LYS F 417 5.19 -32.89 -110.51
CA LYS F 417 5.66 -34.26 -110.45
C LYS F 417 7.06 -34.31 -109.83
N PRO F 418 7.41 -35.42 -109.18
CA PRO F 418 8.70 -35.50 -108.46
C PRO F 418 9.86 -35.91 -109.37
N VAL F 419 11.08 -35.64 -108.91
CA VAL F 419 12.28 -36.07 -109.63
C VAL F 419 12.37 -37.58 -109.60
N PRO F 420 12.31 -38.22 -110.78
CA PRO F 420 12.29 -39.68 -110.88
C PRO F 420 13.64 -40.30 -110.52
N SER F 421 13.61 -41.50 -109.95
CA SER F 421 14.83 -42.22 -109.61
C SER F 421 15.36 -42.96 -110.82
N HIS F 422 16.43 -43.72 -110.63
CA HIS F 422 17.06 -44.48 -111.71
C HIS F 422 16.08 -45.46 -112.33
N ARG F 423 15.47 -46.30 -111.50
CA ARG F 423 14.54 -47.32 -111.95
C ARG F 423 13.35 -46.70 -112.69
N GLU F 424 12.97 -45.49 -112.29
CA GLU F 424 11.92 -44.75 -112.97
C GLU F 424 12.35 -44.41 -114.39
N ILE F 425 13.56 -43.90 -114.52
CA ILE F 425 14.13 -43.52 -115.82
C ILE F 425 14.28 -44.72 -116.73
N GLN F 426 14.92 -45.78 -116.21
CA GLN F 426 15.17 -46.99 -116.98
C GLN F 426 13.86 -47.60 -117.49
N GLN F 427 12.83 -47.59 -116.64
CA GLN F 427 11.51 -48.07 -117.02
C GLN F 427 10.91 -47.25 -118.15
N ALA F 428 11.13 -45.94 -118.10
CA ALA F 428 10.61 -45.03 -119.12
C ALA F 428 11.19 -45.32 -120.50
N LEU F 429 12.48 -45.67 -120.53
CA LEU F 429 13.16 -45.99 -121.78
C LEU F 429 12.60 -47.25 -122.43
N VAL F 430 12.13 -48.18 -121.61
CA VAL F 430 11.53 -49.42 -122.10
C VAL F 430 10.15 -49.14 -122.67
N ASP F 431 9.38 -48.32 -121.96
CA ASP F 431 8.01 -48.00 -122.35
C ASP F 431 7.94 -47.22 -123.66
N ILE F 432 8.96 -46.41 -123.92
CA ILE F 432 9.04 -45.65 -125.16
C ILE F 432 9.58 -46.52 -126.28
N GLN F 433 9.93 -47.76 -125.93
CA GLN F 433 10.48 -48.74 -126.87
C GLN F 433 11.77 -48.27 -127.53
N ASP F 434 12.80 -48.10 -126.72
CA ASP F 434 14.14 -47.74 -127.21
C ASP F 434 15.16 -48.66 -126.54
N LYS F 435 14.80 -49.16 -125.35
CA LYS F 435 15.63 -50.12 -124.63
C LYS F 435 14.84 -51.41 -124.41
N GLN F 436 15.35 -52.29 -123.54
CA GLN F 436 14.72 -53.59 -123.34
C GLN F 436 14.35 -53.93 -121.89
N ALA F 437 13.99 -55.19 -121.66
CA ALA F 437 13.41 -55.61 -120.38
C ALA F 437 14.39 -55.62 -119.20
N LYS F 438 15.58 -56.18 -119.41
CA LYS F 438 16.55 -56.30 -118.31
C LYS F 438 17.12 -54.94 -117.91
N PHE F 439 16.89 -53.93 -118.74
CA PHE F 439 17.39 -52.58 -118.50
C PHE F 439 16.87 -52.00 -117.18
N VAL F 440 15.57 -52.17 -116.93
CA VAL F 440 14.90 -51.46 -115.83
C VAL F 440 15.50 -51.66 -114.43
N GLY F 441 16.09 -52.82 -114.18
CA GLY F 441 16.65 -53.10 -112.87
C GLY F 441 18.16 -53.10 -112.87
N SER F 442 18.74 -52.75 -114.01
CA SER F 442 20.18 -52.85 -114.20
C SER F 442 20.93 -51.60 -113.75
N ARG F 443 22.25 -51.66 -113.85
CA ARG F 443 23.12 -50.54 -113.53
C ARG F 443 23.73 -50.03 -114.85
N GLN F 444 22.92 -50.05 -115.89
CA GLN F 444 23.36 -49.70 -117.25
C GLN F 444 23.82 -48.27 -117.38
N TRP F 445 24.29 -47.92 -118.57
CA TRP F 445 24.70 -46.56 -118.88
C TRP F 445 23.74 -45.91 -119.88
N ILE F 446 23.55 -44.60 -119.74
CA ILE F 446 22.75 -43.84 -120.70
C ILE F 446 23.51 -42.60 -121.16
N GLY F 447 22.97 -41.92 -122.15
CA GLY F 447 23.61 -40.72 -122.67
C GLY F 447 22.62 -39.61 -123.00
N SER F 448 23.07 -38.64 -123.78
CA SER F 448 22.26 -37.47 -124.12
C SER F 448 20.99 -37.83 -124.88
N THR F 449 21.03 -38.91 -125.65
CA THR F 449 19.88 -39.33 -126.44
C THR F 449 18.84 -40.10 -125.62
N GLU F 450 19.29 -40.79 -124.59
CA GLU F 450 18.37 -41.45 -123.66
C GLU F 450 17.62 -40.40 -122.85
N ILE F 451 18.35 -39.39 -122.38
CA ILE F 451 17.76 -38.28 -121.64
C ILE F 451 16.64 -37.59 -122.44
N SER F 452 16.92 -37.33 -123.72
CA SER F 452 15.96 -36.73 -124.62
C SER F 452 14.66 -37.53 -124.70
N PHE F 453 14.78 -38.86 -124.70
CA PHE F 453 13.63 -39.74 -124.79
C PHE F 453 12.80 -39.75 -123.52
N VAL F 454 13.47 -39.81 -122.37
CA VAL F 454 12.79 -39.84 -121.07
C VAL F 454 11.95 -38.59 -120.86
N LEU F 455 12.53 -37.43 -121.18
CA LEU F 455 11.81 -36.17 -121.09
C LEU F 455 10.60 -36.14 -122.03
N ASN F 456 10.66 -36.92 -123.11
CA ASN F 456 9.57 -36.97 -124.09
C ASN F 456 8.45 -37.92 -123.68
N GLU F 457 8.82 -39.06 -123.10
CA GLU F 457 7.82 -40.05 -122.69
C GLU F 457 7.12 -39.65 -121.39
N LEU F 458 7.87 -39.02 -120.49
CA LEU F 458 7.32 -38.62 -119.19
C LEU F 458 6.66 -37.24 -119.23
N LEU F 459 7.27 -36.30 -119.95
CA LEU F 459 6.83 -34.90 -119.89
C LEU F 459 6.27 -34.36 -121.20
N LYS F 460 6.18 -35.21 -122.22
CA LYS F 460 5.76 -34.79 -123.55
C LYS F 460 6.59 -33.58 -123.97
N LEU F 461 7.90 -33.77 -124.03
CA LEU F 461 8.84 -32.67 -124.13
C LEU F 461 9.95 -32.99 -125.10
N GLU F 462 10.13 -32.14 -126.11
CA GLU F 462 11.17 -32.37 -127.11
C GLU F 462 12.45 -31.61 -126.78
N CYS F 463 13.58 -32.11 -127.26
CA CYS F 463 14.87 -31.49 -126.99
C CYS F 463 15.65 -31.27 -128.27
N ARG F 464 16.30 -30.13 -128.37
CA ARG F 464 17.20 -29.86 -129.49
C ARG F 464 18.59 -30.37 -129.16
N PHE F 465 19.35 -30.72 -130.20
CA PHE F 465 20.71 -31.23 -130.00
C PHE F 465 21.75 -30.31 -130.62
N ILE F 466 23.01 -30.62 -130.34
CA ILE F 466 24.15 -29.94 -130.95
C ILE F 466 24.98 -31.22 -130.82
N ALA F 467 25.72 -31.53 -131.88
CA ALA F 467 26.41 -32.80 -131.99
C ALA F 467 27.78 -32.37 -132.52
N THR F 468 28.84 -32.81 -131.85
CA THR F 468 30.20 -32.52 -132.26
C THR F 468 31.00 -33.81 -132.44
N ASN F 469 32.19 -33.69 -133.01
CA ASN F 469 33.09 -34.83 -133.16
C ASN F 469 34.40 -34.59 -132.42
N SER F 470 34.48 -33.44 -131.74
CA SER F 470 35.66 -33.07 -130.97
C SER F 470 35.30 -31.98 -129.97
N GLY F 471 36.11 -31.87 -128.91
CA GLY F 471 35.95 -30.77 -127.97
C GLY F 471 36.27 -29.46 -128.66
N ALA F 472 37.09 -29.55 -129.70
CA ALA F 472 37.44 -28.39 -130.51
C ALA F 472 36.23 -27.88 -131.28
N GLU F 473 35.26 -28.74 -131.53
CA GLU F 473 34.04 -28.36 -132.22
C GLU F 473 33.03 -27.80 -131.22
N VAL F 474 33.19 -28.19 -129.96
CA VAL F 474 32.34 -27.70 -128.88
C VAL F 474 32.64 -26.23 -128.57
N VAL F 475 33.92 -25.89 -128.57
CA VAL F 475 34.33 -24.51 -128.28
C VAL F 475 34.00 -23.57 -129.43
N GLU F 476 33.95 -24.10 -130.65
CA GLU F 476 33.56 -23.32 -131.82
C GLU F 476 32.10 -22.93 -131.73
N ARG F 477 31.25 -23.95 -131.60
CA ARG F 477 29.80 -23.74 -131.52
C ARG F 477 29.38 -23.32 -130.11
N VAL F 478 30.16 -22.43 -129.51
CA VAL F 478 29.86 -21.89 -128.18
C VAL F 478 28.75 -20.85 -128.29
N ARG F 479 28.64 -20.23 -129.47
CA ARG F 479 27.60 -19.24 -129.73
C ARG F 479 26.21 -19.86 -129.68
N GLU F 480 26.11 -21.12 -130.11
CA GLU F 480 24.83 -21.82 -130.09
C GLU F 480 24.44 -22.18 -128.67
N LEU F 481 25.42 -22.52 -127.84
CA LEU F 481 25.20 -22.74 -126.42
C LEU F 481 24.71 -21.46 -125.77
N ALA F 482 25.33 -20.34 -126.17
CA ALA F 482 24.96 -19.02 -125.65
C ALA F 482 23.50 -18.69 -125.95
N ARG F 483 23.11 -18.84 -127.22
CA ARG F 483 21.75 -18.52 -127.64
C ARG F 483 20.72 -19.42 -126.95
N HIS F 484 21.13 -20.65 -126.62
CA HIS F 484 20.25 -21.55 -125.88
C HIS F 484 19.89 -20.97 -124.52
N PHE F 485 20.90 -20.48 -123.82
CA PHE F 485 20.70 -19.91 -122.49
C PHE F 485 19.98 -18.56 -122.57
N GLU F 486 20.05 -17.92 -123.73
CA GLU F 486 19.35 -16.67 -123.96
C GLU F 486 17.84 -16.89 -123.96
N THR F 487 17.40 -17.98 -124.60
CA THR F 487 15.99 -18.27 -124.76
C THR F 487 15.47 -19.31 -123.76
N SER F 488 15.77 -20.58 -124.02
CA SER F 488 15.29 -21.67 -123.18
C SER F 488 15.79 -21.56 -121.74
N GLY F 489 17.09 -21.27 -121.58
CA GLY F 489 17.67 -21.10 -120.27
C GLY F 489 17.60 -22.32 -119.38
N THR F 490 17.69 -23.50 -120.01
CA THR F 490 17.67 -24.75 -119.28
C THR F 490 19.09 -25.30 -119.13
N PRO F 491 19.35 -26.04 -118.04
CA PRO F 491 20.68 -26.64 -117.87
C PRO F 491 21.00 -27.64 -118.98
N VAL F 492 22.18 -27.53 -119.57
CA VAL F 492 22.57 -28.39 -120.67
C VAL F 492 23.39 -29.58 -120.18
N MET F 493 22.96 -30.79 -120.55
CA MET F 493 23.74 -31.98 -120.26
C MET F 493 24.66 -32.29 -121.44
N ILE F 494 25.94 -32.48 -121.16
CA ILE F 494 26.92 -32.84 -122.18
C ILE F 494 27.48 -34.23 -121.93
N GLY F 495 27.59 -35.02 -122.98
CA GLY F 495 28.09 -36.39 -122.87
C GLY F 495 29.13 -36.72 -123.92
N GLY F 496 30.18 -37.41 -123.50
CA GLY F 496 31.27 -37.78 -124.38
C GLY F 496 32.50 -38.21 -123.59
N ASN F 497 33.36 -39.00 -124.22
CA ASN F 497 34.58 -39.50 -123.59
C ASN F 497 34.29 -40.25 -122.30
N MET F 498 33.28 -41.12 -122.35
CA MET F 498 32.85 -41.92 -121.21
C MET F 498 32.44 -41.06 -119.99
N LEU F 499 32.22 -39.78 -120.22
CA LEU F 499 31.92 -38.86 -119.13
C LEU F 499 30.68 -38.03 -119.41
N ALA F 500 29.94 -37.71 -118.35
CA ALA F 500 28.78 -36.84 -118.46
C ALA F 500 28.98 -35.63 -117.56
N HIS F 501 28.62 -34.45 -118.06
CA HIS F 501 28.68 -33.23 -117.26
C HIS F 501 27.41 -32.40 -117.47
N THR F 502 27.28 -31.33 -116.70
CA THR F 502 26.16 -30.42 -116.85
C THR F 502 26.68 -29.00 -117.08
N ILE F 503 26.20 -28.34 -118.13
CA ILE F 503 26.63 -26.99 -118.44
C ILE F 503 25.56 -25.98 -118.04
N LEU F 504 25.97 -24.95 -117.31
CA LEU F 504 25.03 -23.96 -116.80
C LEU F 504 25.32 -22.57 -117.36
N GLY F 505 26.25 -22.51 -118.31
CA GLY F 505 26.61 -21.26 -118.95
C GLY F 505 28.05 -21.22 -119.41
N VAL F 506 28.35 -20.25 -120.28
CA VAL F 506 29.72 -20.06 -120.78
C VAL F 506 30.08 -18.58 -120.77
N ASP F 507 31.32 -18.27 -121.12
CA ASP F 507 31.78 -16.88 -121.08
C ASP F 507 32.91 -16.74 -122.10
N PHE F 508 32.79 -15.73 -122.96
CA PHE F 508 33.79 -15.45 -123.99
C PHE F 508 33.38 -14.28 -124.87
N ASN F 509 34.37 -13.56 -125.42
CA ASN F 509 34.08 -12.42 -126.28
C ASN F 509 34.27 -12.79 -127.75
N ASP F 510 33.43 -12.21 -128.61
CA ASP F 510 33.47 -12.49 -130.04
C ASP F 510 34.76 -12.03 -130.71
N THR F 511 35.62 -11.35 -129.94
CA THR F 511 36.90 -10.89 -130.44
C THR F 511 38.03 -11.22 -129.45
N THR F 512 38.23 -12.50 -129.18
CA THR F 512 39.27 -12.94 -128.26
C THR F 512 40.12 -14.07 -128.82
N GLY F 513 39.50 -15.23 -129.04
CA GLY F 513 40.21 -16.39 -129.54
C GLY F 513 40.24 -17.52 -128.53
N GLU F 514 39.70 -17.25 -127.33
CA GLU F 514 39.62 -18.24 -126.28
C GLU F 514 38.30 -18.15 -125.53
N THR F 515 37.88 -19.28 -124.94
CA THR F 515 36.61 -19.34 -124.23
C THR F 515 36.70 -20.26 -123.02
N LYS F 516 35.68 -20.18 -122.15
CA LYS F 516 35.63 -21.04 -120.97
C LYS F 516 34.21 -21.49 -120.64
N PHE F 517 34.10 -22.66 -120.01
CA PHE F 517 32.80 -23.26 -119.71
C PHE F 517 32.53 -23.28 -118.20
N LEU F 518 31.27 -23.18 -117.82
CA LEU F 518 30.88 -23.32 -116.43
C LEU F 518 30.21 -24.68 -116.24
N VAL F 519 30.97 -25.65 -115.74
CA VAL F 519 30.46 -27.01 -115.60
C VAL F 519 29.96 -27.31 -114.19
N LEU F 520 29.17 -28.37 -114.09
CA LEU F 520 28.63 -28.85 -112.81
C LEU F 520 28.88 -30.36 -112.82
N ASP F 521 29.97 -30.77 -112.19
CA ASP F 521 30.35 -32.19 -112.19
C ASP F 521 29.33 -33.03 -111.43
N PRO F 522 28.62 -33.92 -112.15
CA PRO F 522 27.55 -34.74 -111.57
C PRO F 522 28.09 -35.90 -110.75
N HIS F 523 29.40 -35.94 -110.56
CA HIS F 523 30.00 -36.85 -109.60
C HIS F 523 29.93 -36.13 -108.25
N TYR F 524 30.10 -36.85 -107.14
CA TYR F 524 29.47 -36.36 -105.84
C TYR F 524 30.85 -35.85 -105.50
N THR F 525 30.88 -34.84 -104.65
CA THR F 525 32.11 -34.17 -104.15
C THR F 525 31.45 -34.76 -102.93
N GLY F 526 31.96 -34.31 -101.78
CA GLY F 526 31.37 -34.64 -100.50
C GLY F 526 30.14 -34.86 -99.63
N SER F 527 29.24 -33.89 -99.63
CA SER F 527 28.01 -33.97 -98.82
C SER F 527 27.90 -32.58 -99.48
N GLU F 528 26.75 -31.96 -99.30
CA GLU F 528 26.49 -30.64 -99.84
C GLU F 528 27.43 -29.83 -98.93
N ASP F 529 28.62 -29.51 -99.43
CA ASP F 529 29.56 -28.68 -98.70
C ASP F 529 29.98 -27.72 -99.80
N ILE F 530 29.30 -26.57 -99.87
CA ILE F 530 29.50 -25.58 -100.92
C ILE F 530 30.97 -25.16 -101.09
N LYS F 531 31.70 -25.12 -99.97
CA LYS F 531 33.09 -24.69 -99.96
C LYS F 531 33.99 -25.59 -100.81
N THR F 532 33.76 -26.90 -100.74
CA THR F 532 34.55 -27.86 -101.49
C THR F 532 34.15 -27.93 -102.97
N ILE F 533 32.93 -27.47 -103.26
CA ILE F 533 32.45 -27.41 -104.64
C ILE F 533 32.92 -26.12 -105.30
N THR F 534 33.83 -25.43 -104.62
CA THR F 534 34.48 -24.24 -105.14
C THR F 534 35.97 -24.31 -104.79
N SER F 535 36.51 -25.53 -104.87
CA SER F 535 37.89 -25.79 -104.49
C SER F 535 38.64 -26.58 -105.55
N LYS F 536 38.37 -27.87 -105.63
CA LYS F 536 39.03 -28.75 -106.59
C LYS F 536 38.34 -28.71 -107.96
N GLY F 537 37.47 -27.72 -108.15
CA GLY F 537 36.79 -27.55 -109.42
C GLY F 537 35.65 -28.52 -109.63
N TRP F 538 34.69 -28.52 -108.70
CA TRP F 538 33.52 -29.38 -108.82
C TRP F 538 32.45 -28.61 -109.59
N CYS F 539 32.48 -27.31 -109.57
CA CYS F 539 31.80 -26.59 -110.62
C CYS F 539 32.48 -25.58 -111.47
N ALA F 540 33.32 -24.76 -110.89
CA ALA F 540 33.65 -23.47 -111.43
C ALA F 540 34.11 -23.62 -112.87
N TRP F 541 34.12 -22.53 -113.59
CA TRP F 541 34.52 -22.53 -114.97
C TRP F 541 35.73 -23.30 -115.36
N LYS F 542 35.71 -23.82 -116.58
CA LYS F 542 36.85 -24.59 -117.01
C LYS F 542 37.43 -24.22 -118.37
N PRO F 543 38.63 -24.70 -118.63
CA PRO F 543 39.35 -24.46 -119.86
C PRO F 543 38.67 -25.00 -121.07
N ALA F 544 39.08 -24.44 -122.17
CA ALA F 544 38.49 -24.63 -123.48
C ALA F 544 39.14 -25.96 -123.84
N SER F 545 40.12 -26.36 -123.04
CA SER F 545 40.81 -27.63 -123.23
C SER F 545 40.31 -28.63 -122.19
N PHE F 546 39.14 -28.35 -121.61
CA PHE F 546 38.52 -29.27 -120.67
C PHE F 546 37.92 -30.46 -121.41
N TRP F 547 37.47 -30.21 -122.64
CA TRP F 547 36.92 -31.27 -123.48
C TRP F 547 38.00 -31.87 -124.35
N SER F 548 38.02 -33.19 -124.45
CA SER F 548 39.00 -33.89 -125.26
C SER F 548 38.82 -33.61 -126.75
N LYS F 549 39.91 -33.24 -127.42
CA LYS F 549 39.88 -32.95 -128.84
C LYS F 549 39.72 -34.24 -129.65
N ASP F 550 39.99 -35.36 -128.99
CA ASP F 550 40.00 -36.67 -129.65
C ASP F 550 38.61 -37.30 -129.73
N HIS F 551 37.83 -37.17 -128.66
CA HIS F 551 36.52 -37.81 -128.61
C HIS F 551 35.37 -36.87 -128.95
N PHE F 552 34.22 -37.47 -129.29
CA PHE F 552 33.05 -36.69 -129.70
C PHE F 552 32.17 -36.34 -128.52
N TYR F 553 31.44 -35.23 -128.65
CA TYR F 553 30.55 -34.78 -127.58
C TYR F 553 29.15 -34.46 -128.11
N ASN F 554 28.13 -34.94 -127.41
CA ASN F 554 26.75 -34.59 -127.73
C ASN F 554 26.10 -33.83 -126.59
N MET F 555 25.44 -32.72 -126.92
CA MET F 555 24.78 -31.91 -125.91
C MET F 555 23.28 -31.86 -126.12
N VAL F 556 22.52 -32.32 -125.12
CA VAL F 556 21.06 -32.28 -125.19
C VAL F 556 20.54 -30.95 -124.63
N LEU F 557 19.69 -30.27 -125.41
CA LEU F 557 19.17 -28.97 -125.02
C LEU F 557 17.65 -29.05 -124.82
N PRO F 558 17.22 -29.17 -123.55
CA PRO F 558 15.80 -29.29 -123.20
C PRO F 558 15.00 -28.05 -123.61
N GLN F 559 13.92 -28.25 -124.35
CA GLN F 559 13.10 -27.15 -124.82
C GLN F 559 11.77 -27.10 -124.07
N PRO F 560 11.60 -26.06 -123.22
CA PRO F 560 10.41 -25.90 -122.39
C PRO F 560 9.18 -25.48 -123.19
N PRO F 561 7.98 -25.85 -122.72
CA PRO F 561 6.71 -25.54 -123.40
C PRO F 561 6.37 -24.06 -123.44
N SER F 562 5.12 -23.74 -123.79
CA SER F 562 4.69 -22.35 -123.89
C SER F 562 3.38 -22.11 -123.14
N ASP F 563 3.44 -22.17 -121.82
CA ASP F 563 2.27 -21.92 -120.98
C ASP F 563 2.64 -21.25 -119.67
N ALA F 564 1.64 -21.03 -118.81
CA ALA F 564 1.87 -20.39 -117.52
C ALA F 564 0.88 -20.88 -116.47
N GLY G 1 65.10 23.32 95.62
CA GLY G 1 64.61 22.14 96.29
C GLY G 1 65.15 20.87 95.69
N SER G 2 64.27 20.06 95.12
CA SER G 2 64.69 18.85 94.40
C SER G 2 65.04 19.22 92.97
N LYS G 3 66.31 19.03 92.59
CA LYS G 3 66.77 19.48 91.28
C LYS G 3 67.58 18.46 90.49
N VAL G 4 67.50 18.55 89.17
CA VAL G 4 68.20 17.62 88.28
C VAL G 4 69.45 18.25 87.68
N THR G 5 70.33 17.42 87.14
CA THR G 5 71.62 17.90 86.62
C THR G 5 71.86 17.47 85.18
N PHE G 6 72.25 18.43 84.33
CA PHE G 6 72.57 18.11 82.94
C PHE G 6 74.02 18.48 82.61
N LYS G 7 74.60 17.73 81.67
CA LYS G 7 75.93 18.06 81.17
C LYS G 7 75.83 18.32 79.66
N ILE G 8 75.84 19.59 79.29
CA ILE G 8 75.61 19.98 77.90
C ILE G 8 76.91 20.30 77.17
N THR G 9 77.22 19.51 76.15
CA THR G 9 78.45 19.69 75.37
C THR G 9 78.19 20.46 74.08
N LEU G 10 79.00 21.48 73.82
CA LEU G 10 78.90 22.23 72.57
C LEU G 10 79.66 21.51 71.46
N THR G 11 78.93 21.00 70.47
CA THR G 11 79.51 20.16 69.42
C THR G 11 79.95 20.94 68.19
N SER G 12 79.85 22.27 68.24
CA SER G 12 80.31 23.12 67.14
C SER G 12 81.69 23.69 67.42
N ASP G 13 82.12 23.58 68.68
CA ASP G 13 83.44 24.02 69.10
C ASP G 13 84.33 22.77 69.21
N PRO G 14 85.47 22.77 68.49
CA PRO G 14 86.37 21.62 68.42
C PRO G 14 87.00 21.23 69.75
N LYS G 15 86.93 22.11 70.75
CA LYS G 15 87.48 21.83 72.06
C LYS G 15 86.47 21.08 72.92
N LEU G 16 85.29 20.84 72.35
CA LEU G 16 84.17 20.21 73.06
C LEU G 16 83.93 20.78 74.46
N PRO G 17 83.62 22.09 74.55
CA PRO G 17 83.35 22.70 75.86
C PRO G 17 82.05 22.15 76.41
N PHE G 18 81.88 22.22 77.73
CA PHE G 18 80.64 21.75 78.34
C PHE G 18 80.30 22.55 79.59
N LYS G 19 79.02 22.88 79.74
CA LYS G 19 78.54 23.52 80.95
C LYS G 19 77.71 22.51 81.74
N VAL G 20 77.86 22.52 83.06
CA VAL G 20 77.09 21.63 83.91
C VAL G 20 76.05 22.43 84.69
N LEU G 21 74.79 22.07 84.55
CA LEU G 21 73.70 22.82 85.17
C LEU G 21 72.88 21.97 86.13
N SER G 22 72.78 22.42 87.37
CA SER G 22 71.88 21.80 88.34
C SER G 22 70.68 22.72 88.56
N VAL G 23 69.63 22.52 87.77
CA VAL G 23 68.44 23.37 87.81
C VAL G 23 67.28 22.64 88.48
N PRO G 24 66.41 23.39 89.18
CA PRO G 24 65.23 22.80 89.80
C PRO G 24 64.36 22.10 88.75
N GLU G 25 63.81 20.94 89.10
CA GLU G 25 63.06 20.12 88.14
C GLU G 25 61.81 20.82 87.62
N SER G 26 61.40 21.88 88.30
CA SER G 26 60.26 22.68 87.89
C SER G 26 60.62 23.65 86.76
N THR G 27 61.92 23.78 86.47
CA THR G 27 62.40 24.72 85.47
C THR G 27 61.99 24.31 84.05
N PRO G 28 61.35 25.23 83.32
CA PRO G 28 61.07 25.00 81.90
C PRO G 28 62.37 24.85 81.13
N PHE G 29 62.52 23.76 80.37
CA PHE G 29 63.79 23.46 79.74
C PHE G 29 64.21 24.47 78.69
N THR G 30 63.28 25.34 78.30
CA THR G 30 63.59 26.46 77.41
C THR G 30 64.57 27.43 78.10
N ALA G 31 64.45 27.54 79.41
CA ALA G 31 65.35 28.38 80.19
C ALA G 31 66.76 27.82 80.23
N VAL G 32 66.85 26.50 80.41
CA VAL G 32 68.14 25.80 80.40
C VAL G 32 68.80 25.91 79.03
N LEU G 33 68.00 25.73 77.98
CA LEU G 33 68.48 25.82 76.61
C LEU G 33 69.03 27.23 76.30
N LYS G 34 68.25 28.24 76.65
CA LYS G 34 68.65 29.63 76.43
C LYS G 34 69.91 29.98 77.22
N PHE G 35 69.95 29.56 78.47
CA PHE G 35 71.06 29.89 79.37
C PHE G 35 72.34 29.17 78.99
N ALA G 36 72.23 27.92 78.57
CA ALA G 36 73.39 27.15 78.14
C ALA G 36 74.00 27.81 76.91
N ALA G 37 73.16 28.11 75.92
CA ALA G 37 73.62 28.77 74.70
C ALA G 37 74.20 30.15 75.00
N GLU G 38 73.74 30.77 76.08
CA GLU G 38 74.24 32.06 76.52
C GLU G 38 75.68 31.95 77.00
N GLU G 39 75.98 30.89 77.75
CA GLU G 39 77.32 30.69 78.30
C GLU G 39 78.31 30.21 77.24
N PHE G 40 77.80 29.65 76.15
CA PHE G 40 78.65 29.26 75.03
C PHE G 40 78.79 30.43 74.06
N LYS G 41 78.11 31.53 74.36
CA LYS G 41 78.09 32.72 73.52
C LYS G 41 77.63 32.41 72.10
N VAL G 42 76.60 31.56 71.99
CA VAL G 42 75.97 31.24 70.71
C VAL G 42 74.48 31.58 70.79
N PRO G 43 73.87 31.92 69.65
CA PRO G 43 72.44 32.26 69.67
C PRO G 43 71.56 31.04 69.94
N ALA G 44 70.59 31.18 70.84
CA ALA G 44 69.73 30.07 71.20
C ALA G 44 68.73 29.73 70.09
N ALA G 45 68.38 30.73 69.29
CA ALA G 45 67.41 30.54 68.21
C ALA G 45 68.01 29.83 67.00
N THR G 46 69.32 29.66 67.02
CA THR G 46 70.03 28.99 65.92
C THR G 46 70.69 27.72 66.46
N SER G 47 70.22 27.27 67.61
CA SER G 47 70.75 26.07 68.25
C SER G 47 69.65 25.12 68.66
N ALA G 48 70.03 23.87 68.96
CA ALA G 48 69.06 22.86 69.38
C ALA G 48 69.74 21.80 70.26
N ILE G 49 68.99 21.28 71.22
CA ILE G 49 69.50 20.24 72.11
C ILE G 49 69.11 18.84 71.62
N ILE G 50 70.11 17.96 71.48
CA ILE G 50 69.87 16.54 71.26
C ILE G 50 70.60 15.75 72.34
N THR G 51 70.14 14.52 72.61
CA THR G 51 70.77 13.70 73.65
C THR G 51 72.12 13.19 73.19
N ASN G 52 72.76 12.37 74.03
CA ASN G 52 74.07 11.84 73.73
C ASN G 52 74.07 10.89 72.53
N ASP G 53 73.08 10.01 72.49
CA ASP G 53 73.00 9.01 71.42
C ASP G 53 72.21 9.48 70.18
N GLY G 54 71.73 10.72 70.21
CA GLY G 54 71.16 11.32 69.02
C GLY G 54 69.72 11.82 69.09
N VAL G 55 68.97 11.38 70.09
CA VAL G 55 67.55 11.70 70.18
C VAL G 55 67.29 13.21 70.29
N GLY G 56 66.36 13.70 69.47
CA GLY G 56 65.97 15.10 69.53
C GLY G 56 65.21 15.42 70.80
N VAL G 57 65.52 16.57 71.40
CA VAL G 57 64.90 16.96 72.67
C VAL G 57 63.94 18.13 72.49
N ASN G 58 62.71 17.95 72.95
CA ASN G 58 61.71 19.03 72.93
C ASN G 58 61.80 19.86 74.20
N PRO G 59 62.24 21.13 74.08
CA PRO G 59 62.52 21.99 75.22
C PRO G 59 61.28 22.59 75.87
N ALA G 60 60.10 22.22 75.38
CA ALA G 60 58.85 22.82 75.85
C ALA G 60 58.34 22.24 77.18
N GLN G 61 59.06 21.25 77.71
CA GLN G 61 58.64 20.58 78.94
C GLN G 61 59.61 20.86 80.10
N PRO G 62 59.11 20.75 81.36
CA PRO G 62 59.94 20.94 82.56
C PRO G 62 61.23 20.12 82.56
N ALA G 63 62.24 20.58 83.28
CA ALA G 63 63.55 19.94 83.30
C ALA G 63 63.51 18.57 83.98
N GLY G 64 62.49 18.33 84.79
CA GLY G 64 62.34 17.05 85.47
C GLY G 64 62.03 15.93 84.50
N ASN G 65 61.03 16.15 83.66
CA ASN G 65 60.60 15.14 82.68
C ASN G 65 61.65 14.88 81.62
N ILE G 66 62.38 15.93 81.25
CA ILE G 66 63.41 15.82 80.21
C ILE G 66 64.62 15.05 80.73
N PHE G 67 64.73 14.93 82.05
CA PHE G 67 65.80 14.16 82.68
C PHE G 67 65.38 12.70 82.87
N LEU G 68 64.07 12.46 82.94
CA LEU G 68 63.56 11.11 83.00
C LEU G 68 63.59 10.47 81.61
N LYS G 69 63.02 11.17 80.65
CA LYS G 69 62.96 10.71 79.27
C LYS G 69 64.37 10.54 78.70
N HIS G 70 65.13 11.62 78.68
CA HIS G 70 66.50 11.60 78.18
C HIS G 70 67.47 11.72 79.35
N GLY G 71 68.73 11.36 79.13
CA GLY G 71 69.70 11.34 80.21
C GLY G 71 70.13 12.69 80.75
N SER G 72 71.36 12.74 81.25
CA SER G 72 71.94 13.98 81.74
C SER G 72 72.91 14.52 80.70
N GLU G 73 73.39 13.62 79.85
CA GLU G 73 74.32 13.97 78.78
C GLU G 73 73.58 14.48 77.55
N LEU G 74 73.71 15.77 77.28
CA LEU G 74 73.07 16.38 76.12
C LEU G 74 74.12 17.02 75.22
N ARG G 75 73.68 17.48 74.04
CA ARG G 75 74.58 18.12 73.09
C ARG G 75 73.89 19.31 72.43
N LEU G 76 74.52 20.47 72.49
CA LEU G 76 73.98 21.67 71.87
C LEU G 76 74.51 21.83 70.44
N ILE G 77 73.69 21.54 69.48
CA ILE G 77 74.12 21.66 68.12
C ILE G 77 73.48 22.83 67.45
N PRO G 78 74.01 23.22 66.32
CA PRO G 78 73.52 24.40 65.65
C PRO G 78 72.46 24.09 64.66
N ARG G 79 71.46 24.94 64.60
CA ARG G 79 70.37 24.72 63.72
C ARG G 79 70.75 25.03 62.32
N ASP G 80 70.20 24.30 61.37
CA ASP G 80 70.44 24.63 59.97
C ASP G 80 69.19 25.26 59.42
N ARG G 81 69.37 26.07 58.40
CA ARG G 81 68.25 26.75 57.75
C ARG G 81 68.48 26.56 56.26
N VAL G 82 67.62 25.78 55.62
CA VAL G 82 67.92 25.29 54.27
C VAL G 82 66.74 25.38 53.31
N GLY G 83 66.45 26.60 52.87
CA GLY G 83 65.56 26.81 51.74
C GLY G 83 66.40 26.81 50.48
N GLY G 84 66.39 25.70 49.75
CA GLY G 84 67.23 25.54 48.58
C GLY G 84 66.55 25.98 47.30
N GLY H 1 -31.31 -45.44 -3.52
CA GLY H 1 -30.06 -45.13 -4.19
C GLY H 1 -30.22 -44.96 -5.69
N SER H 2 -29.09 -44.78 -6.38
CA SER H 2 -29.10 -44.63 -7.84
C SER H 2 -27.77 -45.05 -8.45
N LYS H 3 -27.55 -44.69 -9.71
CA LYS H 3 -26.36 -45.13 -10.42
C LYS H 3 -25.48 -43.96 -10.85
N VAL H 4 -24.16 -44.13 -10.72
CA VAL H 4 -23.20 -43.14 -11.19
C VAL H 4 -22.30 -43.77 -12.24
N THR H 5 -21.78 -42.97 -13.16
CA THR H 5 -21.00 -43.50 -14.27
C THR H 5 -19.61 -42.85 -14.38
N PHE H 6 -18.57 -43.67 -14.50
CA PHE H 6 -17.21 -43.18 -14.62
C PHE H 6 -16.56 -43.63 -15.91
N LYS H 7 -15.65 -42.81 -16.44
CA LYS H 7 -14.84 -43.19 -17.60
C LYS H 7 -13.38 -43.19 -17.17
N ILE H 8 -12.83 -44.38 -16.95
CA ILE H 8 -11.47 -44.50 -16.44
C ILE H 8 -10.45 -44.78 -17.54
N THR H 9 -9.56 -43.81 -17.79
CA THR H 9 -8.54 -43.94 -18.83
C THR H 9 -7.24 -44.50 -18.26
N LEU H 10 -6.62 -45.45 -18.98
CA LEU H 10 -5.37 -46.06 -18.54
C LEU H 10 -4.17 -45.27 -19.05
N THR H 11 -3.50 -44.56 -18.14
CA THR H 11 -2.37 -43.71 -18.49
C THR H 11 -1.15 -44.51 -18.90
N SER H 12 -0.99 -45.70 -18.31
CA SER H 12 0.16 -46.56 -18.56
C SER H 12 0.35 -46.90 -20.04
N ASP H 13 -0.75 -47.27 -20.71
CA ASP H 13 -0.72 -47.67 -22.11
C ASP H 13 -0.95 -46.48 -23.03
N PRO H 14 0.06 -46.14 -23.86
CA PRO H 14 0.04 -44.99 -24.78
C PRO H 14 -1.17 -44.97 -25.71
N LYS H 15 -1.80 -46.13 -25.92
CA LYS H 15 -3.02 -46.21 -26.72
C LYS H 15 -4.15 -45.47 -26.03
N LEU H 16 -4.00 -45.26 -24.72
CA LEU H 16 -5.04 -44.69 -23.87
C LEU H 16 -6.36 -45.46 -23.93
N PRO H 17 -6.34 -46.74 -23.52
CA PRO H 17 -7.60 -47.47 -23.51
C PRO H 17 -8.42 -47.02 -22.31
N PHE H 18 -9.71 -47.31 -22.30
CA PHE H 18 -10.57 -46.88 -21.21
C PHE H 18 -11.75 -47.82 -20.99
N LYS H 19 -12.19 -47.94 -19.75
CA LYS H 19 -13.38 -48.70 -19.42
C LYS H 19 -14.44 -47.76 -18.87
N VAL H 20 -15.68 -47.93 -19.31
CA VAL H 20 -16.78 -47.11 -18.81
C VAL H 20 -17.63 -47.92 -17.85
N LEU H 21 -17.52 -47.60 -16.55
CA LEU H 21 -18.22 -48.36 -15.53
C LEU H 21 -19.37 -47.56 -14.93
N SER H 22 -20.47 -48.25 -14.61
CA SER H 22 -21.60 -47.62 -13.95
C SER H 22 -21.99 -48.44 -12.72
N VAL H 23 -21.86 -47.84 -11.55
CA VAL H 23 -22.08 -48.54 -10.28
C VAL H 23 -23.10 -47.82 -9.40
N PRO H 24 -23.71 -48.55 -8.45
CA PRO H 24 -24.57 -47.88 -7.46
C PRO H 24 -23.78 -46.84 -6.67
N GLU H 25 -24.43 -45.73 -6.33
CA GLU H 25 -23.77 -44.59 -5.70
C GLU H 25 -23.15 -44.92 -4.35
N SER H 26 -23.65 -45.97 -3.70
CA SER H 26 -23.23 -46.29 -2.34
C SER H 26 -22.25 -47.45 -2.29
N THR H 27 -21.69 -47.84 -3.42
CA THR H 27 -20.65 -48.86 -3.46
C THR H 27 -19.29 -48.20 -3.22
N PRO H 28 -18.43 -48.85 -2.42
CA PRO H 28 -17.08 -48.32 -2.20
C PRO H 28 -16.33 -48.24 -3.52
N PHE H 29 -15.69 -47.10 -3.78
CA PHE H 29 -15.03 -46.89 -5.06
C PHE H 29 -13.87 -47.85 -5.27
N THR H 30 -13.34 -48.39 -4.18
CA THR H 30 -12.26 -49.36 -4.22
C THR H 30 -12.60 -50.56 -5.11
N ALA H 31 -13.89 -50.89 -5.18
CA ALA H 31 -14.35 -51.99 -6.03
C ALA H 31 -14.28 -51.61 -7.50
N VAL H 32 -14.57 -50.35 -7.80
CA VAL H 32 -14.49 -49.82 -9.16
C VAL H 32 -13.04 -49.74 -9.61
N LEU H 33 -12.17 -49.32 -8.69
CA LEU H 33 -10.72 -49.26 -8.96
C LEU H 33 -10.20 -50.66 -9.25
N LYS H 34 -10.65 -51.62 -8.45
CA LYS H 34 -10.23 -53.01 -8.58
C LYS H 34 -10.66 -53.61 -9.92
N PHE H 35 -11.93 -53.46 -10.26
CA PHE H 35 -12.46 -54.02 -11.50
C PHE H 35 -11.83 -53.40 -12.74
N ALA H 36 -11.67 -52.08 -12.74
CA ALA H 36 -11.05 -51.39 -13.87
C ALA H 36 -9.60 -51.85 -14.03
N ALA H 37 -8.93 -52.10 -12.92
CA ALA H 37 -7.56 -52.58 -12.94
C ALA H 37 -7.47 -53.99 -13.54
N GLU H 38 -8.43 -54.83 -13.22
CA GLU H 38 -8.47 -56.19 -13.73
C GLU H 38 -8.70 -56.22 -15.24
N GLU H 39 -9.65 -55.41 -15.70
CA GLU H 39 -9.95 -55.31 -17.13
C GLU H 39 -8.77 -54.73 -17.90
N PHE H 40 -7.97 -53.90 -17.23
CA PHE H 40 -6.82 -53.26 -17.86
C PHE H 40 -5.58 -54.13 -17.82
N LYS H 41 -5.71 -55.32 -17.25
CA LYS H 41 -4.57 -56.23 -17.05
C LYS H 41 -3.45 -55.53 -16.28
N VAL H 42 -3.86 -54.76 -15.27
CA VAL H 42 -2.93 -53.97 -14.47
C VAL H 42 -3.17 -54.22 -12.98
N PRO H 43 -2.09 -54.51 -12.23
CA PRO H 43 -2.21 -54.77 -10.79
C PRO H 43 -2.75 -53.57 -10.02
N ALA H 44 -3.90 -53.74 -9.37
CA ALA H 44 -4.39 -52.76 -8.42
C ALA H 44 -3.43 -52.77 -7.24
N ALA H 45 -3.42 -51.67 -6.47
CA ALA H 45 -2.45 -51.46 -5.39
C ALA H 45 -1.01 -51.32 -5.88
N THR H 46 -0.85 -51.29 -7.20
CA THR H 46 0.40 -50.91 -7.85
C THR H 46 0.04 -49.75 -8.76
N SER H 47 -1.26 -49.57 -8.95
CA SER H 47 -1.80 -48.45 -9.71
C SER H 47 -2.70 -47.59 -8.83
N ALA H 48 -2.67 -46.27 -9.06
CA ALA H 48 -3.55 -45.35 -8.34
C ALA H 48 -4.42 -44.58 -9.31
N ILE H 49 -5.35 -43.79 -8.78
CA ILE H 49 -6.30 -43.08 -9.63
C ILE H 49 -6.34 -41.56 -9.36
N ILE H 50 -6.32 -40.77 -10.43
CA ILE H 50 -6.42 -39.32 -10.32
C ILE H 50 -7.46 -38.76 -11.27
N THR H 51 -7.92 -37.53 -10.98
CA THR H 51 -8.86 -36.83 -11.86
C THR H 51 -8.12 -36.42 -13.14
N ASN H 52 -8.87 -36.27 -14.23
CA ASN H 52 -8.29 -35.79 -15.48
C ASN H 52 -7.73 -34.38 -15.35
N ASP H 53 -8.18 -33.67 -14.32
CA ASP H 53 -7.68 -32.34 -14.00
C ASP H 53 -6.35 -32.43 -13.29
N GLY H 54 -6.19 -33.48 -12.46
CA GLY H 54 -4.94 -33.70 -11.75
C GLY H 54 -5.10 -34.21 -10.34
N VAL H 55 -6.21 -33.85 -9.69
CA VAL H 55 -6.45 -34.17 -8.29
C VAL H 55 -6.47 -35.67 -8.01
N GLY H 56 -5.67 -36.09 -7.02
CA GLY H 56 -5.65 -37.48 -6.61
C GLY H 56 -6.96 -37.87 -5.95
N VAL H 57 -7.37 -39.13 -6.14
CA VAL H 57 -8.64 -39.62 -5.63
C VAL H 57 -8.45 -40.66 -4.53
N ASN H 58 -9.14 -40.49 -3.41
CA ASN H 58 -9.19 -41.49 -2.35
C ASN H 58 -10.36 -42.43 -2.57
N PRO H 59 -10.08 -43.67 -2.99
CA PRO H 59 -11.12 -44.63 -3.35
C PRO H 59 -11.87 -45.21 -2.16
N ALA H 60 -11.35 -44.96 -0.95
CA ALA H 60 -11.95 -45.54 0.26
C ALA H 60 -13.21 -44.80 0.72
N GLN H 61 -14.14 -44.56 -0.20
CA GLN H 61 -15.40 -43.89 0.10
C GLN H 61 -16.42 -44.23 -1.00
N PRO H 62 -17.72 -44.06 -0.72
CA PRO H 62 -18.76 -44.40 -1.71
C PRO H 62 -18.56 -43.72 -3.06
N ALA H 63 -18.95 -44.40 -4.14
CA ALA H 63 -18.76 -43.89 -5.49
C ALA H 63 -19.50 -42.57 -5.70
N GLY H 64 -20.60 -42.39 -4.97
CA GLY H 64 -21.35 -41.15 -5.01
C GLY H 64 -20.49 -39.97 -4.59
N ASN H 65 -19.64 -40.18 -3.59
CA ASN H 65 -18.74 -39.14 -3.11
C ASN H 65 -17.71 -38.73 -4.16
N ILE H 66 -17.11 -39.72 -4.81
CA ILE H 66 -16.13 -39.47 -5.86
C ILE H 66 -16.74 -38.65 -7.01
N PHE H 67 -17.94 -39.05 -7.43
CA PHE H 67 -18.60 -38.39 -8.56
C PHE H 67 -18.89 -36.92 -8.29
N LEU H 68 -19.41 -36.61 -7.11
CA LEU H 68 -19.75 -35.23 -6.78
C LEU H 68 -18.49 -34.39 -6.52
N LYS H 69 -17.40 -35.06 -6.18
CA LYS H 69 -16.13 -34.38 -5.91
C LYS H 69 -15.28 -34.24 -7.18
N HIS H 70 -15.20 -35.32 -7.96
CA HIS H 70 -14.24 -35.39 -9.05
C HIS H 70 -14.87 -35.51 -10.44
N GLY H 71 -16.10 -36.01 -10.50
CA GLY H 71 -16.79 -36.13 -11.76
C GLY H 71 -16.74 -37.53 -12.35
N SER H 72 -16.86 -37.61 -13.68
CA SER H 72 -16.90 -38.90 -14.36
C SER H 72 -15.56 -39.24 -15.02
N GLU H 73 -14.78 -38.21 -15.31
CA GLU H 73 -13.50 -38.40 -15.98
C GLU H 73 -12.38 -38.72 -14.98
N LEU H 74 -11.94 -39.98 -14.97
CA LEU H 74 -10.88 -40.40 -14.06
C LEU H 74 -9.76 -41.10 -14.83
N ARG H 75 -8.58 -41.18 -14.20
CA ARG H 75 -7.42 -41.78 -14.85
C ARG H 75 -6.68 -42.75 -13.93
N LEU H 76 -6.23 -43.87 -14.50
CA LEU H 76 -5.54 -44.89 -13.71
C LEU H 76 -4.03 -44.84 -13.97
N ILE H 77 -3.29 -44.19 -13.07
CA ILE H 77 -1.85 -44.04 -13.21
C ILE H 77 -1.11 -45.14 -12.45
N PRO H 78 0.09 -45.49 -12.92
CA PRO H 78 0.92 -46.47 -12.19
C PRO H 78 1.61 -45.82 -10.99
N ARG H 79 1.71 -46.52 -9.88
CA ARG H 79 2.31 -45.96 -8.67
C ARG H 79 3.83 -46.11 -8.68
N ASP H 80 4.50 -45.13 -8.09
CA ASP H 80 5.94 -45.18 -7.91
C ASP H 80 6.27 -45.77 -6.53
N ARG H 81 7.00 -46.87 -6.51
CA ARG H 81 7.46 -47.45 -5.25
C ARG H 81 8.94 -47.15 -5.14
N VAL H 82 9.30 -46.31 -4.17
CA VAL H 82 10.59 -45.64 -4.22
C VAL H 82 11.36 -45.59 -2.88
N GLY H 83 12.66 -45.89 -2.95
CA GLY H 83 13.56 -45.77 -1.81
C GLY H 83 15.00 -45.79 -2.28
N GLY H 84 15.90 -46.33 -1.45
CA GLY H 84 17.29 -46.51 -1.84
C GLY H 84 18.17 -45.30 -1.60
N GLY I 1 -36.44 8.60 -28.35
CA GLY I 1 -35.95 7.27 -28.67
C GLY I 1 -37.06 6.24 -28.75
N SER I 2 -36.82 5.06 -28.21
CA SER I 2 -37.81 3.99 -28.20
C SER I 2 -39.02 4.35 -27.33
N LYS I 3 -40.12 3.64 -27.52
CA LYS I 3 -41.38 4.02 -26.88
C LYS I 3 -41.68 3.27 -25.58
N VAL I 4 -42.31 3.98 -24.66
CA VAL I 4 -42.88 3.35 -23.46
C VAL I 4 -44.40 3.44 -23.56
N THR I 5 -45.09 2.49 -22.92
CA THR I 5 -46.56 2.46 -23.01
C THR I 5 -47.25 2.42 -21.65
N PHE I 6 -48.19 3.33 -21.45
CA PHE I 6 -48.90 3.40 -20.18
C PHE I 6 -50.39 3.05 -20.31
N LYS I 7 -51.02 2.77 -19.19
CA LYS I 7 -52.46 2.53 -19.14
C LYS I 7 -53.07 3.33 -18.01
N ILE I 8 -53.61 4.50 -18.34
CA ILE I 8 -54.15 5.40 -17.32
C ILE I 8 -55.64 5.15 -17.10
N THR I 9 -56.03 4.99 -15.83
CA THR I 9 -57.42 4.68 -15.49
C THR I 9 -58.08 5.80 -14.67
N LEU I 10 -59.27 6.23 -15.11
CA LEU I 10 -60.03 7.26 -14.40
C LEU I 10 -60.74 6.68 -13.18
N THR I 11 -60.48 7.25 -12.01
CA THR I 11 -61.08 6.77 -10.77
C THR I 11 -62.31 7.60 -10.40
N SER I 12 -62.40 8.80 -10.95
CA SER I 12 -63.53 9.69 -10.69
C SER I 12 -64.80 9.16 -11.36
N ASP I 13 -64.65 8.57 -12.54
CA ASP I 13 -65.77 7.99 -13.27
C ASP I 13 -65.89 6.50 -12.94
N PRO I 14 -66.94 6.12 -12.21
CA PRO I 14 -67.17 4.76 -11.69
C PRO I 14 -67.13 3.67 -12.76
N LYS I 15 -67.21 4.05 -14.02
CA LYS I 15 -67.08 3.10 -15.12
C LYS I 15 -65.64 2.58 -15.19
N LEU I 16 -64.74 3.30 -14.52
CA LEU I 16 -63.30 3.06 -14.59
C LEU I 16 -62.80 2.94 -16.03
N PRO I 17 -62.95 4.00 -16.83
CA PRO I 17 -62.50 3.91 -18.23
C PRO I 17 -61.00 4.14 -18.31
N PHE I 18 -60.29 3.21 -18.95
CA PHE I 18 -58.85 3.36 -19.12
C PHE I 18 -58.50 3.93 -20.49
N LYS I 19 -57.22 4.21 -20.69
CA LYS I 19 -56.73 4.65 -22.00
C LYS I 19 -55.26 4.28 -22.15
N VAL I 20 -54.96 3.55 -23.22
CA VAL I 20 -53.58 3.11 -23.46
C VAL I 20 -52.83 4.10 -24.36
N LEU I 21 -51.72 4.62 -23.85
CA LEU I 21 -50.92 5.59 -24.60
C LEU I 21 -49.52 5.02 -24.85
N SER I 22 -48.91 5.44 -25.96
CA SER I 22 -47.54 5.05 -26.27
C SER I 22 -46.76 6.24 -26.80
N VAL I 23 -45.82 6.72 -25.99
CA VAL I 23 -45.00 7.87 -26.36
C VAL I 23 -43.52 7.48 -26.32
N PRO I 24 -42.68 8.20 -27.08
CA PRO I 24 -41.24 7.96 -26.95
C PRO I 24 -40.75 8.37 -25.56
N GLU I 25 -39.67 7.74 -25.10
CA GLU I 25 -39.18 7.94 -23.74
C GLU I 25 -38.74 9.37 -23.47
N SER I 26 -38.40 10.10 -24.53
CA SER I 26 -37.90 11.47 -24.41
C SER I 26 -39.03 12.47 -24.16
N THR I 27 -40.26 12.04 -24.37
CA THR I 27 -41.42 12.91 -24.19
C THR I 27 -41.65 13.20 -22.71
N PRO I 28 -41.75 14.50 -22.35
CA PRO I 28 -42.08 14.91 -20.99
C PRO I 28 -43.46 14.35 -20.62
N PHE I 29 -43.60 13.83 -19.40
CA PHE I 29 -44.82 13.11 -19.03
C PHE I 29 -46.03 14.04 -18.88
N THR I 30 -45.77 15.34 -18.77
CA THR I 30 -46.84 16.32 -18.70
C THR I 30 -47.68 16.32 -19.98
N ALA I 31 -47.07 15.90 -21.09
CA ALA I 31 -47.77 15.79 -22.37
C ALA I 31 -48.70 14.57 -22.36
N VAL I 32 -48.24 13.48 -21.76
CA VAL I 32 -49.04 12.27 -21.61
C VAL I 32 -50.23 12.54 -20.70
N LEU I 33 -49.97 13.19 -19.57
CA LEU I 33 -51.02 13.58 -18.64
C LEU I 33 -52.05 14.47 -19.32
N LYS I 34 -51.57 15.43 -20.10
CA LYS I 34 -52.43 16.37 -20.81
C LYS I 34 -53.35 15.65 -21.79
N PHE I 35 -52.76 14.83 -22.66
CA PHE I 35 -53.52 14.11 -23.68
C PHE I 35 -54.56 13.19 -23.05
N ALA I 36 -54.14 12.41 -22.07
CA ALA I 36 -55.04 11.48 -21.41
C ALA I 36 -56.17 12.20 -20.67
N ALA I 37 -55.88 13.40 -20.17
CA ALA I 37 -56.88 14.17 -19.45
C ALA I 37 -57.97 14.69 -20.39
N GLU I 38 -57.56 15.31 -21.49
CA GLU I 38 -58.51 15.83 -22.47
C GLU I 38 -59.19 14.70 -23.24
N GLU I 39 -58.57 13.53 -23.27
CA GLU I 39 -59.17 12.36 -23.88
C GLU I 39 -60.28 11.84 -22.97
N PHE I 40 -60.07 11.95 -21.67
CA PHE I 40 -61.06 11.57 -20.68
C PHE I 40 -62.07 12.69 -20.47
N LYS I 41 -61.82 13.82 -21.14
CA LYS I 41 -62.62 15.04 -20.94
C LYS I 41 -62.63 15.48 -19.47
N VAL I 42 -61.47 15.38 -18.83
CA VAL I 42 -61.25 15.97 -17.52
C VAL I 42 -60.14 17.00 -17.66
N PRO I 43 -60.20 18.07 -16.86
CA PRO I 43 -59.15 19.10 -16.94
C PRO I 43 -57.84 18.62 -16.33
N ALA I 44 -56.74 18.82 -17.05
CA ALA I 44 -55.43 18.38 -16.59
C ALA I 44 -54.91 19.29 -15.47
N ALA I 45 -55.51 20.47 -15.36
CA ALA I 45 -55.09 21.44 -14.35
C ALA I 45 -55.56 21.06 -12.96
N THR I 46 -56.66 20.30 -12.88
CA THR I 46 -57.12 19.79 -11.60
C THR I 46 -57.32 18.27 -11.64
N SER I 47 -56.38 17.59 -12.28
CA SER I 47 -56.27 16.14 -12.22
C SER I 47 -54.83 15.77 -11.85
N ALA I 48 -54.65 14.60 -11.25
CA ALA I 48 -53.31 14.14 -10.85
C ALA I 48 -53.11 12.66 -11.14
N ILE I 49 -51.86 12.27 -11.36
CA ILE I 49 -51.55 10.88 -11.64
C ILE I 49 -50.82 10.20 -10.49
N ILE I 50 -51.39 9.09 -10.03
CA ILE I 50 -50.75 8.24 -9.03
C ILE I 50 -50.50 6.87 -9.64
N THR I 51 -49.55 6.12 -9.09
CA THR I 51 -49.25 4.78 -9.61
C THR I 51 -50.36 3.81 -9.20
N ASN I 52 -50.26 2.57 -9.66
CA ASN I 52 -51.25 1.55 -9.37
C ASN I 52 -51.35 1.21 -7.87
N ASP I 53 -50.29 1.50 -7.13
CA ASP I 53 -50.25 1.20 -5.70
C ASP I 53 -50.50 2.42 -4.81
N GLY I 54 -50.58 3.60 -5.41
CA GLY I 54 -50.90 4.80 -4.67
C GLY I 54 -49.83 5.88 -4.67
N VAL I 55 -48.63 5.53 -5.10
CA VAL I 55 -47.52 6.48 -5.13
C VAL I 55 -47.79 7.61 -6.11
N GLY I 56 -47.72 8.84 -5.62
CA GLY I 56 -47.89 10.00 -6.47
C GLY I 56 -46.82 10.06 -7.55
N VAL I 57 -47.15 10.65 -8.69
CA VAL I 57 -46.23 10.74 -9.80
C VAL I 57 -46.01 12.19 -10.22
N ASN I 58 -44.76 12.63 -10.21
CA ASN I 58 -44.40 13.96 -10.70
C ASN I 58 -44.24 13.91 -12.22
N PRO I 59 -45.20 14.53 -12.93
CA PRO I 59 -45.24 14.45 -14.40
C PRO I 59 -44.15 15.27 -15.07
N ALA I 60 -43.51 16.15 -14.31
CA ALA I 60 -42.50 17.05 -14.86
C ALA I 60 -41.15 16.36 -15.08
N GLN I 61 -41.17 15.28 -15.87
CA GLN I 61 -39.97 14.50 -16.20
C GLN I 61 -40.28 13.56 -17.36
N PRO I 62 -39.25 13.17 -18.12
CA PRO I 62 -39.40 12.26 -19.28
C PRO I 62 -40.23 11.02 -18.98
N ALA I 63 -40.92 10.50 -20.00
CA ALA I 63 -41.75 9.31 -19.84
C ALA I 63 -40.93 8.08 -19.52
N GLY I 64 -39.68 8.07 -19.97
CA GLY I 64 -38.78 6.97 -19.67
C GLY I 64 -38.55 6.82 -18.19
N ASN I 65 -38.44 7.96 -17.49
CA ASN I 65 -38.27 7.95 -16.04
C ASN I 65 -39.50 7.40 -15.31
N ILE I 66 -40.67 7.88 -15.70
CA ILE I 66 -41.93 7.43 -15.10
C ILE I 66 -42.10 5.91 -15.22
N PHE I 67 -41.73 5.37 -16.38
CA PHE I 67 -41.88 3.95 -16.63
C PHE I 67 -41.01 3.11 -15.71
N LEU I 68 -39.72 3.42 -15.64
CA LEU I 68 -38.79 2.65 -14.81
C LEU I 68 -39.07 2.85 -13.32
N LYS I 69 -39.49 4.05 -12.94
CA LYS I 69 -39.81 4.35 -11.55
C LYS I 69 -41.11 3.69 -11.11
N HIS I 70 -42.15 3.85 -11.91
CA HIS I 70 -43.50 3.51 -11.47
C HIS I 70 -44.17 2.37 -12.25
N GLY I 71 -43.84 2.25 -13.54
CA GLY I 71 -44.39 1.16 -14.33
C GLY I 71 -45.25 1.60 -15.50
N SER I 72 -46.23 0.78 -15.83
CA SER I 72 -47.10 1.04 -16.98
C SER I 72 -48.55 1.25 -16.57
N GLU I 73 -48.89 0.82 -15.35
CA GLU I 73 -50.25 0.96 -14.84
C GLU I 73 -50.37 2.19 -13.94
N LEU I 74 -51.04 3.23 -14.43
CA LEU I 74 -51.21 4.47 -13.67
C LEU I 74 -52.69 4.80 -13.51
N ARG I 75 -53.00 5.74 -12.62
CA ARG I 75 -54.38 6.14 -12.37
C ARG I 75 -54.53 7.66 -12.36
N LEU I 76 -55.61 8.17 -12.95
CA LEU I 76 -55.86 9.60 -13.00
C LEU I 76 -56.94 10.01 -12.00
N ILE I 77 -56.52 10.48 -10.83
CA ILE I 77 -57.44 10.90 -9.83
C ILE I 77 -57.66 12.41 -9.90
N PRO I 78 -58.60 12.91 -9.12
CA PRO I 78 -58.82 14.34 -9.17
C PRO I 78 -57.97 15.07 -8.17
N ARG I 79 -57.86 16.38 -8.33
CA ARG I 79 -57.02 17.18 -7.43
C ARG I 79 -58.06 17.88 -6.54
N ASP I 80 -57.98 17.55 -5.26
CA ASP I 80 -58.80 18.15 -4.22
C ASP I 80 -58.09 19.47 -3.88
N ARG I 81 -58.89 20.53 -3.78
CA ARG I 81 -58.37 21.85 -3.48
C ARG I 81 -59.30 22.35 -2.40
N VAL I 82 -58.77 22.56 -1.21
CA VAL I 82 -59.64 22.98 -0.13
C VAL I 82 -58.94 23.98 0.79
N GLY I 83 -59.71 24.89 1.37
CA GLY I 83 -59.17 25.89 2.26
C GLY I 83 -60.42 26.36 2.97
N GLY I 84 -60.28 26.71 4.25
CA GLY I 84 -61.59 27.31 4.37
C GLY I 84 -61.81 27.95 5.72
N GLY J 1 13.89 55.86 102.03
CA GLY J 1 12.49 55.49 102.03
C GLY J 1 11.82 55.75 103.37
N SER J 2 10.64 56.38 103.33
CA SER J 2 9.90 56.67 104.54
C SER J 2 9.08 55.47 105.00
N LYS J 3 8.07 55.73 105.83
CA LYS J 3 7.20 54.67 106.32
C LYS J 3 5.76 55.14 106.48
N VAL J 4 4.81 54.27 106.10
CA VAL J 4 3.39 54.62 106.13
C VAL J 4 2.73 54.17 107.42
N THR J 5 1.54 54.72 107.69
CA THR J 5 0.81 54.38 108.90
C THR J 5 -0.59 53.86 108.60
N PHE J 6 -0.96 52.73 109.20
CA PHE J 6 -2.29 52.16 109.02
C PHE J 6 -3.04 52.05 110.35
N LYS J 7 -4.36 52.16 110.28
CA LYS J 7 -5.21 51.97 111.44
C LYS J 7 -6.21 50.85 111.14
N ILE J 8 -5.94 49.65 111.66
CA ILE J 8 -6.72 48.48 111.32
C ILE J 8 -7.78 48.14 112.37
N THR J 9 -9.04 48.43 112.06
CA THR J 9 -10.15 48.15 112.95
C THR J 9 -10.60 46.70 112.80
N LEU J 10 -11.08 46.11 113.88
CA LEU J 10 -11.60 44.74 113.87
C LEU J 10 -13.12 44.81 113.80
N THR J 11 -13.70 44.21 112.76
CA THR J 11 -15.14 44.24 112.57
C THR J 11 -15.87 43.24 113.47
N SER J 12 -15.26 42.07 113.64
CA SER J 12 -15.87 40.97 114.37
C SER J 12 -16.10 41.22 115.87
N ASP J 13 -15.38 42.19 116.43
CA ASP J 13 -15.44 42.45 117.88
C ASP J 13 -16.26 43.69 118.22
N PRO J 14 -17.22 43.54 119.15
CA PRO J 14 -18.17 44.58 119.56
C PRO J 14 -17.49 45.82 120.14
N LYS J 15 -16.36 45.64 120.82
CA LYS J 15 -15.63 46.75 121.43
C LYS J 15 -14.95 47.61 120.37
N LEU J 16 -14.98 47.13 119.12
CA LEU J 16 -14.34 47.80 117.99
C LEU J 16 -12.86 48.11 118.25
N PRO J 17 -12.04 47.07 118.49
CA PRO J 17 -10.63 47.32 118.80
C PRO J 17 -9.87 47.68 117.54
N PHE J 18 -8.65 48.17 117.68
CA PHE J 18 -7.86 48.57 116.53
C PHE J 18 -6.38 48.65 116.87
N LYS J 19 -5.54 48.44 115.85
CA LYS J 19 -4.10 48.59 116.02
C LYS J 19 -3.53 49.56 115.00
N VAL J 20 -2.65 50.46 115.47
CA VAL J 20 -2.02 51.41 114.58
C VAL J 20 -0.56 51.00 114.30
N LEU J 21 -0.25 50.80 113.03
CA LEU J 21 1.09 50.34 112.65
C LEU J 21 1.79 51.36 111.75
N SER J 22 3.07 51.61 112.02
CA SER J 22 3.87 52.49 111.19
C SER J 22 4.96 51.70 110.48
N VAL J 23 4.57 51.00 109.41
CA VAL J 23 5.47 50.10 108.70
C VAL J 23 6.19 50.79 107.54
N PRO J 24 7.42 50.33 107.21
CA PRO J 24 8.15 50.90 106.08
C PRO J 24 7.46 50.61 104.75
N GLU J 25 7.71 51.44 103.74
CA GLU J 25 7.03 51.34 102.45
C GLU J 25 7.15 49.97 101.79
N SER J 26 8.37 49.45 101.72
CA SER J 26 8.64 48.20 101.01
C SER J 26 8.17 46.94 101.74
N THR J 27 7.29 47.11 102.72
CA THR J 27 6.79 45.97 103.47
C THR J 27 5.71 45.23 102.71
N PRO J 28 5.83 43.90 102.60
CA PRO J 28 4.74 43.09 102.05
C PRO J 28 3.53 43.19 102.97
N PHE J 29 2.42 43.72 102.47
CA PHE J 29 1.25 43.99 103.31
C PHE J 29 0.68 42.73 103.95
N THR J 30 1.05 41.58 103.40
CA THR J 30 0.69 40.29 103.99
C THR J 30 1.22 40.20 105.43
N ALA J 31 2.42 40.71 105.64
CA ALA J 31 3.03 40.74 106.97
C ALA J 31 2.21 41.58 107.95
N VAL J 32 1.75 42.73 107.48
CA VAL J 32 0.91 43.62 108.27
C VAL J 32 -0.40 42.92 108.66
N LEU J 33 -1.02 42.25 107.70
CA LEU J 33 -2.26 41.50 107.93
C LEU J 33 -2.06 40.36 108.91
N LYS J 34 -1.00 39.57 108.70
CA LYS J 34 -0.66 38.46 109.59
C LYS J 34 -0.39 38.96 111.00
N PHE J 35 0.24 40.12 111.10
CA PHE J 35 0.58 40.72 112.39
C PHE J 35 -0.66 41.19 113.12
N ALA J 36 -1.51 41.95 112.43
CA ALA J 36 -2.73 42.48 113.02
C ALA J 36 -3.63 41.36 113.55
N ALA J 37 -3.72 40.27 112.79
CA ALA J 37 -4.48 39.11 113.19
C ALA J 37 -3.85 38.45 114.41
N GLU J 38 -2.52 38.38 114.41
CA GLU J 38 -1.77 37.87 115.56
C GLU J 38 -2.02 38.75 116.77
N GLU J 39 -2.00 40.06 116.57
CA GLU J 39 -2.23 41.01 117.65
C GLU J 39 -3.66 40.92 118.16
N PHE J 40 -4.60 40.70 117.25
CA PHE J 40 -6.02 40.58 117.60
C PHE J 40 -6.35 39.16 118.07
N LYS J 41 -5.34 38.29 118.06
CA LYS J 41 -5.52 36.89 118.45
C LYS J 41 -6.62 36.20 117.64
N VAL J 42 -6.57 36.41 116.32
CA VAL J 42 -7.49 35.76 115.40
C VAL J 42 -6.69 35.22 114.22
N PRO J 43 -7.17 34.14 113.59
CA PRO J 43 -6.45 33.58 112.44
C PRO J 43 -6.51 34.49 111.22
N ALA J 44 -5.37 34.73 110.58
CA ALA J 44 -5.33 35.55 109.37
C ALA J 44 -5.81 34.74 108.18
N ALA J 45 -5.91 33.43 108.36
CA ALA J 45 -6.35 32.53 107.30
C ALA J 45 -7.84 32.67 107.02
N THR J 46 -8.57 33.19 108.00
CA THR J 46 -10.02 33.37 107.84
C THR J 46 -10.41 34.83 108.06
N SER J 47 -9.50 35.74 107.74
CA SER J 47 -9.76 37.17 107.86
C SER J 47 -9.23 37.91 106.63
N ALA J 48 -9.92 38.98 106.24
CA ALA J 48 -9.51 39.75 105.06
C ALA J 48 -9.54 41.25 105.32
N ILE J 49 -8.84 42.00 104.46
CA ILE J 49 -8.73 43.45 104.63
C ILE J 49 -9.57 44.22 103.60
N ILE J 50 -10.49 45.04 104.09
CA ILE J 50 -11.23 45.97 103.23
C ILE J 50 -11.07 47.39 103.77
N THR J 51 -11.15 48.38 102.89
CA THR J 51 -10.93 49.78 103.27
C THR J 51 -12.15 50.35 104.00
N ASN J 52 -12.11 51.66 104.27
CA ASN J 52 -13.26 52.35 104.87
C ASN J 52 -14.47 52.23 103.94
N ASP J 53 -14.18 52.53 102.68
CA ASP J 53 -15.11 52.33 101.57
C ASP J 53 -15.02 50.82 101.29
N GLY J 54 -16.14 50.20 100.93
CA GLY J 54 -16.15 48.76 100.81
C GLY J 54 -15.30 48.62 99.56
N VAL J 55 -13.99 48.46 99.73
CA VAL J 55 -13.05 48.39 98.61
C VAL J 55 -12.26 47.22 99.20
N GLY J 56 -12.35 46.06 98.56
CA GLY J 56 -11.58 44.90 98.98
C GLY J 56 -10.18 44.95 98.38
N VAL J 57 -9.16 44.86 99.23
CA VAL J 57 -7.79 44.97 98.79
C VAL J 57 -6.99 43.68 98.99
N ASN J 58 -6.13 43.36 98.02
CA ASN J 58 -5.26 42.20 98.10
C ASN J 58 -3.97 42.51 98.85
N PRO J 59 -3.56 41.61 99.75
CA PRO J 59 -2.39 41.82 100.62
C PRO J 59 -1.06 41.58 99.92
N ALA J 60 -1.11 41.05 98.70
CA ALA J 60 0.10 40.69 97.96
C ALA J 60 1.05 41.87 97.72
N GLN J 61 0.49 42.99 97.25
CA GLN J 61 1.28 44.19 96.93
C GLN J 61 1.95 44.79 98.18
N PRO J 62 3.08 45.50 97.99
CA PRO J 62 3.81 46.11 99.11
C PRO J 62 2.99 47.19 99.83
N ALA J 63 3.36 47.45 101.08
CA ALA J 63 2.59 48.39 101.92
C ALA J 63 2.65 49.84 101.42
N GLY J 64 3.74 50.19 100.74
CA GLY J 64 3.90 51.53 100.23
C GLY J 64 2.84 51.93 99.20
N ASN J 65 2.46 50.97 98.36
CA ASN J 65 1.48 51.23 97.30
C ASN J 65 0.03 51.23 97.80
N ILE J 66 -0.34 50.21 98.58
CA ILE J 66 -1.70 50.09 99.09
C ILE J 66 -2.13 51.32 99.90
N PHE J 67 -1.20 51.91 100.63
CA PHE J 67 -1.47 53.14 101.37
C PHE J 67 -1.85 54.27 100.42
N LEU J 68 -1.09 54.42 99.35
CA LEU J 68 -1.27 55.53 98.43
C LEU J 68 -2.60 55.49 97.67
N LYS J 69 -3.19 54.30 97.61
CA LYS J 69 -4.42 54.12 96.85
C LYS J 69 -5.63 53.82 97.73
N HIS J 70 -5.38 53.53 99.00
CA HIS J 70 -6.47 53.15 99.91
C HIS J 70 -6.43 53.92 101.23
N GLY J 71 -5.41 54.75 101.42
CA GLY J 71 -5.31 55.56 102.62
C GLY J 71 -4.89 54.79 103.85
N SER J 72 -4.98 55.44 105.01
CA SER J 72 -4.56 54.84 106.27
C SER J 72 -5.67 54.00 106.91
N GLU J 73 -6.91 54.46 106.77
CA GLU J 73 -8.03 53.81 107.43
C GLU J 73 -8.53 52.59 106.64
N LEU J 74 -8.49 51.42 107.29
CA LEU J 74 -9.03 50.20 106.73
C LEU J 74 -9.37 49.22 107.84
N ARG J 75 -10.17 48.18 107.52
CA ARG J 75 -10.65 47.28 108.55
C ARG J 75 -10.41 45.80 108.23
N LEU J 76 -10.58 44.96 109.25
CA LEU J 76 -10.30 43.53 109.14
C LEU J 76 -11.56 42.70 109.41
N ILE J 77 -12.09 42.08 108.36
CA ILE J 77 -13.36 41.37 108.45
C ILE J 77 -13.18 39.85 108.40
N PRO J 78 -14.11 39.10 109.04
CA PRO J 78 -14.03 37.63 109.00
C PRO J 78 -14.41 37.07 107.64
N ARG J 79 -13.56 36.20 107.10
CA ARG J 79 -13.85 35.55 105.82
C ARG J 79 -14.95 34.51 106.02
N ASP J 80 -15.40 33.92 104.93
CA ASP J 80 -16.52 32.98 105.00
C ASP J 80 -16.37 31.80 104.03
N ARG J 81 -15.63 30.77 104.46
CA ARG J 81 -15.56 29.55 103.67
C ARG J 81 -16.96 28.95 103.61
N VAL J 82 -17.53 28.89 102.41
CA VAL J 82 -18.93 28.55 102.26
C VAL J 82 -19.16 27.52 101.16
N GLY J 83 -20.00 26.53 101.46
CA GLY J 83 -20.43 25.54 100.50
C GLY J 83 -21.80 25.30 101.08
N GLY J 84 -22.73 24.84 100.24
CA GLY J 84 -24.11 24.68 100.65
C GLY J 84 -24.27 23.18 100.82
N GLY K 1 -44.04 -4.66 -12.74
CA GLY K 1 -44.34 -6.08 -12.73
C GLY K 1 -43.17 -6.91 -12.29
N SER K 2 -42.41 -7.41 -13.27
CA SER K 2 -41.21 -8.19 -12.99
C SER K 2 -39.96 -7.33 -13.19
N LYS K 3 -39.22 -7.10 -12.11
CA LYS K 3 -38.10 -6.16 -12.14
C LYS K 3 -36.73 -6.83 -12.28
N VAL K 4 -35.77 -6.08 -12.82
CA VAL K 4 -34.37 -6.47 -12.80
C VAL K 4 -33.56 -5.32 -12.19
N THR K 5 -32.40 -5.62 -11.62
CA THR K 5 -31.65 -4.61 -10.88
C THR K 5 -30.23 -4.40 -11.43
N PHE K 6 -29.87 -3.14 -11.66
CA PHE K 6 -28.53 -2.80 -12.11
C PHE K 6 -27.80 -1.96 -11.08
N LYS K 7 -26.48 -2.05 -11.08
CA LYS K 7 -25.64 -1.19 -10.26
C LYS K 7 -24.69 -0.45 -11.19
N ILE K 8 -25.00 0.81 -11.46
CA ILE K 8 -24.25 1.60 -12.44
C ILE K 8 -23.25 2.53 -11.77
N THR K 9 -21.96 2.32 -12.06
CA THR K 9 -20.89 3.10 -11.45
C THR K 9 -20.36 4.18 -12.39
N LEU K 10 -20.09 5.37 -11.85
CA LEU K 10 -19.56 6.48 -12.65
C LEU K 10 -18.03 6.47 -12.66
N THR K 11 -17.45 6.33 -13.85
CA THR K 11 -16.01 6.24 -14.00
C THR K 11 -15.29 7.57 -13.79
N SER K 12 -15.83 8.64 -14.38
CA SER K 12 -15.17 9.94 -14.37
C SER K 12 -15.00 10.58 -12.99
N ASP K 13 -15.77 10.11 -12.01
CA ASP K 13 -15.72 10.66 -10.66
C ASP K 13 -14.87 9.76 -9.78
N PRO K 14 -13.79 10.32 -9.20
CA PRO K 14 -12.82 9.63 -8.33
C PRO K 14 -13.44 8.89 -7.15
N LYS K 15 -14.63 9.29 -6.72
CA LYS K 15 -15.28 8.64 -5.59
C LYS K 15 -15.98 7.36 -6.02
N LEU K 16 -15.97 7.09 -7.32
CA LEU K 16 -16.72 5.99 -7.93
C LEU K 16 -18.17 5.92 -7.43
N PRO K 17 -18.96 6.99 -7.65
CA PRO K 17 -20.33 6.99 -7.17
C PRO K 17 -21.13 5.97 -7.96
N PHE K 18 -22.23 5.48 -7.38
CA PHE K 18 -23.05 4.49 -8.07
C PHE K 18 -24.53 4.67 -7.77
N LYS K 19 -25.37 4.19 -8.68
CA LYS K 19 -26.81 4.27 -8.53
C LYS K 19 -27.42 2.90 -8.77
N VAL K 20 -28.19 2.42 -7.80
CA VAL K 20 -28.86 1.14 -7.94
C VAL K 20 -30.27 1.33 -8.48
N LEU K 21 -30.51 0.81 -9.69
CA LEU K 21 -31.81 0.97 -10.35
C LEU K 21 -32.54 -0.36 -10.46
N SER K 22 -33.71 -0.45 -9.85
CA SER K 22 -34.56 -1.62 -10.01
C SER K 22 -35.72 -1.27 -10.94
N VAL K 23 -35.60 -1.69 -12.20
CA VAL K 23 -36.56 -1.30 -13.24
C VAL K 23 -37.32 -2.50 -13.77
N PRO K 24 -38.54 -2.27 -14.29
CA PRO K 24 -39.29 -3.34 -14.97
C PRO K 24 -38.47 -3.89 -16.14
N GLU K 25 -38.53 -5.20 -16.36
CA GLU K 25 -37.68 -5.85 -17.36
C GLU K 25 -38.03 -5.43 -18.79
N SER K 26 -39.24 -4.90 -18.97
CA SER K 26 -39.69 -4.46 -20.29
C SER K 26 -39.23 -3.04 -20.61
N THR K 27 -38.61 -2.38 -19.62
CA THR K 27 -38.14 -1.01 -19.79
C THR K 27 -37.03 -0.93 -20.83
N PRO K 28 -37.21 -0.07 -21.84
CA PRO K 28 -36.17 0.19 -22.83
C PRO K 28 -34.92 0.73 -22.15
N PHE K 29 -33.78 0.06 -22.34
CA PHE K 29 -32.59 0.38 -21.56
C PHE K 29 -32.06 1.79 -21.81
N THR K 30 -32.40 2.35 -22.97
CA THR K 30 -32.02 3.73 -23.29
C THR K 30 -32.59 4.71 -22.27
N ALA K 31 -33.72 4.36 -21.66
CA ALA K 31 -34.34 5.20 -20.64
C ALA K 31 -33.61 5.05 -19.30
N VAL K 32 -32.97 3.91 -19.10
CA VAL K 32 -32.18 3.66 -17.89
C VAL K 32 -30.84 4.40 -17.97
N LEU K 33 -30.20 4.34 -19.13
CA LEU K 33 -28.94 5.03 -19.38
C LEU K 33 -29.13 6.53 -19.21
N LYS K 34 -30.23 7.06 -19.74
CA LYS K 34 -30.53 8.48 -19.65
C LYS K 34 -30.86 8.90 -18.22
N PHE K 35 -31.47 8.00 -17.45
CA PHE K 35 -31.85 8.32 -16.09
C PHE K 35 -30.66 8.35 -15.15
N ALA K 36 -29.77 7.37 -15.29
CA ALA K 36 -28.55 7.32 -14.48
C ALA K 36 -27.72 8.58 -14.72
N ALA K 37 -27.53 8.91 -15.99
CA ALA K 37 -26.78 10.10 -16.36
C ALA K 37 -27.40 11.37 -15.78
N GLU K 38 -28.72 11.43 -15.75
CA GLU K 38 -29.44 12.53 -15.12
C GLU K 38 -29.14 12.57 -13.63
N GLU K 39 -29.08 11.40 -13.00
CA GLU K 39 -28.84 11.31 -11.57
C GLU K 39 -27.39 11.65 -11.21
N PHE K 40 -26.48 11.35 -12.13
CA PHE K 40 -25.07 11.67 -11.94
C PHE K 40 -24.78 13.12 -12.35
N LYS K 41 -25.79 13.80 -12.88
CA LYS K 41 -25.65 15.15 -13.39
C LYS K 41 -24.57 15.25 -14.47
N VAL K 42 -24.46 14.21 -15.29
CA VAL K 42 -23.53 14.21 -16.42
C VAL K 42 -24.31 13.93 -17.70
N PRO K 43 -24.07 14.74 -18.74
CA PRO K 43 -24.77 14.62 -20.03
C PRO K 43 -24.80 13.20 -20.58
N ALA K 44 -26.00 12.69 -20.86
CA ALA K 44 -26.15 11.43 -21.59
C ALA K 44 -25.79 11.72 -23.05
N ALA K 45 -25.60 10.67 -23.84
CA ALA K 45 -25.19 10.78 -25.24
C ALA K 45 -23.78 11.37 -25.41
N THR K 46 -23.13 11.69 -24.31
CA THR K 46 -21.71 11.99 -24.30
C THR K 46 -21.08 11.04 -23.29
N SER K 47 -21.88 10.06 -22.88
CA SER K 47 -21.46 9.01 -21.97
C SER K 47 -22.11 7.68 -22.37
N ALA K 48 -21.35 6.59 -22.27
CA ALA K 48 -21.86 5.27 -22.67
C ALA K 48 -21.84 4.28 -21.53
N ILE K 49 -22.52 3.15 -21.71
CA ILE K 49 -22.56 2.09 -20.71
C ILE K 49 -21.76 0.88 -21.16
N ILE K 50 -20.80 0.46 -20.35
CA ILE K 50 -20.08 -0.79 -20.58
C ILE K 50 -20.22 -1.69 -19.36
N THR K 51 -20.02 -2.99 -19.55
CA THR K 51 -20.14 -3.95 -18.45
C THR K 51 -18.96 -3.81 -17.49
N ASN K 52 -18.91 -4.68 -16.49
CA ASN K 52 -17.85 -4.64 -15.49
C ASN K 52 -16.50 -5.07 -16.07
N ASP K 53 -16.49 -6.20 -16.78
CA ASP K 53 -15.25 -6.73 -17.34
C ASP K 53 -14.87 -6.05 -18.66
N GLY K 54 -15.68 -5.09 -19.10
CA GLY K 54 -15.31 -4.24 -20.22
C GLY K 54 -16.14 -4.34 -21.49
N VAL K 55 -17.16 -5.18 -21.49
CA VAL K 55 -17.99 -5.36 -22.69
C VAL K 55 -18.88 -4.14 -22.95
N GLY K 56 -18.90 -3.67 -24.19
CA GLY K 56 -19.77 -2.57 -24.57
C GLY K 56 -21.22 -3.02 -24.58
N VAL K 57 -22.12 -2.12 -24.18
CA VAL K 57 -23.54 -2.46 -24.09
C VAL K 57 -24.37 -1.66 -25.10
N ASN K 58 -25.17 -2.35 -25.89
CA ASN K 58 -26.09 -1.71 -26.81
C ASN K 58 -27.45 -1.47 -26.14
N PRO K 59 -27.74 -0.20 -25.82
CA PRO K 59 -28.91 0.18 -25.02
C PRO K 59 -30.24 0.02 -25.74
N ALA K 60 -30.20 -0.24 -27.04
CA ALA K 60 -31.42 -0.34 -27.84
C ALA K 60 -32.12 -1.69 -27.69
N GLN K 61 -32.43 -2.06 -26.44
CA GLN K 61 -33.12 -3.32 -26.14
C GLN K 61 -33.65 -3.30 -24.70
N PRO K 62 -34.66 -4.13 -24.38
CA PRO K 62 -35.25 -4.13 -23.03
C PRO K 62 -34.23 -4.41 -21.93
N ALA K 63 -34.54 -3.94 -20.71
CA ALA K 63 -33.64 -4.11 -19.58
C ALA K 63 -33.49 -5.57 -19.19
N GLY K 64 -34.49 -6.38 -19.53
CA GLY K 64 -34.44 -7.80 -19.28
C GLY K 64 -33.31 -8.48 -20.02
N ASN K 65 -33.19 -8.17 -21.32
CA ASN K 65 -32.14 -8.75 -22.14
C ASN K 65 -30.73 -8.31 -21.71
N ILE K 66 -30.60 -7.04 -21.33
CA ILE K 66 -29.32 -6.51 -20.86
C ILE K 66 -28.82 -7.27 -19.64
N PHE K 67 -29.72 -7.50 -18.68
CA PHE K 67 -29.41 -8.24 -17.47
C PHE K 67 -28.94 -9.65 -17.79
N LEU K 68 -29.59 -10.30 -18.75
CA LEU K 68 -29.30 -11.68 -19.09
C LEU K 68 -27.95 -11.84 -19.80
N LYS K 69 -27.51 -10.78 -20.47
CA LYS K 69 -26.28 -10.84 -21.25
C LYS K 69 -25.11 -10.15 -20.57
N HIS K 70 -25.40 -9.32 -19.57
CA HIS K 70 -24.38 -8.47 -18.98
C HIS K 70 -24.40 -8.40 -17.45
N GLY K 71 -25.51 -8.84 -16.86
CA GLY K 71 -25.62 -8.86 -15.41
C GLY K 71 -26.00 -7.52 -14.81
N SER K 72 -25.64 -7.31 -13.55
CA SER K 72 -26.05 -6.12 -12.82
C SER K 72 -24.95 -5.06 -12.72
N GLU K 73 -23.71 -5.46 -12.99
CA GLU K 73 -22.59 -4.55 -12.84
C GLU K 73 -22.26 -3.81 -14.13
N LEU K 74 -22.60 -2.53 -14.18
CA LEU K 74 -22.33 -1.71 -15.36
C LEU K 74 -21.52 -0.47 -15.01
N ARG K 75 -20.93 0.16 -16.03
CA ARG K 75 -20.13 1.36 -15.83
C ARG K 75 -20.53 2.47 -16.80
N LEU K 76 -20.71 3.68 -16.29
CA LEU K 76 -21.06 4.83 -17.12
C LEU K 76 -19.80 5.63 -17.46
N ILE K 77 -19.17 5.28 -18.57
CA ILE K 77 -17.93 5.94 -19.00
C ILE K 77 -18.22 7.15 -19.88
N PRO K 78 -17.35 8.17 -19.83
CA PRO K 78 -17.54 9.34 -20.71
C PRO K 78 -17.15 9.02 -22.15
N ARG K 79 -17.87 9.58 -23.11
CA ARG K 79 -17.57 9.32 -24.52
C ARG K 79 -16.52 10.29 -25.06
N ASP K 80 -15.72 9.80 -26.01
CA ASP K 80 -14.70 10.62 -26.64
C ASP K 80 -15.14 11.08 -28.03
N ARG K 81 -14.84 12.33 -28.36
CA ARG K 81 -15.06 12.83 -29.71
C ARG K 81 -13.73 13.31 -30.27
N VAL K 82 -13.24 12.62 -31.29
CA VAL K 82 -11.88 12.87 -31.78
C VAL K 82 -11.81 13.20 -33.27
N GLY K 83 -10.84 14.04 -33.62
CA GLY K 83 -10.63 14.48 -34.99
C GLY K 83 -9.45 15.43 -35.02
N GLY K 84 -8.66 15.39 -36.08
CA GLY K 84 -7.48 16.22 -36.16
C GLY K 84 -7.05 16.53 -37.58
N GLY L 1 -0.16 -48.17 -149.13
CA GLY L 1 0.71 -47.12 -148.64
C GLY L 1 1.09 -46.11 -149.71
N SER L 2 2.22 -45.44 -149.52
CA SER L 2 2.71 -44.46 -150.49
C SER L 2 4.23 -44.42 -150.47
N LYS L 3 4.80 -43.30 -150.91
CA LYS L 3 6.26 -43.17 -151.00
C LYS L 3 6.78 -41.93 -150.28
N VAL L 4 7.57 -42.15 -149.23
CA VAL L 4 8.22 -41.04 -148.53
C VAL L 4 9.70 -41.00 -148.87
N THR L 5 10.32 -39.82 -148.78
CA THR L 5 11.72 -39.66 -149.19
C THR L 5 12.58 -39.07 -148.08
N PHE L 6 13.72 -39.71 -147.81
CA PHE L 6 14.61 -39.25 -146.74
C PHE L 6 16.04 -39.01 -147.23
N LYS L 7 16.68 -37.99 -146.67
CA LYS L 7 18.06 -37.65 -147.00
C LYS L 7 18.89 -37.69 -145.72
N ILE L 8 19.41 -38.87 -145.39
CA ILE L 8 20.09 -39.07 -144.11
C ILE L 8 21.60 -38.84 -144.19
N THR L 9 22.06 -37.78 -143.56
CA THR L 9 23.48 -37.44 -143.51
C THR L 9 24.14 -38.08 -142.28
N LEU L 10 25.35 -38.62 -142.46
CA LEU L 10 26.12 -39.15 -141.34
C LEU L 10 27.09 -38.10 -140.81
N THR L 11 26.93 -37.73 -139.55
CA THR L 11 27.78 -36.71 -138.94
C THR L 11 29.05 -37.31 -138.36
N SER L 12 29.16 -38.63 -138.40
CA SER L 12 30.34 -39.32 -137.88
C SER L 12 31.47 -39.35 -138.90
N ASP L 13 31.29 -38.61 -139.99
CA ASP L 13 32.29 -38.51 -141.05
C ASP L 13 32.21 -37.13 -141.70
N PRO L 14 33.25 -36.30 -141.51
CA PRO L 14 33.33 -34.90 -141.95
C PRO L 14 33.07 -34.69 -143.45
N LYS L 15 33.03 -35.76 -144.22
CA LYS L 15 32.72 -35.67 -145.64
C LYS L 15 31.20 -35.64 -145.83
N LEU L 16 30.48 -35.97 -144.77
CA LEU L 16 29.01 -35.97 -144.75
C LEU L 16 28.38 -36.84 -145.84
N PRO L 17 28.56 -38.17 -145.75
CA PRO L 17 27.94 -39.07 -146.73
C PRO L 17 26.43 -39.12 -146.53
N PHE L 18 25.67 -38.76 -147.55
CA PHE L 18 24.22 -38.79 -147.46
C PHE L 18 23.61 -39.89 -148.33
N LYS L 19 23.19 -40.97 -147.67
CA LYS L 19 22.55 -42.09 -148.36
C LYS L 19 21.04 -41.86 -148.44
N VAL L 20 20.60 -41.24 -149.52
CA VAL L 20 19.19 -40.93 -149.72
C VAL L 20 18.35 -42.20 -149.84
N LEU L 21 17.43 -42.39 -148.90
CA LEU L 21 16.58 -43.57 -148.88
C LEU L 21 15.11 -43.22 -149.07
N SER L 22 14.26 -44.24 -149.18
CA SER L 22 12.83 -44.04 -149.37
C SER L 22 12.05 -45.32 -149.05
N VAL L 23 11.10 -45.21 -148.12
CA VAL L 23 10.30 -46.35 -147.69
C VAL L 23 8.81 -46.02 -147.81
N PRO L 24 7.93 -47.03 -147.72
CA PRO L 24 6.51 -46.70 -147.66
C PRO L 24 6.15 -46.00 -146.35
N GLU L 25 5.06 -45.23 -146.37
CA GLU L 25 4.66 -44.42 -145.22
C GLU L 25 4.30 -45.25 -143.99
N SER L 26 3.66 -46.39 -144.19
CA SER L 26 3.18 -47.23 -143.10
C SER L 26 4.33 -47.94 -142.38
N THR L 27 5.48 -48.01 -143.05
CA THR L 27 6.66 -48.67 -142.48
C THR L 27 7.26 -47.87 -141.34
N PRO L 28 7.40 -48.51 -140.17
CA PRO L 28 8.00 -47.89 -138.98
C PRO L 28 9.40 -47.36 -139.26
N PHE L 29 9.74 -46.21 -138.68
CA PHE L 29 11.01 -45.57 -138.96
C PHE L 29 12.19 -46.31 -138.32
N THR L 30 11.87 -47.22 -137.40
CA THR L 30 12.88 -48.05 -136.74
C THR L 30 13.71 -48.82 -137.77
N ALA L 31 13.07 -49.21 -138.86
CA ALA L 31 13.73 -49.94 -139.94
C ALA L 31 14.61 -49.02 -140.78
N VAL L 32 14.12 -47.81 -141.04
CA VAL L 32 14.87 -46.82 -141.83
C VAL L 32 16.20 -46.49 -141.14
N LEU L 33 16.17 -46.47 -139.81
CA LEU L 33 17.38 -46.26 -139.02
C LEU L 33 18.31 -47.46 -139.15
N LYS L 34 17.75 -48.66 -138.98
CA LYS L 34 18.51 -49.89 -139.06
C LYS L 34 19.20 -50.06 -140.41
N PHE L 35 18.49 -49.75 -141.48
CA PHE L 35 19.05 -49.87 -142.83
C PHE L 35 20.19 -48.89 -143.04
N ALA L 36 20.04 -47.69 -142.47
CA ALA L 36 21.09 -46.67 -142.56
C ALA L 36 22.31 -47.10 -141.75
N ALA L 37 22.10 -47.94 -140.75
CA ALA L 37 23.19 -48.43 -139.91
C ALA L 37 24.14 -49.33 -140.69
N GLU L 38 23.63 -49.99 -141.71
CA GLU L 38 24.48 -50.88 -142.54
C GLU L 38 25.21 -50.13 -143.64
N GLU L 39 24.51 -49.27 -144.37
CA GLU L 39 25.12 -48.51 -145.46
C GLU L 39 26.08 -47.44 -144.95
N PHE L 40 26.15 -47.29 -143.63
CA PHE L 40 27.17 -46.45 -143.01
C PHE L 40 28.10 -47.31 -142.16
N LYS L 41 27.77 -48.58 -142.06
CA LYS L 41 28.61 -49.59 -141.40
C LYS L 41 28.88 -49.28 -139.92
N VAL L 42 27.83 -48.83 -139.22
CA VAL L 42 27.93 -48.48 -137.81
C VAL L 42 26.68 -48.98 -137.07
N PRO L 43 26.87 -49.66 -135.93
CA PRO L 43 25.78 -50.25 -135.13
C PRO L 43 24.59 -49.33 -134.89
N ALA L 44 23.39 -49.89 -134.92
CA ALA L 44 22.17 -49.10 -134.77
C ALA L 44 21.88 -48.73 -133.32
N ALA L 45 22.27 -49.61 -132.40
CA ALA L 45 22.09 -49.35 -130.98
C ALA L 45 23.01 -48.23 -130.51
N THR L 46 24.02 -47.91 -131.33
CA THR L 46 24.92 -46.81 -131.06
C THR L 46 24.66 -45.70 -132.08
N SER L 47 23.40 -45.50 -132.42
CA SER L 47 23.00 -44.48 -133.38
C SER L 47 21.63 -43.89 -133.06
N ALA L 48 21.49 -42.59 -133.26
CA ALA L 48 20.21 -41.91 -133.06
C ALA L 48 20.04 -40.84 -134.14
N ILE L 49 18.78 -40.49 -134.43
CA ILE L 49 18.52 -39.54 -135.51
C ILE L 49 18.03 -38.18 -134.99
N ILE L 50 18.61 -37.12 -135.52
CA ILE L 50 18.14 -35.76 -135.24
C ILE L 50 17.94 -35.01 -136.57
N THR L 51 17.19 -33.92 -136.53
CA THR L 51 16.90 -33.17 -137.75
C THR L 51 18.02 -32.19 -138.08
N ASN L 52 17.82 -31.40 -139.13
CA ASN L 52 18.81 -30.40 -139.53
C ASN L 52 18.81 -29.21 -138.57
N ASP L 53 17.78 -29.10 -137.76
CA ASP L 53 17.70 -28.05 -136.74
C ASP L 53 18.23 -28.55 -135.40
N GLY L 54 18.25 -29.87 -135.23
CA GLY L 54 18.80 -30.46 -134.02
C GLY L 54 17.77 -31.15 -133.15
N VAL L 55 16.52 -31.19 -133.61
CA VAL L 55 15.44 -31.80 -132.84
C VAL L 55 15.55 -33.32 -132.84
N GLY L 56 15.53 -33.91 -131.64
CA GLY L 56 15.58 -35.35 -131.51
C GLY L 56 14.39 -36.02 -132.16
N VAL L 57 14.60 -37.23 -132.67
CA VAL L 57 13.55 -37.96 -133.37
C VAL L 57 13.35 -39.36 -132.77
N ASN L 58 12.12 -39.66 -132.34
CA ASN L 58 11.78 -40.99 -131.87
C ASN L 58 11.36 -41.87 -133.04
N PRO L 59 12.20 -42.87 -133.36
CA PRO L 59 11.98 -43.73 -134.53
C PRO L 59 10.95 -44.82 -134.29
N ALA L 60 10.35 -44.83 -133.10
CA ALA L 60 9.36 -45.84 -132.73
C ALA L 60 7.96 -45.50 -133.24
N GLN L 61 7.87 -45.08 -134.49
CA GLN L 61 6.59 -44.73 -135.12
C GLN L 61 6.74 -44.70 -136.64
N PRO L 62 5.63 -44.90 -137.38
CA PRO L 62 5.61 -44.88 -138.85
C PRO L 62 6.39 -43.72 -139.47
N ALA L 63 7.09 -44.00 -140.57
CA ALA L 63 7.92 -43.00 -141.23
C ALA L 63 7.10 -41.90 -141.88
N GLY L 64 5.83 -42.18 -142.13
CA GLY L 64 4.92 -41.18 -142.67
C GLY L 64 4.75 -40.02 -141.71
N ASN L 65 4.65 -40.33 -140.43
CA ASN L 65 4.55 -39.31 -139.40
C ASN L 65 5.85 -38.51 -139.27
N ILE L 66 6.97 -39.22 -139.33
CA ILE L 66 8.30 -38.59 -139.22
C ILE L 66 8.51 -37.54 -140.31
N PHE L 67 8.03 -37.81 -141.51
CA PHE L 67 8.20 -36.88 -142.63
C PHE L 67 7.39 -35.60 -142.41
N LEU L 68 6.12 -35.74 -142.05
CA LEU L 68 5.26 -34.58 -141.86
C LEU L 68 5.67 -33.75 -140.65
N LYS L 69 6.15 -34.42 -139.60
CA LYS L 69 6.61 -33.75 -138.40
C LYS L 69 7.87 -32.94 -138.66
N HIS L 70 8.95 -33.66 -138.98
CA HIS L 70 10.27 -33.04 -139.07
C HIS L 70 10.66 -32.63 -140.48
N GLY L 71 10.60 -33.57 -141.42
CA GLY L 71 10.89 -33.26 -142.81
C GLY L 71 11.60 -34.35 -143.58
N SER L 72 12.14 -33.99 -144.74
CA SER L 72 12.80 -34.93 -145.63
C SER L 72 14.20 -35.29 -145.16
N GLU L 73 15.06 -34.27 -145.06
CA GLU L 73 16.46 -34.48 -144.69
C GLU L 73 16.67 -34.56 -143.19
N LEU L 74 17.43 -35.56 -142.76
CA LEU L 74 17.71 -35.78 -141.34
C LEU L 74 19.20 -35.78 -141.07
N ARG L 75 19.61 -36.50 -140.02
CA ARG L 75 21.00 -36.55 -139.61
C ARG L 75 21.23 -37.69 -138.63
N LEU L 76 22.20 -38.54 -138.90
CA LEU L 76 22.49 -39.69 -138.05
C LEU L 76 23.70 -39.43 -137.15
N ILE L 77 23.49 -39.48 -135.84
CA ILE L 77 24.55 -39.19 -134.87
C ILE L 77 24.91 -40.43 -134.05
N PRO L 78 26.12 -40.44 -133.50
CA PRO L 78 26.58 -41.58 -132.70
C PRO L 78 26.31 -41.37 -131.22
N ARG L 79 25.37 -42.12 -130.66
CA ARG L 79 25.02 -42.01 -129.25
C ARG L 79 26.20 -42.14 -128.30
N ASP L 80 26.12 -41.46 -127.17
CA ASP L 80 27.19 -41.49 -126.17
C ASP L 80 26.92 -42.11 -124.80
N ARG L 81 27.07 -43.42 -124.70
CA ARG L 81 26.95 -44.11 -123.42
C ARG L 81 28.06 -43.64 -122.47
N VAL L 82 27.67 -42.99 -121.38
CA VAL L 82 28.65 -42.43 -120.45
C VAL L 82 28.38 -42.80 -119.00
N GLY L 83 29.45 -42.88 -118.21
CA GLY L 83 29.36 -43.21 -116.80
C GLY L 83 30.67 -42.90 -116.12
N GLY L 84 30.60 -42.10 -115.06
CA GLY L 84 31.80 -41.69 -114.34
C GLY L 84 32.46 -42.83 -113.59
#